data_1GTH
#
_entry.id   1GTH
#
_cell.length_a   82.210
_cell.length_b   159.690
_cell.length_c   167.590
_cell.angle_alpha   90.00
_cell.angle_beta   97.11
_cell.angle_gamma   90.00
#
_symmetry.space_group_name_H-M   'P 1 21 1'
#
loop_
_entity.id
_entity.type
_entity.pdbx_description
1 polymer 'DIHYDROPYRIMIDINE DEHYDROGENASE'
2 non-polymer 'IRON/SULFUR CLUSTER'
3 non-polymer 'FLAVIN MONONUCLEOTIDE'
4 non-polymer 'FLAVIN-ADENINE DINUCLEOTIDE'
5 non-polymer 'NADPH DIHYDRO-NICOTINAMIDE-ADENINE-DINUCLEOTIDE PHOSPHATE'
6 non-polymer (5S)-5-IODODIHYDRO-2,4(1H,3H)-PYRIMIDINEDIONE
7 non-polymer 5-IODOURACIL
8 non-polymer URACIL
9 water water
#
_entity_poly.entity_id   1
_entity_poly.type   'polypeptide(L)'
_entity_poly.pdbx_seq_one_letter_code
;MAPVLSKDVADIESILALNPRTQSHAALHSTLAKKLDKKHWKRNPDKNCFHCEKLENNFDDIKHTTLGERGALREAMRCL
KCADAPCQKSCPTHLDIKSFITSISNKNYYGAAKMIFSDNPLGLTCGMVCPTSDLCVGGCNLYATEEGSINIGGLQQFAS
EVFKAMNIPQIRNPCLPSQEKMPEAYSAKIALLGAGPASISCASFLARLGYSDITIFEKQEYVGGLSTSEIPQFRLPYDV
VNFEIELMKDLGVKIICGKSLSENEITLNTLKEEGYKAAFIGIGLPEPKTDDIFQGLTQDQGFYTSKDFLPLVAKSSKAG
MCACHSPLPSIRGAVIVLGAGDTAFDCATSALRCGARRVFLVFRKGFVNIRAVPEEVELAKEEKCEFLPFLSPRKVIVKG
GRIVAVQFVRTEQDETGKWNEDEDQIVHLKADVVISAFGSVLRDPKVKEALSPIKFNRWDLPEVDPETMQTSEPWVFAGG
DIVGMANTTVESVNDGKQASWYIHKYIQAQYGASVSAKPELPLFYTPVDLVDISVEMAGLKFINPFGLASAAPTTSSSMI
RRAFEAGWGFALTKTFSLDKDIVTNVSPRIVRGTTSGPMYGPGQSSFLNIELISEKTAAYWCQSVTELKADFPDNIVIAS
IMCSYNKNDWMELSRKAEASGADALELNLSCPHGMGERGMGLACGQDPELVRNICRWVRQAVQIPFFAKLTPNVTDIVSI
ARAAKEGGADGVTATNTVSGLMGLKADGTPWPAVGAGKRTTYGGVSGTAIRPIALRAVTTIARALPGFPILATGGIDSAE
SGLQFLHSGASVLQVCSAVQNQDFTVIQDYCTGLKALLYLKSIEELQGWDGQSPGTESHQKGKPVPRIAELMGKKLPNFG
PYLEQRKKIIAEEKMRLKEQNAAFPPLERKPFIPKKPIPAIKDVIGKALQYLGTFGELSNIEQVVAVIDEEMCINCGKCY
MTCNDSGYQAIQFDPETHLPTVTDTCTGCTLCLSVCPIIDCIRMVSRTTPYEPKRGLPLAVNPVC
;
_entity_poly.pdbx_strand_id   A,B,C,D
#
loop_
_chem_comp.id
_chem_comp.type
_chem_comp.name
_chem_comp.formula
FAD non-polymer 'FLAVIN-ADENINE DINUCLEOTIDE' 'C27 H33 N9 O15 P2'
FMN non-polymer 'FLAVIN MONONUCLEOTIDE' 'C17 H21 N4 O9 P'
IDH non-polymer (5S)-5-IODODIHYDRO-2,4(1H,3H)-PYRIMIDINEDIONE 'C4 H5 I N2 O2'
IUR non-polymer 5-IODOURACIL 'C4 H3 I N2 O2'
NDP non-polymer 'NADPH DIHYDRO-NICOTINAMIDE-ADENINE-DINUCLEOTIDE PHOSPHATE' 'C21 H30 N7 O17 P3'
SF4 non-polymer 'IRON/SULFUR CLUSTER' 'Fe4 S4'
URA non-polymer URACIL 'C4 H4 N2 O2'
#
# COMPACT_ATOMS: atom_id res chain seq x y z
N ALA A 2 18.05 -3.49 53.91
CA ALA A 2 17.32 -4.44 53.02
C ALA A 2 17.98 -5.81 53.04
N PRO A 3 17.30 -6.84 52.50
CA PRO A 3 17.93 -8.17 52.49
C PRO A 3 18.76 -8.26 51.21
N VAL A 4 19.63 -9.27 51.10
CA VAL A 4 20.42 -9.44 49.89
C VAL A 4 19.47 -10.09 48.88
N LEU A 5 18.93 -9.29 47.97
CA LEU A 5 17.99 -9.79 46.98
C LEU A 5 18.53 -10.85 46.01
N SER A 6 19.77 -10.69 45.59
CA SER A 6 20.39 -11.64 44.65
C SER A 6 20.86 -12.95 45.28
N LYS A 7 20.40 -13.24 46.49
CA LYS A 7 20.77 -14.47 47.17
C LYS A 7 19.56 -15.29 47.57
N ASP A 8 19.72 -16.60 47.55
CA ASP A 8 18.66 -17.52 47.93
C ASP A 8 18.60 -17.60 49.45
N VAL A 9 17.40 -17.51 50.01
CA VAL A 9 17.23 -17.63 51.46
C VAL A 9 17.44 -19.12 51.78
N ALA A 10 17.66 -19.42 53.06
CA ALA A 10 17.89 -20.80 53.50
C ALA A 10 16.94 -21.83 52.90
N ASP A 11 15.64 -21.52 52.89
CA ASP A 11 14.63 -22.44 52.35
C ASP A 11 14.85 -22.80 50.88
N ILE A 12 15.18 -21.81 50.07
CA ILE A 12 15.39 -22.04 48.65
C ILE A 12 16.69 -22.80 48.45
N GLU A 13 17.72 -22.42 49.20
CA GLU A 13 19.00 -23.09 49.13
C GLU A 13 18.77 -24.58 49.41
N SER A 14 17.88 -24.84 50.36
CA SER A 14 17.54 -26.20 50.73
C SER A 14 16.79 -26.94 49.62
N ILE A 15 15.85 -26.27 48.95
CA ILE A 15 15.10 -26.90 47.88
C ILE A 15 16.03 -27.18 46.70
N LEU A 16 17.10 -26.40 46.59
CA LEU A 16 18.07 -26.56 45.51
C LEU A 16 19.18 -27.55 45.82
N ALA A 17 19.09 -28.22 46.97
CA ALA A 17 20.12 -29.16 47.40
C ALA A 17 20.58 -30.14 46.32
N LEU A 18 19.64 -30.72 45.59
CA LEU A 18 19.98 -31.69 44.56
C LEU A 18 20.13 -31.12 43.15
N ASN A 19 20.10 -29.79 43.03
CA ASN A 19 20.22 -29.16 41.72
C ASN A 19 21.67 -29.36 41.23
N PRO A 20 21.85 -29.73 39.95
CA PRO A 20 23.21 -29.94 39.44
C PRO A 20 24.13 -28.73 39.52
N ARG A 21 25.36 -29.00 39.94
CA ARG A 21 26.41 -28.00 40.05
C ARG A 21 27.70 -28.72 39.69
N THR A 22 28.49 -28.13 38.80
CA THR A 22 29.73 -28.78 38.39
C THR A 22 30.74 -28.84 39.52
N GLN A 23 31.33 -30.01 39.71
CA GLN A 23 32.32 -30.20 40.76
C GLN A 23 33.66 -29.57 40.41
N SER A 24 34.37 -29.12 41.43
CA SER A 24 35.66 -28.49 41.26
C SER A 24 36.79 -29.50 41.50
N HIS A 25 36.44 -30.63 42.09
CA HIS A 25 37.40 -31.69 42.38
C HIS A 25 36.82 -33.06 42.08
N ALA A 26 37.68 -34.07 42.07
CA ALA A 26 37.23 -35.43 41.83
C ALA A 26 36.44 -35.86 43.07
N ALA A 27 35.49 -36.77 42.90
CA ALA A 27 34.70 -37.23 44.02
C ALA A 27 35.47 -38.22 44.89
N LEU A 28 35.00 -38.43 46.11
CA LEU A 28 35.63 -39.40 47.01
C LEU A 28 34.56 -40.22 47.72
N HIS A 29 34.45 -41.48 47.32
CA HIS A 29 33.48 -42.40 47.91
C HIS A 29 34.12 -43.78 47.91
N SER A 30 34.30 -44.35 49.11
CA SER A 30 34.92 -45.66 49.23
C SER A 30 34.14 -46.73 48.48
N THR A 31 34.84 -47.80 48.11
CA THR A 31 34.22 -48.90 47.40
C THR A 31 33.15 -49.54 48.27
N LEU A 32 33.35 -49.56 49.58
CA LEU A 32 32.37 -50.13 50.49
C LEU A 32 31.10 -49.29 50.48
N ALA A 33 31.26 -47.98 50.60
CA ALA A 33 30.13 -47.06 50.58
C ALA A 33 29.30 -47.25 49.31
N LYS A 34 29.99 -47.39 48.17
CA LYS A 34 29.32 -47.56 46.89
C LYS A 34 28.53 -48.87 46.82
N LYS A 35 29.12 -49.94 47.34
CA LYS A 35 28.45 -51.24 47.35
C LYS A 35 27.15 -51.15 48.13
N LEU A 36 27.18 -50.44 49.25
CA LEU A 36 26.01 -50.29 50.10
C LEU A 36 24.94 -49.37 49.54
N ASP A 37 25.34 -48.45 48.66
CA ASP A 37 24.39 -47.49 48.08
C ASP A 37 23.74 -47.99 46.79
N LYS A 38 24.45 -48.86 46.06
CA LYS A 38 23.97 -49.38 44.79
C LYS A 38 22.54 -49.94 44.77
N LYS A 39 22.23 -50.80 45.73
CA LYS A 39 20.91 -51.42 45.81
C LYS A 39 19.73 -50.47 45.95
N HIS A 40 19.98 -49.28 46.47
CA HIS A 40 18.88 -48.33 46.65
C HIS A 40 18.30 -47.81 45.33
N TRP A 41 19.13 -47.74 44.29
CA TRP A 41 18.67 -47.22 42.99
C TRP A 41 18.42 -48.27 41.93
N LYS A 42 18.63 -49.53 42.28
CA LYS A 42 18.48 -50.65 41.35
C LYS A 42 17.14 -50.70 40.60
N ARG A 43 17.22 -50.72 39.27
CA ARG A 43 16.05 -50.76 38.40
C ARG A 43 15.79 -52.13 37.79
N ASN A 44 16.85 -52.72 37.24
CA ASN A 44 16.77 -54.03 36.57
C ASN A 44 16.97 -55.21 37.51
N PRO A 45 16.87 -56.44 36.99
CA PRO A 45 17.05 -57.65 37.81
C PRO A 45 18.46 -57.74 38.39
N ASP A 46 18.56 -58.25 39.62
CA ASP A 46 19.84 -58.43 40.30
C ASP A 46 20.43 -59.77 39.85
N LYS A 47 21.60 -59.74 39.21
CA LYS A 47 22.23 -60.98 38.75
C LYS A 47 22.57 -61.92 39.90
N ASN A 48 22.57 -61.39 41.12
CA ASN A 48 22.90 -62.18 42.30
C ASN A 48 21.67 -62.77 42.99
N CYS A 49 20.48 -62.28 42.63
CA CYS A 49 19.25 -62.77 43.22
C CYS A 49 18.81 -64.04 42.49
N PHE A 50 18.56 -65.09 43.26
CA PHE A 50 18.16 -66.37 42.66
C PHE A 50 16.67 -66.66 42.61
N HIS A 51 15.84 -65.73 43.08
CA HIS A 51 14.40 -65.96 43.05
C HIS A 51 13.60 -64.75 42.57
N CYS A 52 12.70 -64.99 41.63
CA CYS A 52 11.85 -63.95 41.05
C CYS A 52 10.56 -63.83 41.89
N GLU A 53 10.04 -62.61 42.03
CA GLU A 53 8.83 -62.39 42.81
C GLU A 53 7.76 -63.45 42.58
N LYS A 54 6.83 -63.58 43.52
CA LYS A 54 5.76 -64.56 43.42
C LYS A 54 4.82 -64.22 42.27
N LEU A 55 4.47 -65.22 41.48
CA LEU A 55 3.59 -65.00 40.34
C LEU A 55 2.28 -65.78 40.39
N GLU A 56 1.97 -66.35 41.55
CA GLU A 56 0.75 -67.13 41.69
C GLU A 56 -0.47 -66.28 41.34
N ASN A 57 -1.28 -66.78 40.42
CA ASN A 57 -2.49 -66.10 39.96
C ASN A 57 -2.22 -64.72 39.37
N ASN A 58 -0.99 -64.49 38.92
CA ASN A 58 -0.65 -63.20 38.32
C ASN A 58 -0.64 -63.37 36.80
N PHE A 59 -1.67 -62.86 36.15
CA PHE A 59 -1.75 -62.97 34.69
C PHE A 59 -1.53 -61.64 33.97
N ASP A 60 -0.81 -60.72 34.61
CA ASP A 60 -0.53 -59.43 33.99
C ASP A 60 0.40 -59.59 32.80
N ASP A 61 0.21 -58.72 31.81
CA ASP A 61 1.02 -58.71 30.59
C ASP A 61 2.53 -58.71 30.90
N ILE A 62 3.24 -59.73 30.42
CA ILE A 62 4.69 -59.82 30.64
C ILE A 62 5.51 -59.57 29.37
N LYS A 63 4.84 -59.21 28.26
CA LYS A 63 5.54 -58.97 27.02
C LYS A 63 6.47 -57.75 27.12
N HIS A 64 7.70 -57.91 26.64
CA HIS A 64 8.65 -56.82 26.67
C HIS A 64 8.40 -55.85 25.53
N THR A 65 7.63 -56.30 24.53
CA THR A 65 7.35 -55.50 23.36
C THR A 65 6.12 -54.58 23.42
N THR A 66 5.35 -54.67 24.50
CA THR A 66 4.18 -53.82 24.64
C THR A 66 4.59 -52.34 24.67
N LEU A 67 3.87 -51.52 23.91
CA LEU A 67 4.16 -50.10 23.83
C LEU A 67 2.97 -49.21 24.20
N GLY A 68 3.28 -48.06 24.79
CA GLY A 68 2.25 -47.09 25.12
C GLY A 68 2.38 -46.07 24.00
N GLU A 69 1.56 -45.02 23.99
CA GLU A 69 1.65 -44.06 22.90
C GLU A 69 3.01 -43.35 22.82
N ARG A 70 3.50 -42.86 23.95
CA ARG A 70 4.79 -42.17 23.98
C ARG A 70 5.87 -43.05 23.34
N GLY A 71 5.96 -44.29 23.78
CA GLY A 71 6.97 -45.20 23.25
C GLY A 71 6.75 -45.57 21.79
N ALA A 72 5.50 -45.75 21.40
CA ALA A 72 5.18 -46.10 20.03
C ALA A 72 5.57 -44.99 19.07
N LEU A 73 5.31 -43.74 19.45
CA LEU A 73 5.65 -42.62 18.58
C LEU A 73 7.17 -42.54 18.39
N ARG A 74 7.94 -42.76 19.44
CA ARG A 74 9.40 -42.73 19.32
C ARG A 74 9.90 -43.82 18.39
N GLU A 75 9.43 -45.05 18.60
CA GLU A 75 9.87 -46.18 17.78
C GLU A 75 9.40 -46.04 16.34
N ALA A 76 8.19 -45.52 16.14
CA ALA A 76 7.65 -45.32 14.79
C ALA A 76 8.48 -44.27 14.04
N MET A 77 8.87 -43.21 14.75
CA MET A 77 9.68 -42.16 14.14
C MET A 77 11.08 -42.66 13.78
N ARG A 78 11.56 -43.65 14.53
CA ARG A 78 12.88 -44.24 14.31
C ARG A 78 12.95 -45.12 13.06
N CYS A 79 11.83 -45.76 12.73
CA CYS A 79 11.75 -46.63 11.57
C CYS A 79 12.15 -45.90 10.30
N LEU A 80 12.99 -46.55 9.48
CA LEU A 80 13.47 -45.95 8.24
C LEU A 80 12.39 -45.90 7.17
N LYS A 81 11.34 -46.71 7.32
CA LYS A 81 10.23 -46.74 6.36
C LYS A 81 10.81 -47.02 4.97
N CYS A 82 11.56 -48.13 4.93
CA CYS A 82 12.27 -48.62 3.76
C CYS A 82 11.52 -49.01 2.48
N ALA A 83 12.22 -48.85 1.36
CA ALA A 83 11.67 -49.23 0.06
C ALA A 83 11.79 -50.75 -0.06
N ASP A 84 10.80 -51.40 -0.65
CA ASP A 84 10.85 -52.85 -0.84
C ASP A 84 11.34 -53.50 0.46
N ALA A 85 10.82 -53.00 1.58
CA ALA A 85 11.21 -53.44 2.92
C ALA A 85 11.38 -54.94 3.13
N PRO A 86 12.53 -55.33 3.71
CA PRO A 86 12.83 -56.74 3.99
C PRO A 86 11.97 -57.29 5.12
N CYS A 87 11.51 -56.41 6.01
CA CYS A 87 10.66 -56.81 7.11
C CYS A 87 9.33 -57.32 6.51
N GLN A 88 8.81 -56.62 5.51
CA GLN A 88 7.57 -57.03 4.86
C GLN A 88 7.77 -58.36 4.14
N LYS A 89 8.92 -58.51 3.50
CA LYS A 89 9.21 -59.75 2.80
C LYS A 89 9.32 -60.91 3.78
N SER A 90 9.74 -60.60 5.00
CA SER A 90 9.90 -61.60 6.04
C SER A 90 8.62 -61.85 6.84
N CYS A 91 7.54 -61.18 6.45
CA CYS A 91 6.25 -61.35 7.12
C CYS A 91 5.35 -62.28 6.31
N PRO A 92 4.91 -63.39 6.92
CA PRO A 92 4.04 -64.37 6.26
C PRO A 92 2.75 -63.81 5.64
N THR A 93 2.22 -62.72 6.18
CA THR A 93 1.02 -62.11 5.59
C THR A 93 1.35 -60.90 4.71
N HIS A 94 2.64 -60.64 4.54
CA HIS A 94 3.11 -59.54 3.70
C HIS A 94 2.53 -58.17 4.09
N LEU A 95 2.49 -57.87 5.39
CA LEU A 95 1.98 -56.59 5.83
C LEU A 95 2.85 -55.45 5.33
N ASP A 96 2.22 -54.37 4.87
CA ASP A 96 2.99 -53.21 4.41
C ASP A 96 3.42 -52.48 5.69
N ILE A 97 4.48 -53.00 6.30
CA ILE A 97 5.03 -52.46 7.54
C ILE A 97 5.47 -51.01 7.39
N LYS A 98 6.10 -50.69 6.27
CA LYS A 98 6.55 -49.32 6.01
C LYS A 98 5.38 -48.34 6.15
N SER A 99 4.25 -48.69 5.50
CA SER A 99 3.05 -47.84 5.54
C SER A 99 2.39 -47.69 6.91
N PHE A 100 2.13 -48.80 7.59
CA PHE A 100 1.46 -48.69 8.87
C PHE A 100 2.33 -48.03 9.93
N ILE A 101 3.65 -48.23 9.86
CA ILE A 101 4.51 -47.57 10.84
C ILE A 101 4.57 -46.08 10.51
N THR A 102 4.55 -45.75 9.22
CA THR A 102 4.57 -44.33 8.83
C THR A 102 3.32 -43.67 9.40
N SER A 103 2.17 -44.33 9.26
CA SER A 103 0.91 -43.81 9.79
C SER A 103 1.00 -43.61 11.30
N ILE A 104 1.64 -44.54 11.99
CA ILE A 104 1.76 -44.39 13.43
C ILE A 104 2.60 -43.16 13.77
N SER A 105 3.72 -42.98 13.09
CA SER A 105 4.58 -41.83 13.36
C SER A 105 3.84 -40.53 13.06
N ASN A 106 2.80 -40.63 12.23
CA ASN A 106 1.99 -39.45 11.88
C ASN A 106 0.74 -39.35 12.73
N LYS A 107 0.66 -40.19 13.77
CA LYS A 107 -0.48 -40.21 14.68
C LYS A 107 -1.78 -40.68 14.05
N ASN A 108 -1.70 -41.31 12.88
CA ASN A 108 -2.88 -41.83 12.21
C ASN A 108 -3.01 -43.32 12.54
N TYR A 109 -3.47 -43.62 13.75
CA TYR A 109 -3.59 -44.99 14.21
C TYR A 109 -4.63 -45.76 13.41
N TYR A 110 -5.68 -45.07 12.97
CA TYR A 110 -6.70 -45.72 12.18
C TYR A 110 -6.10 -46.23 10.86
N GLY A 111 -5.36 -45.37 10.18
CA GLY A 111 -4.75 -45.75 8.91
C GLY A 111 -3.78 -46.90 9.11
N ALA A 112 -3.09 -46.89 10.24
CA ALA A 112 -2.13 -47.94 10.56
C ALA A 112 -2.88 -49.26 10.72
N ALA A 113 -3.94 -49.25 11.53
CA ALA A 113 -4.74 -50.45 11.76
C ALA A 113 -5.39 -50.97 10.50
N LYS A 114 -5.92 -50.06 9.69
CA LYS A 114 -6.57 -50.44 8.44
C LYS A 114 -5.58 -51.18 7.56
N MET A 115 -4.36 -50.66 7.44
CA MET A 115 -3.33 -51.28 6.63
C MET A 115 -3.01 -52.68 7.17
N ILE A 116 -2.84 -52.78 8.48
CA ILE A 116 -2.54 -54.04 9.15
C ILE A 116 -3.61 -55.11 8.92
N PHE A 117 -4.86 -54.78 9.25
CA PHE A 117 -5.95 -55.72 9.06
C PHE A 117 -6.25 -56.03 7.60
N SER A 118 -5.83 -55.16 6.70
CA SER A 118 -6.06 -55.40 5.27
C SER A 118 -5.40 -56.70 4.86
N ASP A 119 -4.21 -56.97 5.39
CA ASP A 119 -3.49 -58.19 5.05
C ASP A 119 -3.50 -59.25 6.15
N ASN A 120 -3.91 -58.87 7.36
CA ASN A 120 -3.98 -59.80 8.47
C ASN A 120 -5.20 -59.56 9.37
N PRO A 121 -6.26 -60.37 9.21
CA PRO A 121 -7.49 -60.24 10.00
C PRO A 121 -7.27 -60.43 11.50
N LEU A 122 -6.12 -60.99 11.88
CA LEU A 122 -5.81 -61.17 13.30
C LEU A 122 -4.62 -60.30 13.65
N GLY A 123 -4.66 -59.07 13.15
CA GLY A 123 -3.58 -58.11 13.36
C GLY A 123 -3.13 -57.87 14.78
N LEU A 124 -4.08 -57.75 15.71
CA LEU A 124 -3.73 -57.49 17.09
C LEU A 124 -3.10 -58.72 17.74
N THR A 125 -3.71 -59.89 17.54
CA THR A 125 -3.19 -61.13 18.09
C THR A 125 -1.74 -61.34 17.66
N CYS A 126 -1.50 -61.23 16.35
CA CYS A 126 -0.17 -61.41 15.80
C CYS A 126 0.83 -60.39 16.33
N GLY A 127 0.38 -59.15 16.48
CA GLY A 127 1.27 -58.13 17.00
C GLY A 127 1.79 -58.56 18.37
N MET A 128 0.92 -59.19 19.15
CA MET A 128 1.27 -59.65 20.49
C MET A 128 2.03 -60.97 20.56
N VAL A 129 1.75 -61.89 19.64
CA VAL A 129 2.40 -63.20 19.72
C VAL A 129 3.38 -63.61 18.63
N CYS A 130 3.45 -62.89 17.52
CA CYS A 130 4.40 -63.27 16.48
C CYS A 130 5.84 -63.37 16.98
N PRO A 131 6.54 -64.47 16.63
CA PRO A 131 7.93 -64.64 17.06
C PRO A 131 8.75 -63.82 16.06
N THR A 132 8.61 -62.50 16.12
CA THR A 132 9.26 -61.57 15.20
C THR A 132 10.76 -61.75 14.93
N SER A 133 11.53 -62.14 15.92
CA SER A 133 12.97 -62.33 15.72
C SER A 133 13.21 -63.36 14.62
N ASP A 134 12.24 -64.24 14.41
CA ASP A 134 12.38 -65.28 13.40
C ASP A 134 11.54 -64.94 12.18
N LEU A 135 10.95 -63.75 12.20
CA LEU A 135 10.11 -63.30 11.08
C LEU A 135 10.48 -61.89 10.63
N CYS A 136 9.49 -61.00 10.59
CA CYS A 136 9.70 -59.62 10.16
C CYS A 136 10.92 -58.90 10.78
N VAL A 137 10.99 -58.85 12.10
CA VAL A 137 12.10 -58.18 12.77
C VAL A 137 13.46 -58.80 12.41
N GLY A 138 13.45 -60.09 12.07
CA GLY A 138 14.67 -60.77 11.69
C GLY A 138 15.31 -60.21 10.42
N GLY A 139 14.50 -59.54 9.60
CA GLY A 139 15.00 -58.97 8.37
C GLY A 139 15.07 -57.44 8.37
N CYS A 140 14.85 -56.82 9.53
CA CYS A 140 14.87 -55.34 9.65
C CYS A 140 16.25 -54.74 9.42
N ASN A 141 16.33 -53.79 8.48
CA ASN A 141 17.61 -53.15 8.18
C ASN A 141 18.25 -52.46 9.38
N LEU A 142 17.44 -51.99 10.32
CA LEU A 142 17.98 -51.30 11.49
C LEU A 142 18.79 -52.22 12.40
N TYR A 143 18.82 -53.50 12.06
CA TYR A 143 19.61 -54.44 12.83
C TYR A 143 21.07 -54.04 12.61
N ALA A 144 21.33 -53.38 11.47
CA ALA A 144 22.69 -52.94 11.16
C ALA A 144 23.09 -51.65 11.87
N THR A 145 22.37 -51.29 12.92
CA THR A 145 22.70 -50.10 13.70
C THR A 145 22.85 -50.55 15.15
N GLU A 146 23.56 -49.76 15.94
CA GLU A 146 23.78 -50.10 17.34
C GLU A 146 22.47 -50.13 18.14
N GLU A 147 21.55 -49.23 17.83
CA GLU A 147 20.27 -49.18 18.56
C GLU A 147 19.39 -50.37 18.19
N GLY A 148 19.72 -51.05 17.10
CA GLY A 148 18.96 -52.24 16.72
C GLY A 148 17.66 -52.16 15.93
N SER A 149 17.11 -53.35 15.70
CA SER A 149 15.86 -53.52 14.95
C SER A 149 14.64 -52.85 15.58
N ILE A 150 13.66 -52.57 14.73
CA ILE A 150 12.42 -51.95 15.15
C ILE A 150 11.50 -52.96 15.81
N ASN A 151 10.81 -52.53 16.85
CA ASN A 151 9.87 -53.37 17.57
C ASN A 151 8.58 -53.35 16.75
N ILE A 152 8.59 -54.07 15.64
CA ILE A 152 7.45 -54.13 14.73
C ILE A 152 6.18 -54.67 15.39
N GLY A 153 6.31 -55.75 16.16
CA GLY A 153 5.15 -56.33 16.81
C GLY A 153 4.47 -55.38 17.79
N GLY A 154 5.28 -54.70 18.61
CA GLY A 154 4.72 -53.77 19.57
C GLY A 154 4.00 -52.61 18.91
N LEU A 155 4.53 -52.15 17.78
CA LEU A 155 3.90 -51.06 17.05
C LEU A 155 2.58 -51.54 16.45
N GLN A 156 2.58 -52.77 15.94
CA GLN A 156 1.38 -53.34 15.35
C GLN A 156 0.31 -53.50 16.42
N GLN A 157 0.76 -53.90 17.61
CA GLN A 157 -0.11 -54.08 18.75
C GLN A 157 -0.72 -52.74 19.18
N PHE A 158 0.11 -51.71 19.27
CA PHE A 158 -0.38 -50.40 19.69
C PHE A 158 -1.46 -49.85 18.76
N ALA A 159 -1.16 -49.80 17.47
CA ALA A 159 -2.13 -49.27 16.50
C ALA A 159 -3.44 -50.06 16.55
N SER A 160 -3.32 -51.39 16.62
CA SER A 160 -4.49 -52.25 16.66
C SER A 160 -5.30 -52.06 17.94
N GLU A 161 -4.61 -51.83 19.06
CA GLU A 161 -5.28 -51.60 20.34
C GLU A 161 -6.07 -50.29 20.30
N VAL A 162 -5.48 -49.23 19.74
CA VAL A 162 -6.19 -47.96 19.65
C VAL A 162 -7.41 -48.17 18.76
N PHE A 163 -7.24 -48.85 17.63
CA PHE A 163 -8.37 -49.07 16.74
C PHE A 163 -9.47 -49.85 17.48
N LYS A 164 -9.07 -50.86 18.24
CA LYS A 164 -10.02 -51.65 19.01
C LYS A 164 -10.80 -50.76 19.97
N ALA A 165 -10.10 -49.81 20.61
CA ALA A 165 -10.72 -48.88 21.55
C ALA A 165 -11.67 -47.91 20.86
N MET A 166 -11.50 -47.72 19.55
CA MET A 166 -12.35 -46.81 18.79
C MET A 166 -13.74 -47.43 18.60
N ASN A 167 -13.82 -48.75 18.75
CA ASN A 167 -15.07 -49.46 18.58
C ASN A 167 -15.76 -49.14 17.27
N ILE A 168 -15.01 -49.33 16.18
CA ILE A 168 -15.51 -49.11 14.83
C ILE A 168 -15.65 -50.49 14.21
N PRO A 169 -16.80 -50.77 13.58
CA PRO A 169 -17.03 -52.07 12.96
C PRO A 169 -16.47 -52.15 11.54
N GLN A 170 -16.35 -53.38 11.04
CA GLN A 170 -15.87 -53.61 9.69
C GLN A 170 -17.11 -53.63 8.78
N ILE A 171 -16.94 -53.20 7.53
CA ILE A 171 -18.04 -53.22 6.56
C ILE A 171 -17.49 -53.83 5.29
N ARG A 172 -18.35 -54.27 4.39
CA ARG A 172 -17.87 -54.85 3.13
C ARG A 172 -17.41 -53.69 2.25
N ASN A 173 -16.57 -54.00 1.26
CA ASN A 173 -16.05 -52.97 0.37
C ASN A 173 -17.21 -52.15 -0.19
N PRO A 174 -17.20 -50.83 0.04
CA PRO A 174 -18.27 -49.97 -0.47
C PRO A 174 -18.40 -49.97 -1.99
N CYS A 175 -17.43 -50.58 -2.68
CA CYS A 175 -17.46 -50.63 -4.13
C CYS A 175 -18.22 -51.87 -4.65
N LEU A 176 -18.34 -52.87 -3.80
CA LEU A 176 -19.06 -54.08 -4.17
C LEU A 176 -20.52 -53.76 -4.47
N PRO A 177 -21.14 -54.52 -5.39
CA PRO A 177 -22.54 -54.28 -5.74
C PRO A 177 -23.39 -54.57 -4.49
N SER A 178 -24.62 -54.07 -4.45
CA SER A 178 -25.46 -54.32 -3.29
C SER A 178 -25.69 -55.82 -3.19
N GLN A 179 -26.07 -56.28 -2.00
CA GLN A 179 -26.29 -57.70 -1.78
C GLN A 179 -27.23 -58.39 -2.75
N GLU A 180 -28.37 -57.76 -3.04
CA GLU A 180 -29.35 -58.34 -3.95
C GLU A 180 -28.88 -58.38 -5.39
N LYS A 181 -27.83 -57.63 -5.71
CA LYS A 181 -27.33 -57.59 -7.07
C LYS A 181 -26.11 -58.46 -7.27
N MET A 182 -25.72 -59.18 -6.23
CA MET A 182 -24.57 -60.06 -6.31
C MET A 182 -24.98 -61.32 -7.06
N PRO A 183 -24.10 -61.82 -7.94
CA PRO A 183 -24.41 -63.03 -8.71
C PRO A 183 -24.79 -64.18 -7.78
N GLU A 184 -25.53 -65.15 -8.32
CA GLU A 184 -25.99 -66.30 -7.55
C GLU A 184 -24.84 -67.04 -6.88
N ALA A 185 -23.71 -67.12 -7.58
CA ALA A 185 -22.52 -67.81 -7.08
C ALA A 185 -22.09 -67.41 -5.68
N TYR A 186 -22.30 -66.15 -5.31
CA TYR A 186 -21.89 -65.68 -4.00
C TYR A 186 -22.78 -66.13 -2.84
N SER A 187 -23.88 -66.83 -3.16
CA SER A 187 -24.76 -67.32 -2.11
C SER A 187 -24.47 -68.80 -1.84
N ALA A 188 -23.45 -69.32 -2.50
CA ALA A 188 -23.04 -70.71 -2.34
C ALA A 188 -22.72 -71.02 -0.87
N LYS A 189 -23.27 -72.11 -0.36
CA LYS A 189 -23.04 -72.50 1.04
C LYS A 189 -21.60 -72.92 1.25
N ILE A 190 -20.92 -72.23 2.15
CA ILE A 190 -19.52 -72.53 2.45
C ILE A 190 -19.37 -72.98 3.89
N ALA A 191 -18.57 -74.01 4.09
CA ALA A 191 -18.35 -74.53 5.44
C ALA A 191 -16.87 -74.55 5.80
N LEU A 192 -16.56 -74.17 7.03
CA LEU A 192 -15.19 -74.19 7.53
C LEU A 192 -15.21 -74.95 8.83
N LEU A 193 -14.23 -75.82 9.01
CA LEU A 193 -14.14 -76.64 10.23
C LEU A 193 -13.04 -76.10 11.15
N GLY A 194 -13.41 -75.81 12.40
CA GLY A 194 -12.46 -75.28 13.36
C GLY A 194 -12.47 -73.77 13.37
N ALA A 195 -12.68 -73.15 14.53
CA ALA A 195 -12.70 -71.69 14.63
C ALA A 195 -11.36 -71.13 15.10
N GLY A 196 -10.30 -71.51 14.41
CA GLY A 196 -8.98 -71.03 14.77
C GLY A 196 -8.51 -69.95 13.80
N PRO A 197 -7.27 -69.47 13.94
CA PRO A 197 -6.71 -68.44 13.08
C PRO A 197 -6.90 -68.71 11.59
N ALA A 198 -6.66 -69.95 11.17
CA ALA A 198 -6.78 -70.31 9.76
C ALA A 198 -8.19 -70.14 9.21
N SER A 199 -9.19 -70.67 9.90
CA SER A 199 -10.58 -70.55 9.45
C SER A 199 -11.09 -69.13 9.57
N ILE A 200 -10.73 -68.46 10.65
CA ILE A 200 -11.17 -67.07 10.86
C ILE A 200 -10.65 -66.22 9.70
N SER A 201 -9.39 -66.43 9.32
CA SER A 201 -8.80 -65.67 8.23
C SER A 201 -9.48 -66.00 6.90
N CYS A 202 -9.62 -67.29 6.62
CA CYS A 202 -10.26 -67.75 5.40
C CYS A 202 -11.69 -67.22 5.27
N ALA A 203 -12.49 -67.38 6.32
CA ALA A 203 -13.87 -66.91 6.30
C ALA A 203 -13.94 -65.40 6.10
N SER A 204 -13.02 -64.68 6.75
CA SER A 204 -12.98 -63.23 6.63
C SER A 204 -12.78 -62.78 5.19
N PHE A 205 -11.76 -63.30 4.52
CA PHE A 205 -11.53 -62.90 3.14
C PHE A 205 -12.67 -63.32 2.21
N LEU A 206 -13.26 -64.50 2.43
CA LEU A 206 -14.36 -64.93 1.59
C LEU A 206 -15.52 -63.94 1.77
N ALA A 207 -15.73 -63.50 3.00
CA ALA A 207 -16.79 -62.55 3.27
C ALA A 207 -16.48 -61.22 2.60
N ARG A 208 -15.20 -60.85 2.57
CA ARG A 208 -14.79 -59.60 1.93
C ARG A 208 -15.15 -59.64 0.44
N LEU A 209 -14.98 -60.82 -0.16
CA LEU A 209 -15.27 -61.01 -1.57
C LEU A 209 -16.77 -60.94 -1.89
N GLY A 210 -17.61 -61.06 -0.87
CA GLY A 210 -19.04 -60.99 -1.09
C GLY A 210 -19.85 -62.24 -0.80
N TYR A 211 -19.21 -63.33 -0.36
CA TYR A 211 -19.96 -64.54 -0.07
C TYR A 211 -20.83 -64.28 1.16
N SER A 212 -22.12 -64.59 1.03
CA SER A 212 -23.09 -64.33 2.10
C SER A 212 -23.58 -65.51 2.92
N ASP A 213 -23.03 -66.69 2.69
CA ASP A 213 -23.45 -67.86 3.47
C ASP A 213 -22.22 -68.65 3.90
N ILE A 214 -21.53 -68.12 4.90
CA ILE A 214 -20.31 -68.73 5.41
C ILE A 214 -20.53 -69.20 6.84
N THR A 215 -20.23 -70.46 7.10
CA THR A 215 -20.40 -71.01 8.44
C THR A 215 -19.17 -71.75 8.94
N ILE A 216 -18.77 -71.45 10.16
CA ILE A 216 -17.64 -72.10 10.78
C ILE A 216 -18.19 -73.05 11.84
N PHE A 217 -17.83 -74.33 11.77
CA PHE A 217 -18.29 -75.30 12.76
C PHE A 217 -17.14 -75.58 13.71
N GLU A 218 -17.35 -75.25 14.98
CA GLU A 218 -16.34 -75.43 16.01
C GLU A 218 -16.69 -76.52 17.01
N LYS A 219 -15.75 -77.43 17.24
CA LYS A 219 -15.95 -78.53 18.17
C LYS A 219 -16.22 -78.08 19.60
N GLN A 220 -15.35 -77.24 20.13
CA GLN A 220 -15.48 -76.74 21.51
C GLN A 220 -16.59 -75.71 21.63
N GLU A 221 -16.81 -75.22 22.84
CA GLU A 221 -17.84 -74.22 23.08
C GLU A 221 -17.21 -72.82 23.00
N TYR A 222 -15.89 -72.77 22.97
CA TYR A 222 -15.16 -71.50 22.88
C TYR A 222 -14.61 -71.37 21.46
N VAL A 223 -14.27 -70.15 21.05
CA VAL A 223 -13.72 -69.92 19.72
C VAL A 223 -12.34 -69.27 19.79
N GLY A 224 -11.58 -69.35 18.70
CA GLY A 224 -10.26 -68.76 18.67
C GLY A 224 -9.12 -69.76 18.57
N GLY A 225 -9.43 -71.04 18.72
CA GLY A 225 -8.39 -72.07 18.63
C GLY A 225 -7.34 -71.94 19.71
N LEU A 226 -6.10 -72.28 19.36
CA LEU A 226 -5.01 -72.22 20.32
C LEU A 226 -4.79 -70.83 20.92
N SER A 227 -5.20 -69.78 20.20
CA SER A 227 -5.06 -68.42 20.70
C SER A 227 -5.87 -68.28 21.98
N THR A 228 -6.93 -69.06 22.05
CA THR A 228 -7.82 -69.04 23.20
C THR A 228 -7.52 -70.14 24.23
N SER A 229 -7.40 -71.37 23.75
CA SER A 229 -7.19 -72.51 24.63
C SER A 229 -5.82 -72.76 25.22
N GLU A 230 -4.76 -72.22 24.62
CA GLU A 230 -3.42 -72.47 25.15
C GLU A 230 -2.46 -71.29 25.32
N ILE A 231 -2.48 -70.31 24.43
CA ILE A 231 -1.58 -69.18 24.61
C ILE A 231 -1.97 -68.49 25.91
N PRO A 232 -1.02 -68.33 26.85
CA PRO A 232 -1.29 -67.70 28.14
C PRO A 232 -1.92 -66.30 28.08
N GLN A 233 -2.82 -66.04 29.01
CA GLN A 233 -3.50 -64.76 29.13
C GLN A 233 -2.48 -63.65 29.36
N PHE A 234 -1.35 -64.00 29.99
CA PHE A 234 -0.32 -63.01 30.23
C PHE A 234 0.54 -62.68 29.00
N ARG A 235 0.18 -63.27 27.86
CA ARG A 235 0.87 -62.97 26.60
C ARG A 235 -0.19 -62.49 25.61
N LEU A 236 -1.36 -63.12 25.65
CA LEU A 236 -2.45 -62.76 24.77
C LEU A 236 -3.80 -62.70 25.49
N PRO A 237 -4.26 -61.49 25.86
CA PRO A 237 -5.54 -61.36 26.56
C PRO A 237 -6.68 -61.90 25.70
N TYR A 238 -7.58 -62.67 26.31
CA TYR A 238 -8.69 -63.22 25.55
C TYR A 238 -9.55 -62.16 24.85
N ASP A 239 -9.69 -60.98 25.44
CA ASP A 239 -10.55 -60.01 24.77
C ASP A 239 -9.99 -59.54 23.43
N VAL A 240 -8.72 -59.85 23.16
CA VAL A 240 -8.11 -59.51 21.88
C VAL A 240 -8.75 -60.44 20.84
N VAL A 241 -8.83 -61.72 21.20
CA VAL A 241 -9.42 -62.74 20.32
C VAL A 241 -10.89 -62.43 20.03
N ASN A 242 -11.64 -62.06 21.07
CA ASN A 242 -13.06 -61.73 20.93
C ASN A 242 -13.24 -60.54 19.99
N PHE A 243 -12.32 -59.58 20.07
CA PHE A 243 -12.37 -58.40 19.23
C PHE A 243 -12.27 -58.76 17.75
N GLU A 244 -11.30 -59.60 17.42
CA GLU A 244 -11.10 -60.01 16.04
C GLU A 244 -12.22 -60.92 15.54
N ILE A 245 -12.81 -61.71 16.44
CA ILE A 245 -13.90 -62.58 16.06
C ILE A 245 -15.11 -61.72 15.69
N GLU A 246 -15.38 -60.69 16.49
CA GLU A 246 -16.51 -59.81 16.24
C GLU A 246 -16.34 -59.03 14.94
N LEU A 247 -15.10 -58.63 14.63
CA LEU A 247 -14.87 -57.91 13.38
C LEU A 247 -15.28 -58.80 12.22
N MET A 248 -14.93 -60.08 12.32
CA MET A 248 -15.28 -61.03 11.27
C MET A 248 -16.80 -61.16 11.17
N LYS A 249 -17.48 -61.24 12.31
CA LYS A 249 -18.92 -61.38 12.32
C LYS A 249 -19.62 -60.16 11.73
N ASP A 250 -18.93 -59.02 11.69
CA ASP A 250 -19.53 -57.83 11.12
C ASP A 250 -19.81 -58.07 9.63
N LEU A 251 -19.10 -59.04 9.05
CA LEU A 251 -19.27 -59.35 7.64
C LEU A 251 -20.28 -60.49 7.42
N GLY A 252 -20.98 -60.88 8.48
CA GLY A 252 -21.98 -61.92 8.34
C GLY A 252 -21.55 -63.36 8.56
N VAL A 253 -20.26 -63.59 8.79
CA VAL A 253 -19.80 -64.95 9.01
C VAL A 253 -20.49 -65.55 10.23
N LYS A 254 -20.95 -66.79 10.10
CA LYS A 254 -21.64 -67.47 11.19
C LYS A 254 -20.76 -68.52 11.85
N ILE A 255 -20.89 -68.65 13.16
CA ILE A 255 -20.13 -69.61 13.91
C ILE A 255 -21.05 -70.49 14.76
N ILE A 256 -20.91 -71.79 14.61
CA ILE A 256 -21.73 -72.73 15.37
C ILE A 256 -20.82 -73.64 16.18
N CYS A 257 -20.89 -73.51 17.51
CA CYS A 257 -20.06 -74.33 18.40
C CYS A 257 -20.77 -75.64 18.76
N GLY A 258 -20.02 -76.59 19.29
CA GLY A 258 -20.60 -77.87 19.66
C GLY A 258 -20.81 -78.77 18.45
N LYS A 259 -20.22 -78.38 17.32
CA LYS A 259 -20.33 -79.16 16.09
C LYS A 259 -18.93 -79.61 15.73
N SER A 260 -18.76 -80.93 15.64
CA SER A 260 -17.45 -81.48 15.37
C SER A 260 -17.34 -82.20 14.03
N LEU A 261 -16.15 -82.14 13.43
CA LEU A 261 -15.87 -82.85 12.18
C LEU A 261 -15.49 -84.25 12.64
N SER A 262 -16.44 -85.18 12.58
CA SER A 262 -16.16 -86.55 13.01
C SER A 262 -17.13 -87.54 12.38
N GLU A 263 -16.70 -88.80 12.27
CA GLU A 263 -17.49 -89.88 11.66
C GLU A 263 -18.95 -89.98 12.14
N ASN A 264 -19.20 -89.44 13.33
CA ASN A 264 -20.50 -89.42 14.02
C ASN A 264 -21.35 -88.17 13.74
N GLU A 265 -20.69 -87.07 13.39
CA GLU A 265 -21.42 -85.84 13.09
C GLU A 265 -21.15 -85.32 11.66
N ILE A 266 -20.30 -84.30 11.55
CA ILE A 266 -20.00 -83.70 10.25
C ILE A 266 -18.87 -84.39 9.49
N THR A 267 -19.13 -84.70 8.24
CA THR A 267 -18.14 -85.32 7.39
C THR A 267 -18.22 -84.60 6.06
N LEU A 268 -17.27 -84.85 5.18
CA LEU A 268 -17.29 -84.21 3.87
C LEU A 268 -18.52 -84.68 3.12
N ASN A 269 -18.92 -85.92 3.35
CA ASN A 269 -20.09 -86.47 2.68
C ASN A 269 -21.40 -85.83 3.15
N THR A 270 -21.55 -85.63 4.46
CA THR A 270 -22.77 -85.01 4.98
C THR A 270 -22.86 -83.56 4.50
N LEU A 271 -21.72 -82.86 4.48
CA LEU A 271 -21.69 -81.49 4.02
C LEU A 271 -22.09 -81.44 2.55
N LYS A 272 -21.53 -82.36 1.77
CA LYS A 272 -21.83 -82.40 0.34
C LYS A 272 -23.30 -82.70 0.10
N GLU A 273 -23.86 -83.61 0.89
CA GLU A 273 -25.27 -83.97 0.75
C GLU A 273 -26.19 -82.85 1.21
N GLU A 274 -25.68 -81.98 2.08
CA GLU A 274 -26.47 -80.86 2.59
C GLU A 274 -26.45 -79.66 1.64
N GLY A 275 -25.68 -79.75 0.57
CA GLY A 275 -25.62 -78.66 -0.38
C GLY A 275 -24.41 -77.75 -0.36
N TYR A 276 -23.50 -77.95 0.59
CA TYR A 276 -22.30 -77.11 0.67
C TYR A 276 -21.48 -77.25 -0.60
N LYS A 277 -21.03 -76.11 -1.14
CA LYS A 277 -20.24 -76.11 -2.37
C LYS A 277 -18.73 -76.13 -2.15
N ALA A 278 -18.30 -75.73 -0.96
CA ALA A 278 -16.87 -75.70 -0.65
C ALA A 278 -16.65 -75.84 0.85
N ALA A 279 -15.51 -76.42 1.21
CA ALA A 279 -15.18 -76.61 2.61
C ALA A 279 -13.71 -76.32 2.88
N PHE A 280 -13.43 -75.71 4.02
CA PHE A 280 -12.06 -75.42 4.41
C PHE A 280 -11.80 -76.14 5.73
N ILE A 281 -10.73 -76.92 5.78
CA ILE A 281 -10.37 -77.66 6.97
C ILE A 281 -9.31 -76.92 7.78
N GLY A 282 -9.69 -76.45 8.96
CA GLY A 282 -8.77 -75.75 9.82
C GLY A 282 -8.92 -76.20 11.26
N ILE A 283 -8.88 -77.51 11.47
CA ILE A 283 -9.03 -78.07 12.82
C ILE A 283 -7.71 -78.22 13.57
N GLY A 284 -6.60 -77.88 12.93
CA GLY A 284 -5.29 -77.97 13.56
C GLY A 284 -4.91 -79.39 13.96
N LEU A 285 -4.08 -79.50 15.00
CA LEU A 285 -3.62 -80.79 15.54
C LEU A 285 -4.21 -80.89 16.95
N PRO A 286 -5.47 -81.34 17.04
CA PRO A 286 -6.23 -81.50 18.28
C PRO A 286 -5.74 -82.44 19.38
N GLU A 287 -4.80 -83.31 19.06
CA GLU A 287 -4.34 -84.26 20.08
C GLU A 287 -2.87 -84.13 20.48
N PRO A 288 -2.57 -84.38 21.76
CA PRO A 288 -1.21 -84.30 22.27
C PRO A 288 -0.37 -85.47 21.78
N LYS A 289 0.92 -85.23 21.54
CA LYS A 289 1.79 -86.32 21.15
C LYS A 289 2.05 -87.07 22.44
N THR A 290 1.66 -88.33 22.48
CA THR A 290 1.82 -89.15 23.67
C THR A 290 3.07 -90.02 23.63
N ASP A 291 3.39 -90.63 24.78
CA ASP A 291 4.53 -91.52 24.89
C ASP A 291 4.18 -92.65 25.84
N ASP A 292 4.60 -93.86 25.49
CA ASP A 292 4.31 -95.05 26.28
C ASP A 292 4.60 -94.93 27.78
N ILE A 293 5.73 -94.33 28.14
CA ILE A 293 6.10 -94.20 29.54
C ILE A 293 5.09 -93.44 30.42
N PHE A 294 4.11 -92.79 29.81
CA PHE A 294 3.11 -92.04 30.56
C PHE A 294 1.77 -92.77 30.61
N GLN A 295 1.75 -93.98 30.06
CA GLN A 295 0.55 -94.82 30.03
C GLN A 295 -0.07 -94.98 31.41
N GLY A 296 -1.36 -94.70 31.52
CA GLY A 296 -2.05 -94.85 32.79
C GLY A 296 -1.95 -93.66 33.73
N LEU A 297 -0.95 -92.81 33.55
CA LEU A 297 -0.79 -91.64 34.41
C LEU A 297 -1.95 -90.67 34.26
N THR A 298 -2.45 -90.17 35.38
CA THR A 298 -3.57 -89.23 35.37
C THR A 298 -3.22 -87.90 36.00
N GLN A 299 -4.16 -86.95 35.92
CA GLN A 299 -3.97 -85.64 36.50
C GLN A 299 -3.91 -85.73 38.02
N ASP A 300 -4.72 -86.62 38.59
CA ASP A 300 -4.77 -86.82 40.03
C ASP A 300 -3.39 -87.13 40.59
N GLN A 301 -2.58 -87.84 39.82
CA GLN A 301 -1.24 -88.20 40.24
C GLN A 301 -0.30 -87.03 40.00
N GLY A 302 -0.74 -86.11 39.13
CA GLY A 302 0.08 -84.95 38.82
C GLY A 302 0.64 -84.94 37.42
N PHE A 303 0.11 -85.77 36.52
CA PHE A 303 0.61 -85.80 35.15
C PHE A 303 -0.31 -85.08 34.16
N TYR A 304 0.31 -84.35 33.24
CA TYR A 304 -0.43 -83.62 32.21
C TYR A 304 0.37 -83.58 30.93
N THR A 305 -0.33 -83.38 29.82
CA THR A 305 0.30 -83.19 28.53
C THR A 305 0.00 -81.71 28.35
N SER A 306 0.68 -81.04 27.42
CA SER A 306 0.41 -79.62 27.22
C SER A 306 -1.06 -79.42 26.88
N LYS A 307 -1.62 -80.36 26.11
CA LYS A 307 -3.01 -80.31 25.70
C LYS A 307 -4.01 -80.42 26.87
N ASP A 308 -3.56 -80.98 27.98
CA ASP A 308 -4.41 -81.12 29.16
C ASP A 308 -4.25 -79.92 30.09
N PHE A 309 -2.99 -79.58 30.37
CA PHE A 309 -2.66 -78.50 31.27
C PHE A 309 -3.03 -77.07 30.85
N LEU A 310 -2.45 -76.59 29.75
CA LEU A 310 -2.72 -75.23 29.30
C LEU A 310 -4.20 -74.83 29.17
N PRO A 311 -5.04 -75.71 28.59
CA PRO A 311 -6.45 -75.34 28.47
C PRO A 311 -7.12 -75.12 29.83
N LEU A 312 -6.64 -75.84 30.86
CA LEU A 312 -7.20 -75.68 32.20
C LEU A 312 -6.85 -74.32 32.77
N VAL A 313 -5.60 -73.90 32.58
CA VAL A 313 -5.18 -72.61 33.09
C VAL A 313 -5.88 -71.51 32.31
N ALA A 314 -6.05 -71.72 31.01
CA ALA A 314 -6.72 -70.75 30.16
C ALA A 314 -8.17 -70.53 30.58
N LYS A 315 -8.92 -71.61 30.74
CA LYS A 315 -10.32 -71.49 31.14
C LYS A 315 -10.48 -70.79 32.47
N SER A 316 -9.48 -70.93 33.33
CA SER A 316 -9.53 -70.32 34.64
C SER A 316 -9.08 -68.86 34.67
N SER A 317 -8.17 -68.49 33.76
CA SER A 317 -7.67 -67.12 33.74
C SER A 317 -8.22 -66.20 32.67
N LYS A 318 -8.98 -66.75 31.73
CA LYS A 318 -9.52 -65.92 30.65
C LYS A 318 -11.02 -65.70 30.76
N ALA A 319 -11.38 -64.53 31.27
CA ALA A 319 -12.78 -64.14 31.45
C ALA A 319 -13.46 -64.09 30.08
N GLY A 320 -14.56 -64.81 29.93
CA GLY A 320 -15.26 -64.80 28.66
C GLY A 320 -15.06 -66.05 27.83
N MET A 321 -14.00 -66.80 28.13
CA MET A 321 -13.73 -68.02 27.38
C MET A 321 -14.86 -69.02 27.61
N CYS A 322 -15.08 -69.38 28.87
CA CYS A 322 -16.13 -70.30 29.27
C CYS A 322 -16.99 -69.58 30.30
N ALA A 323 -18.31 -69.68 30.22
CA ALA A 323 -19.14 -68.97 31.18
C ALA A 323 -19.04 -69.57 32.58
N CYS A 324 -18.82 -70.87 32.64
CA CYS A 324 -18.71 -71.58 33.90
C CYS A 324 -17.46 -71.19 34.70
N HIS A 325 -17.49 -71.44 35.99
CA HIS A 325 -16.33 -71.14 36.83
C HIS A 325 -15.29 -72.22 36.65
N SER A 326 -14.04 -71.83 36.55
CA SER A 326 -12.93 -72.78 36.36
C SER A 326 -11.87 -72.54 37.43
N PRO A 327 -11.60 -73.56 38.25
CA PRO A 327 -10.59 -73.47 39.33
C PRO A 327 -9.18 -73.57 38.76
N LEU A 328 -8.29 -72.73 39.27
CA LEU A 328 -6.90 -72.74 38.80
C LEU A 328 -6.26 -74.06 39.25
N PRO A 329 -5.67 -74.81 38.31
CA PRO A 329 -5.03 -76.09 38.66
C PRO A 329 -4.12 -75.92 39.87
N SER A 330 -4.32 -76.73 40.90
CA SER A 330 -3.48 -76.62 42.08
C SER A 330 -2.17 -77.37 41.86
N ILE A 331 -1.14 -76.62 41.51
CA ILE A 331 0.16 -77.18 41.27
C ILE A 331 1.12 -76.69 42.34
N ARG A 332 1.54 -77.61 43.20
CA ARG A 332 2.46 -77.29 44.29
C ARG A 332 3.64 -78.23 44.26
N GLY A 333 4.79 -77.74 44.72
CA GLY A 333 5.98 -78.57 44.74
C GLY A 333 6.80 -78.39 43.47
N ALA A 334 7.69 -79.34 43.21
CA ALA A 334 8.54 -79.29 42.04
C ALA A 334 7.78 -79.71 40.78
N VAL A 335 7.92 -78.92 39.72
CA VAL A 335 7.25 -79.23 38.47
C VAL A 335 8.27 -79.52 37.39
N ILE A 336 8.04 -80.60 36.65
CA ILE A 336 8.94 -80.95 35.56
C ILE A 336 8.21 -80.82 34.23
N VAL A 337 8.78 -80.03 33.33
CA VAL A 337 8.21 -79.86 32.00
C VAL A 337 9.17 -80.56 31.07
N LEU A 338 8.67 -81.55 30.33
CA LEU A 338 9.50 -82.31 29.41
C LEU A 338 9.41 -81.73 28.00
N GLY A 339 10.57 -81.39 27.44
CA GLY A 339 10.62 -80.81 26.11
C GLY A 339 11.20 -79.41 26.15
N ALA A 340 11.70 -78.93 25.01
CA ALA A 340 12.28 -77.60 24.96
C ALA A 340 11.70 -76.84 23.79
N GLY A 341 10.49 -77.22 23.40
CA GLY A 341 9.81 -76.55 22.31
C GLY A 341 9.19 -75.31 22.90
N ASP A 342 8.59 -74.48 22.08
CA ASP A 342 7.97 -73.26 22.59
C ASP A 342 6.78 -73.52 23.53
N THR A 343 6.10 -74.65 23.36
CA THR A 343 4.97 -74.98 24.24
C THR A 343 5.48 -75.27 25.66
N ALA A 344 6.64 -75.93 25.75
CA ALA A 344 7.21 -76.25 27.05
C ALA A 344 7.38 -74.98 27.89
N PHE A 345 7.80 -73.90 27.27
CA PHE A 345 8.01 -72.65 27.98
C PHE A 345 6.71 -72.01 28.47
N ASP A 346 5.62 -72.17 27.72
CA ASP A 346 4.34 -71.63 28.17
C ASP A 346 3.83 -72.48 29.34
N CYS A 347 4.20 -73.77 29.35
CA CYS A 347 3.79 -74.66 30.42
C CYS A 347 4.56 -74.28 31.69
N ALA A 348 5.84 -73.99 31.52
CA ALA A 348 6.70 -73.60 32.64
C ALA A 348 6.20 -72.31 33.29
N THR A 349 6.03 -71.25 32.50
CA THR A 349 5.56 -69.98 33.05
C THR A 349 4.15 -70.09 33.61
N SER A 350 3.30 -70.87 32.97
CA SER A 350 1.93 -71.04 33.47
C SER A 350 1.92 -71.83 34.77
N ALA A 351 2.85 -72.77 34.92
CA ALA A 351 2.93 -73.55 36.14
C ALA A 351 3.12 -72.62 37.33
N LEU A 352 3.99 -71.62 37.16
CA LEU A 352 4.27 -70.66 38.23
C LEU A 352 3.00 -69.93 38.66
N ARG A 353 2.12 -69.62 37.70
CA ARG A 353 0.89 -68.93 38.03
C ARG A 353 -0.06 -69.83 38.82
N CYS A 354 0.15 -71.14 38.72
CA CYS A 354 -0.69 -72.10 39.42
C CYS A 354 -0.21 -72.40 40.83
N GLY A 355 0.96 -71.87 41.20
CA GLY A 355 1.46 -72.09 42.54
C GLY A 355 2.71 -72.94 42.65
N ALA A 356 3.27 -73.36 41.52
CA ALA A 356 4.47 -74.18 41.53
C ALA A 356 5.56 -73.51 42.37
N ARG A 357 6.28 -74.32 43.16
CA ARG A 357 7.35 -73.81 43.99
C ARG A 357 8.59 -73.63 43.13
N ARG A 358 8.81 -74.59 42.24
CA ARG A 358 9.95 -74.58 41.33
C ARG A 358 9.56 -75.30 40.04
N VAL A 359 10.10 -74.83 38.93
CA VAL A 359 9.82 -75.45 37.64
C VAL A 359 11.11 -75.78 36.93
N PHE A 360 11.23 -77.03 36.49
CA PHE A 360 12.42 -77.47 35.77
C PHE A 360 12.04 -77.87 34.36
N LEU A 361 12.80 -77.38 33.38
CA LEU A 361 12.58 -77.73 31.99
C LEU A 361 13.65 -78.74 31.65
N VAL A 362 13.24 -79.98 31.41
CA VAL A 362 14.18 -81.05 31.11
C VAL A 362 14.03 -81.49 29.66
N PHE A 363 15.12 -81.39 28.90
CA PHE A 363 15.10 -81.78 27.49
C PHE A 363 16.20 -82.78 27.18
N ARG A 364 15.97 -83.58 26.14
CA ARG A 364 16.91 -84.62 25.76
C ARG A 364 18.13 -84.16 24.95
N LYS A 365 18.14 -82.91 24.53
CA LYS A 365 19.30 -82.40 23.79
C LYS A 365 19.99 -81.29 24.56
N GLY A 366 20.88 -80.57 23.90
CA GLY A 366 21.60 -79.51 24.57
C GLY A 366 20.93 -78.16 24.52
N PHE A 367 21.51 -77.20 25.24
CA PHE A 367 20.99 -75.84 25.28
C PHE A 367 20.98 -75.25 23.88
N VAL A 368 22.05 -75.52 23.14
CA VAL A 368 22.20 -75.02 21.78
C VAL A 368 21.11 -75.58 20.88
N ASN A 369 20.52 -76.70 21.29
CA ASN A 369 19.49 -77.36 20.51
C ASN A 369 18.08 -76.86 20.73
N ILE A 370 17.90 -75.98 21.70
CA ILE A 370 16.57 -75.42 21.96
C ILE A 370 16.21 -74.64 20.71
N ARG A 371 15.08 -74.98 20.09
CA ARG A 371 14.65 -74.31 18.87
C ARG A 371 13.52 -73.33 19.12
N ALA A 372 13.14 -73.15 20.38
CA ALA A 372 12.08 -72.21 20.71
C ALA A 372 12.61 -70.79 20.52
N VAL A 373 11.74 -69.88 20.10
CA VAL A 373 12.15 -68.50 19.89
C VAL A 373 12.79 -67.95 21.16
N PRO A 374 13.96 -67.28 21.02
CA PRO A 374 14.70 -66.69 22.14
C PRO A 374 13.87 -65.84 23.08
N GLU A 375 13.01 -65.02 22.52
CA GLU A 375 12.16 -64.15 23.32
C GLU A 375 11.28 -64.95 24.30
N GLU A 376 10.80 -66.10 23.85
CA GLU A 376 9.98 -66.96 24.70
C GLU A 376 10.86 -67.62 25.77
N VAL A 377 12.04 -68.06 25.39
CA VAL A 377 12.96 -68.69 26.31
C VAL A 377 13.33 -67.72 27.43
N GLU A 378 13.56 -66.47 27.06
CA GLU A 378 13.93 -65.45 28.02
C GLU A 378 12.89 -65.23 29.10
N LEU A 379 11.61 -65.30 28.74
CA LEU A 379 10.55 -65.11 29.71
C LEU A 379 10.63 -66.15 30.82
N ALA A 380 10.92 -67.39 30.44
CA ALA A 380 11.03 -68.47 31.40
C ALA A 380 12.28 -68.27 32.25
N LYS A 381 13.36 -67.85 31.59
CA LYS A 381 14.62 -67.62 32.25
C LYS A 381 14.55 -66.52 33.32
N GLU A 382 13.87 -65.42 32.99
CA GLU A 382 13.77 -64.32 33.93
C GLU A 382 12.82 -64.62 35.10
N GLU A 383 11.96 -65.61 34.93
CA GLU A 383 11.05 -65.99 36.00
C GLU A 383 11.65 -67.15 36.79
N LYS A 384 12.96 -67.33 36.62
CA LYS A 384 13.76 -68.34 37.30
C LYS A 384 13.42 -69.82 37.12
N CYS A 385 13.14 -70.22 35.89
CA CYS A 385 12.88 -71.63 35.63
C CYS A 385 14.25 -72.27 35.46
N GLU A 386 14.44 -73.48 35.96
CA GLU A 386 15.72 -74.15 35.84
C GLU A 386 15.74 -74.99 34.56
N PHE A 387 16.92 -75.15 33.96
CA PHE A 387 17.05 -75.91 32.73
C PHE A 387 18.00 -77.09 32.89
N LEU A 388 17.54 -78.27 32.48
CA LEU A 388 18.35 -79.47 32.58
C LEU A 388 18.45 -80.12 31.20
N PRO A 389 19.64 -80.06 30.59
CA PRO A 389 19.88 -80.64 29.26
C PRO A 389 20.32 -82.10 29.29
N PHE A 390 20.46 -82.67 28.10
CA PHE A 390 20.89 -84.05 27.90
C PHE A 390 20.25 -85.09 28.82
N LEU A 391 18.92 -85.05 28.90
CA LEU A 391 18.19 -86.00 29.74
C LEU A 391 16.93 -86.47 29.02
N SER A 392 16.81 -87.78 28.84
CA SER A 392 15.65 -88.37 28.19
C SER A 392 14.85 -89.17 29.19
N PRO A 393 13.54 -88.88 29.32
CA PRO A 393 12.68 -89.59 30.26
C PRO A 393 12.59 -91.09 29.98
N ARG A 394 12.42 -91.87 31.05
CA ARG A 394 12.34 -93.32 30.94
C ARG A 394 11.23 -93.90 31.83
N LYS A 395 11.08 -93.33 33.02
CA LYS A 395 10.07 -93.83 33.95
C LYS A 395 9.53 -92.72 34.86
N VAL A 396 8.27 -92.88 35.27
CA VAL A 396 7.63 -91.92 36.17
C VAL A 396 7.22 -92.65 37.45
N ILE A 397 7.89 -92.33 38.55
CA ILE A 397 7.62 -92.98 39.84
C ILE A 397 6.42 -92.40 40.58
N VAL A 398 5.47 -93.26 40.92
CA VAL A 398 4.27 -92.83 41.63
C VAL A 398 4.12 -93.55 42.97
N LYS A 399 3.82 -92.78 44.02
CA LYS A 399 3.65 -93.32 45.37
C LYS A 399 2.52 -92.58 46.08
N GLY A 400 1.59 -93.33 46.67
CA GLY A 400 0.48 -92.71 47.37
C GLY A 400 -0.49 -92.07 46.40
N GLY A 401 -0.46 -92.52 45.15
CA GLY A 401 -1.35 -91.97 44.14
C GLY A 401 -0.91 -90.60 43.68
N ARG A 402 0.39 -90.32 43.86
CA ARG A 402 0.96 -89.03 43.48
C ARG A 402 2.37 -89.24 42.93
N ILE A 403 2.74 -88.44 41.93
CA ILE A 403 4.06 -88.54 41.35
C ILE A 403 5.06 -88.05 42.39
N VAL A 404 6.26 -88.64 42.39
CA VAL A 404 7.28 -88.23 43.34
C VAL A 404 8.63 -88.08 42.64
N ALA A 405 8.74 -88.62 41.43
CA ALA A 405 9.99 -88.51 40.70
C ALA A 405 9.89 -89.01 39.25
N VAL A 406 10.93 -88.72 38.48
CA VAL A 406 11.01 -89.14 37.08
C VAL A 406 12.42 -89.64 36.84
N GLN A 407 12.53 -90.76 36.14
CA GLN A 407 13.82 -91.36 35.84
C GLN A 407 14.25 -91.02 34.42
N PHE A 408 15.49 -90.57 34.25
CA PHE A 408 16.01 -90.22 32.94
C PHE A 408 17.31 -90.96 32.65
N VAL A 409 17.79 -90.81 31.42
CA VAL A 409 19.04 -91.42 31.01
C VAL A 409 19.79 -90.35 30.23
N ARG A 410 21.11 -90.33 30.42
CA ARG A 410 21.98 -89.37 29.75
C ARG A 410 21.95 -89.52 28.24
N THR A 411 22.16 -88.41 27.55
CA THR A 411 22.19 -88.42 26.09
C THR A 411 23.41 -87.63 25.67
N GLU A 412 23.82 -87.80 24.41
CA GLU A 412 24.94 -87.04 23.88
C GLU A 412 25.21 -87.36 22.42
N GLN A 413 25.88 -86.43 21.75
CA GLN A 413 26.19 -86.56 20.35
C GLN A 413 27.58 -87.11 20.11
N ASP A 414 27.69 -87.99 19.11
CA ASP A 414 28.98 -88.56 18.77
C ASP A 414 29.61 -87.71 17.68
N GLU A 415 30.80 -88.09 17.26
CA GLU A 415 31.53 -87.36 16.23
C GLU A 415 30.72 -87.27 14.94
N THR A 416 29.77 -88.19 14.76
CA THR A 416 28.94 -88.22 13.56
C THR A 416 27.70 -87.33 13.68
N GLY A 417 27.51 -86.70 14.84
CA GLY A 417 26.37 -85.83 15.03
C GLY A 417 25.11 -86.58 15.40
N LYS A 418 25.26 -87.88 15.66
CA LYS A 418 24.15 -88.74 16.02
C LYS A 418 23.93 -88.67 17.52
N TRP A 419 22.67 -88.76 17.94
CA TRP A 419 22.36 -88.71 19.38
C TRP A 419 22.22 -90.11 19.94
N ASN A 420 22.83 -90.32 21.10
CA ASN A 420 22.78 -91.62 21.76
C ASN A 420 22.31 -91.45 23.19
N GLU A 421 21.70 -92.49 23.74
CA GLU A 421 21.20 -92.44 25.11
C GLU A 421 21.75 -93.61 25.89
N ASP A 422 22.74 -93.34 26.75
CA ASP A 422 23.36 -94.37 27.55
C ASP A 422 22.39 -94.92 28.60
N GLU A 423 21.92 -96.13 28.35
CA GLU A 423 20.97 -96.83 29.22
C GLU A 423 21.48 -97.07 30.64
N ASP A 424 22.80 -97.08 30.80
CA ASP A 424 23.40 -97.35 32.10
C ASP A 424 23.34 -96.14 33.04
N GLN A 425 23.51 -94.95 32.49
CA GLN A 425 23.49 -93.74 33.30
C GLN A 425 22.06 -93.26 33.57
N ILE A 426 21.45 -93.79 34.63
CA ILE A 426 20.09 -93.40 34.99
C ILE A 426 20.12 -92.18 35.91
N VAL A 427 19.09 -91.35 35.81
CA VAL A 427 19.00 -90.13 36.62
C VAL A 427 17.69 -90.05 37.38
N HIS A 428 17.78 -89.79 38.68
CA HIS A 428 16.59 -89.67 39.51
C HIS A 428 16.32 -88.21 39.83
N LEU A 429 15.19 -87.71 39.34
CA LEU A 429 14.81 -86.33 39.54
C LEU A 429 13.48 -86.25 40.30
N LYS A 430 13.48 -85.47 41.37
CA LYS A 430 12.30 -85.31 42.22
C LYS A 430 11.26 -84.47 41.48
N ALA A 431 9.98 -84.70 41.78
CA ALA A 431 8.91 -83.95 41.14
C ALA A 431 7.54 -84.31 41.67
N ASP A 432 6.69 -83.31 41.79
CA ASP A 432 5.32 -83.50 42.28
C ASP A 432 4.36 -83.44 41.11
N VAL A 433 4.79 -82.77 40.04
CA VAL A 433 4.00 -82.62 38.82
C VAL A 433 4.85 -82.77 37.57
N VAL A 434 4.29 -83.45 36.57
CA VAL A 434 4.99 -83.66 35.32
C VAL A 434 4.11 -83.25 34.14
N ILE A 435 4.66 -82.42 33.26
CA ILE A 435 3.93 -81.95 32.09
C ILE A 435 4.73 -82.23 30.83
N SER A 436 4.16 -83.03 29.94
CA SER A 436 4.85 -83.34 28.68
C SER A 436 4.42 -82.35 27.61
N ALA A 437 5.40 -81.81 26.91
CA ALA A 437 5.14 -80.86 25.85
C ALA A 437 5.89 -81.35 24.63
N PHE A 438 5.51 -82.56 24.17
CA PHE A 438 6.14 -83.21 23.03
C PHE A 438 5.54 -82.82 21.67
N GLY A 439 4.56 -81.93 21.68
CA GLY A 439 3.93 -81.52 20.43
C GLY A 439 2.49 -82.00 20.31
N SER A 440 1.91 -81.85 19.13
CA SER A 440 0.54 -82.26 18.88
C SER A 440 0.41 -83.02 17.56
N VAL A 441 -0.68 -83.77 17.42
CA VAL A 441 -0.91 -84.56 16.22
C VAL A 441 -2.39 -84.77 15.95
N LEU A 442 -2.67 -85.40 14.81
CA LEU A 442 -4.03 -85.74 14.42
C LEU A 442 -4.02 -87.26 14.31
N ARG A 443 -4.69 -87.94 15.24
CA ARG A 443 -4.71 -89.40 15.20
C ARG A 443 -6.09 -90.01 15.27
N ASP A 444 -7.02 -89.34 15.95
CA ASP A 444 -8.39 -89.84 16.07
C ASP A 444 -8.93 -90.36 14.74
N PRO A 445 -9.15 -91.67 14.64
CA PRO A 445 -9.66 -92.29 13.40
C PRO A 445 -11.05 -91.77 13.01
N LYS A 446 -11.85 -91.38 14.00
CA LYS A 446 -13.19 -90.87 13.72
C LYS A 446 -13.09 -89.54 12.98
N VAL A 447 -12.04 -88.77 13.26
CA VAL A 447 -11.86 -87.48 12.62
C VAL A 447 -11.26 -87.66 11.23
N LYS A 448 -10.19 -88.45 11.14
CA LYS A 448 -9.54 -88.72 9.86
C LYS A 448 -10.52 -89.34 8.86
N GLU A 449 -11.42 -90.17 9.36
CA GLU A 449 -12.42 -90.84 8.56
C GLU A 449 -13.42 -89.84 7.96
N ALA A 450 -13.75 -88.82 8.73
CA ALA A 450 -14.69 -87.80 8.29
C ALA A 450 -14.12 -87.00 7.11
N LEU A 451 -12.83 -87.14 6.86
CA LEU A 451 -12.18 -86.43 5.76
C LEU A 451 -12.09 -87.27 4.50
N SER A 452 -12.65 -88.47 4.53
CA SER A 452 -12.64 -89.34 3.36
C SER A 452 -13.38 -88.62 2.23
N PRO A 453 -12.89 -88.75 1.00
CA PRO A 453 -11.73 -89.53 0.59
C PRO A 453 -10.49 -88.71 0.25
N ILE A 454 -10.28 -87.57 0.89
CA ILE A 454 -9.10 -86.78 0.55
C ILE A 454 -7.81 -87.55 0.85
N LYS A 455 -6.80 -87.30 0.03
CA LYS A 455 -5.52 -87.97 0.16
C LYS A 455 -4.66 -87.39 1.29
N PHE A 456 -4.00 -88.28 2.02
CA PHE A 456 -3.10 -87.89 3.11
C PHE A 456 -1.67 -88.19 2.64
N ASN A 457 -0.71 -87.42 3.14
CA ASN A 457 0.68 -87.64 2.76
C ASN A 457 1.37 -88.54 3.78
N ARG A 458 2.68 -88.71 3.65
CA ARG A 458 3.37 -89.57 4.58
C ARG A 458 3.51 -89.00 5.98
N TRP A 459 3.14 -87.74 6.17
CA TRP A 459 3.18 -87.12 7.49
C TRP A 459 1.88 -87.48 8.19
N ASP A 460 1.02 -88.20 7.46
CA ASP A 460 -0.26 -88.61 7.98
C ASP A 460 -1.16 -87.39 8.17
N LEU A 461 -1.02 -86.42 7.26
CA LEU A 461 -1.80 -85.20 7.29
C LEU A 461 -2.41 -84.97 5.91
N PRO A 462 -3.56 -84.26 5.85
CA PRO A 462 -4.15 -84.02 4.54
C PRO A 462 -3.17 -83.32 3.60
N GLU A 463 -3.08 -83.83 2.38
CA GLU A 463 -2.18 -83.28 1.37
C GLU A 463 -2.86 -82.16 0.58
N VAL A 464 -2.17 -81.03 0.45
CA VAL A 464 -2.72 -79.92 -0.31
C VAL A 464 -1.67 -79.33 -1.21
N ASP A 465 -2.13 -78.67 -2.27
CA ASP A 465 -1.24 -77.99 -3.19
C ASP A 465 -0.76 -76.77 -2.39
N PRO A 466 0.55 -76.62 -2.21
CA PRO A 466 1.11 -75.50 -1.44
C PRO A 466 0.75 -74.10 -1.92
N GLU A 467 0.33 -73.97 -3.17
CA GLU A 467 -0.05 -72.67 -3.71
C GLU A 467 -1.55 -72.39 -3.61
N THR A 468 -2.37 -73.40 -3.84
CA THR A 468 -3.82 -73.24 -3.79
C THR A 468 -4.50 -73.69 -2.50
N MET A 469 -3.79 -74.50 -1.71
CA MET A 469 -4.32 -75.04 -0.45
C MET A 469 -5.46 -76.02 -0.70
N GLN A 470 -5.56 -76.48 -1.93
CA GLN A 470 -6.61 -77.41 -2.34
C GLN A 470 -6.21 -78.87 -2.11
N THR A 471 -7.13 -79.68 -1.62
CA THR A 471 -6.87 -81.11 -1.37
C THR A 471 -7.09 -81.90 -2.65
N SER A 472 -7.05 -83.22 -2.56
CA SER A 472 -7.27 -84.08 -3.72
C SER A 472 -8.72 -83.96 -4.19
N GLU A 473 -9.57 -83.46 -3.31
CA GLU A 473 -10.98 -83.23 -3.63
C GLU A 473 -11.10 -81.73 -3.95
N PRO A 474 -11.40 -81.39 -5.20
CA PRO A 474 -11.54 -80.01 -5.70
C PRO A 474 -12.26 -79.00 -4.81
N TRP A 475 -13.37 -79.41 -4.20
CA TRP A 475 -14.15 -78.50 -3.37
C TRP A 475 -13.71 -78.41 -1.89
N VAL A 476 -12.66 -79.16 -1.54
CA VAL A 476 -12.14 -79.18 -0.18
C VAL A 476 -10.74 -78.59 -0.07
N PHE A 477 -10.58 -77.61 0.81
CA PHE A 477 -9.29 -76.97 1.03
C PHE A 477 -8.88 -77.12 2.49
N ALA A 478 -7.59 -76.96 2.76
CA ALA A 478 -7.07 -77.09 4.11
C ALA A 478 -5.92 -76.12 4.36
N GLY A 479 -5.75 -75.72 5.62
CA GLY A 479 -4.68 -74.80 5.96
C GLY A 479 -4.46 -74.72 7.46
N GLY A 480 -3.37 -74.08 7.86
CA GLY A 480 -3.07 -73.97 9.28
C GLY A 480 -2.27 -75.14 9.77
N ASP A 481 -2.32 -75.37 11.09
CA ASP A 481 -1.59 -76.47 11.70
C ASP A 481 -1.90 -77.84 11.08
N ILE A 482 -3.14 -78.06 10.65
CA ILE A 482 -3.53 -79.35 10.06
C ILE A 482 -2.68 -79.73 8.83
N VAL A 483 -2.19 -78.74 8.11
CA VAL A 483 -1.38 -78.99 6.91
C VAL A 483 0.07 -79.30 7.26
N GLY A 484 0.49 -78.94 8.46
CA GLY A 484 1.83 -79.24 8.90
C GLY A 484 2.98 -78.35 8.45
N MET A 485 2.68 -77.25 7.76
CA MET A 485 3.74 -76.35 7.32
C MET A 485 3.84 -75.14 8.25
N ALA A 486 2.70 -74.55 8.57
CA ALA A 486 2.66 -73.38 9.45
C ALA A 486 3.11 -73.74 10.86
N ASN A 487 3.86 -72.83 11.49
CA ASN A 487 4.35 -73.03 12.86
C ASN A 487 3.93 -71.86 13.72
N THR A 488 3.18 -70.93 13.12
CA THR A 488 2.76 -69.73 13.80
C THR A 488 1.32 -69.31 13.49
N THR A 489 0.84 -68.35 14.27
CA THR A 489 -0.50 -67.83 14.08
C THR A 489 -0.54 -67.11 12.74
N VAL A 490 0.47 -66.31 12.46
CA VAL A 490 0.52 -65.54 11.22
C VAL A 490 0.57 -66.42 9.98
N GLU A 491 1.30 -67.53 10.03
CA GLU A 491 1.36 -68.42 8.88
C GLU A 491 0.02 -69.14 8.69
N SER A 492 -0.66 -69.43 9.79
CA SER A 492 -1.96 -70.09 9.72
C SER A 492 -2.97 -69.11 9.12
N VAL A 493 -2.84 -67.85 9.49
CA VAL A 493 -3.72 -66.81 8.96
C VAL A 493 -3.48 -66.73 7.46
N ASN A 494 -2.22 -66.79 7.05
CA ASN A 494 -1.89 -66.71 5.63
C ASN A 494 -2.43 -67.91 4.85
N ASP A 495 -2.41 -69.09 5.47
CA ASP A 495 -2.94 -70.29 4.83
C ASP A 495 -4.40 -70.07 4.47
N GLY A 496 -5.17 -69.54 5.43
CA GLY A 496 -6.58 -69.28 5.19
C GLY A 496 -6.76 -68.21 4.13
N LYS A 497 -5.88 -67.22 4.15
CA LYS A 497 -5.90 -66.10 3.20
C LYS A 497 -5.61 -66.62 1.80
N GLN A 498 -4.61 -67.48 1.69
CA GLN A 498 -4.20 -68.06 0.42
C GLN A 498 -5.33 -68.93 -0.14
N ALA A 499 -5.92 -69.73 0.73
CA ALA A 499 -7.02 -70.62 0.33
C ALA A 499 -8.26 -69.86 -0.12
N SER A 500 -8.58 -68.77 0.56
CA SER A 500 -9.79 -68.01 0.22
C SER A 500 -9.84 -67.62 -1.25
N TRP A 501 -8.70 -67.23 -1.81
CA TRP A 501 -8.70 -66.85 -3.21
C TRP A 501 -9.03 -68.02 -4.15
N TYR A 502 -8.42 -69.18 -3.89
CA TYR A 502 -8.68 -70.34 -4.74
C TYR A 502 -10.02 -71.01 -4.49
N ILE A 503 -10.57 -70.81 -3.30
CA ILE A 503 -11.89 -71.34 -3.01
C ILE A 503 -12.86 -70.51 -3.84
N HIS A 504 -12.59 -69.20 -3.88
CA HIS A 504 -13.39 -68.24 -4.64
C HIS A 504 -13.34 -68.62 -6.12
N LYS A 505 -12.13 -68.90 -6.61
CA LYS A 505 -11.95 -69.27 -7.99
C LYS A 505 -12.71 -70.55 -8.29
N TYR A 506 -12.60 -71.53 -7.39
CA TYR A 506 -13.29 -72.79 -7.55
C TYR A 506 -14.80 -72.60 -7.62
N ILE A 507 -15.37 -71.94 -6.62
CA ILE A 507 -16.81 -71.71 -6.57
C ILE A 507 -17.34 -70.98 -7.79
N GLN A 508 -16.69 -69.89 -8.15
CA GLN A 508 -17.11 -69.13 -9.33
C GLN A 508 -17.14 -70.03 -10.57
N ALA A 509 -16.11 -70.84 -10.73
CA ALA A 509 -16.03 -71.75 -11.87
C ALA A 509 -17.18 -72.74 -11.87
N GLN A 510 -17.59 -73.19 -10.68
CA GLN A 510 -18.69 -74.13 -10.58
C GLN A 510 -19.98 -73.51 -11.09
N TYR A 511 -20.04 -72.18 -11.07
CA TYR A 511 -21.21 -71.46 -11.54
C TYR A 511 -21.00 -70.91 -12.94
N GLY A 512 -19.96 -71.41 -13.61
CA GLY A 512 -19.67 -70.98 -14.97
C GLY A 512 -19.08 -69.59 -15.11
N ALA A 513 -18.50 -69.06 -14.03
CA ALA A 513 -17.89 -67.74 -14.07
C ALA A 513 -16.39 -67.81 -13.83
N SER A 514 -15.67 -66.86 -14.38
CA SER A 514 -14.22 -66.81 -14.22
C SER A 514 -13.84 -65.66 -13.28
N VAL A 515 -12.58 -65.63 -12.86
CA VAL A 515 -12.10 -64.58 -11.98
C VAL A 515 -10.85 -63.98 -12.57
N SER A 516 -10.51 -62.76 -12.17
CA SER A 516 -9.32 -62.09 -12.67
C SER A 516 -8.09 -62.98 -12.57
N ALA A 517 -7.20 -62.87 -13.55
CA ALA A 517 -5.98 -63.67 -13.57
C ALA A 517 -5.08 -63.27 -12.40
N LYS A 518 -5.11 -61.98 -12.06
CA LYS A 518 -4.32 -61.48 -10.95
C LYS A 518 -5.19 -61.50 -9.68
N PRO A 519 -4.71 -62.16 -8.62
CA PRO A 519 -5.46 -62.23 -7.36
C PRO A 519 -5.90 -60.87 -6.86
N GLU A 520 -7.17 -60.76 -6.48
CA GLU A 520 -7.69 -59.49 -5.98
C GLU A 520 -8.44 -59.63 -4.66
N LEU A 521 -7.74 -60.01 -3.60
CA LEU A 521 -8.38 -60.12 -2.31
C LEU A 521 -8.60 -58.68 -1.85
N PRO A 522 -9.82 -58.35 -1.42
CA PRO A 522 -10.12 -56.98 -0.97
C PRO A 522 -9.36 -56.55 0.28
N LEU A 523 -9.25 -55.24 0.47
CA LEU A 523 -8.60 -54.67 1.64
C LEU A 523 -9.63 -54.66 2.77
N PHE A 524 -9.25 -54.10 3.91
CA PHE A 524 -10.12 -53.99 5.09
C PHE A 524 -10.80 -52.62 5.07
N TYR A 525 -12.12 -52.60 5.26
CA TYR A 525 -12.88 -51.34 5.26
C TYR A 525 -13.77 -51.14 6.48
N THR A 526 -14.01 -49.87 6.82
CA THR A 526 -14.87 -49.50 7.94
C THR A 526 -15.65 -48.26 7.49
N PRO A 527 -16.64 -47.82 8.28
CA PRO A 527 -17.44 -46.64 7.92
C PRO A 527 -16.59 -45.37 7.78
N VAL A 528 -15.42 -45.36 8.40
CA VAL A 528 -14.53 -44.21 8.31
C VAL A 528 -14.16 -43.92 6.87
N ASP A 529 -14.01 -44.99 6.09
CA ASP A 529 -13.63 -44.88 4.69
C ASP A 529 -14.68 -44.20 3.82
N LEU A 530 -15.90 -44.09 4.33
CA LEU A 530 -16.97 -43.45 3.58
C LEU A 530 -16.98 -41.95 3.79
N VAL A 531 -16.19 -41.48 4.75
CA VAL A 531 -16.15 -40.05 5.05
C VAL A 531 -15.66 -39.24 3.85
N ASP A 532 -16.43 -38.19 3.53
CA ASP A 532 -16.13 -37.32 2.41
C ASP A 532 -15.14 -36.23 2.80
N ILE A 533 -13.99 -36.19 2.13
CA ILE A 533 -13.00 -35.17 2.43
C ILE A 533 -12.73 -34.24 1.25
N SER A 534 -13.71 -34.10 0.37
CA SER A 534 -13.59 -33.20 -0.78
C SER A 534 -13.82 -31.78 -0.27
N VAL A 535 -13.41 -30.81 -1.06
CA VAL A 535 -13.59 -29.42 -0.68
C VAL A 535 -13.60 -28.53 -1.91
N GLU A 536 -14.35 -27.44 -1.85
CA GLU A 536 -14.42 -26.49 -2.96
C GLU A 536 -13.73 -25.20 -2.57
N MET A 537 -12.99 -24.61 -3.49
CA MET A 537 -12.29 -23.37 -3.23
C MET A 537 -12.10 -22.59 -4.52
N ALA A 538 -12.50 -21.32 -4.51
CA ALA A 538 -12.38 -20.44 -5.67
C ALA A 538 -13.01 -21.09 -6.90
N GLY A 539 -14.13 -21.78 -6.69
CA GLY A 539 -14.84 -22.41 -7.80
C GLY A 539 -14.26 -23.73 -8.28
N LEU A 540 -13.17 -24.17 -7.64
CA LEU A 540 -12.53 -25.43 -8.02
C LEU A 540 -12.96 -26.53 -7.07
N LYS A 541 -13.07 -27.75 -7.59
CA LYS A 541 -13.45 -28.89 -6.78
C LYS A 541 -12.26 -29.82 -6.56
N PHE A 542 -11.87 -30.01 -5.31
CA PHE A 542 -10.75 -30.89 -4.99
C PHE A 542 -11.30 -32.18 -4.37
N ILE A 543 -10.88 -33.34 -4.89
CA ILE A 543 -11.36 -34.60 -4.34
C ILE A 543 -10.87 -34.82 -2.92
N ASN A 544 -9.73 -34.22 -2.59
CA ASN A 544 -9.17 -34.25 -1.23
C ASN A 544 -8.34 -32.97 -1.14
N PRO A 545 -8.14 -32.44 0.08
CA PRO A 545 -7.36 -31.21 0.25
C PRO A 545 -5.84 -31.25 0.17
N PHE A 546 -5.28 -32.41 -0.13
CA PHE A 546 -3.82 -32.52 -0.19
C PHE A 546 -3.25 -32.39 -1.59
N GLY A 547 -2.19 -31.61 -1.71
CA GLY A 547 -1.57 -31.43 -3.00
C GLY A 547 -0.08 -31.21 -2.89
N LEU A 548 0.63 -31.42 -3.98
CA LEU A 548 2.07 -31.21 -4.00
C LEU A 548 2.38 -29.75 -4.25
N ALA A 549 3.21 -29.18 -3.38
CA ALA A 549 3.62 -27.79 -3.52
C ALA A 549 4.55 -27.71 -4.74
N SER A 550 4.72 -26.49 -5.27
CA SER A 550 5.60 -26.30 -6.42
C SER A 550 7.00 -26.49 -5.85
N ALA A 551 7.61 -27.64 -6.09
CA ALA A 551 8.93 -27.91 -5.52
C ALA A 551 9.62 -29.15 -6.13
N ALA A 552 10.64 -29.65 -5.44
CA ALA A 552 11.39 -30.82 -5.89
C ALA A 552 10.48 -31.99 -6.26
N PRO A 553 9.44 -32.27 -5.46
CA PRO A 553 8.55 -33.38 -5.79
C PRO A 553 7.78 -33.18 -7.11
N THR A 554 7.81 -31.95 -7.64
CA THR A 554 7.15 -31.67 -8.93
C THR A 554 8.15 -31.19 -9.96
N THR A 555 9.38 -31.72 -9.87
CA THR A 555 10.45 -31.37 -10.79
C THR A 555 10.09 -31.76 -12.24
N SER A 556 9.36 -32.86 -12.39
CA SER A 556 8.95 -33.36 -13.70
C SER A 556 7.47 -33.70 -13.69
N SER A 557 6.80 -33.47 -14.82
CA SER A 557 5.38 -33.79 -14.94
C SER A 557 5.12 -35.28 -14.78
N SER A 558 6.11 -36.12 -15.09
CA SER A 558 5.94 -37.57 -14.95
C SER A 558 5.77 -37.94 -13.47
N MET A 559 6.33 -37.10 -12.59
CA MET A 559 6.22 -37.32 -11.16
C MET A 559 4.82 -36.94 -10.69
N ILE A 560 4.27 -35.89 -11.29
CA ILE A 560 2.93 -35.44 -10.92
C ILE A 560 1.94 -36.52 -11.33
N ARG A 561 2.16 -37.12 -12.50
CA ARG A 561 1.29 -38.20 -12.97
C ARG A 561 1.24 -39.32 -11.93
N ARG A 562 2.41 -39.72 -11.41
CA ARG A 562 2.44 -40.78 -10.42
C ARG A 562 1.81 -40.35 -9.10
N ALA A 563 1.93 -39.07 -8.77
CA ALA A 563 1.32 -38.57 -7.55
C ALA A 563 -0.21 -38.65 -7.69
N PHE A 564 -0.72 -38.31 -8.87
CA PHE A 564 -2.17 -38.39 -9.06
C PHE A 564 -2.61 -39.85 -9.04
N GLU A 565 -1.78 -40.74 -9.60
CA GLU A 565 -2.10 -42.16 -9.61
C GLU A 565 -2.12 -42.67 -8.18
N ALA A 566 -1.30 -42.06 -7.32
CA ALA A 566 -1.24 -42.44 -5.91
C ALA A 566 -2.47 -41.94 -5.18
N GLY A 567 -3.05 -40.84 -5.65
CA GLY A 567 -4.25 -40.31 -5.02
C GLY A 567 -4.24 -38.85 -4.59
N TRP A 568 -3.15 -38.13 -4.86
CA TRP A 568 -3.09 -36.72 -4.47
C TRP A 568 -4.19 -35.88 -5.13
N GLY A 569 -4.84 -35.03 -4.32
CA GLY A 569 -5.92 -34.20 -4.81
C GLY A 569 -5.53 -33.21 -5.89
N PHE A 570 -4.37 -32.59 -5.74
CA PHE A 570 -3.92 -31.62 -6.73
C PHE A 570 -2.41 -31.51 -6.73
N ALA A 571 -1.86 -30.71 -7.63
CA ALA A 571 -0.43 -30.51 -7.71
C ALA A 571 -0.11 -29.22 -8.42
N LEU A 572 1.03 -28.65 -8.03
CA LEU A 572 1.53 -27.42 -8.62
C LEU A 572 2.70 -27.84 -9.51
N THR A 573 2.89 -27.16 -10.63
CA THR A 573 4.02 -27.50 -11.46
C THR A 573 5.17 -26.77 -10.78
N LYS A 574 6.41 -27.17 -11.08
CA LYS A 574 7.56 -26.48 -10.53
C LYS A 574 7.36 -25.11 -11.19
N THR A 575 7.79 -24.03 -10.54
CA THR A 575 7.62 -22.71 -11.14
C THR A 575 8.37 -22.60 -12.47
N PHE A 576 7.69 -22.11 -13.51
CA PHE A 576 8.36 -21.94 -14.78
C PHE A 576 8.23 -20.52 -15.31
N SER A 577 9.04 -20.19 -16.31
CA SER A 577 9.02 -18.86 -16.88
C SER A 577 9.18 -18.86 -18.39
N LEU A 578 9.24 -17.66 -18.96
CA LEU A 578 9.43 -17.50 -20.39
C LEU A 578 10.87 -17.91 -20.71
N ASP A 579 11.11 -18.30 -21.96
CA ASP A 579 12.43 -18.75 -22.39
C ASP A 579 13.56 -17.80 -22.06
N LYS A 580 13.31 -16.49 -22.15
CA LYS A 580 14.34 -15.50 -21.89
C LYS A 580 14.81 -15.50 -20.43
N ASP A 581 14.00 -16.03 -19.52
CA ASP A 581 14.36 -16.06 -18.11
C ASP A 581 14.82 -17.44 -17.65
N ILE A 582 15.17 -18.29 -18.61
CA ILE A 582 15.64 -19.66 -18.34
C ILE A 582 16.74 -19.66 -17.28
N VAL A 583 16.67 -20.59 -16.32
CA VAL A 583 17.67 -20.67 -15.26
C VAL A 583 18.50 -21.95 -15.28
N THR A 584 19.63 -21.93 -14.55
CA THR A 584 20.51 -23.08 -14.44
C THR A 584 20.89 -23.22 -12.96
N ASN A 585 20.56 -24.37 -12.37
CA ASN A 585 20.86 -24.62 -10.97
C ASN A 585 22.33 -24.92 -10.69
N VAL A 586 22.69 -24.82 -9.42
CA VAL A 586 24.05 -25.12 -8.97
C VAL A 586 23.90 -26.36 -8.10
N SER A 587 25.02 -26.94 -7.70
CA SER A 587 24.99 -28.11 -6.82
C SER A 587 26.23 -28.10 -5.95
N PRO A 588 26.12 -28.51 -4.67
CA PRO A 588 24.89 -28.98 -4.02
C PRO A 588 23.89 -27.85 -3.79
N ARG A 589 22.60 -28.18 -3.64
CA ARG A 589 21.59 -27.15 -3.44
C ARG A 589 20.48 -27.42 -2.44
N ILE A 590 20.39 -28.65 -1.94
CA ILE A 590 19.37 -28.98 -0.96
C ILE A 590 20.02 -29.77 0.17
N VAL A 591 19.98 -29.22 1.38
CA VAL A 591 20.59 -29.87 2.53
C VAL A 591 19.59 -30.13 3.65
N ARG A 592 19.93 -31.08 4.52
CA ARG A 592 19.09 -31.41 5.66
C ARG A 592 19.19 -30.29 6.71
N GLY A 593 18.14 -30.13 7.50
CA GLY A 593 18.15 -29.10 8.52
C GLY A 593 18.95 -29.53 9.73
N THR A 594 19.44 -28.55 10.49
CA THR A 594 20.19 -28.81 11.71
C THR A 594 19.31 -28.31 12.86
N THR A 595 18.05 -28.06 12.55
CA THR A 595 17.08 -27.55 13.51
C THR A 595 16.71 -28.46 14.68
N SER A 596 17.03 -29.75 14.58
CA SER A 596 16.73 -30.68 15.67
C SER A 596 17.94 -31.55 16.05
N GLY A 597 19.14 -30.99 15.87
CA GLY A 597 20.34 -31.72 16.23
C GLY A 597 20.83 -32.76 15.24
N PRO A 598 21.89 -33.50 15.60
CA PRO A 598 22.49 -34.54 14.76
C PRO A 598 21.67 -35.84 14.64
N MET A 599 20.43 -35.70 14.17
CA MET A 599 19.53 -36.84 13.98
C MET A 599 19.42 -37.00 12.47
N TYR A 600 19.87 -38.15 11.97
CA TYR A 600 19.84 -38.41 10.54
C TYR A 600 18.82 -39.45 10.13
N GLY A 601 18.46 -39.44 8.84
CA GLY A 601 17.50 -40.39 8.34
C GLY A 601 16.09 -39.86 8.26
N PRO A 602 15.09 -40.67 8.64
CA PRO A 602 13.67 -40.28 8.61
C PRO A 602 13.31 -39.06 9.43
N GLY A 603 12.28 -38.34 8.97
CA GLY A 603 11.78 -37.19 9.66
C GLY A 603 12.68 -35.99 9.91
N GLN A 604 13.45 -35.56 8.91
CA GLN A 604 14.30 -34.39 9.08
C GLN A 604 13.33 -33.24 9.44
N SER A 605 13.67 -32.44 10.44
CA SER A 605 12.81 -31.35 10.87
C SER A 605 12.78 -30.14 9.95
N SER A 606 13.63 -30.16 8.92
CA SER A 606 13.67 -29.07 7.95
C SER A 606 14.70 -29.35 6.88
N PHE A 607 14.67 -28.52 5.84
CA PHE A 607 15.62 -28.59 4.73
C PHE A 607 15.89 -27.14 4.37
N LEU A 608 17.02 -26.90 3.72
CA LEU A 608 17.35 -25.57 3.25
C LEU A 608 17.73 -25.79 1.80
N ASN A 609 17.26 -24.92 0.91
CA ASN A 609 17.56 -25.08 -0.49
C ASN A 609 17.98 -23.75 -1.11
N ILE A 610 18.85 -23.83 -2.13
CA ILE A 610 19.27 -22.66 -2.89
C ILE A 610 18.98 -22.99 -4.34
N GLU A 611 17.87 -23.69 -4.54
CA GLU A 611 17.43 -24.08 -5.87
C GLU A 611 16.67 -22.90 -6.47
N LEU A 612 16.67 -22.80 -7.79
CA LEU A 612 15.96 -21.72 -8.48
C LEU A 612 14.64 -22.31 -8.97
N ILE A 613 14.02 -21.67 -9.95
CA ILE A 613 12.78 -22.20 -10.49
C ILE A 613 13.10 -23.36 -11.42
N SER A 614 12.10 -23.86 -12.13
CA SER A 614 12.30 -25.00 -13.03
C SER A 614 13.31 -24.74 -14.13
N GLU A 615 14.11 -25.75 -14.44
CA GLU A 615 15.09 -25.64 -15.51
C GLU A 615 14.42 -26.09 -16.81
N LYS A 616 13.21 -26.61 -16.71
CA LYS A 616 12.48 -27.05 -17.90
C LYS A 616 11.68 -25.89 -18.47
N THR A 617 11.51 -25.89 -19.79
CA THR A 617 10.81 -24.81 -20.49
C THR A 617 9.30 -24.73 -20.31
N ALA A 618 8.74 -23.56 -20.62
CA ALA A 618 7.30 -23.32 -20.55
C ALA A 618 6.60 -24.23 -21.55
N ALA A 619 7.25 -24.51 -22.67
CA ALA A 619 6.65 -25.39 -23.68
C ALA A 619 6.47 -26.79 -23.08
N TYR A 620 7.49 -27.28 -22.39
CA TYR A 620 7.43 -28.58 -21.73
C TYR A 620 6.28 -28.58 -20.71
N TRP A 621 6.27 -27.57 -19.85
CA TRP A 621 5.24 -27.48 -18.82
C TRP A 621 3.83 -27.35 -19.35
N CYS A 622 3.64 -26.51 -20.37
CA CYS A 622 2.29 -26.34 -20.92
C CYS A 622 1.81 -27.61 -21.61
N GLN A 623 2.68 -28.30 -22.35
CA GLN A 623 2.27 -29.53 -23.00
C GLN A 623 1.94 -30.56 -21.90
N SER A 624 2.77 -30.57 -20.85
CA SER A 624 2.58 -31.49 -19.73
C SER A 624 1.23 -31.27 -19.05
N VAL A 625 0.84 -30.01 -18.88
CA VAL A 625 -0.43 -29.71 -18.23
C VAL A 625 -1.59 -30.22 -19.09
N THR A 626 -1.48 -30.05 -20.39
CA THR A 626 -2.53 -30.52 -21.29
C THR A 626 -2.66 -32.03 -21.12
N GLU A 627 -1.53 -32.73 -21.12
CA GLU A 627 -1.53 -34.19 -20.94
C GLU A 627 -2.13 -34.60 -19.60
N LEU A 628 -1.66 -33.97 -18.52
CA LEU A 628 -2.18 -34.30 -17.19
C LEU A 628 -3.67 -34.05 -17.04
N LYS A 629 -4.14 -32.91 -17.54
CA LYS A 629 -5.57 -32.60 -17.41
C LYS A 629 -6.40 -33.55 -18.27
N ALA A 630 -5.82 -34.01 -19.36
CA ALA A 630 -6.53 -34.93 -20.25
C ALA A 630 -6.69 -36.30 -19.58
N ASP A 631 -5.65 -36.75 -18.88
CA ASP A 631 -5.68 -38.05 -18.21
C ASP A 631 -6.24 -38.04 -16.79
N PHE A 632 -6.20 -36.89 -16.13
CA PHE A 632 -6.73 -36.77 -14.77
C PHE A 632 -7.60 -35.52 -14.64
N PRO A 633 -8.80 -35.55 -15.26
CA PRO A 633 -9.73 -34.42 -15.24
C PRO A 633 -10.18 -34.00 -13.84
N ASP A 634 -10.26 -34.94 -12.92
CA ASP A 634 -10.69 -34.63 -11.55
C ASP A 634 -9.57 -34.17 -10.62
N ASN A 635 -8.32 -34.32 -11.06
CA ASN A 635 -7.19 -33.88 -10.24
C ASN A 635 -6.86 -32.46 -10.67
N ILE A 636 -6.78 -31.56 -9.70
CA ILE A 636 -6.50 -30.16 -9.97
C ILE A 636 -5.03 -29.91 -10.25
N VAL A 637 -4.76 -29.21 -11.37
CA VAL A 637 -3.39 -28.88 -11.74
C VAL A 637 -3.26 -27.37 -11.75
N ILE A 638 -2.33 -26.86 -10.94
CA ILE A 638 -2.11 -25.43 -10.85
C ILE A 638 -0.71 -25.12 -11.41
N ALA A 639 -0.67 -24.24 -12.40
CA ALA A 639 0.61 -23.86 -13.01
C ALA A 639 1.25 -22.70 -12.24
N SER A 640 2.46 -22.93 -11.73
CA SER A 640 3.21 -21.91 -11.01
C SER A 640 4.07 -21.19 -12.03
N ILE A 641 3.98 -19.86 -12.06
CA ILE A 641 4.72 -19.07 -13.02
C ILE A 641 5.40 -17.85 -12.39
N MET A 642 6.42 -17.34 -13.07
CA MET A 642 7.16 -16.18 -12.60
C MET A 642 7.74 -15.34 -13.73
N CYS A 643 7.62 -14.02 -13.58
CA CYS A 643 8.14 -13.06 -14.55
C CYS A 643 8.75 -11.91 -13.76
N SER A 644 9.56 -11.09 -14.42
CA SER A 644 10.13 -9.93 -13.76
C SER A 644 8.99 -8.91 -13.73
N TYR A 645 9.23 -7.75 -13.12
CA TYR A 645 8.18 -6.74 -13.03
C TYR A 645 7.93 -6.15 -14.43
N ASN A 646 7.19 -6.90 -15.24
CA ASN A 646 6.88 -6.52 -16.63
C ASN A 646 5.46 -6.97 -16.96
N LYS A 647 4.60 -6.01 -17.34
CA LYS A 647 3.22 -6.33 -17.67
C LYS A 647 3.03 -7.30 -18.84
N ASN A 648 3.72 -7.05 -19.95
CA ASN A 648 3.59 -7.93 -21.10
C ASN A 648 4.00 -9.36 -20.78
N ASP A 649 5.11 -9.52 -20.06
CA ASP A 649 5.58 -10.85 -19.69
C ASP A 649 4.56 -11.62 -18.86
N TRP A 650 4.08 -11.00 -17.79
CA TRP A 650 3.09 -11.65 -16.94
C TRP A 650 1.83 -12.05 -17.71
N MET A 651 1.40 -11.19 -18.63
CA MET A 651 0.19 -11.50 -19.39
C MET A 651 0.47 -12.61 -20.42
N GLU A 652 1.65 -12.58 -21.03
CA GLU A 652 2.01 -13.60 -22.01
C GLU A 652 2.09 -14.98 -21.36
N LEU A 653 2.87 -15.09 -20.29
CA LEU A 653 3.04 -16.36 -19.58
C LEU A 653 1.75 -16.90 -18.98
N SER A 654 0.99 -16.04 -18.32
CA SER A 654 -0.27 -16.47 -17.71
C SER A 654 -1.25 -16.99 -18.76
N ARG A 655 -1.29 -16.32 -19.91
CA ARG A 655 -2.19 -16.75 -20.98
C ARG A 655 -1.72 -18.06 -21.60
N LYS A 656 -0.41 -18.24 -21.70
CA LYS A 656 0.13 -19.47 -22.27
C LYS A 656 -0.24 -20.63 -21.32
N ALA A 657 -0.14 -20.38 -20.02
CA ALA A 657 -0.46 -21.40 -19.03
C ALA A 657 -1.95 -21.70 -19.03
N GLU A 658 -2.77 -20.66 -19.11
CA GLU A 658 -4.22 -20.84 -19.14
C GLU A 658 -4.64 -21.67 -20.34
N ALA A 659 -4.08 -21.35 -21.51
CA ALA A 659 -4.40 -22.06 -22.73
C ALA A 659 -4.06 -23.55 -22.70
N SER A 660 -3.09 -23.93 -21.89
CA SER A 660 -2.69 -25.34 -21.81
C SER A 660 -3.73 -26.17 -21.09
N GLY A 661 -4.63 -25.50 -20.39
CA GLY A 661 -5.69 -26.21 -19.68
C GLY A 661 -5.56 -26.25 -18.17
N ALA A 662 -4.61 -25.50 -17.62
CA ALA A 662 -4.43 -25.47 -16.17
C ALA A 662 -5.73 -25.02 -15.50
N ASP A 663 -6.03 -25.60 -14.35
CA ASP A 663 -7.24 -25.24 -13.61
C ASP A 663 -7.09 -23.86 -12.98
N ALA A 664 -5.85 -23.49 -12.69
CA ALA A 664 -5.57 -22.20 -12.05
C ALA A 664 -4.08 -21.89 -12.16
N LEU A 665 -3.70 -20.70 -11.69
CA LEU A 665 -2.32 -20.29 -11.72
C LEU A 665 -1.84 -19.89 -10.32
N GLU A 666 -0.54 -20.02 -10.09
CA GLU A 666 0.03 -19.59 -8.83
C GLU A 666 1.16 -18.66 -9.23
N LEU A 667 1.11 -17.45 -8.71
CA LEU A 667 2.12 -16.44 -9.01
C LEU A 667 3.25 -16.52 -8.00
N ASN A 668 4.42 -16.94 -8.44
CA ASN A 668 5.55 -17.04 -7.54
C ASN A 668 6.17 -15.66 -7.33
N LEU A 669 5.80 -15.03 -6.23
CA LEU A 669 6.33 -13.71 -5.88
C LEU A 669 7.05 -13.87 -4.55
N SER A 670 7.63 -15.05 -4.32
CA SER A 670 8.27 -15.29 -3.03
C SER A 670 9.55 -16.14 -2.96
N CYS A 671 10.21 -16.38 -4.08
CA CYS A 671 11.44 -17.16 -4.04
C CYS A 671 12.43 -16.30 -3.23
N PRO A 672 12.78 -16.75 -2.01
CA PRO A 672 13.69 -16.03 -1.11
C PRO A 672 15.16 -15.88 -1.54
N HIS A 673 15.51 -16.41 -2.70
CA HIS A 673 16.89 -16.33 -3.18
C HIS A 673 17.01 -16.52 -4.69
N GLY A 674 18.21 -16.27 -5.21
CA GLY A 674 18.48 -16.43 -6.64
C GLY A 674 17.73 -15.53 -7.61
N MET A 675 16.43 -15.74 -7.71
CA MET A 675 15.59 -14.96 -8.62
C MET A 675 15.55 -13.47 -8.26
N GLY A 676 15.81 -13.14 -6.99
CA GLY A 676 15.79 -11.75 -6.57
C GLY A 676 16.77 -10.88 -7.33
N GLU A 677 17.92 -11.46 -7.65
CA GLU A 677 18.99 -10.79 -8.37
C GLU A 677 18.60 -10.55 -9.82
N ARG A 678 17.87 -11.50 -10.38
CA ARG A 678 17.41 -11.37 -11.75
C ARG A 678 16.16 -10.49 -11.78
N GLY A 679 15.84 -9.90 -10.63
CA GLY A 679 14.69 -9.01 -10.52
C GLY A 679 13.33 -9.67 -10.35
N MET A 680 13.27 -10.73 -9.54
CA MET A 680 12.04 -11.49 -9.33
C MET A 680 11.92 -12.07 -7.91
N GLY A 681 10.92 -12.92 -7.71
CA GLY A 681 10.69 -13.57 -6.43
C GLY A 681 10.52 -12.64 -5.23
N LEU A 682 11.51 -12.65 -4.35
CA LEU A 682 11.53 -11.84 -3.12
C LEU A 682 11.48 -10.33 -3.34
N ALA A 683 11.93 -9.88 -4.51
CA ALA A 683 11.96 -8.46 -4.84
C ALA A 683 10.56 -7.91 -4.93
N CYS A 684 9.77 -8.52 -5.81
CA CYS A 684 8.40 -8.12 -6.07
C CYS A 684 7.37 -8.49 -5.00
N GLY A 685 7.63 -9.55 -4.23
CA GLY A 685 6.67 -10.00 -3.23
C GLY A 685 6.67 -9.38 -1.84
N GLN A 686 7.56 -8.42 -1.63
CA GLN A 686 7.67 -7.76 -0.34
C GLN A 686 7.02 -6.38 -0.38
N ASP A 687 6.71 -5.90 -1.57
CA ASP A 687 6.10 -4.58 -1.72
C ASP A 687 4.62 -4.67 -2.12
N PRO A 688 3.71 -4.27 -1.22
CA PRO A 688 2.27 -4.32 -1.50
C PRO A 688 1.89 -3.73 -2.85
N GLU A 689 2.53 -2.63 -3.24
CA GLU A 689 2.23 -1.98 -4.51
C GLU A 689 2.54 -2.89 -5.69
N LEU A 690 3.75 -3.47 -5.72
CA LEU A 690 4.14 -4.33 -6.82
C LEU A 690 3.24 -5.58 -6.88
N VAL A 691 2.94 -6.15 -5.72
CA VAL A 691 2.08 -7.32 -5.66
C VAL A 691 0.72 -7.00 -6.28
N ARG A 692 0.16 -5.86 -5.89
CA ARG A 692 -1.14 -5.45 -6.41
C ARG A 692 -1.14 -5.31 -7.93
N ASN A 693 -0.11 -4.68 -8.47
CA ASN A 693 -0.02 -4.48 -9.92
C ASN A 693 0.13 -5.79 -10.69
N ILE A 694 1.00 -6.67 -10.21
CA ILE A 694 1.21 -7.95 -10.87
C ILE A 694 -0.10 -8.74 -10.95
N CYS A 695 -0.84 -8.73 -9.84
CA CYS A 695 -2.12 -9.43 -9.78
C CYS A 695 -3.13 -8.79 -10.74
N ARG A 696 -3.06 -7.46 -10.89
CA ARG A 696 -3.95 -6.75 -11.80
C ARG A 696 -3.66 -7.13 -13.24
N TRP A 697 -2.37 -7.23 -13.57
CA TRP A 697 -1.96 -7.60 -14.91
C TRP A 697 -2.44 -9.01 -15.27
N VAL A 698 -2.35 -9.92 -14.31
CA VAL A 698 -2.80 -11.30 -14.53
C VAL A 698 -4.32 -11.40 -14.57
N ARG A 699 -4.99 -10.69 -13.67
CA ARG A 699 -6.45 -10.73 -13.64
C ARG A 699 -7.04 -10.34 -14.99
N GLN A 700 -6.46 -9.32 -15.64
CA GLN A 700 -6.98 -8.90 -16.93
C GLN A 700 -6.49 -9.77 -18.09
N ALA A 701 -5.50 -10.60 -17.84
CA ALA A 701 -4.97 -11.47 -18.90
C ALA A 701 -5.68 -12.81 -19.01
N VAL A 702 -6.13 -13.35 -17.88
CA VAL A 702 -6.78 -14.65 -17.89
C VAL A 702 -8.11 -14.67 -17.13
N GLN A 703 -8.89 -15.71 -17.37
CA GLN A 703 -10.19 -15.86 -16.72
C GLN A 703 -10.23 -16.94 -15.65
N ILE A 704 -9.29 -17.86 -15.70
CA ILE A 704 -9.25 -18.91 -14.66
C ILE A 704 -8.78 -18.28 -13.36
N PRO A 705 -9.07 -18.92 -12.22
CA PRO A 705 -8.62 -18.35 -10.96
C PRO A 705 -7.09 -18.40 -10.85
N PHE A 706 -6.52 -17.56 -9.99
CA PHE A 706 -5.08 -17.54 -9.79
C PHE A 706 -4.80 -17.11 -8.36
N PHE A 707 -3.70 -17.62 -7.81
CA PHE A 707 -3.32 -17.33 -6.43
C PHE A 707 -1.91 -16.77 -6.33
N ALA A 708 -1.71 -15.85 -5.40
CA ALA A 708 -0.41 -15.26 -5.21
C ALA A 708 0.32 -16.00 -4.09
N LYS A 709 1.52 -16.51 -4.38
CA LYS A 709 2.27 -17.22 -3.34
C LYS A 709 3.10 -16.20 -2.59
N LEU A 710 2.74 -16.02 -1.32
CA LEU A 710 3.38 -15.04 -0.46
C LEU A 710 4.62 -15.52 0.29
N THR A 711 5.52 -14.58 0.54
CA THR A 711 6.74 -14.88 1.30
C THR A 711 6.48 -14.57 2.75
N PRO A 712 7.09 -15.34 3.66
CA PRO A 712 6.90 -15.09 5.10
C PRO A 712 7.95 -14.08 5.57
N ASN A 713 8.92 -13.81 4.71
CA ASN A 713 10.01 -12.87 5.03
C ASN A 713 9.62 -11.40 4.83
N VAL A 714 8.59 -10.97 5.56
CA VAL A 714 8.12 -9.59 5.51
C VAL A 714 7.59 -9.20 6.88
N THR A 715 7.59 -7.91 7.16
CA THR A 715 7.11 -7.42 8.44
C THR A 715 5.62 -7.73 8.65
N ASP A 716 4.82 -7.47 7.63
CA ASP A 716 3.38 -7.70 7.72
C ASP A 716 2.86 -8.43 6.49
N ILE A 717 2.68 -9.74 6.62
CA ILE A 717 2.22 -10.55 5.49
C ILE A 717 0.79 -10.22 5.07
N VAL A 718 0.01 -9.70 6.01
CA VAL A 718 -1.38 -9.33 5.70
C VAL A 718 -1.42 -8.21 4.65
N SER A 719 -0.47 -7.29 4.71
CA SER A 719 -0.45 -6.19 3.75
C SER A 719 -0.29 -6.71 2.31
N ILE A 720 0.56 -7.72 2.14
CA ILE A 720 0.80 -8.34 0.83
C ILE A 720 -0.41 -9.13 0.37
N ALA A 721 -1.02 -9.84 1.31
CA ALA A 721 -2.19 -10.65 1.01
C ALA A 721 -3.33 -9.77 0.57
N ARG A 722 -3.51 -8.66 1.29
CA ARG A 722 -4.55 -7.69 0.99
C ARG A 722 -4.30 -7.08 -0.38
N ALA A 723 -3.03 -6.80 -0.67
CA ALA A 723 -2.66 -6.21 -1.96
C ALA A 723 -3.06 -7.17 -3.08
N ALA A 724 -2.83 -8.46 -2.86
CA ALA A 724 -3.17 -9.48 -3.86
C ALA A 724 -4.67 -9.50 -4.09
N LYS A 725 -5.44 -9.44 -3.00
CA LYS A 725 -6.89 -9.45 -3.11
C LYS A 725 -7.38 -8.21 -3.85
N GLU A 726 -6.80 -7.05 -3.56
CA GLU A 726 -7.19 -5.82 -4.23
C GLU A 726 -6.80 -5.87 -5.71
N GLY A 727 -5.75 -6.62 -6.02
CA GLY A 727 -5.30 -6.74 -7.40
C GLY A 727 -6.16 -7.70 -8.19
N GLY A 728 -7.05 -8.42 -7.53
CA GLY A 728 -7.92 -9.35 -8.23
C GLY A 728 -7.61 -10.83 -8.03
N ALA A 729 -6.64 -11.14 -7.19
CA ALA A 729 -6.29 -12.53 -6.93
C ALA A 729 -7.49 -13.26 -6.32
N ASP A 730 -7.62 -14.54 -6.64
CA ASP A 730 -8.71 -15.35 -6.12
C ASP A 730 -8.34 -15.98 -4.78
N GLY A 731 -7.11 -15.75 -4.36
CA GLY A 731 -6.67 -16.31 -3.09
C GLY A 731 -5.16 -16.20 -2.98
N VAL A 732 -4.61 -16.66 -1.87
CA VAL A 732 -3.17 -16.62 -1.67
C VAL A 732 -2.64 -17.93 -1.10
N THR A 733 -1.39 -18.22 -1.43
CA THR A 733 -0.72 -19.41 -0.94
C THR A 733 0.23 -18.90 0.15
N ALA A 734 0.06 -19.41 1.36
CA ALA A 734 0.89 -19.02 2.48
C ALA A 734 1.48 -20.27 3.15
N THR A 735 2.80 -20.42 3.14
CA THR A 735 3.74 -19.46 2.57
C THR A 735 4.92 -20.16 1.88
N ASN A 736 5.80 -19.36 1.28
CA ASN A 736 6.98 -19.90 0.63
C ASN A 736 8.02 -20.11 1.75
N THR A 737 9.24 -20.50 1.40
CA THR A 737 10.27 -20.76 2.40
C THR A 737 10.80 -19.55 3.17
N VAL A 738 11.29 -19.84 4.37
CA VAL A 738 11.85 -18.81 5.25
C VAL A 738 13.33 -18.61 4.94
N SER A 739 13.72 -17.35 4.82
CA SER A 739 15.10 -17.01 4.52
C SER A 739 16.03 -17.37 5.68
N GLY A 740 17.09 -18.12 5.40
CA GLY A 740 18.00 -18.48 6.46
C GLY A 740 19.32 -19.06 6.00
N LEU A 741 20.14 -19.41 6.98
CA LEU A 741 21.44 -20.00 6.75
C LEU A 741 21.44 -21.21 7.68
N MET A 742 21.50 -22.41 7.11
CA MET A 742 21.44 -23.63 7.91
C MET A 742 22.66 -23.98 8.78
N GLY A 743 23.79 -23.31 8.55
CA GLY A 743 24.93 -23.61 9.39
C GLY A 743 26.28 -23.67 8.73
N LEU A 744 27.32 -23.74 9.57
CA LEU A 744 28.70 -23.79 9.11
C LEU A 744 29.43 -24.95 9.78
N LYS A 745 30.49 -25.43 9.13
CA LYS A 745 31.30 -26.50 9.69
C LYS A 745 32.26 -25.79 10.64
N ALA A 746 32.93 -26.55 11.49
CA ALA A 746 33.85 -25.96 12.46
C ALA A 746 34.96 -25.11 11.83
N ASP A 747 35.27 -25.35 10.56
CA ASP A 747 36.32 -24.58 9.90
C ASP A 747 35.78 -23.28 9.29
N GLY A 748 34.49 -23.01 9.52
CA GLY A 748 33.89 -21.79 9.02
C GLY A 748 33.22 -21.87 7.66
N THR A 749 33.41 -22.97 6.94
CA THR A 749 32.79 -23.13 5.63
C THR A 749 31.32 -23.51 5.77
N PRO A 750 30.48 -23.03 4.83
CA PRO A 750 29.05 -23.32 4.88
C PRO A 750 28.61 -24.64 4.22
N TRP A 751 27.35 -24.97 4.46
CA TRP A 751 26.72 -26.14 3.88
C TRP A 751 25.27 -25.72 3.60
N PRO A 752 24.85 -25.75 2.33
CA PRO A 752 25.63 -26.17 1.15
C PRO A 752 26.82 -25.27 0.80
N ALA A 753 27.85 -25.89 0.20
CA ALA A 753 29.05 -25.17 -0.23
C ALA A 753 29.20 -25.48 -1.70
N VAL A 754 29.27 -24.44 -2.53
CA VAL A 754 29.39 -24.62 -3.97
C VAL A 754 30.78 -24.28 -4.50
N GLY A 755 31.32 -25.19 -5.30
CA GLY A 755 32.64 -24.98 -5.91
C GLY A 755 33.84 -25.13 -4.99
N ALA A 756 35.03 -25.00 -5.57
CA ALA A 756 36.25 -25.11 -4.80
C ALA A 756 36.34 -23.98 -3.76
N GLY A 757 35.65 -22.87 -4.04
CA GLY A 757 35.66 -21.75 -3.12
C GLY A 757 34.72 -21.96 -1.93
N LYS A 758 33.97 -23.06 -1.96
CA LYS A 758 33.04 -23.39 -0.88
C LYS A 758 32.13 -22.22 -0.55
N ARG A 759 31.51 -21.64 -1.57
CA ARG A 759 30.64 -20.50 -1.37
C ARG A 759 29.18 -20.89 -1.17
N THR A 760 28.41 -19.97 -0.64
CA THR A 760 26.99 -20.20 -0.44
C THR A 760 26.28 -18.86 -0.45
N THR A 761 24.96 -18.91 -0.32
CA THR A 761 24.15 -17.71 -0.27
C THR A 761 22.94 -18.09 0.58
N TYR A 762 22.23 -17.11 1.10
CA TYR A 762 21.04 -17.39 1.91
C TYR A 762 20.07 -18.26 1.14
N GLY A 763 19.54 -19.28 1.79
CA GLY A 763 18.61 -20.17 1.14
C GLY A 763 17.22 -20.12 1.75
N GLY A 764 16.38 -21.08 1.37
CA GLY A 764 15.03 -21.13 1.90
C GLY A 764 14.82 -22.32 2.80
N VAL A 765 14.34 -22.06 4.02
CA VAL A 765 14.09 -23.13 4.97
C VAL A 765 12.66 -23.64 4.81
N SER A 766 12.50 -24.96 4.79
CA SER A 766 11.20 -25.60 4.64
C SER A 766 11.05 -26.68 5.71
N GLY A 767 9.88 -27.27 5.82
CA GLY A 767 9.68 -28.33 6.80
C GLY A 767 8.98 -27.94 8.09
N THR A 768 8.90 -28.90 9.01
CA THR A 768 8.22 -28.66 10.28
C THR A 768 8.82 -27.54 11.13
N ALA A 769 10.10 -27.23 10.91
CA ALA A 769 10.75 -26.16 11.66
C ALA A 769 10.12 -24.78 11.38
N ILE A 770 9.50 -24.62 10.21
CA ILE A 770 8.88 -23.34 9.87
C ILE A 770 7.36 -23.35 10.00
N ARG A 771 6.78 -24.46 10.45
CA ARG A 771 5.33 -24.53 10.60
C ARG A 771 4.76 -23.43 11.51
N PRO A 772 5.44 -23.11 12.62
CA PRO A 772 4.93 -22.07 13.52
C PRO A 772 4.75 -20.73 12.79
N ILE A 773 5.66 -20.48 11.86
CA ILE A 773 5.64 -19.26 11.07
C ILE A 773 4.52 -19.31 10.04
N ALA A 774 4.31 -20.47 9.46
CA ALA A 774 3.27 -20.66 8.44
C ALA A 774 1.89 -20.63 9.07
N LEU A 775 1.74 -21.27 10.23
CA LEU A 775 0.46 -21.28 10.93
C LEU A 775 0.07 -19.87 11.33
N ARG A 776 1.03 -19.10 11.81
CA ARG A 776 0.75 -17.72 12.20
C ARG A 776 0.29 -16.95 10.97
N ALA A 777 1.01 -17.13 9.87
CA ALA A 777 0.69 -16.43 8.62
C ALA A 777 -0.72 -16.77 8.14
N VAL A 778 -1.05 -18.05 8.17
CA VAL A 778 -2.38 -18.45 7.71
C VAL A 778 -3.49 -17.90 8.60
N THR A 779 -3.31 -18.00 9.92
CA THR A 779 -4.33 -17.51 10.84
C THR A 779 -4.51 -15.99 10.76
N THR A 780 -3.41 -15.24 10.68
CA THR A 780 -3.51 -13.78 10.63
C THR A 780 -4.16 -13.30 9.32
N ILE A 781 -3.87 -13.98 8.21
CA ILE A 781 -4.48 -13.60 6.95
C ILE A 781 -5.98 -13.96 7.01
N ALA A 782 -6.28 -15.12 7.56
CA ALA A 782 -7.67 -15.57 7.66
C ALA A 782 -8.53 -14.66 8.54
N ARG A 783 -7.94 -14.09 9.58
CA ARG A 783 -8.67 -13.22 10.48
C ARG A 783 -8.87 -11.83 9.86
N ALA A 784 -7.86 -11.37 9.13
CA ALA A 784 -7.91 -10.05 8.50
C ALA A 784 -8.77 -10.04 7.24
N LEU A 785 -8.76 -11.14 6.49
CA LEU A 785 -9.51 -11.24 5.25
C LEU A 785 -10.42 -12.47 5.26
N PRO A 786 -11.44 -12.46 6.12
CA PRO A 786 -12.36 -13.60 6.20
C PRO A 786 -12.99 -14.01 4.88
N GLY A 787 -12.97 -15.32 4.61
CA GLY A 787 -13.54 -15.85 3.38
C GLY A 787 -12.57 -15.90 2.21
N PHE A 788 -11.47 -15.16 2.29
CA PHE A 788 -10.51 -15.17 1.21
C PHE A 788 -9.74 -16.49 1.19
N PRO A 789 -9.88 -17.26 0.09
CA PRO A 789 -9.21 -18.55 -0.06
C PRO A 789 -7.70 -18.56 0.27
N ILE A 790 -7.30 -19.53 1.07
CA ILE A 790 -5.91 -19.68 1.46
C ILE A 790 -5.41 -21.11 1.20
N LEU A 791 -4.32 -21.22 0.45
CA LEU A 791 -3.72 -22.53 0.20
C LEU A 791 -2.53 -22.55 1.15
N ALA A 792 -2.56 -23.45 2.13
CA ALA A 792 -1.50 -23.53 3.12
C ALA A 792 -0.29 -24.35 2.69
N THR A 793 0.87 -23.93 3.17
CA THR A 793 2.12 -24.63 2.88
C THR A 793 3.16 -24.23 3.92
N GLY A 794 3.81 -25.24 4.51
CA GLY A 794 4.83 -24.98 5.51
C GLY A 794 4.77 -25.96 6.67
N GLY A 795 5.45 -27.10 6.52
CA GLY A 795 5.47 -28.07 7.59
C GLY A 795 4.31 -29.02 7.70
N ILE A 796 3.52 -29.16 6.65
CA ILE A 796 2.40 -30.09 6.71
C ILE A 796 2.96 -31.47 6.40
N ASP A 797 2.85 -32.38 7.36
CA ASP A 797 3.38 -33.74 7.21
C ASP A 797 2.48 -34.84 7.75
N SER A 798 1.18 -34.56 7.86
CA SER A 798 0.23 -35.55 8.36
C SER A 798 -1.18 -34.98 8.30
N ALA A 799 -2.17 -35.86 8.49
CA ALA A 799 -3.56 -35.44 8.49
C ALA A 799 -3.76 -34.48 9.67
N GLU A 800 -3.20 -34.85 10.81
CA GLU A 800 -3.31 -34.03 12.01
C GLU A 800 -2.82 -32.60 11.78
N SER A 801 -1.59 -32.46 11.29
CA SER A 801 -1.04 -31.13 11.04
C SER A 801 -1.83 -30.43 9.94
N GLY A 802 -2.32 -31.20 8.98
CA GLY A 802 -3.12 -30.62 7.92
C GLY A 802 -4.40 -30.03 8.52
N LEU A 803 -5.06 -30.77 9.40
CA LEU A 803 -6.29 -30.30 10.05
C LEU A 803 -6.05 -28.99 10.80
N GLN A 804 -4.84 -28.81 11.34
CA GLN A 804 -4.51 -27.59 12.06
C GLN A 804 -4.56 -26.38 11.12
N PHE A 805 -4.10 -26.57 9.89
CA PHE A 805 -4.13 -25.47 8.92
C PHE A 805 -5.55 -25.20 8.43
N LEU A 806 -6.36 -26.26 8.34
CA LEU A 806 -7.74 -26.11 7.92
C LEU A 806 -8.46 -25.31 9.01
N HIS A 807 -8.27 -25.71 10.25
CA HIS A 807 -8.88 -25.05 11.40
C HIS A 807 -8.42 -23.60 11.47
N SER A 808 -7.23 -23.33 10.92
CA SER A 808 -6.67 -21.98 10.92
C SER A 808 -7.15 -21.09 9.78
N GLY A 809 -7.92 -21.64 8.86
CA GLY A 809 -8.42 -20.82 7.76
C GLY A 809 -8.10 -21.27 6.34
N ALA A 810 -7.23 -22.25 6.18
CA ALA A 810 -6.88 -22.72 4.85
C ALA A 810 -7.91 -23.70 4.33
N SER A 811 -8.05 -23.77 3.02
CA SER A 811 -9.00 -24.70 2.42
C SER A 811 -8.29 -25.93 1.85
N VAL A 812 -7.08 -25.72 1.32
CA VAL A 812 -6.31 -26.82 0.76
C VAL A 812 -4.91 -26.81 1.35
N LEU A 813 -4.22 -27.95 1.25
CA LEU A 813 -2.90 -28.11 1.85
C LEU A 813 -1.80 -28.57 0.91
N GLN A 814 -0.79 -27.73 0.75
CA GLN A 814 0.35 -28.03 -0.11
C GLN A 814 1.46 -28.71 0.70
N VAL A 815 2.10 -29.70 0.10
CA VAL A 815 3.16 -30.44 0.78
C VAL A 815 4.42 -30.58 -0.05
N CYS A 816 5.57 -30.43 0.61
CA CYS A 816 6.86 -30.62 -0.05
C CYS A 816 7.82 -31.47 0.79
N SER A 817 8.33 -30.89 1.87
CA SER A 817 9.29 -31.58 2.74
C SER A 817 8.88 -32.97 3.22
N ALA A 818 7.60 -33.16 3.54
CA ALA A 818 7.15 -34.47 4.00
C ALA A 818 7.38 -35.53 2.93
N VAL A 819 7.27 -35.13 1.66
CA VAL A 819 7.50 -36.10 0.57
C VAL A 819 9.01 -36.29 0.37
N GLN A 820 9.78 -35.21 0.51
CA GLN A 820 11.23 -35.32 0.37
C GLN A 820 11.75 -36.27 1.45
N ASN A 821 11.06 -36.28 2.59
CA ASN A 821 11.42 -37.15 3.70
C ASN A 821 10.91 -38.58 3.48
N GLN A 822 10.03 -38.76 2.51
CA GLN A 822 9.47 -40.09 2.28
C GLN A 822 9.21 -40.37 0.81
N ASP A 823 7.94 -40.34 0.42
CA ASP A 823 7.56 -40.59 -0.97
C ASP A 823 6.09 -40.26 -1.16
N PHE A 824 5.60 -40.43 -2.39
CA PHE A 824 4.22 -40.12 -2.72
C PHE A 824 3.13 -40.90 -1.98
N THR A 825 3.42 -42.12 -1.51
CA THR A 825 2.39 -42.90 -0.83
C THR A 825 1.85 -42.30 0.46
N VAL A 826 2.49 -41.25 0.99
CA VAL A 826 2.00 -40.64 2.22
C VAL A 826 0.58 -40.13 2.04
N ILE A 827 0.15 -39.93 0.79
CA ILE A 827 -1.20 -39.44 0.52
C ILE A 827 -2.24 -40.41 1.10
N GLN A 828 -1.94 -41.71 1.04
CA GLN A 828 -2.84 -42.73 1.59
C GLN A 828 -3.01 -42.49 3.09
N ASP A 829 -1.90 -42.16 3.76
CA ASP A 829 -1.92 -41.88 5.19
C ASP A 829 -2.70 -40.61 5.52
N TYR A 830 -2.45 -39.56 4.74
CA TYR A 830 -3.13 -38.28 4.95
C TYR A 830 -4.65 -38.40 4.77
N CYS A 831 -5.09 -39.10 3.74
CA CYS A 831 -6.51 -39.27 3.50
C CYS A 831 -7.23 -40.11 4.55
N THR A 832 -6.69 -41.28 4.88
CA THR A 832 -7.34 -42.12 5.90
C THR A 832 -7.29 -41.40 7.25
N GLY A 833 -6.22 -40.65 7.46
CA GLY A 833 -6.07 -39.93 8.72
C GLY A 833 -7.08 -38.80 8.87
N LEU A 834 -7.30 -38.04 7.80
CA LEU A 834 -8.26 -36.94 7.87
C LEU A 834 -9.68 -37.49 8.02
N LYS A 835 -9.97 -38.58 7.33
CA LYS A 835 -11.30 -39.19 7.41
C LYS A 835 -11.57 -39.63 8.84
N ALA A 836 -10.55 -40.21 9.47
CA ALA A 836 -10.69 -40.71 10.83
C ALA A 836 -10.92 -39.57 11.82
N LEU A 837 -10.16 -38.48 11.66
CA LEU A 837 -10.29 -37.34 12.55
C LEU A 837 -11.69 -36.70 12.46
N LEU A 838 -12.25 -36.65 11.25
CA LEU A 838 -13.58 -36.08 11.05
C LEU A 838 -14.64 -37.03 11.60
N TYR A 839 -14.43 -38.32 11.38
CA TYR A 839 -15.36 -39.36 11.84
C TYR A 839 -15.46 -39.33 13.37
N LEU A 840 -14.31 -39.30 14.03
CA LEU A 840 -14.26 -39.30 15.48
C LEU A 840 -14.97 -38.13 16.15
N LYS A 841 -15.13 -37.02 15.43
CA LYS A 841 -15.80 -35.85 15.98
C LYS A 841 -17.31 -36.09 16.17
N SER A 842 -17.81 -37.18 15.63
CA SER A 842 -19.23 -37.49 15.77
C SER A 842 -19.48 -38.58 16.82
N ILE A 843 -18.40 -39.12 17.39
CA ILE A 843 -18.53 -40.17 18.39
C ILE A 843 -18.50 -39.57 19.79
N GLU A 844 -19.66 -39.53 20.42
CA GLU A 844 -19.83 -38.97 21.75
C GLU A 844 -19.00 -39.62 22.86
N GLU A 845 -18.83 -40.94 22.81
CA GLU A 845 -18.06 -41.61 23.85
C GLU A 845 -16.54 -41.46 23.77
N LEU A 846 -16.04 -40.79 22.72
CA LEU A 846 -14.61 -40.61 22.56
C LEU A 846 -14.21 -39.13 22.60
N GLN A 847 -15.00 -38.33 23.29
CA GLN A 847 -14.70 -36.91 23.36
C GLN A 847 -13.52 -36.58 24.27
N GLY A 848 -13.12 -37.53 25.11
CA GLY A 848 -11.98 -37.31 25.98
C GLY A 848 -10.66 -37.49 25.23
N TRP A 849 -10.77 -37.97 23.99
CA TRP A 849 -9.60 -38.20 23.14
C TRP A 849 -9.14 -36.94 22.43
N ASP A 850 -7.86 -36.87 22.13
CA ASP A 850 -7.33 -35.75 21.37
C ASP A 850 -7.09 -36.33 19.99
N GLY A 851 -8.07 -36.17 19.10
CA GLY A 851 -7.96 -36.73 17.77
C GLY A 851 -7.98 -38.24 17.90
N GLN A 852 -7.01 -38.92 17.31
CA GLN A 852 -6.98 -40.38 17.40
C GLN A 852 -6.22 -40.86 18.64
N SER A 853 -5.82 -39.93 19.50
CA SER A 853 -5.10 -40.31 20.72
C SER A 853 -6.03 -40.43 21.93
N PRO A 854 -6.06 -41.62 22.55
CA PRO A 854 -6.90 -41.87 23.72
C PRO A 854 -6.35 -41.02 24.87
N GLY A 855 -7.18 -40.74 25.86
CA GLY A 855 -6.69 -39.97 27.00
C GLY A 855 -5.62 -40.84 27.64
N THR A 856 -4.50 -40.25 28.03
CA THR A 856 -3.40 -41.00 28.63
C THR A 856 -3.72 -41.55 30.02
N GLU A 857 -3.59 -42.86 30.19
CA GLU A 857 -3.85 -43.49 31.47
C GLU A 857 -2.54 -43.68 32.22
N SER A 858 -2.58 -43.60 33.56
CA SER A 858 -1.37 -43.79 34.37
C SER A 858 -0.69 -45.09 33.95
N HIS A 859 0.60 -45.03 33.65
CA HIS A 859 1.31 -46.21 33.20
C HIS A 859 2.81 -46.13 33.50
N GLN A 860 3.48 -47.24 33.23
CA GLN A 860 4.92 -47.39 33.37
C GLN A 860 5.27 -48.33 32.22
N LYS A 861 6.11 -47.88 31.30
CA LYS A 861 6.52 -48.67 30.14
C LYS A 861 5.29 -49.03 29.29
N GLY A 862 4.33 -48.11 29.24
CA GLY A 862 3.12 -48.35 28.47
C GLY A 862 2.11 -49.30 29.08
N LYS A 863 2.44 -49.90 30.22
CA LYS A 863 1.52 -50.83 30.88
C LYS A 863 0.77 -50.14 32.02
N PRO A 864 -0.58 -50.18 31.98
CA PRO A 864 -1.43 -49.55 32.99
C PRO A 864 -1.00 -49.86 34.42
N VAL A 865 -0.91 -48.83 35.26
CA VAL A 865 -0.51 -49.04 36.64
C VAL A 865 -1.67 -49.67 37.42
N PRO A 866 -1.37 -50.66 38.28
CA PRO A 866 -2.39 -51.33 39.09
C PRO A 866 -3.09 -50.35 40.02
N ARG A 867 -4.41 -50.43 40.10
CA ARG A 867 -5.17 -49.56 40.97
C ARG A 867 -5.45 -50.20 42.32
N ILE A 868 -4.39 -50.62 43.00
CA ILE A 868 -4.54 -51.25 44.31
C ILE A 868 -4.51 -50.14 45.36
N ALA A 869 -5.46 -50.19 46.29
CA ALA A 869 -5.55 -49.19 47.35
C ALA A 869 -4.26 -49.08 48.15
N GLU A 870 -3.66 -50.23 48.46
CA GLU A 870 -2.44 -50.29 49.24
C GLU A 870 -1.21 -49.78 48.50
N LEU A 871 -1.41 -49.22 47.31
CA LEU A 871 -0.30 -48.69 46.51
C LEU A 871 -0.44 -47.19 46.26
N MET A 872 -1.68 -46.73 46.10
CA MET A 872 -1.94 -45.31 45.84
C MET A 872 -1.50 -44.39 46.96
N GLY A 873 -0.76 -43.35 46.60
CA GLY A 873 -0.29 -42.38 47.57
C GLY A 873 0.65 -42.95 48.61
N LYS A 874 1.52 -43.87 48.21
CA LYS A 874 2.46 -44.48 49.14
C LYS A 874 3.89 -44.05 48.88
N LYS A 875 4.09 -43.24 47.85
CA LYS A 875 5.43 -42.76 47.52
C LYS A 875 6.36 -43.94 47.31
N LEU A 876 5.95 -44.87 46.45
CA LEU A 876 6.77 -46.04 46.15
C LEU A 876 7.22 -45.99 44.70
N PRO A 877 8.39 -45.37 44.45
CA PRO A 877 8.90 -45.28 43.08
C PRO A 877 9.22 -46.69 42.56
N ASN A 878 9.44 -46.81 41.27
CA ASN A 878 9.72 -48.10 40.67
C ASN A 878 11.19 -48.51 40.62
N PHE A 879 11.85 -48.47 41.77
CA PHE A 879 13.25 -48.86 41.85
C PHE A 879 13.64 -49.20 43.27
N GLY A 880 14.80 -49.86 43.41
CA GLY A 880 15.32 -50.22 44.71
C GLY A 880 14.37 -50.95 45.64
N PRO A 881 14.49 -50.72 46.95
CA PRO A 881 13.61 -51.38 47.92
C PRO A 881 12.14 -51.03 47.73
N TYR A 882 11.88 -49.87 47.13
CA TYR A 882 10.50 -49.46 46.89
C TYR A 882 9.84 -50.39 45.89
N LEU A 883 10.60 -50.78 44.87
CA LEU A 883 10.11 -51.68 43.84
C LEU A 883 9.76 -53.02 44.49
N GLU A 884 10.62 -53.46 45.40
CA GLU A 884 10.41 -54.73 46.10
C GLU A 884 9.08 -54.69 46.84
N GLN A 885 8.80 -53.56 47.48
CA GLN A 885 7.55 -53.38 48.22
C GLN A 885 6.34 -53.41 47.29
N ARG A 886 6.44 -52.73 46.15
CA ARG A 886 5.35 -52.71 45.19
C ARG A 886 4.98 -54.12 44.76
N LYS A 887 5.99 -54.92 44.41
CA LYS A 887 5.80 -56.30 43.97
C LYS A 887 5.13 -57.14 45.05
N LYS A 888 5.57 -56.95 46.28
CA LYS A 888 5.02 -57.68 47.40
C LYS A 888 3.53 -57.34 47.53
N ILE A 889 3.19 -56.06 47.39
CA ILE A 889 1.81 -55.62 47.47
C ILE A 889 0.98 -56.17 46.30
N ILE A 890 1.57 -56.18 45.12
CA ILE A 890 0.88 -56.68 43.94
C ILE A 890 0.59 -58.17 44.06
N ALA A 891 1.58 -58.93 44.52
CA ALA A 891 1.43 -60.37 44.70
C ALA A 891 0.32 -60.67 45.69
N GLU A 892 0.29 -59.92 46.79
CA GLU A 892 -0.74 -60.10 47.81
C GLU A 892 -2.12 -59.85 47.22
N GLU A 893 -2.22 -58.81 46.39
CA GLU A 893 -3.49 -58.48 45.75
C GLU A 893 -3.95 -59.62 44.84
N LYS A 894 -3.00 -60.27 44.16
CA LYS A 894 -3.35 -61.39 43.28
C LYS A 894 -3.91 -62.55 44.10
N MET A 895 -3.30 -62.82 45.25
CA MET A 895 -3.76 -63.89 46.12
C MET A 895 -5.14 -63.57 46.68
N ARG A 896 -5.35 -62.29 46.98
CA ARG A 896 -6.63 -61.84 47.51
C ARG A 896 -7.73 -62.03 46.47
N LEU A 897 -7.44 -61.67 45.23
CA LEU A 897 -8.40 -61.81 44.13
C LEU A 897 -8.70 -63.29 43.87
N LYS A 898 -7.73 -64.14 44.18
CA LYS A 898 -7.89 -65.58 43.98
C LYS A 898 -8.90 -66.16 44.96
N GLU A 899 -8.86 -65.67 46.20
CA GLU A 899 -9.77 -66.16 47.23
C GLU A 899 -11.24 -65.85 46.91
N GLN A 900 -11.46 -64.81 46.11
CA GLN A 900 -12.81 -64.40 45.75
C GLN A 900 -13.54 -65.31 44.77
N ASN A 901 -12.80 -65.95 43.87
CA ASN A 901 -13.40 -66.84 42.88
C ASN A 901 -14.65 -66.21 42.27
N ALA A 902 -14.67 -64.88 42.22
CA ALA A 902 -15.80 -64.14 41.67
C ALA A 902 -15.82 -64.28 40.15
N ALA A 903 -16.55 -65.29 39.66
CA ALA A 903 -16.67 -65.54 38.23
C ALA A 903 -16.55 -64.26 37.41
N PHE A 904 -15.51 -64.18 36.59
CA PHE A 904 -15.26 -62.99 35.78
C PHE A 904 -16.48 -62.40 35.06
N PRO A 905 -16.60 -61.06 35.07
CA PRO A 905 -17.70 -60.33 34.41
C PRO A 905 -17.71 -60.66 32.92
N PRO A 906 -18.89 -60.57 32.28
CA PRO A 906 -19.03 -60.86 30.84
C PRO A 906 -18.21 -59.95 29.95
N LEU A 907 -18.58 -59.88 28.68
CA LEU A 907 -17.84 -59.05 27.75
C LEU A 907 -18.74 -58.75 26.58
N GLU A 908 -19.35 -57.56 26.54
CA GLU A 908 -20.19 -57.26 25.42
C GLU A 908 -19.63 -56.11 24.61
N ARG A 909 -19.04 -56.43 23.46
CA ARG A 909 -18.47 -55.43 22.59
C ARG A 909 -19.57 -54.85 21.69
N LYS A 910 -19.73 -53.53 21.74
CA LYS A 910 -20.73 -52.84 20.92
C LYS A 910 -20.09 -51.69 20.17
N PRO A 911 -20.46 -51.51 18.90
CA PRO A 911 -19.90 -50.42 18.07
C PRO A 911 -20.44 -49.07 18.50
N PHE A 912 -19.60 -48.04 18.45
CA PHE A 912 -20.05 -46.70 18.78
C PHE A 912 -20.72 -46.19 17.51
N ILE A 913 -21.81 -45.45 17.67
CA ILE A 913 -22.55 -44.94 16.53
C ILE A 913 -22.50 -43.41 16.48
N PRO A 914 -22.23 -42.84 15.29
CA PRO A 914 -22.18 -41.38 15.17
C PRO A 914 -23.49 -40.79 15.68
N LYS A 915 -23.42 -39.96 16.71
CA LYS A 915 -24.63 -39.34 17.26
C LYS A 915 -24.82 -37.91 16.76
N LYS A 916 -24.16 -37.60 15.65
CA LYS A 916 -24.28 -36.30 15.01
C LYS A 916 -23.62 -36.40 13.65
N PRO A 917 -24.00 -35.50 12.72
CA PRO A 917 -23.40 -35.53 11.38
C PRO A 917 -21.89 -35.39 11.36
N ILE A 918 -21.25 -36.15 10.47
CA ILE A 918 -19.80 -36.11 10.32
C ILE A 918 -19.49 -34.80 9.61
N PRO A 919 -18.65 -33.95 10.21
CA PRO A 919 -18.34 -32.67 9.55
C PRO A 919 -17.61 -32.81 8.22
N ALA A 920 -17.91 -31.91 7.31
CA ALA A 920 -17.25 -31.88 6.00
C ALA A 920 -16.12 -30.87 6.14
N ILE A 921 -15.17 -30.88 5.21
CA ILE A 921 -14.05 -29.95 5.28
C ILE A 921 -14.53 -28.52 5.48
N LYS A 922 -15.56 -28.14 4.74
CA LYS A 922 -16.10 -26.78 4.83
C LYS A 922 -16.60 -26.43 6.23
N ASP A 923 -16.97 -27.44 7.02
CA ASP A 923 -17.46 -27.19 8.37
C ASP A 923 -16.36 -26.96 9.40
N VAL A 924 -15.13 -27.35 9.10
CA VAL A 924 -14.04 -27.16 10.06
C VAL A 924 -13.14 -25.99 9.75
N ILE A 925 -13.16 -25.53 8.51
CA ILE A 925 -12.30 -24.42 8.12
C ILE A 925 -12.51 -23.17 8.97
N GLY A 926 -11.41 -22.70 9.58
CA GLY A 926 -11.45 -21.51 10.40
C GLY A 926 -12.03 -21.64 11.79
N LYS A 927 -12.40 -22.85 12.20
CA LYS A 927 -12.98 -23.04 13.52
C LYS A 927 -12.05 -22.74 14.70
N ALA A 928 -10.75 -22.61 14.44
CA ALA A 928 -9.82 -22.31 15.51
C ALA A 928 -9.67 -20.80 15.74
N LEU A 929 -10.01 -20.01 14.72
CA LEU A 929 -9.86 -18.57 14.82
C LEU A 929 -10.58 -17.95 16.04
N GLN A 930 -11.66 -18.58 16.49
CA GLN A 930 -12.40 -18.08 17.64
C GLN A 930 -11.55 -17.99 18.91
N TYR A 931 -10.53 -18.85 19.02
CA TYR A 931 -9.67 -18.85 20.21
C TYR A 931 -8.50 -17.87 20.13
N LEU A 932 -8.26 -17.31 18.96
CA LEU A 932 -7.17 -16.36 18.77
C LEU A 932 -7.58 -14.92 19.05
N GLY A 933 -6.66 -14.16 19.65
CA GLY A 933 -6.95 -12.77 19.95
C GLY A 933 -5.70 -12.06 20.41
N THR A 934 -5.89 -10.89 21.01
CA THR A 934 -4.78 -10.09 21.51
C THR A 934 -4.37 -10.66 22.87
N PHE A 935 -3.24 -10.19 23.37
CA PHE A 935 -2.77 -10.65 24.68
C PHE A 935 -3.73 -10.15 25.76
N GLY A 936 -4.27 -8.95 25.55
CA GLY A 936 -5.19 -8.35 26.50
C GLY A 936 -6.48 -9.13 26.67
N GLU A 937 -6.83 -9.91 25.64
CA GLU A 937 -8.05 -10.72 25.69
C GLU A 937 -7.84 -12.02 26.48
N LEU A 938 -6.62 -12.25 26.95
CA LEU A 938 -6.32 -13.44 27.73
C LEU A 938 -6.53 -13.08 29.20
N SER A 939 -7.10 -14.01 29.96
CA SER A 939 -7.36 -13.76 31.37
C SER A 939 -6.15 -14.00 32.27
N ASN A 940 -5.79 -13.02 33.09
CA ASN A 940 -4.67 -13.20 33.99
C ASN A 940 -5.14 -13.58 35.39
N ILE A 941 -6.43 -13.85 35.55
CA ILE A 941 -6.96 -14.26 36.85
C ILE A 941 -7.20 -15.77 36.87
N GLU A 942 -7.33 -16.36 35.69
CA GLU A 942 -7.52 -17.80 35.58
C GLU A 942 -6.14 -18.46 35.47
N GLN A 943 -5.40 -18.43 36.58
CA GLN A 943 -4.06 -19.00 36.63
C GLN A 943 -4.09 -20.50 36.86
N VAL A 944 -3.00 -21.17 36.50
CA VAL A 944 -2.89 -22.61 36.69
C VAL A 944 -1.56 -22.94 37.37
N VAL A 945 -1.46 -24.16 37.89
CA VAL A 945 -0.23 -24.64 38.50
C VAL A 945 -0.01 -26.06 37.98
N ALA A 946 1.21 -26.55 38.11
CA ALA A 946 1.54 -27.89 37.65
C ALA A 946 1.26 -28.94 38.72
N VAL A 947 0.75 -30.09 38.29
CA VAL A 947 0.45 -31.19 39.21
C VAL A 947 1.03 -32.44 38.57
N ILE A 948 1.82 -33.17 39.33
CA ILE A 948 2.48 -34.36 38.84
C ILE A 948 1.88 -35.69 39.29
N ASP A 949 1.70 -36.60 38.34
CA ASP A 949 1.18 -37.92 38.64
C ASP A 949 2.38 -38.79 38.98
N GLU A 950 2.61 -39.01 40.27
CA GLU A 950 3.74 -39.80 40.73
C GLU A 950 3.81 -41.21 40.17
N GLU A 951 2.68 -41.77 39.78
CA GLU A 951 2.65 -43.11 39.23
C GLU A 951 3.21 -43.21 37.81
N MET A 952 3.30 -42.09 37.11
CA MET A 952 3.81 -42.06 35.74
C MET A 952 5.24 -41.56 35.66
N CYS A 953 5.68 -40.90 36.73
CA CYS A 953 7.01 -40.32 36.81
C CYS A 953 8.16 -41.33 36.68
N ILE A 954 9.22 -40.97 35.97
CA ILE A 954 10.36 -41.87 35.85
C ILE A 954 11.59 -41.31 36.59
N ASN A 955 11.30 -40.39 37.51
CA ASN A 955 12.30 -39.82 38.42
C ASN A 955 13.57 -39.16 37.88
N CYS A 956 13.50 -38.58 36.68
CA CYS A 956 14.66 -37.96 36.08
C CYS A 956 15.02 -36.59 36.65
N GLY A 957 14.06 -35.91 37.25
CA GLY A 957 14.34 -34.59 37.81
C GLY A 957 14.44 -33.44 36.81
N LYS A 958 13.97 -33.63 35.58
CA LYS A 958 14.05 -32.55 34.60
C LYS A 958 13.09 -31.39 34.95
N CYS A 959 11.93 -31.70 35.48
CA CYS A 959 10.97 -30.66 35.87
C CYS A 959 11.66 -29.82 36.95
N TYR A 960 12.33 -30.51 37.86
CA TYR A 960 13.07 -29.89 38.95
C TYR A 960 14.16 -28.96 38.44
N MET A 961 14.96 -29.45 37.50
CA MET A 961 16.05 -28.66 36.94
C MET A 961 15.61 -27.46 36.12
N THR A 962 14.50 -27.60 35.39
CA THR A 962 14.02 -26.49 34.58
C THR A 962 13.45 -25.39 35.49
N CYS A 963 12.76 -25.79 36.55
CA CYS A 963 12.19 -24.80 37.45
C CYS A 963 13.29 -24.13 38.26
N ASN A 964 14.38 -24.86 38.51
CA ASN A 964 15.49 -24.30 39.28
C ASN A 964 16.31 -23.26 38.52
N ASP A 965 16.73 -23.60 37.31
CA ASP A 965 17.55 -22.68 36.55
C ASP A 965 16.81 -21.92 35.45
N SER A 966 15.51 -22.17 35.32
CA SER A 966 14.72 -21.46 34.32
C SER A 966 13.33 -21.12 34.86
N GLY A 967 13.12 -21.35 36.15
CA GLY A 967 11.82 -21.08 36.73
C GLY A 967 11.76 -20.37 38.07
N TYR A 968 11.00 -20.96 38.99
CA TYR A 968 10.79 -20.35 40.29
C TYR A 968 11.17 -21.21 41.49
N GLN A 969 12.04 -22.20 41.27
CA GLN A 969 12.50 -23.07 42.34
C GLN A 969 11.30 -23.52 43.19
N ALA A 970 10.24 -23.94 42.51
CA ALA A 970 9.00 -24.34 43.17
C ALA A 970 8.82 -25.84 43.37
N ILE A 971 9.78 -26.62 42.88
CA ILE A 971 9.68 -28.07 42.99
C ILE A 971 10.62 -28.72 43.99
N GLN A 972 10.08 -29.60 44.82
CA GLN A 972 10.88 -30.33 45.78
C GLN A 972 11.18 -31.67 45.11
N PHE A 973 12.44 -32.07 45.13
CA PHE A 973 12.85 -33.35 44.53
C PHE A 973 13.40 -34.22 45.67
N ASP A 974 12.64 -35.23 46.07
CA ASP A 974 13.04 -36.09 47.17
C ASP A 974 14.37 -36.79 46.93
N PRO A 975 15.32 -36.67 47.87
CA PRO A 975 16.63 -37.31 47.73
C PRO A 975 16.63 -38.84 47.86
N GLU A 976 15.55 -39.42 48.39
CA GLU A 976 15.49 -40.87 48.54
C GLU A 976 14.63 -41.56 47.47
N THR A 977 13.48 -40.96 47.14
CA THR A 977 12.58 -41.56 46.15
C THR A 977 12.71 -40.93 44.76
N HIS A 978 13.38 -39.79 44.70
CA HIS A 978 13.54 -39.07 43.43
C HIS A 978 12.17 -38.77 42.83
N LEU A 979 11.22 -38.45 43.71
CA LEU A 979 9.87 -38.09 43.28
C LEU A 979 9.74 -36.59 43.45
N PRO A 980 9.21 -35.91 42.44
CA PRO A 980 9.06 -34.46 42.54
C PRO A 980 7.69 -34.07 43.08
N THR A 981 7.63 -32.90 43.70
CA THR A 981 6.37 -32.38 44.23
C THR A 981 6.34 -30.88 43.98
N VAL A 982 5.33 -30.44 43.24
CA VAL A 982 5.17 -29.03 42.93
C VAL A 982 4.61 -28.34 44.17
N THR A 983 5.27 -27.28 44.62
CA THR A 983 4.80 -26.55 45.79
C THR A 983 3.94 -25.35 45.39
N ASP A 984 3.45 -24.62 46.39
CA ASP A 984 2.59 -23.47 46.17
C ASP A 984 3.25 -22.26 45.51
N THR A 985 4.58 -22.25 45.42
CA THR A 985 5.27 -21.12 44.79
C THR A 985 5.24 -21.23 43.28
N CYS A 986 4.60 -22.26 42.76
CA CYS A 986 4.47 -22.47 41.32
C CYS A 986 3.73 -21.26 40.70
N THR A 987 4.15 -20.84 39.52
CA THR A 987 3.48 -19.72 38.84
C THR A 987 2.79 -20.20 37.56
N GLY A 988 2.87 -21.51 37.30
CA GLY A 988 2.23 -22.06 36.12
C GLY A 988 2.89 -21.69 34.79
N CYS A 989 4.18 -21.35 34.82
CA CYS A 989 4.87 -20.98 33.59
C CYS A 989 4.74 -22.10 32.55
N THR A 990 4.64 -23.34 33.05
CA THR A 990 4.47 -24.55 32.23
C THR A 990 5.75 -25.18 31.62
N LEU A 991 6.92 -24.67 32.02
CA LEU A 991 8.17 -25.22 31.50
C LEU A 991 8.39 -26.68 31.91
N CYS A 992 8.06 -27.02 33.16
CA CYS A 992 8.27 -28.38 33.63
C CYS A 992 7.48 -29.38 32.78
N LEU A 993 6.23 -29.06 32.50
CA LEU A 993 5.40 -29.95 31.68
C LEU A 993 6.01 -30.04 30.28
N SER A 994 6.58 -28.93 29.82
CA SER A 994 7.16 -28.87 28.49
C SER A 994 8.43 -29.70 28.29
N VAL A 995 9.17 -29.99 29.38
CA VAL A 995 10.39 -30.78 29.26
C VAL A 995 10.25 -32.22 29.76
N CYS A 996 9.12 -32.54 30.37
CA CYS A 996 8.92 -33.88 30.90
C CYS A 996 8.92 -34.90 29.78
N PRO A 997 9.65 -36.01 29.97
CA PRO A 997 9.73 -37.07 28.96
C PRO A 997 8.48 -37.95 28.87
N ILE A 998 7.67 -37.97 29.94
CA ILE A 998 6.46 -38.77 29.95
C ILE A 998 5.24 -37.94 29.59
N ILE A 999 4.58 -38.29 28.48
CA ILE A 999 3.40 -37.55 28.03
C ILE A 999 2.29 -37.56 29.08
N ASP A 1000 1.84 -36.37 29.47
CA ASP A 1000 0.77 -36.20 30.44
C ASP A 1000 1.05 -36.61 31.89
N CYS A 1001 2.33 -36.78 32.22
CA CYS A 1001 2.70 -37.13 33.59
C CYS A 1001 2.39 -35.87 34.39
N ILE A 1002 2.68 -34.73 33.79
CA ILE A 1002 2.42 -33.43 34.41
C ILE A 1002 1.28 -32.77 33.66
N ARG A 1003 0.34 -32.20 34.40
CA ARG A 1003 -0.81 -31.50 33.82
C ARG A 1003 -0.94 -30.15 34.52
N MET A 1004 -1.51 -29.19 33.81
CA MET A 1004 -1.73 -27.88 34.39
C MET A 1004 -3.19 -27.85 34.85
N VAL A 1005 -3.42 -27.51 36.13
CA VAL A 1005 -4.77 -27.45 36.67
C VAL A 1005 -5.04 -26.07 37.26
N SER A 1006 -6.31 -25.69 37.30
CA SER A 1006 -6.71 -24.40 37.84
C SER A 1006 -6.14 -24.21 39.24
N ARG A 1007 -5.57 -23.04 39.48
CA ARG A 1007 -5.00 -22.73 40.77
C ARG A 1007 -6.15 -22.52 41.76
N THR A 1008 -6.01 -23.10 42.96
CA THR A 1008 -7.04 -22.99 43.99
C THR A 1008 -6.72 -21.91 45.02
N THR A 1009 -5.44 -21.51 45.09
CA THR A 1009 -4.99 -20.47 46.00
C THR A 1009 -4.92 -19.12 45.24
N PRO A 1010 -5.06 -17.99 45.96
CA PRO A 1010 -5.01 -16.66 45.33
C PRO A 1010 -3.65 -16.46 44.65
N TYR A 1011 -3.63 -16.09 43.38
CA TYR A 1011 -2.35 -15.87 42.71
C TYR A 1011 -1.84 -14.46 42.96
N GLU A 1012 -0.55 -14.35 43.27
CA GLU A 1012 0.05 -13.05 43.55
C GLU A 1012 1.44 -12.97 42.94
N PRO A 1013 1.63 -12.09 41.93
CA PRO A 1013 2.92 -11.91 41.25
C PRO A 1013 4.04 -11.52 42.22
N LYS A 1014 5.22 -12.07 42.01
CA LYS A 1014 6.36 -11.73 42.88
C LYS A 1014 7.06 -10.52 42.29
N ARG A 1015 7.03 -9.41 43.02
CA ARG A 1015 7.64 -8.16 42.58
C ARG A 1015 9.10 -7.99 42.95
N GLY A 1016 9.59 -8.83 43.86
CA GLY A 1016 10.98 -8.72 44.29
C GLY A 1016 11.07 -7.69 45.40
N LEU A 1017 10.54 -6.50 45.12
CA LEU A 1017 10.49 -5.41 46.08
C LEU A 1017 9.12 -4.76 45.88
N PRO A 1018 8.46 -4.37 46.98
CA PRO A 1018 7.13 -3.74 46.92
C PRO A 1018 7.09 -2.49 46.03
N LEU A 1019 5.90 -2.16 45.55
CA LEU A 1019 5.72 -0.98 44.70
C LEU A 1019 5.35 0.22 45.57
N ALA A 1020 5.57 1.42 45.05
CA ALA A 1020 5.25 2.64 45.78
C ALA A 1020 3.94 3.24 45.28
N ALA B 2 4.88 -34.39 -30.20
CA ALA B 2 5.93 -34.61 -29.16
C ALA B 2 5.57 -35.81 -28.27
N PRO B 3 6.56 -36.67 -27.95
CA PRO B 3 6.33 -37.85 -27.11
C PRO B 3 5.49 -37.44 -25.90
N VAL B 4 4.96 -38.42 -25.16
CA VAL B 4 4.18 -38.07 -23.98
C VAL B 4 5.16 -37.64 -22.91
N LEU B 5 5.30 -36.33 -22.73
CA LEU B 5 6.23 -35.76 -21.76
C LEU B 5 5.97 -36.11 -20.32
N SER B 6 4.69 -36.15 -19.94
CA SER B 6 4.31 -36.45 -18.55
C SER B 6 4.34 -37.93 -18.21
N LYS B 7 5.01 -38.72 -19.04
CA LYS B 7 5.07 -40.16 -18.79
C LYS B 7 6.52 -40.68 -18.76
N ASP B 8 6.77 -41.66 -17.88
CA ASP B 8 8.11 -42.24 -17.75
C ASP B 8 8.37 -43.20 -18.91
N VAL B 9 9.54 -43.09 -19.55
CA VAL B 9 9.89 -44.01 -20.63
C VAL B 9 10.21 -45.36 -19.99
N ALA B 10 10.25 -46.41 -20.81
CA ALA B 10 10.52 -47.77 -20.33
C ALA B 10 11.66 -47.87 -19.32
N ASP B 11 12.80 -47.24 -19.63
CA ASP B 11 13.96 -47.27 -18.74
C ASP B 11 13.72 -46.70 -17.36
N ILE B 12 13.00 -45.58 -17.27
CA ILE B 12 12.73 -44.97 -15.97
C ILE B 12 11.73 -45.83 -15.22
N GLU B 13 10.72 -46.32 -15.92
CA GLU B 13 9.70 -47.16 -15.32
C GLU B 13 10.42 -48.35 -14.70
N SER B 14 11.46 -48.82 -15.38
CA SER B 14 12.23 -49.95 -14.89
C SER B 14 13.02 -49.59 -13.64
N ILE B 15 13.62 -48.41 -13.64
CA ILE B 15 14.40 -47.99 -12.49
C ILE B 15 13.50 -47.76 -11.27
N LEU B 16 12.23 -47.46 -11.52
CA LEU B 16 11.24 -47.23 -10.47
C LEU B 16 10.54 -48.51 -10.02
N ALA B 17 10.96 -49.65 -10.54
CA ALA B 17 10.33 -50.92 -10.20
C ALA B 17 10.08 -51.14 -8.70
N LEU B 18 11.06 -50.82 -7.86
CA LEU B 18 10.92 -51.02 -6.43
C LEU B 18 10.45 -49.80 -5.64
N ASN B 19 10.06 -48.74 -6.35
CA ASN B 19 9.59 -47.53 -5.68
C ASN B 19 8.24 -47.83 -5.02
N PRO B 20 8.06 -47.42 -3.75
CA PRO B 20 6.79 -47.70 -3.08
C PRO B 20 5.56 -47.14 -3.77
N ARG B 21 4.51 -47.96 -3.79
CA ARG B 21 3.22 -47.62 -4.37
C ARG B 21 2.19 -48.35 -3.52
N THR B 22 1.15 -47.65 -3.10
CA THR B 22 0.14 -48.27 -2.25
C THR B 22 -0.66 -49.30 -3.02
N GLN B 23 -0.86 -50.46 -2.39
CA GLN B 23 -1.61 -51.53 -3.03
C GLN B 23 -3.10 -51.25 -2.98
N SER B 24 -3.81 -51.79 -3.96
CA SER B 24 -5.24 -51.62 -4.07
C SER B 24 -5.96 -52.85 -3.52
N HIS B 25 -5.20 -53.92 -3.34
CA HIS B 25 -5.74 -55.18 -2.82
C HIS B 25 -4.79 -55.83 -1.83
N ALA B 26 -5.30 -56.83 -1.12
CA ALA B 26 -4.48 -57.56 -0.17
C ALA B 26 -3.47 -58.37 -0.99
N ALA B 27 -2.31 -58.63 -0.41
CA ALA B 27 -1.29 -59.40 -1.12
C ALA B 27 -1.61 -60.89 -1.11
N LEU B 28 -0.96 -61.64 -1.99
CA LEU B 28 -1.16 -63.08 -2.07
C LEU B 28 0.19 -63.77 -2.23
N HIS B 29 0.64 -64.43 -1.17
CA HIS B 29 1.92 -65.15 -1.16
C HIS B 29 1.74 -66.36 -0.26
N SER B 30 1.84 -67.56 -0.83
CA SER B 30 1.66 -68.78 -0.07
C SER B 30 2.67 -68.86 1.07
N THR B 31 2.32 -69.64 2.09
CA THR B 31 3.17 -69.83 3.25
C THR B 31 4.49 -70.48 2.84
N LEU B 32 4.43 -71.36 1.83
CA LEU B 32 5.64 -72.03 1.35
C LEU B 32 6.58 -71.01 0.70
N ALA B 33 6.02 -70.17 -0.17
CA ALA B 33 6.83 -69.15 -0.83
C ALA B 33 7.51 -68.23 0.20
N LYS B 34 6.77 -67.89 1.25
CA LYS B 34 7.30 -67.04 2.30
C LYS B 34 8.46 -67.71 3.06
N LYS B 35 8.30 -68.98 3.39
CA LYS B 35 9.35 -69.72 4.10
C LYS B 35 10.64 -69.76 3.27
N LEU B 36 10.49 -69.91 1.96
CA LEU B 36 11.65 -69.97 1.07
C LEU B 36 12.30 -68.61 0.86
N ASP B 37 11.53 -67.54 1.03
CA ASP B 37 12.04 -66.20 0.80
C ASP B 37 12.69 -65.56 2.03
N LYS B 38 12.24 -65.97 3.21
CA LYS B 38 12.72 -65.41 4.47
C LYS B 38 14.24 -65.39 4.67
N LYS B 39 14.91 -66.48 4.36
CA LYS B 39 16.35 -66.58 4.55
C LYS B 39 17.18 -65.58 3.74
N HIS B 40 16.62 -65.10 2.64
CA HIS B 40 17.38 -64.17 1.81
C HIS B 40 17.63 -62.82 2.51
N TRP B 41 16.71 -62.40 3.37
CA TRP B 41 16.85 -61.10 4.03
C TRP B 41 17.30 -61.14 5.48
N LYS B 42 17.49 -62.34 6.01
CA LYS B 42 17.89 -62.55 7.40
C LYS B 42 19.08 -61.72 7.87
N ARG B 43 18.89 -60.96 8.94
CA ARG B 43 19.93 -60.11 9.51
C ARG B 43 20.52 -60.66 10.79
N ASN B 44 19.65 -61.13 11.69
CA ASN B 44 20.06 -61.64 12.97
C ASN B 44 20.34 -63.14 12.98
N PRO B 45 20.76 -63.69 14.14
CA PRO B 45 21.06 -65.13 14.24
C PRO B 45 19.81 -65.97 13.99
N ASP B 46 20.01 -67.12 13.36
CA ASP B 46 18.94 -68.06 13.06
C ASP B 46 18.75 -68.97 14.27
N LYS B 47 17.56 -68.93 14.88
CA LYS B 47 17.30 -69.77 16.05
C LYS B 47 17.38 -71.26 15.75
N ASN B 48 17.35 -71.61 14.47
CA ASN B 48 17.42 -73.01 14.06
C ASN B 48 18.84 -73.46 13.74
N CYS B 49 19.76 -72.50 13.62
CA CYS B 49 21.15 -72.80 13.32
C CYS B 49 21.87 -73.21 14.61
N PHE B 50 22.47 -74.40 14.61
CA PHE B 50 23.17 -74.93 15.78
C PHE B 50 24.66 -74.62 15.82
N HIS B 51 25.20 -74.15 14.71
CA HIS B 51 26.61 -73.80 14.66
C HIS B 51 26.72 -72.28 14.67
N CYS B 52 27.80 -71.78 14.11
CA CYS B 52 28.06 -70.35 14.01
C CYS B 52 29.38 -70.31 13.29
N GLU B 53 29.71 -69.18 12.68
CA GLU B 53 30.96 -69.06 11.95
C GLU B 53 32.13 -69.59 12.78
N LYS B 54 33.28 -69.70 12.15
CA LYS B 54 34.47 -70.16 12.83
C LYS B 54 35.14 -68.93 13.41
N LEU B 55 35.67 -69.04 14.61
CA LEU B 55 36.31 -67.91 15.28
C LEU B 55 37.79 -68.09 15.54
N GLU B 56 38.39 -69.13 14.95
CA GLU B 56 39.80 -69.39 15.15
C GLU B 56 40.66 -68.18 14.77
N ASN B 57 41.49 -67.75 15.72
CA ASN B 57 42.38 -66.61 15.54
C ASN B 57 41.64 -65.31 15.19
N ASN B 58 40.36 -65.25 15.56
CA ASN B 58 39.55 -64.07 15.30
C ASN B 58 39.43 -63.29 16.61
N PHE B 59 40.13 -62.17 16.71
CA PHE B 59 40.07 -61.36 17.92
C PHE B 59 39.40 -60.01 17.70
N ASP B 60 38.50 -59.93 16.72
CA ASP B 60 37.79 -58.69 16.44
C ASP B 60 36.82 -58.38 17.59
N ASP B 61 36.60 -57.08 17.81
CA ASP B 61 35.72 -56.60 18.85
C ASP B 61 34.32 -57.24 18.77
N ILE B 62 33.91 -57.93 19.84
CA ILE B 62 32.60 -58.56 19.87
C ILE B 62 31.63 -57.84 20.79
N LYS B 63 32.03 -56.72 21.39
CA LYS B 63 31.14 -56.01 22.29
C LYS B 63 29.92 -55.48 21.58
N HIS B 64 28.75 -55.67 22.18
CA HIS B 64 27.50 -55.20 21.62
C HIS B 64 27.32 -53.71 21.92
N THR B 65 28.08 -53.21 22.88
CA THR B 65 27.95 -51.83 23.30
C THR B 65 28.83 -50.81 22.59
N THR B 66 29.70 -51.27 21.70
CA THR B 66 30.58 -50.36 20.96
C THR B 66 29.73 -49.44 20.09
N LEU B 67 30.09 -48.15 20.06
CA LEU B 67 29.35 -47.17 19.27
C LEU B 67 30.23 -46.35 18.35
N GLY B 68 29.67 -45.96 17.21
CA GLY B 68 30.37 -45.11 16.27
C GLY B 68 29.80 -43.72 16.56
N GLU B 69 30.22 -42.69 15.84
CA GLU B 69 29.71 -41.36 16.13
C GLU B 69 28.20 -41.23 15.93
N ARG B 70 27.71 -41.71 14.79
CA ARG B 70 26.29 -41.65 14.49
C ARG B 70 25.49 -42.21 15.65
N GLY B 71 25.83 -43.43 16.07
CA GLY B 71 25.14 -44.09 17.16
C GLY B 71 25.29 -43.41 18.50
N ALA B 72 26.49 -42.90 18.79
CA ALA B 72 26.74 -42.24 20.07
C ALA B 72 25.90 -40.97 20.19
N LEU B 73 25.84 -40.19 19.12
CA LEU B 73 25.07 -38.95 19.13
C LEU B 73 23.58 -39.23 19.41
N ARG B 74 23.04 -40.29 18.80
CA ARG B 74 21.64 -40.62 19.03
C ARG B 74 21.40 -41.04 20.48
N GLU B 75 22.26 -41.91 20.99
CA GLU B 75 22.10 -42.38 22.36
C GLU B 75 22.36 -41.27 23.39
N ALA B 76 23.29 -40.36 23.09
CA ALA B 76 23.59 -39.26 24.01
C ALA B 76 22.40 -38.29 24.04
N MET B 77 21.77 -38.07 22.89
CA MET B 77 20.61 -37.18 22.81
C MET B 77 19.42 -37.75 23.58
N ARG B 78 19.33 -39.08 23.62
CA ARG B 78 18.24 -39.79 24.27
C ARG B 78 18.34 -39.71 25.81
N CYS B 79 19.56 -39.67 26.31
CA CYS B 79 19.80 -39.59 27.75
C CYS B 79 19.02 -38.41 28.38
N LEU B 80 18.34 -38.67 29.49
CA LEU B 80 17.56 -37.63 30.16
C LEU B 80 18.45 -36.61 30.88
N LYS B 81 19.70 -36.98 31.12
CA LYS B 81 20.66 -36.09 31.78
C LYS B 81 20.04 -35.62 33.10
N CYS B 82 19.67 -36.61 33.90
CA CYS B 82 19.00 -36.47 35.18
C CYS B 82 19.72 -35.77 36.32
N ALA B 83 18.91 -35.23 37.23
CA ALA B 83 19.44 -34.55 38.41
C ALA B 83 19.77 -35.64 39.43
N ASP B 84 20.85 -35.44 40.19
CA ASP B 84 21.25 -36.38 41.22
C ASP B 84 21.12 -37.80 40.65
N ALA B 85 21.55 -37.94 39.39
CA ALA B 85 21.45 -39.19 38.64
C ALA B 85 21.78 -40.47 39.39
N PRO B 86 20.90 -41.47 39.31
CA PRO B 86 21.07 -42.76 39.97
C PRO B 86 22.17 -43.60 39.32
N CYS B 87 22.45 -43.32 38.04
CA CYS B 87 23.51 -44.02 37.32
C CYS B 87 24.85 -43.61 37.93
N GLN B 88 25.02 -42.32 38.25
CA GLN B 88 26.26 -41.86 38.86
C GLN B 88 26.38 -42.45 40.26
N LYS B 89 25.26 -42.53 40.98
CA LYS B 89 25.30 -43.10 42.31
C LYS B 89 25.68 -44.58 42.25
N SER B 90 25.33 -45.22 41.13
CA SER B 90 25.61 -46.63 40.93
C SER B 90 26.99 -46.90 40.32
N CYS B 91 27.77 -45.84 40.10
CA CYS B 91 29.10 -45.97 39.52
C CYS B 91 30.15 -45.92 40.65
N PRO B 92 30.97 -46.96 40.78
CA PRO B 92 32.00 -47.02 41.82
C PRO B 92 32.96 -45.83 41.87
N THR B 93 33.18 -45.18 40.72
CA THR B 93 34.08 -44.02 40.69
C THR B 93 33.31 -42.69 40.65
N HIS B 94 31.99 -42.77 40.81
CA HIS B 94 31.11 -41.60 40.84
C HIS B 94 31.24 -40.67 39.64
N LEU B 95 31.36 -41.23 38.44
CA LEU B 95 31.46 -40.40 37.25
C LEU B 95 30.24 -39.52 37.05
N ASP B 96 30.45 -38.27 36.67
CA ASP B 96 29.33 -37.38 36.41
C ASP B 96 28.81 -37.75 35.03
N ILE B 97 28.05 -38.84 34.97
CA ILE B 97 27.48 -39.35 33.73
C ILE B 97 26.61 -38.30 33.02
N LYS B 98 25.81 -37.56 33.79
CA LYS B 98 24.96 -36.54 33.20
C LYS B 98 25.78 -35.54 32.38
N SER B 99 26.88 -35.09 32.96
CA SER B 99 27.72 -34.12 32.28
C SER B 99 28.46 -34.65 31.05
N PHE B 100 29.11 -35.80 31.17
CA PHE B 100 29.84 -36.29 30.01
C PHE B 100 28.92 -36.70 28.87
N ILE B 101 27.75 -37.23 29.17
CA ILE B 101 26.83 -37.59 28.09
C ILE B 101 26.27 -36.30 27.46
N THR B 102 26.02 -35.28 28.28
CA THR B 102 25.53 -34.01 27.73
C THR B 102 26.57 -33.47 26.75
N SER B 103 27.84 -33.53 27.15
CA SER B 103 28.93 -33.05 26.30
C SER B 103 28.96 -33.83 24.98
N ILE B 104 28.71 -35.13 25.05
CA ILE B 104 28.69 -35.93 23.83
C ILE B 104 27.57 -35.49 22.91
N SER B 105 26.37 -35.30 23.46
CA SER B 105 25.25 -34.87 22.64
C SER B 105 25.53 -33.52 22.01
N ASN B 106 26.42 -32.74 22.64
CA ASN B 106 26.77 -31.42 22.11
C ASN B 106 28.02 -31.49 21.23
N LYS B 107 28.46 -32.71 20.94
CA LYS B 107 29.63 -32.92 20.10
C LYS B 107 30.95 -32.46 20.73
N ASN B 108 30.95 -32.28 22.05
CA ASN B 108 32.15 -31.87 22.78
C ASN B 108 32.77 -33.12 23.41
N TYR B 109 33.42 -33.92 22.56
CA TYR B 109 34.05 -35.16 23.00
C TYR B 109 35.19 -34.92 23.99
N TYR B 110 35.92 -33.83 23.82
CA TYR B 110 37.00 -33.51 24.74
C TYR B 110 36.43 -33.31 26.14
N GLY B 111 35.45 -32.42 26.25
CA GLY B 111 34.82 -32.15 27.53
C GLY B 111 34.30 -33.43 28.16
N ALA B 112 33.73 -34.31 27.34
CA ALA B 112 33.20 -35.57 27.85
C ALA B 112 34.33 -36.40 28.45
N ALA B 113 35.40 -36.57 27.67
CA ALA B 113 36.56 -37.35 28.10
C ALA B 113 37.20 -36.75 29.34
N LYS B 114 37.31 -35.43 29.36
CA LYS B 114 37.91 -34.76 30.51
C LYS B 114 37.13 -35.09 31.79
N MET B 115 35.79 -35.04 31.70
CA MET B 115 34.95 -35.34 32.84
C MET B 115 35.11 -36.81 33.27
N ILE B 116 35.16 -37.70 32.30
CA ILE B 116 35.33 -39.13 32.58
C ILE B 116 36.65 -39.42 33.29
N PHE B 117 37.74 -38.96 32.70
CA PHE B 117 39.05 -39.20 33.29
C PHE B 117 39.30 -38.48 34.60
N SER B 118 38.55 -37.41 34.86
CA SER B 118 38.71 -36.68 36.12
C SER B 118 38.41 -37.59 37.30
N ASP B 119 37.43 -38.47 37.14
CA ASP B 119 37.06 -39.38 38.21
C ASP B 119 37.52 -40.83 37.98
N ASN B 120 37.95 -41.13 36.76
CA ASN B 120 38.39 -42.49 36.44
C ASN B 120 39.58 -42.46 35.45
N PRO B 121 40.81 -42.64 35.96
CA PRO B 121 42.03 -42.65 35.14
C PRO B 121 42.03 -43.75 34.06
N LEU B 122 41.18 -44.75 34.22
CA LEU B 122 41.08 -45.82 33.24
C LEU B 122 39.70 -45.74 32.56
N GLY B 123 39.31 -44.53 32.22
CA GLY B 123 38.02 -44.30 31.60
C GLY B 123 37.69 -45.14 30.37
N LEU B 124 38.64 -45.29 29.46
CA LEU B 124 38.40 -46.07 28.25
C LEU B 124 38.26 -47.55 28.56
N THR B 125 39.17 -48.08 29.37
CA THR B 125 39.10 -49.50 29.75
C THR B 125 37.75 -49.83 30.36
N CYS B 126 37.33 -49.05 31.34
CA CYS B 126 36.07 -49.27 32.02
C CYS B 126 34.87 -49.14 31.09
N GLY B 127 34.95 -48.20 30.15
CA GLY B 127 33.84 -48.03 29.21
C GLY B 127 33.63 -49.33 28.46
N MET B 128 34.73 -49.99 28.12
CA MET B 128 34.70 -51.25 27.39
C MET B 128 34.37 -52.48 28.24
N VAL B 129 34.85 -52.55 29.47
CA VAL B 129 34.63 -53.74 30.28
C VAL B 129 33.73 -53.70 31.50
N CYS B 130 33.32 -52.52 31.95
CA CYS B 130 32.44 -52.46 33.12
C CYS B 130 31.17 -53.28 32.97
N PRO B 131 30.83 -54.09 33.99
CA PRO B 131 29.60 -54.91 33.91
C PRO B 131 28.46 -53.95 34.29
N THR B 132 28.20 -52.99 33.41
CA THR B 132 27.18 -51.96 33.65
C THR B 132 25.80 -52.39 34.13
N SER B 133 25.30 -53.53 33.66
CA SER B 133 23.97 -53.97 34.08
C SER B 133 23.93 -54.17 35.60
N ASP B 134 25.11 -54.32 36.19
CA ASP B 134 25.21 -54.51 37.64
C ASP B 134 25.76 -53.25 38.33
N LEU B 135 26.02 -52.21 37.55
CA LEU B 135 26.56 -50.96 38.08
C LEU B 135 25.69 -49.75 37.64
N CYS B 136 26.30 -48.81 36.90
CA CYS B 136 25.61 -47.60 36.46
C CYS B 136 24.30 -47.83 35.69
N VAL B 137 24.36 -48.63 34.63
CA VAL B 137 23.17 -48.90 33.83
C VAL B 137 22.04 -49.56 34.63
N GLY B 138 22.40 -50.28 35.69
CA GLY B 138 21.40 -50.93 36.51
C GLY B 138 20.50 -49.95 37.23
N GLY B 139 20.97 -48.71 37.40
CA GLY B 139 20.18 -47.71 38.08
C GLY B 139 19.64 -46.62 37.17
N CYS B 140 19.80 -46.78 35.86
CA CYS B 140 19.34 -45.78 34.90
C CYS B 140 17.82 -45.61 34.85
N ASN B 141 17.35 -44.37 35.01
CA ASN B 141 15.93 -44.08 34.99
C ASN B 141 15.23 -44.52 33.72
N LEU B 142 15.94 -44.50 32.60
CA LEU B 142 15.34 -44.89 31.32
C LEU B 142 14.98 -46.37 31.22
N TYR B 143 15.29 -47.12 32.28
CA TYR B 143 14.93 -48.51 32.31
C TYR B 143 13.39 -48.54 32.41
N ALA B 144 12.82 -47.45 32.92
CA ALA B 144 11.37 -47.33 33.07
C ALA B 144 10.68 -46.94 31.76
N THR B 145 11.37 -47.10 30.63
CA THR B 145 10.78 -46.81 29.33
C THR B 145 10.92 -48.07 28.48
N GLU B 146 10.08 -48.19 27.46
CA GLU B 146 10.13 -49.36 26.59
C GLU B 146 11.46 -49.45 25.84
N GLU B 147 12.02 -48.31 25.44
CA GLU B 147 13.28 -48.31 24.71
C GLU B 147 14.46 -48.70 25.62
N GLY B 148 14.25 -48.64 26.93
CA GLY B 148 15.27 -49.05 27.87
C GLY B 148 16.40 -48.12 28.28
N SER B 149 17.26 -48.64 29.14
CA SER B 149 18.41 -47.93 29.69
C SER B 149 19.44 -47.47 28.66
N ILE B 150 20.16 -46.43 29.04
CA ILE B 150 21.20 -45.83 28.21
C ILE B 150 22.46 -46.69 28.21
N ASN B 151 23.08 -46.83 27.04
CA ASN B 151 24.32 -47.58 26.87
C ASN B 151 25.44 -46.65 27.37
N ILE B 152 25.54 -46.52 28.69
CA ILE B 152 26.55 -45.65 29.30
C ILE B 152 27.98 -46.05 28.95
N GLY B 153 28.27 -47.35 29.04
CA GLY B 153 29.59 -47.85 28.74
C GLY B 153 30.03 -47.49 27.33
N GLY B 154 29.17 -47.78 26.36
CA GLY B 154 29.47 -47.48 24.98
C GLY B 154 29.74 -46.01 24.75
N LEU B 155 28.96 -45.14 25.40
CA LEU B 155 29.16 -43.70 25.26
C LEU B 155 30.47 -43.29 25.90
N GLN B 156 30.81 -43.89 27.04
CA GLN B 156 32.05 -43.57 27.72
C GLN B 156 33.23 -43.99 26.83
N GLN B 157 33.07 -45.14 26.20
CA GLN B 157 34.08 -45.69 25.30
C GLN B 157 34.30 -44.77 24.10
N PHE B 158 33.20 -44.33 23.50
CA PHE B 158 33.29 -43.47 22.33
C PHE B 158 34.01 -42.16 22.58
N ALA B 159 33.60 -41.43 23.62
CA ALA B 159 34.24 -40.15 23.94
C ALA B 159 35.72 -40.33 24.22
N SER B 160 36.04 -41.37 24.99
CA SER B 160 37.43 -41.68 25.34
C SER B 160 38.23 -42.07 24.10
N GLU B 161 37.62 -42.80 23.17
CA GLU B 161 38.31 -43.21 21.94
C GLU B 161 38.66 -41.97 21.13
N VAL B 162 37.70 -41.06 20.99
CA VAL B 162 37.97 -39.85 20.23
C VAL B 162 39.10 -39.06 20.89
N PHE B 163 39.05 -38.96 22.22
CA PHE B 163 40.08 -38.23 22.96
C PHE B 163 41.44 -38.85 22.68
N LYS B 164 41.50 -40.18 22.78
CA LYS B 164 42.73 -40.92 22.52
C LYS B 164 43.25 -40.59 21.12
N ALA B 165 42.36 -40.51 20.14
CA ALA B 165 42.75 -40.20 18.77
C ALA B 165 43.28 -38.77 18.63
N MET B 166 42.89 -37.91 19.56
CA MET B 166 43.35 -36.53 19.53
C MET B 166 44.82 -36.44 19.91
N ASN B 167 45.30 -37.46 20.61
CA ASN B 167 46.70 -37.50 21.04
C ASN B 167 47.11 -36.25 21.81
N ILE B 168 46.35 -35.97 22.86
CA ILE B 168 46.60 -34.84 23.74
C ILE B 168 47.09 -35.43 25.05
N PRO B 169 48.20 -34.89 25.58
CA PRO B 169 48.76 -35.38 26.84
C PRO B 169 48.10 -34.78 28.07
N GLN B 170 48.31 -35.43 29.21
CA GLN B 170 47.79 -34.97 30.48
C GLN B 170 48.85 -34.03 31.07
N ILE B 171 48.41 -33.05 31.85
CA ILE B 171 49.34 -32.12 32.51
C ILE B 171 48.88 -31.92 33.96
N ARG B 172 49.77 -31.42 34.80
CA ARG B 172 49.42 -31.16 36.20
C ARG B 172 48.44 -29.99 36.21
N ASN B 173 47.68 -29.88 37.29
CA ASN B 173 46.73 -28.77 37.41
C ASN B 173 47.52 -27.48 37.24
N PRO B 174 47.12 -26.63 36.28
CA PRO B 174 47.81 -25.37 36.05
C PRO B 174 47.79 -24.42 37.25
N CYS B 175 46.99 -24.73 38.25
CA CYS B 175 46.90 -23.87 39.43
C CYS B 175 47.90 -24.26 40.51
N LEU B 176 48.45 -25.47 40.41
CA LEU B 176 49.45 -25.93 41.36
C LEU B 176 50.68 -25.04 41.26
N PRO B 177 51.40 -24.87 42.38
CA PRO B 177 52.61 -24.04 42.37
C PRO B 177 53.62 -24.74 41.46
N SER B 178 54.64 -24.01 41.03
CA SER B 178 55.63 -24.63 40.16
C SER B 178 56.36 -25.72 40.94
N GLN B 179 57.00 -26.61 40.18
CA GLN B 179 57.76 -27.74 40.71
C GLN B 179 58.68 -27.39 41.88
N GLU B 180 59.55 -26.41 41.66
CA GLU B 180 60.51 -25.99 42.68
C GLU B 180 59.90 -25.28 43.88
N LYS B 181 58.65 -24.84 43.75
CA LYS B 181 57.99 -24.14 44.85
C LYS B 181 57.14 -25.07 45.69
N MET B 182 57.11 -26.34 45.32
CA MET B 182 56.33 -27.33 46.05
C MET B 182 57.00 -27.67 47.38
N PRO B 183 56.22 -27.76 48.46
CA PRO B 183 56.78 -28.09 49.77
C PRO B 183 57.60 -29.38 49.68
N GLU B 184 58.56 -29.53 50.59
CA GLU B 184 59.43 -30.70 50.63
C GLU B 184 58.65 -32.02 50.67
N ALA B 185 57.56 -32.03 51.43
CA ALA B 185 56.74 -33.22 51.57
C ALA B 185 56.38 -33.90 50.26
N TYR B 186 56.19 -33.12 49.20
CA TYR B 186 55.80 -33.68 47.91
C TYR B 186 56.89 -34.44 47.18
N SER B 187 58.11 -34.42 47.72
CA SER B 187 59.20 -35.14 47.10
C SER B 187 59.41 -36.47 47.83
N ALA B 188 58.55 -36.76 48.78
CA ALA B 188 58.64 -38.01 49.53
C ALA B 188 58.58 -39.19 48.57
N LYS B 189 59.49 -40.15 48.75
CA LYS B 189 59.53 -41.33 47.89
C LYS B 189 58.32 -42.23 48.16
N ILE B 190 57.56 -42.48 47.11
CA ILE B 190 56.37 -43.32 47.22
C ILE B 190 56.53 -44.58 46.38
N ALA B 191 56.12 -45.72 46.93
CA ALA B 191 56.23 -46.96 46.21
C ALA B 191 54.87 -47.64 46.08
N LEU B 192 54.62 -48.22 44.90
CA LEU B 192 53.39 -48.94 44.65
C LEU B 192 53.79 -50.30 44.10
N LEU B 193 53.12 -51.35 44.58
CA LEU B 193 53.40 -52.71 44.14
C LEU B 193 52.31 -53.23 43.19
N GLY B 194 52.71 -53.64 41.99
CA GLY B 194 51.77 -54.14 41.01
C GLY B 194 51.28 -53.03 40.09
N ALA B 195 51.40 -53.23 38.78
CA ALA B 195 50.98 -52.21 37.82
C ALA B 195 49.60 -52.48 37.26
N GLY B 196 48.63 -52.68 38.15
CA GLY B 196 47.27 -52.94 37.73
C GLY B 196 46.39 -51.71 37.90
N PRO B 197 45.09 -51.82 37.59
CA PRO B 197 44.13 -50.72 37.73
C PRO B 197 44.24 -49.96 39.05
N ALA B 198 44.33 -50.69 40.16
CA ALA B 198 44.42 -50.09 41.48
C ALA B 198 45.65 -49.20 41.68
N SER B 199 46.83 -49.69 41.31
CA SER B 199 48.05 -48.89 41.46
C SER B 199 48.12 -47.75 40.44
N ILE B 200 47.67 -48.02 39.21
CA ILE B 200 47.69 -47.02 38.17
C ILE B 200 46.80 -45.85 38.60
N SER B 201 45.65 -46.19 39.17
CA SER B 201 44.71 -45.18 39.65
C SER B 201 45.35 -44.40 40.80
N CYS B 202 45.82 -45.13 41.82
CA CYS B 202 46.43 -44.50 42.99
C CYS B 202 47.60 -43.59 42.63
N ALA B 203 48.53 -44.09 41.81
CA ALA B 203 49.69 -43.30 41.42
C ALA B 203 49.27 -42.05 40.62
N SER B 204 48.24 -42.19 39.78
CA SER B 204 47.76 -41.07 38.99
C SER B 204 47.27 -39.93 39.88
N PHE B 205 46.41 -40.23 40.85
CA PHE B 205 45.90 -39.18 41.73
C PHE B 205 47.01 -38.56 42.58
N LEU B 206 47.93 -39.37 43.08
CA LEU B 206 49.05 -38.85 43.87
C LEU B 206 49.82 -37.87 43.01
N ALA B 207 50.02 -38.24 41.75
CA ALA B 207 50.76 -37.38 40.82
C ALA B 207 49.99 -36.09 40.57
N ARG B 208 48.65 -36.18 40.52
CA ARG B 208 47.84 -34.98 40.30
C ARG B 208 48.02 -34.03 41.48
N LEU B 209 48.15 -34.59 42.67
CA LEU B 209 48.33 -33.79 43.88
C LEU B 209 49.68 -33.09 43.95
N GLY B 210 50.61 -33.52 43.10
CA GLY B 210 51.92 -32.88 43.09
C GLY B 210 53.11 -33.71 43.52
N TYR B 211 52.90 -34.97 43.90
CA TYR B 211 54.02 -35.81 44.31
C TYR B 211 54.90 -36.09 43.09
N SER B 212 56.18 -35.81 43.22
CA SER B 212 57.12 -35.96 42.12
C SER B 212 58.02 -37.20 42.12
N ASP B 213 57.87 -38.09 43.10
CA ASP B 213 58.70 -39.28 43.15
C ASP B 213 57.84 -40.51 43.41
N ILE B 214 57.12 -40.95 42.38
CA ILE B 214 56.24 -42.10 42.49
C ILE B 214 56.76 -43.22 41.62
N THR B 215 56.89 -44.41 42.21
CA THR B 215 57.39 -45.55 41.45
C THR B 215 56.53 -46.79 41.66
N ILE B 216 56.18 -47.42 40.54
CA ILE B 216 55.38 -48.64 40.57
C ILE B 216 56.30 -49.80 40.23
N PHE B 217 56.35 -50.80 41.11
CA PHE B 217 57.18 -51.96 40.87
C PHE B 217 56.29 -53.11 40.41
N GLU B 218 56.51 -53.56 39.18
CA GLU B 218 55.73 -54.63 38.58
C GLU B 218 56.53 -55.92 38.40
N LYS B 219 55.97 -57.02 38.89
CA LYS B 219 56.59 -58.34 38.79
C LYS B 219 56.86 -58.77 37.35
N GLN B 220 55.81 -58.75 36.53
CA GLN B 220 55.92 -59.16 35.12
C GLN B 220 56.66 -58.13 34.29
N GLU B 221 56.86 -58.44 33.00
CA GLU B 221 57.54 -57.54 32.07
C GLU B 221 56.49 -56.62 31.42
N TYR B 222 55.22 -57.02 31.53
CA TYR B 222 54.11 -56.26 30.96
C TYR B 222 53.38 -55.49 32.05
N VAL B 223 52.69 -54.42 31.67
CA VAL B 223 51.94 -53.61 32.62
C VAL B 223 50.44 -53.65 32.35
N GLY B 224 49.65 -53.25 33.35
CA GLY B 224 48.20 -53.23 33.18
C GLY B 224 47.45 -54.28 33.97
N GLY B 225 48.18 -55.20 34.59
CA GLY B 225 47.52 -56.25 35.36
C GLY B 225 46.58 -57.13 34.54
N LEU B 226 45.47 -57.54 35.14
CA LEU B 226 44.51 -58.41 34.47
C LEU B 226 43.91 -57.81 33.18
N SER B 227 43.90 -56.49 33.08
CA SER B 227 43.37 -55.83 31.89
C SER B 227 44.24 -56.26 30.71
N THR B 228 45.49 -56.58 31.00
CA THR B 228 46.45 -56.99 29.99
C THR B 228 46.61 -58.50 29.89
N SER B 229 46.86 -59.13 31.04
CA SER B 229 47.10 -60.57 31.06
C SER B 229 45.94 -61.54 30.89
N GLU B 230 44.70 -61.12 31.16
CA GLU B 230 43.59 -62.05 31.04
C GLU B 230 42.33 -61.62 30.29
N ILE B 231 41.93 -60.35 30.38
CA ILE B 231 40.76 -59.90 29.65
C ILE B 231 41.06 -60.04 28.16
N PRO B 232 40.24 -60.79 27.42
CA PRO B 232 40.43 -61.02 25.98
C PRO B 232 40.58 -59.78 25.13
N GLN B 233 41.44 -59.89 24.13
CA GLN B 233 41.70 -58.81 23.18
C GLN B 233 40.41 -58.43 22.46
N PHE B 234 39.51 -59.40 22.31
CA PHE B 234 38.26 -59.15 21.62
C PHE B 234 37.23 -58.43 22.48
N ARG B 235 37.62 -58.06 23.70
CA ARG B 235 36.76 -57.30 24.60
C ARG B 235 37.49 -56.01 24.97
N LEU B 236 38.80 -56.11 25.17
CA LEU B 236 39.63 -54.95 25.53
C LEU B 236 40.97 -54.93 24.79
N PRO B 237 41.07 -54.12 23.71
CA PRO B 237 42.33 -54.04 22.96
C PRO B 237 43.47 -53.57 23.85
N TYR B 238 44.62 -54.23 23.74
CA TYR B 238 45.77 -53.86 24.56
C TYR B 238 46.16 -52.40 24.37
N ASP B 239 45.94 -51.91 23.16
CA ASP B 239 46.24 -50.54 22.77
C ASP B 239 45.57 -49.54 23.73
N VAL B 240 44.43 -49.92 24.30
CA VAL B 240 43.69 -49.07 25.23
C VAL B 240 44.48 -48.93 26.53
N VAL B 241 44.97 -50.06 27.03
CA VAL B 241 45.75 -50.10 28.25
C VAL B 241 47.00 -49.23 28.12
N ASN B 242 47.68 -49.35 26.98
CA ASN B 242 48.91 -48.59 26.71
C ASN B 242 48.62 -47.10 26.73
N PHE B 243 47.45 -46.73 26.21
CA PHE B 243 47.02 -45.33 26.16
C PHE B 243 46.89 -44.73 27.56
N GLU B 244 46.22 -45.45 28.44
CA GLU B 244 46.01 -44.99 29.81
C GLU B 244 47.29 -44.98 30.65
N ILE B 245 48.20 -45.91 30.36
CA ILE B 245 49.47 -45.99 31.05
C ILE B 245 50.31 -44.76 30.69
N GLU B 246 50.33 -44.41 29.41
CA GLU B 246 51.09 -43.24 28.96
C GLU B 246 50.52 -41.94 29.51
N LEU B 247 49.20 -41.87 29.68
CA LEU B 247 48.58 -40.67 30.24
C LEU B 247 49.11 -40.49 31.64
N MET B 248 49.23 -41.59 32.37
CA MET B 248 49.74 -41.55 33.74
C MET B 248 51.20 -41.09 33.74
N LYS B 249 51.98 -41.64 32.81
CA LYS B 249 53.38 -41.29 32.71
C LYS B 249 53.60 -39.82 32.40
N ASP B 250 52.60 -39.18 31.79
CA ASP B 250 52.73 -37.76 31.47
C ASP B 250 52.91 -36.96 32.76
N LEU B 251 52.47 -37.53 33.88
CA LEU B 251 52.60 -36.86 35.16
C LEU B 251 53.88 -37.23 35.92
N GLY B 252 54.77 -37.96 35.25
CA GLY B 252 56.03 -38.32 35.88
C GLY B 252 56.10 -39.65 36.62
N VAL B 253 54.97 -40.34 36.74
CA VAL B 253 54.95 -41.62 37.42
C VAL B 253 55.93 -42.59 36.75
N LYS B 254 56.73 -43.27 37.56
CA LYS B 254 57.71 -44.23 37.04
C LYS B 254 57.27 -45.66 37.22
N ILE B 255 57.60 -46.51 36.26
CA ILE B 255 57.27 -47.92 36.33
C ILE B 255 58.52 -48.77 36.10
N ILE B 256 58.77 -49.71 37.00
CA ILE B 256 59.92 -50.59 36.88
C ILE B 256 59.42 -52.02 36.89
N CYS B 257 59.59 -52.71 35.76
CA CYS B 257 59.15 -54.09 35.65
C CYS B 257 60.27 -55.04 36.07
N GLY B 258 59.92 -56.31 36.29
CA GLY B 258 60.91 -57.28 36.70
C GLY B 258 61.24 -57.19 38.19
N LYS B 259 60.44 -56.43 38.93
CA LYS B 259 60.63 -56.25 40.36
C LYS B 259 59.41 -56.77 41.08
N SER B 260 59.63 -57.74 41.96
CA SER B 260 58.53 -58.33 42.71
C SER B 260 58.54 -58.07 44.21
N LEU B 261 57.37 -58.10 44.80
CA LEU B 261 57.26 -57.96 46.23
C LEU B 261 57.31 -59.41 46.73
N SER B 262 58.35 -59.71 47.51
CA SER B 262 58.56 -61.06 48.04
C SER B 262 59.79 -61.14 48.94
N GLU B 263 59.75 -62.05 49.90
CA GLU B 263 60.86 -62.25 50.80
C GLU B 263 62.09 -62.44 49.94
N ASN B 264 63.14 -61.71 50.31
CA ASN B 264 64.41 -61.72 49.59
C ASN B 264 64.29 -61.07 48.24
N GLU B 265 63.29 -60.21 48.10
CA GLU B 265 63.14 -59.42 46.88
C GLU B 265 62.76 -58.04 47.40
N ILE B 266 61.57 -57.56 47.08
CA ILE B 266 61.18 -56.29 47.64
C ILE B 266 60.26 -56.58 48.82
N THR B 267 60.50 -55.90 49.94
CA THR B 267 59.69 -56.07 51.13
C THR B 267 59.39 -54.71 51.73
N LEU B 268 58.44 -54.68 52.67
CA LEU B 268 58.08 -53.44 53.33
C LEU B 268 59.32 -52.95 54.08
N ASN B 269 60.10 -53.87 54.62
CA ASN B 269 61.31 -53.52 55.36
C ASN B 269 62.39 -52.92 54.45
N THR B 270 62.61 -53.53 53.29
CA THR B 270 63.60 -53.02 52.37
C THR B 270 63.19 -51.64 51.85
N LEU B 271 61.90 -51.44 51.61
CA LEU B 271 61.41 -50.15 51.14
C LEU B 271 61.61 -49.11 52.25
N LYS B 272 61.28 -49.48 53.47
CA LYS B 272 61.44 -48.57 54.60
C LYS B 272 62.89 -48.19 54.78
N GLU B 273 63.78 -49.18 54.66
CA GLU B 273 65.20 -48.92 54.82
C GLU B 273 65.77 -48.09 53.68
N GLU B 274 65.10 -48.11 52.53
CA GLU B 274 65.58 -47.34 51.38
C GLU B 274 65.07 -45.90 51.39
N GLY B 275 64.23 -45.57 52.38
CA GLY B 275 63.73 -44.22 52.47
C GLY B 275 62.31 -43.93 52.03
N TYR B 276 61.61 -44.94 51.49
CA TYR B 276 60.23 -44.73 51.06
C TYR B 276 59.33 -44.34 52.23
N LYS B 277 58.54 -43.30 52.04
CA LYS B 277 57.65 -42.81 53.10
C LYS B 277 56.26 -43.42 53.09
N ALA B 278 55.85 -43.97 51.94
CA ALA B 278 54.53 -44.59 51.84
C ALA B 278 54.53 -45.68 50.77
N ALA B 279 53.68 -46.67 50.96
CA ALA B 279 53.59 -47.77 50.01
C ALA B 279 52.15 -48.21 49.78
N PHE B 280 51.80 -48.48 48.53
CA PHE B 280 50.46 -48.95 48.20
C PHE B 280 50.56 -50.37 47.65
N ILE B 281 49.78 -51.28 48.20
CA ILE B 281 49.80 -52.67 47.77
C ILE B 281 48.66 -52.96 46.79
N GLY B 282 49.02 -53.20 45.53
CA GLY B 282 48.02 -53.51 44.51
C GLY B 282 48.47 -54.66 43.62
N ILE B 283 48.86 -55.76 44.25
CA ILE B 283 49.34 -56.93 43.52
C ILE B 283 48.22 -57.90 43.14
N GLY B 284 47.00 -57.60 43.55
CA GLY B 284 45.86 -58.46 43.25
C GLY B 284 45.95 -59.85 43.84
N LEU B 285 45.33 -60.83 43.17
CA LEU B 285 45.33 -62.23 43.58
C LEU B 285 46.08 -62.98 42.47
N PRO B 286 47.42 -63.01 42.55
CA PRO B 286 48.35 -63.64 41.61
C PRO B 286 48.27 -65.14 41.34
N GLU B 287 47.64 -65.90 42.22
CA GLU B 287 47.57 -67.34 42.04
C GLU B 287 46.20 -67.94 41.80
N PRO B 288 46.15 -69.00 40.98
CA PRO B 288 44.89 -69.68 40.67
C PRO B 288 44.41 -70.49 41.86
N LYS B 289 43.10 -70.54 42.05
CA LYS B 289 42.56 -71.34 43.14
C LYS B 289 42.58 -72.75 42.57
N THR B 290 43.38 -73.62 43.19
CA THR B 290 43.54 -74.99 42.71
C THR B 290 42.68 -75.99 43.45
N ASP B 291 42.75 -77.24 42.99
CA ASP B 291 42.00 -78.32 43.60
C ASP B 291 42.74 -79.64 43.44
N ASP B 292 42.71 -80.45 44.49
CA ASP B 292 43.34 -81.76 44.55
C ASP B 292 43.32 -82.57 43.28
N ILE B 293 42.10 -82.83 42.80
CA ILE B 293 41.88 -83.64 41.62
C ILE B 293 42.68 -83.27 40.38
N PHE B 294 43.31 -82.10 40.37
CA PHE B 294 44.09 -81.70 39.20
C PHE B 294 45.58 -81.79 39.45
N GLN B 295 45.94 -82.34 40.60
CA GLN B 295 47.35 -82.45 40.93
C GLN B 295 48.14 -83.29 39.93
N GLY B 296 49.28 -82.75 39.53
CA GLY B 296 50.14 -83.44 38.58
C GLY B 296 49.80 -83.15 37.13
N LEU B 297 48.55 -82.76 36.88
CA LEU B 297 48.11 -82.47 35.52
C LEU B 297 48.88 -81.29 34.93
N THR B 298 49.30 -81.44 33.68
CA THR B 298 50.07 -80.40 33.01
C THR B 298 49.39 -79.93 31.73
N GLN B 299 49.96 -78.89 31.12
CA GLN B 299 49.44 -78.35 29.89
C GLN B 299 49.60 -79.35 28.75
N ASP B 300 50.71 -80.10 28.77
CA ASP B 300 50.99 -81.10 27.76
C ASP B 300 49.85 -82.10 27.64
N GLN B 301 49.22 -82.40 28.78
CA GLN B 301 48.12 -83.33 28.83
C GLN B 301 46.82 -82.65 28.43
N GLY B 302 46.81 -81.32 28.50
CA GLY B 302 45.63 -80.57 28.13
C GLY B 302 44.92 -79.91 29.30
N PHE B 303 45.61 -79.77 30.43
CA PHE B 303 45.00 -79.12 31.59
C PHE B 303 45.56 -77.72 31.84
N TYR B 304 44.66 -76.81 32.19
CA TYR B 304 45.03 -75.43 32.49
C TYR B 304 44.12 -74.86 33.56
N THR B 305 44.60 -73.81 34.24
CA THR B 305 43.77 -73.10 35.20
C THR B 305 43.59 -71.81 34.40
N SER B 306 42.64 -70.98 34.80
CA SER B 306 42.44 -69.72 34.08
C SER B 306 43.73 -68.90 34.10
N LYS B 307 44.44 -68.97 35.22
CA LYS B 307 45.71 -68.26 35.38
C LYS B 307 46.81 -68.71 34.41
N ASP B 308 46.67 -69.91 33.86
CA ASP B 308 47.65 -70.46 32.91
C ASP B 308 47.22 -70.20 31.47
N PHE B 309 45.95 -70.50 31.19
CA PHE B 309 45.38 -70.37 29.86
C PHE B 309 45.23 -68.96 29.28
N LEU B 310 44.43 -68.12 29.94
CA LEU B 310 44.20 -66.76 29.43
C LEU B 310 45.45 -65.94 29.14
N PRO B 311 46.46 -65.97 30.03
CA PRO B 311 47.67 -65.19 29.76
C PRO B 311 48.37 -65.65 28.47
N LEU B 312 48.27 -66.94 28.16
CA LEU B 312 48.88 -67.48 26.95
C LEU B 312 48.19 -66.90 25.72
N VAL B 313 46.86 -66.88 25.76
CA VAL B 313 46.07 -66.35 24.65
C VAL B 313 46.34 -64.85 24.50
N ALA B 314 46.43 -64.16 25.62
CA ALA B 314 46.68 -62.72 25.63
C ALA B 314 48.03 -62.37 25.01
N LYS B 315 49.08 -63.04 25.48
CA LYS B 315 50.43 -62.79 24.97
C LYS B 315 50.51 -63.02 23.47
N SER B 316 49.71 -63.94 22.98
CA SER B 316 49.70 -64.27 21.56
C SER B 316 48.86 -63.34 20.69
N SER B 317 47.76 -62.83 21.25
CA SER B 317 46.86 -61.96 20.51
C SER B 317 47.02 -60.47 20.77
N LYS B 318 47.81 -60.10 21.78
CA LYS B 318 48.00 -58.69 22.09
C LYS B 318 49.37 -58.16 21.70
N ALA B 319 49.41 -57.50 20.56
CA ALA B 319 50.63 -56.90 20.04
C ALA B 319 51.08 -55.77 20.95
N GLY B 320 52.31 -55.84 21.43
CA GLY B 320 52.82 -54.80 22.31
C GLY B 320 52.91 -55.27 23.75
N MET B 321 52.15 -56.31 24.09
CA MET B 321 52.16 -56.85 25.44
C MET B 321 53.54 -57.39 25.78
N CYS B 322 54.00 -58.37 24.99
CA CYS B 322 55.31 -58.96 25.22
C CYS B 322 56.22 -58.81 24.02
N ALA B 323 57.51 -58.69 24.34
CA ALA B 323 58.54 -58.56 23.33
C ALA B 323 58.50 -59.79 22.45
N CYS B 324 58.30 -60.95 23.07
CA CYS B 324 58.24 -62.22 22.35
C CYS B 324 56.85 -62.43 21.76
N HIS B 325 56.80 -62.91 20.52
CA HIS B 325 55.52 -63.21 19.88
C HIS B 325 55.29 -64.70 20.05
N SER B 326 54.52 -65.06 21.07
CA SER B 326 54.25 -66.46 21.36
C SER B 326 53.14 -67.03 20.47
N PRO B 327 53.13 -68.36 20.30
CA PRO B 327 52.12 -69.03 19.48
C PRO B 327 50.79 -69.10 20.20
N LEU B 328 49.73 -69.20 19.42
CA LEU B 328 48.41 -69.31 20.00
C LEU B 328 48.28 -70.75 20.50
N PRO B 329 47.84 -70.92 21.76
CA PRO B 329 47.68 -72.25 22.33
C PRO B 329 46.90 -73.17 21.40
N SER B 330 47.49 -74.32 21.08
CA SER B 330 46.87 -75.29 20.19
C SER B 330 45.80 -76.08 20.93
N ILE B 331 44.55 -75.61 20.85
CA ILE B 331 43.43 -76.26 21.51
C ILE B 331 42.53 -76.89 20.44
N ARG B 332 42.53 -78.22 20.37
CA ARG B 332 41.72 -78.93 19.39
C ARG B 332 40.86 -79.96 20.11
N GLY B 333 39.69 -80.25 19.57
CA GLY B 333 38.80 -81.22 20.18
C GLY B 333 37.82 -80.61 21.16
N ALA B 334 37.29 -81.44 22.05
CA ALA B 334 36.32 -81.00 23.05
C ALA B 334 37.01 -80.31 24.23
N VAL B 335 36.53 -79.13 24.60
CA VAL B 335 37.09 -78.39 25.71
C VAL B 335 36.09 -78.26 26.85
N ILE B 336 36.54 -78.51 28.07
CA ILE B 336 35.67 -78.38 29.22
C ILE B 336 36.19 -77.28 30.14
N VAL B 337 35.31 -76.31 30.43
CA VAL B 337 35.66 -75.22 31.32
C VAL B 337 34.89 -75.46 32.61
N LEU B 338 35.59 -75.60 33.72
CA LEU B 338 34.94 -75.84 35.00
C LEU B 338 34.69 -74.54 35.74
N GLY B 339 33.42 -74.31 36.09
CA GLY B 339 33.07 -73.08 36.79
C GLY B 339 32.08 -72.26 35.98
N ALA B 340 31.33 -71.41 36.67
CA ALA B 340 30.33 -70.57 36.02
C ALA B 340 30.55 -69.11 36.38
N GLY B 341 31.77 -68.78 36.78
CA GLY B 341 32.08 -67.41 37.13
C GLY B 341 32.34 -66.67 35.84
N ASP B 342 32.55 -65.37 35.91
CA ASP B 342 32.79 -64.61 34.71
C ASP B 342 34.10 -65.00 34.00
N THR B 343 35.07 -65.51 34.76
CA THR B 343 36.34 -65.93 34.15
C THR B 343 36.13 -67.16 33.27
N ALA B 344 35.24 -68.05 33.69
CA ALA B 344 34.94 -69.26 32.95
C ALA B 344 34.48 -68.92 31.54
N PHE B 345 33.65 -67.88 31.41
CA PHE B 345 33.15 -67.49 30.10
C PHE B 345 34.20 -66.89 29.20
N ASP B 346 35.21 -66.24 29.77
CA ASP B 346 36.30 -65.69 28.95
C ASP B 346 37.19 -66.85 28.49
N CYS B 347 37.24 -67.91 29.29
CA CYS B 347 38.03 -69.09 28.93
C CYS B 347 37.34 -69.80 27.78
N ALA B 348 36.01 -69.91 27.87
CA ALA B 348 35.23 -70.57 26.84
C ALA B 348 35.35 -69.86 25.50
N THR B 349 35.08 -68.56 25.48
CA THR B 349 35.18 -67.79 24.25
C THR B 349 36.61 -67.76 23.71
N SER B 350 37.60 -67.68 24.60
CA SER B 350 39.00 -67.65 24.18
C SER B 350 39.39 -69.00 23.58
N ALA B 351 38.85 -70.07 24.16
CA ALA B 351 39.14 -71.41 23.68
C ALA B 351 38.79 -71.53 22.20
N LEU B 352 37.64 -70.98 21.82
CA LEU B 352 37.19 -71.01 20.43
C LEU B 352 38.19 -70.33 19.49
N ARG B 353 38.83 -69.26 19.95
CA ARG B 353 39.80 -68.56 19.14
C ARG B 353 41.05 -69.41 18.94
N CYS B 354 41.28 -70.35 19.85
CA CYS B 354 42.44 -71.23 19.79
C CYS B 354 42.26 -72.44 18.90
N GLY B 355 41.03 -72.65 18.41
CA GLY B 355 40.77 -73.77 17.54
C GLY B 355 39.89 -74.85 18.12
N ALA B 356 39.35 -74.64 19.32
CA ALA B 356 38.48 -75.64 19.93
C ALA B 356 37.33 -75.99 18.99
N ARG B 357 37.02 -77.28 18.92
CA ARG B 357 35.92 -77.76 18.07
C ARG B 357 34.60 -77.50 18.78
N ARG B 358 34.59 -77.72 20.09
CA ARG B 358 33.43 -77.48 20.92
C ARG B 358 33.86 -77.14 22.32
N VAL B 359 33.07 -76.30 22.99
CA VAL B 359 33.37 -75.91 24.35
C VAL B 359 32.18 -76.12 25.27
N PHE B 360 32.42 -76.79 26.38
CA PHE B 360 31.37 -77.05 27.36
C PHE B 360 31.69 -76.35 28.66
N LEU B 361 30.71 -75.67 29.21
CA LEU B 361 30.86 -74.99 30.49
C LEU B 361 30.13 -75.89 31.47
N VAL B 362 30.88 -76.50 32.38
CA VAL B 362 30.28 -77.38 33.36
C VAL B 362 30.42 -76.80 34.75
N PHE B 363 29.28 -76.60 35.41
CA PHE B 363 29.26 -76.03 36.75
C PHE B 363 28.50 -76.91 37.73
N ARG B 364 28.86 -76.80 39.01
CA ARG B 364 28.27 -77.61 40.06
C ARG B 364 26.89 -77.17 40.54
N LYS B 365 26.42 -76.02 40.08
CA LYS B 365 25.10 -75.57 40.50
C LYS B 365 24.17 -75.42 39.29
N GLY B 366 23.03 -74.78 39.49
CA GLY B 366 22.09 -74.63 38.40
C GLY B 366 22.31 -73.39 37.54
N PHE B 367 21.52 -73.28 36.48
CA PHE B 367 21.59 -72.14 35.57
C PHE B 367 21.26 -70.86 36.32
N VAL B 368 20.25 -70.93 37.18
CA VAL B 368 19.85 -69.77 37.95
C VAL B 368 20.95 -69.32 38.88
N ASN B 369 21.89 -70.21 39.18
CA ASN B 369 22.96 -69.88 40.10
C ASN B 369 24.18 -69.22 39.48
N ILE B 370 24.19 -69.13 38.15
CA ILE B 370 25.30 -68.48 37.46
C ILE B 370 25.24 -67.02 37.92
N ARG B 371 26.34 -66.52 38.48
CA ARG B 371 26.36 -65.15 38.96
C ARG B 371 27.19 -64.25 38.07
N ALA B 372 27.60 -64.78 36.92
CA ALA B 372 28.37 -63.99 35.97
C ALA B 372 27.43 -62.96 35.36
N VAL B 373 27.95 -61.79 35.01
CA VAL B 373 27.12 -60.76 34.41
C VAL B 373 26.46 -61.32 33.14
N PRO B 374 25.14 -61.09 32.98
CA PRO B 374 24.34 -61.55 31.83
C PRO B 374 24.98 -61.26 30.48
N GLU B 375 25.49 -60.04 30.32
CA GLU B 375 26.13 -59.64 29.08
C GLU B 375 27.30 -60.55 28.70
N GLU B 376 28.04 -61.00 29.70
CA GLU B 376 29.18 -61.89 29.48
C GLU B 376 28.67 -63.29 29.10
N VAL B 377 27.67 -63.77 29.84
CA VAL B 377 27.08 -65.07 29.59
C VAL B 377 26.54 -65.13 28.16
N GLU B 378 25.93 -64.03 27.74
CA GLU B 378 25.35 -63.89 26.41
C GLU B 378 26.37 -64.12 25.29
N LEU B 379 27.56 -63.55 25.44
CA LEU B 379 28.60 -63.70 24.43
C LEU B 379 28.96 -65.17 24.21
N ALA B 380 29.06 -65.93 25.29
CA ALA B 380 29.39 -67.36 25.20
C ALA B 380 28.23 -68.11 24.56
N LYS B 381 27.02 -67.73 24.92
CA LYS B 381 25.82 -68.38 24.40
C LYS B 381 25.64 -68.19 22.89
N GLU B 382 25.91 -66.98 22.39
CA GLU B 382 25.75 -66.74 20.97
C GLU B 382 26.87 -67.35 20.15
N GLU B 383 27.98 -67.70 20.81
CA GLU B 383 29.10 -68.33 20.12
C GLU B 383 28.97 -69.85 20.23
N LYS B 384 27.78 -70.27 20.62
CA LYS B 384 27.41 -71.67 20.76
C LYS B 384 28.17 -72.54 21.76
N CYS B 385 28.42 -72.01 22.95
CA CYS B 385 29.09 -72.80 23.98
C CYS B 385 27.98 -73.60 24.66
N GLU B 386 28.26 -74.84 25.00
CA GLU B 386 27.25 -75.68 25.65
C GLU B 386 27.34 -75.51 27.16
N PHE B 387 26.21 -75.64 27.84
CA PHE B 387 26.14 -75.48 29.28
C PHE B 387 25.66 -76.76 29.98
N LEU B 388 26.42 -77.22 30.96
CA LEU B 388 26.06 -78.43 31.71
C LEU B 388 26.00 -78.11 33.20
N PRO B 389 24.79 -78.07 33.77
CA PRO B 389 24.57 -77.78 35.19
C PRO B 389 24.62 -78.99 36.11
N PHE B 390 24.56 -78.72 37.42
CA PHE B 390 24.56 -79.73 38.47
C PHE B 390 25.60 -80.84 38.32
N LEU B 391 26.85 -80.47 38.03
CA LEU B 391 27.92 -81.45 37.88
C LEU B 391 29.17 -80.96 38.61
N SER B 392 29.67 -81.80 39.53
CA SER B 392 30.88 -81.48 40.29
C SER B 392 32.01 -82.43 39.89
N PRO B 393 33.15 -81.88 39.48
CA PRO B 393 34.31 -82.68 39.08
C PRO B 393 34.80 -83.62 40.17
N ARG B 394 35.36 -84.75 39.76
CA ARG B 394 35.84 -85.75 40.70
C ARG B 394 37.15 -86.39 40.24
N LYS B 395 37.26 -86.62 38.93
CA LYS B 395 38.44 -87.27 38.39
C LYS B 395 38.75 -86.80 36.97
N VAL B 396 40.03 -86.76 36.64
CA VAL B 396 40.46 -86.37 35.30
C VAL B 396 41.13 -87.60 34.72
N ILE B 397 40.33 -88.43 34.05
CA ILE B 397 40.82 -89.66 33.45
C ILE B 397 41.87 -89.37 32.40
N VAL B 398 43.05 -89.99 32.55
CA VAL B 398 44.15 -89.80 31.62
C VAL B 398 44.59 -91.13 31.03
N LYS B 399 44.69 -91.19 29.71
CA LYS B 399 45.11 -92.40 29.02
C LYS B 399 45.97 -92.02 27.82
N GLY B 400 47.25 -92.38 27.88
CA GLY B 400 48.14 -92.07 26.79
C GLY B 400 48.88 -90.76 26.96
N GLY B 401 49.07 -90.36 28.22
CA GLY B 401 49.77 -89.12 28.51
C GLY B 401 48.96 -87.87 28.25
N ARG B 402 47.65 -88.05 28.06
CA ARG B 402 46.76 -86.92 27.81
C ARG B 402 45.36 -87.20 28.36
N ILE B 403 44.65 -86.14 28.70
CA ILE B 403 43.29 -86.25 29.23
C ILE B 403 42.35 -86.77 28.16
N VAL B 404 41.46 -87.68 28.55
CA VAL B 404 40.52 -88.26 27.60
C VAL B 404 39.09 -88.02 28.07
N ALA B 405 38.97 -87.61 29.33
CA ALA B 405 37.66 -87.37 29.89
C ALA B 405 37.74 -86.85 31.32
N VAL B 406 36.59 -86.45 31.84
CA VAL B 406 36.50 -85.94 33.20
C VAL B 406 35.29 -86.61 33.85
N GLN B 407 35.47 -87.04 35.08
CA GLN B 407 34.43 -87.71 35.84
C GLN B 407 33.74 -86.75 36.78
N PHE B 408 32.41 -86.69 36.72
CA PHE B 408 31.66 -85.80 37.60
C PHE B 408 30.67 -86.57 38.45
N VAL B 409 30.02 -85.85 39.34
CA VAL B 409 29.04 -86.44 40.22
C VAL B 409 27.88 -85.43 40.29
N ARG B 410 26.64 -85.91 40.22
CA ARG B 410 25.50 -85.01 40.26
C ARG B 410 25.34 -84.25 41.56
N THR B 411 24.79 -83.04 41.46
CA THR B 411 24.57 -82.19 42.61
C THR B 411 23.09 -81.86 42.66
N GLU B 412 22.61 -81.37 43.81
CA GLU B 412 21.21 -81.08 43.96
C GLU B 412 20.95 -80.30 45.25
N GLN B 413 19.90 -79.49 45.25
CA GLN B 413 19.55 -78.70 46.42
C GLN B 413 18.37 -79.34 47.13
N ASP B 414 18.42 -79.43 48.46
CA ASP B 414 17.34 -80.01 49.24
C ASP B 414 16.43 -78.89 49.74
N GLU B 415 15.55 -79.20 50.69
CA GLU B 415 14.64 -78.20 51.24
C GLU B 415 15.33 -76.98 51.84
N THR B 416 16.07 -77.20 52.92
CA THR B 416 16.78 -76.13 53.61
C THR B 416 17.54 -75.21 52.66
N GLY B 417 17.81 -75.70 51.45
CA GLY B 417 18.52 -74.93 50.46
C GLY B 417 20.00 -75.27 50.49
N LYS B 418 20.30 -76.51 50.87
CA LYS B 418 21.67 -77.00 50.97
C LYS B 418 22.02 -77.80 49.72
N TRP B 419 23.29 -77.76 49.33
CA TRP B 419 23.71 -78.50 48.15
C TRP B 419 24.35 -79.83 48.51
N ASN B 420 23.93 -80.88 47.81
CA ASN B 420 24.46 -82.22 48.06
C ASN B 420 25.02 -82.80 46.75
N GLU B 421 25.98 -83.70 46.89
CA GLU B 421 26.60 -84.33 45.73
C GLU B 421 26.52 -85.85 45.86
N ASP B 422 25.58 -86.46 45.15
CA ASP B 422 25.39 -87.90 45.21
C ASP B 422 26.58 -88.62 44.60
N GLU B 423 27.41 -89.20 45.46
CA GLU B 423 28.62 -89.92 45.02
C GLU B 423 28.37 -91.16 44.18
N ASP B 424 27.13 -91.65 44.17
CA ASP B 424 26.81 -92.83 43.38
C ASP B 424 26.61 -92.50 41.91
N GLN B 425 26.01 -91.34 41.65
CA GLN B 425 25.76 -90.92 40.27
C GLN B 425 26.97 -90.30 39.61
N ILE B 426 27.83 -91.15 39.04
CA ILE B 426 29.04 -90.70 38.36
C ILE B 426 28.72 -90.33 36.91
N VAL B 427 29.45 -89.36 36.38
CA VAL B 427 29.23 -88.89 35.02
C VAL B 427 30.51 -88.86 34.21
N HIS B 428 30.47 -89.48 33.04
CA HIS B 428 31.64 -89.50 32.16
C HIS B 428 31.49 -88.54 31.00
N LEU B 429 32.32 -87.51 30.98
CA LEU B 429 32.30 -86.53 29.92
C LEU B 429 33.60 -86.57 29.15
N LYS B 430 33.50 -86.63 27.84
CA LYS B 430 34.67 -86.67 26.97
C LYS B 430 35.29 -85.27 26.94
N ALA B 431 36.60 -85.19 26.69
CA ALA B 431 37.29 -83.91 26.63
C ALA B 431 38.76 -84.08 26.28
N ASP B 432 39.28 -83.16 25.46
CA ASP B 432 40.67 -83.18 25.05
C ASP B 432 41.43 -82.12 25.85
N VAL B 433 40.70 -81.14 26.37
CA VAL B 433 41.28 -80.06 27.16
C VAL B 433 40.37 -79.68 28.33
N VAL B 434 40.98 -79.37 29.47
CA VAL B 434 40.25 -78.98 30.65
C VAL B 434 40.84 -77.71 31.24
N ILE B 435 39.97 -76.74 31.51
CA ILE B 435 40.38 -75.46 32.06
C ILE B 435 39.59 -75.17 33.31
N SER B 436 40.27 -75.04 34.44
CA SER B 436 39.57 -74.73 35.68
C SER B 436 39.55 -73.21 35.88
N ALA B 437 38.37 -72.70 36.22
CA ALA B 437 38.16 -71.28 36.45
C ALA B 437 37.49 -71.16 37.81
N PHE B 438 38.21 -71.59 38.84
CA PHE B 438 37.69 -71.56 40.21
C PHE B 438 37.97 -70.28 40.97
N GLY B 439 38.64 -69.33 40.31
CA GLY B 439 38.96 -68.07 40.99
C GLY B 439 40.45 -67.91 41.21
N SER B 440 40.82 -66.92 42.00
CA SER B 440 42.23 -66.65 42.30
C SER B 440 42.44 -66.36 43.78
N VAL B 441 43.68 -66.46 44.23
CA VAL B 441 44.00 -66.22 45.64
C VAL B 441 45.44 -65.75 45.82
N LEU B 442 45.79 -65.47 47.07
CA LEU B 442 47.14 -65.07 47.44
C LEU B 442 47.60 -66.14 48.41
N ARG B 443 48.53 -66.99 47.98
CA ARG B 443 49.04 -68.07 48.84
C ARG B 443 50.54 -68.05 49.06
N ASP B 444 51.29 -67.71 48.01
CA ASP B 444 52.74 -67.67 48.08
C ASP B 444 53.25 -67.09 49.40
N PRO B 445 53.84 -67.95 50.26
CA PRO B 445 54.38 -67.52 51.55
C PRO B 445 55.46 -66.47 51.41
N LYS B 446 56.23 -66.55 50.32
CA LYS B 446 57.29 -65.58 50.08
C LYS B 446 56.72 -64.19 49.89
N VAL B 447 55.52 -64.12 49.31
CA VAL B 447 54.86 -62.84 49.07
C VAL B 447 54.22 -62.32 50.35
N LYS B 448 53.45 -63.18 51.02
CA LYS B 448 52.80 -62.80 52.26
C LYS B 448 53.82 -62.32 53.29
N GLU B 449 54.97 -62.98 53.30
CA GLU B 449 56.06 -62.66 54.22
C GLU B 449 56.63 -61.28 53.98
N ALA B 450 56.66 -60.86 52.72
CA ALA B 450 57.20 -59.56 52.36
C ALA B 450 56.29 -58.45 52.88
N LEU B 451 55.08 -58.81 53.30
CA LEU B 451 54.12 -57.84 53.81
C LEU B 451 54.16 -57.70 55.32
N SER B 452 55.08 -58.43 55.97
CA SER B 452 55.20 -58.35 57.42
C SER B 452 55.58 -56.93 57.78
N PRO B 453 55.04 -56.41 58.90
CA PRO B 453 54.13 -57.11 59.81
C PRO B 453 52.66 -56.70 59.70
N ILE B 454 52.17 -56.30 58.53
CA ILE B 454 50.78 -55.89 58.46
C ILE B 454 49.85 -57.04 58.82
N LYS B 455 48.72 -56.68 59.42
CA LYS B 455 47.73 -57.65 59.85
C LYS B 455 46.85 -58.18 58.71
N PHE B 456 46.58 -59.48 58.75
CA PHE B 456 45.74 -60.12 57.75
C PHE B 456 44.42 -60.51 58.44
N ASN B 457 43.34 -60.57 57.69
CA ASN B 457 42.06 -60.93 58.26
C ASN B 457 41.77 -62.42 58.07
N ARG B 458 40.55 -62.84 58.40
CA ARG B 458 40.14 -64.24 58.26
C ARG B 458 40.20 -64.73 56.82
N TRP B 459 40.08 -63.81 55.87
CA TRP B 459 40.09 -64.19 54.47
C TRP B 459 41.51 -64.47 54.01
N ASP B 460 42.46 -64.28 54.91
CA ASP B 460 43.88 -64.49 54.59
C ASP B 460 44.35 -63.40 53.65
N LEU B 461 43.78 -62.21 53.81
CA LEU B 461 44.15 -61.07 52.98
C LEU B 461 44.50 -59.89 53.86
N PRO B 462 45.35 -58.98 53.36
CA PRO B 462 45.69 -57.84 54.20
C PRO B 462 44.45 -57.05 54.60
N GLU B 463 44.38 -56.72 55.89
CA GLU B 463 43.24 -55.99 56.44
C GLU B 463 43.46 -54.48 56.32
N VAL B 464 42.44 -53.78 55.83
CA VAL B 464 42.52 -52.33 55.71
C VAL B 464 41.24 -51.66 56.18
N ASP B 465 41.35 -50.40 56.53
CA ASP B 465 40.21 -49.61 56.94
C ASP B 465 39.47 -49.36 55.62
N PRO B 466 38.21 -49.79 55.52
CA PRO B 466 37.42 -49.60 54.29
C PRO B 466 37.27 -48.16 53.79
N GLU B 467 37.50 -47.19 54.67
CA GLU B 467 37.38 -45.79 54.29
C GLU B 467 38.72 -45.17 53.87
N THR B 468 39.79 -45.53 54.57
CA THR B 468 41.11 -44.98 54.27
C THR B 468 42.01 -45.90 53.43
N MET B 469 41.70 -47.19 53.39
CA MET B 469 42.49 -48.18 52.66
C MET B 469 43.85 -48.38 53.33
N GLN B 470 43.94 -47.94 54.58
CA GLN B 470 45.18 -48.05 55.34
C GLN B 470 45.29 -49.39 56.09
N THR B 471 46.47 -49.98 56.10
CA THR B 471 46.69 -51.25 56.79
C THR B 471 47.03 -51.01 58.25
N SER B 472 47.40 -52.08 58.97
CA SER B 472 47.76 -51.96 60.38
C SER B 472 49.03 -51.11 60.51
N GLU B 473 49.80 -51.00 59.42
CA GLU B 473 51.01 -50.18 59.39
C GLU B 473 50.62 -48.86 58.73
N PRO B 474 50.64 -47.76 59.50
CA PRO B 474 50.30 -46.41 59.05
C PRO B 474 50.77 -45.96 57.66
N TRP B 475 52.00 -46.31 57.30
CA TRP B 475 52.54 -45.89 56.00
C TRP B 475 52.22 -46.83 54.84
N VAL B 476 51.53 -47.94 55.12
CA VAL B 476 51.20 -48.91 54.09
C VAL B 476 49.70 -49.00 53.81
N PHE B 477 49.32 -48.87 52.55
CA PHE B 477 47.92 -48.93 52.14
C PHE B 477 47.77 -50.03 51.11
N ALA B 478 46.53 -50.52 50.95
CA ALA B 478 46.25 -51.58 50.01
C ALA B 478 44.90 -51.35 49.35
N GLY B 479 44.72 -51.90 48.15
CA GLY B 479 43.48 -51.75 47.43
C GLY B 479 43.42 -52.66 46.23
N GLY B 480 42.23 -52.81 45.65
CA GLY B 480 42.08 -53.66 44.48
C GLY B 480 41.72 -55.07 44.87
N ASP B 481 42.00 -56.01 43.97
CA ASP B 481 41.71 -57.42 44.21
C ASP B 481 42.33 -57.94 45.51
N ILE B 482 43.53 -57.47 45.84
CA ILE B 482 44.23 -57.93 47.04
C ILE B 482 43.42 -57.73 48.34
N VAL B 483 42.57 -56.72 48.38
CA VAL B 483 41.76 -56.44 49.56
C VAL B 483 40.53 -57.34 49.63
N GLY B 484 40.15 -57.92 48.49
CA GLY B 484 39.01 -58.84 48.47
C GLY B 484 37.61 -58.26 48.39
N MET B 485 37.47 -56.94 48.25
CA MET B 485 36.15 -56.34 48.18
C MET B 485 35.77 -56.04 46.72
N ALA B 486 36.70 -55.45 46.00
CA ALA B 486 36.49 -55.10 44.59
C ALA B 486 36.30 -56.38 43.77
N ASN B 487 35.40 -56.30 42.78
CA ASN B 487 35.10 -57.41 41.90
C ASN B 487 35.22 -56.94 40.46
N THR B 488 35.63 -55.69 40.30
CA THR B 488 35.72 -55.10 38.97
C THR B 488 36.90 -54.16 38.81
N THR B 489 37.13 -53.76 37.56
CA THR B 489 38.22 -52.84 37.24
C THR B 489 37.91 -51.48 37.86
N VAL B 490 36.67 -51.02 37.71
CA VAL B 490 36.26 -49.73 38.24
C VAL B 490 36.35 -49.66 39.76
N GLU B 491 35.99 -50.74 40.46
CA GLU B 491 36.08 -50.73 41.92
C GLU B 491 37.54 -50.72 42.36
N SER B 492 38.40 -51.35 41.57
CA SER B 492 39.83 -51.39 41.89
C SER B 492 40.40 -50.01 41.68
N VAL B 493 39.97 -49.35 40.62
CA VAL B 493 40.43 -47.99 40.33
C VAL B 493 39.99 -47.08 41.48
N ASN B 494 38.77 -47.30 41.98
CA ASN B 494 38.26 -46.48 43.06
C ASN B 494 39.07 -46.71 44.34
N ASP B 495 39.43 -47.96 44.61
CA ASP B 495 40.23 -48.28 45.80
C ASP B 495 41.51 -47.46 45.80
N GLY B 496 42.17 -47.41 44.64
CA GLY B 496 43.41 -46.65 44.51
C GLY B 496 43.17 -45.17 44.65
N LYS B 497 42.02 -44.72 44.14
CA LYS B 497 41.62 -43.32 44.20
C LYS B 497 41.38 -42.95 45.67
N GLN B 498 40.63 -43.79 46.37
CA GLN B 498 40.31 -43.59 47.78
C GLN B 498 41.60 -43.54 48.60
N ALA B 499 42.48 -44.50 48.36
CA ALA B 499 43.74 -44.57 49.09
C ALA B 499 44.64 -43.36 48.86
N SER B 500 44.66 -42.85 47.63
CA SER B 500 45.51 -41.72 47.30
C SER B 500 45.30 -40.52 48.23
N TRP B 501 44.05 -40.24 48.57
CA TRP B 501 43.77 -39.12 49.44
C TRP B 501 44.34 -39.29 50.84
N TYR B 502 44.18 -40.49 51.41
CA TYR B 502 44.68 -40.71 52.76
C TYR B 502 46.18 -40.94 52.80
N ILE B 503 46.76 -41.35 51.68
CA ILE B 503 48.21 -41.52 51.61
C ILE B 503 48.76 -40.10 51.67
N HIS B 504 48.07 -39.21 50.95
CA HIS B 504 48.43 -37.79 50.88
C HIS B 504 48.37 -37.20 52.29
N LYS B 505 47.25 -37.47 52.97
CA LYS B 505 47.05 -36.99 54.32
C LYS B 505 48.16 -37.53 55.24
N TYR B 506 48.46 -38.83 55.12
CA TYR B 506 49.49 -39.45 55.93
C TYR B 506 50.85 -38.79 55.72
N ILE B 507 51.28 -38.73 54.47
CA ILE B 507 52.57 -38.14 54.12
C ILE B 507 52.71 -36.71 54.61
N GLN B 508 51.72 -35.87 54.30
CA GLN B 508 51.76 -34.48 54.72
C GLN B 508 51.91 -34.37 56.24
N ALA B 509 51.20 -35.20 56.98
CA ALA B 509 51.27 -35.19 58.43
C ALA B 509 52.68 -35.56 58.91
N GLN B 510 53.34 -36.49 58.19
CA GLN B 510 54.68 -36.91 58.54
C GLN B 510 55.64 -35.74 58.43
N TYR B 511 55.28 -34.75 57.63
CA TYR B 511 56.12 -33.57 57.45
C TYR B 511 55.57 -32.38 58.24
N GLY B 512 54.68 -32.68 59.20
CA GLY B 512 54.12 -31.62 60.03
C GLY B 512 53.12 -30.70 59.36
N ALA B 513 52.51 -31.17 58.27
CA ALA B 513 51.53 -30.34 57.57
C ALA B 513 50.15 -31.02 57.57
N SER B 514 49.11 -30.20 57.54
CA SER B 514 47.74 -30.72 57.53
C SER B 514 47.15 -30.58 56.13
N VAL B 515 46.00 -31.19 55.92
CA VAL B 515 45.31 -31.11 54.64
C VAL B 515 43.86 -30.70 54.87
N SER B 516 43.22 -30.17 53.84
CA SER B 516 41.83 -29.74 53.95
C SER B 516 40.96 -30.84 54.55
N ALA B 517 39.98 -30.45 55.37
CA ALA B 517 39.09 -31.40 56.01
C ALA B 517 38.23 -32.08 54.95
N LYS B 518 37.92 -31.34 53.89
CA LYS B 518 37.13 -31.87 52.78
C LYS B 518 38.07 -32.37 51.70
N PRO B 519 37.90 -33.64 51.27
CA PRO B 519 38.74 -34.24 50.23
C PRO B 519 38.83 -33.39 48.97
N GLU B 520 40.04 -33.16 48.49
CA GLU B 520 40.23 -32.37 47.29
C GLU B 520 41.13 -33.02 46.25
N LEU B 521 40.71 -34.17 45.74
CA LEU B 521 41.48 -34.83 44.70
C LEU B 521 41.28 -33.98 43.44
N PRO B 522 42.38 -33.65 42.74
CA PRO B 522 42.29 -32.83 41.53
C PRO B 522 41.54 -33.49 40.37
N LEU B 523 41.08 -32.66 39.45
CA LEU B 523 40.38 -33.13 38.26
C LEU B 523 41.48 -33.49 37.25
N PHE B 524 41.06 -33.87 36.05
CA PHE B 524 41.98 -34.23 34.97
C PHE B 524 42.20 -33.02 34.07
N TYR B 525 43.45 -32.69 33.77
CA TYR B 525 43.77 -31.54 32.93
C TYR B 525 44.67 -31.86 31.74
N THR B 526 44.56 -31.05 30.69
CA THR B 526 45.38 -31.18 29.48
C THR B 526 45.68 -29.74 29.00
N PRO B 527 46.58 -29.60 28.01
CA PRO B 527 46.92 -28.26 27.50
C PRO B 527 45.71 -27.51 26.94
N VAL B 528 44.66 -28.24 26.58
CA VAL B 528 43.46 -27.62 26.04
C VAL B 528 42.88 -26.65 27.07
N ASP B 529 42.95 -27.02 28.34
CA ASP B 529 42.42 -26.21 29.42
C ASP B 529 43.10 -24.86 29.59
N LEU B 530 44.25 -24.69 28.96
CA LEU B 530 45.00 -23.43 29.04
C LEU B 530 44.57 -22.45 27.95
N VAL B 531 43.78 -22.92 26.99
CA VAL B 531 43.33 -22.07 25.90
C VAL B 531 42.49 -20.90 26.42
N ASP B 532 42.84 -19.70 25.97
CA ASP B 532 42.17 -18.47 26.36
C ASP B 532 40.93 -18.23 25.51
N ILE B 533 39.77 -18.15 26.14
CA ILE B 533 38.54 -17.91 25.37
C ILE B 533 37.88 -16.60 25.79
N SER B 534 38.69 -15.65 26.26
CA SER B 534 38.17 -14.35 26.66
C SER B 534 37.99 -13.52 25.39
N VAL B 535 37.18 -12.47 25.47
CA VAL B 535 36.96 -11.63 24.31
C VAL B 535 36.55 -10.21 24.75
N GLU B 536 36.94 -9.22 23.95
CA GLU B 536 36.59 -7.84 24.25
C GLU B 536 35.57 -7.33 23.24
N MET B 537 34.59 -6.58 23.72
CA MET B 537 33.55 -6.04 22.84
C MET B 537 32.99 -4.76 23.41
N ALA B 538 32.99 -3.71 22.58
CA ALA B 538 32.48 -2.41 22.99
C ALA B 538 33.14 -1.93 24.29
N GLY B 539 34.43 -2.19 24.42
CA GLY B 539 35.15 -1.77 25.61
C GLY B 539 34.94 -2.63 26.85
N LEU B 540 34.16 -3.70 26.71
CA LEU B 540 33.90 -4.59 27.82
C LEU B 540 34.73 -5.86 27.68
N LYS B 541 35.19 -6.40 28.82
CA LYS B 541 35.99 -7.61 28.82
C LYS B 541 35.19 -8.79 29.36
N PHE B 542 35.00 -9.81 28.53
CA PHE B 542 34.27 -11.01 28.92
C PHE B 542 35.26 -12.14 29.16
N ILE B 543 35.17 -12.83 30.30
CA ILE B 543 36.10 -13.91 30.59
C ILE B 543 35.86 -15.09 29.64
N ASN B 544 34.63 -15.20 29.14
CA ASN B 544 34.28 -16.19 28.13
C ASN B 544 33.10 -15.58 27.37
N PRO B 545 32.85 -16.00 26.13
CA PRO B 545 31.75 -15.43 25.36
C PRO B 545 30.31 -15.90 25.61
N PHE B 546 30.12 -16.76 26.59
CA PHE B 546 28.79 -17.28 26.85
C PHE B 546 28.05 -16.54 27.97
N GLY B 547 26.80 -16.17 27.67
CA GLY B 547 26.00 -15.46 28.66
C GLY B 547 24.54 -15.85 28.59
N LEU B 548 23.83 -15.56 29.68
CA LEU B 548 22.40 -15.85 29.75
C LEU B 548 21.63 -14.72 29.11
N ALA B 549 20.76 -15.06 28.18
CA ALA B 549 19.93 -14.06 27.54
C ALA B 549 18.88 -13.58 28.53
N SER B 550 18.28 -12.44 28.25
CA SER B 550 17.20 -11.89 29.07
C SER B 550 16.07 -12.86 28.82
N ALA B 551 15.70 -13.63 29.85
CA ALA B 551 14.67 -14.67 29.64
C ALA B 551 14.37 -15.42 30.95
N ALA B 552 13.65 -16.54 30.84
CA ALA B 552 13.28 -17.33 32.03
C ALA B 552 14.46 -17.69 32.92
N PRO B 553 15.64 -18.01 32.33
CA PRO B 553 16.81 -18.36 33.16
C PRO B 553 17.31 -17.18 34.01
N THR B 554 16.83 -15.97 33.68
CA THR B 554 17.21 -14.79 34.46
C THR B 554 15.99 -14.13 35.11
N THR B 555 15.02 -14.96 35.49
CA THR B 555 13.79 -14.52 36.14
C THR B 555 14.11 -13.80 37.46
N SER B 556 15.12 -14.28 38.17
CA SER B 556 15.53 -13.71 39.45
C SER B 556 17.04 -13.51 39.48
N SER B 557 17.48 -12.46 40.18
CA SER B 557 18.89 -12.18 40.29
C SER B 557 19.64 -13.29 41.04
N SER B 558 18.93 -14.03 41.90
CA SER B 558 19.55 -15.12 42.63
C SER B 558 20.00 -16.21 41.65
N MET B 559 19.29 -16.33 40.52
CA MET B 559 19.63 -17.30 39.50
C MET B 559 20.87 -16.85 38.75
N ILE B 560 21.00 -15.55 38.54
CA ILE B 560 22.18 -15.03 37.85
C ILE B 560 23.42 -15.28 38.71
N ARG B 561 23.28 -15.09 40.03
CA ARG B 561 24.38 -15.32 40.95
C ARG B 561 24.88 -16.76 40.77
N ARG B 562 23.95 -17.71 40.79
CA ARG B 562 24.32 -19.11 40.63
C ARG B 562 24.94 -19.38 39.26
N ALA B 563 24.48 -18.66 38.24
CA ALA B 563 25.03 -18.83 36.90
C ALA B 563 26.48 -18.34 36.89
N PHE B 564 26.74 -17.24 37.58
CA PHE B 564 28.10 -16.73 37.63
C PHE B 564 28.97 -17.69 38.43
N GLU B 565 28.41 -18.26 39.50
CA GLU B 565 29.17 -19.20 40.31
C GLU B 565 29.51 -20.43 39.46
N ALA B 566 28.62 -20.79 38.53
CA ALA B 566 28.85 -21.93 37.65
C ALA B 566 29.93 -21.58 36.63
N GLY B 567 30.04 -20.30 36.28
CA GLY B 567 31.07 -19.93 35.32
C GLY B 567 30.66 -19.12 34.11
N TRP B 568 29.38 -18.76 34.00
CA TRP B 568 28.92 -17.97 32.86
C TRP B 568 29.65 -16.63 32.77
N GLY B 569 30.08 -16.28 31.56
CA GLY B 569 30.80 -15.03 31.34
C GLY B 569 29.99 -13.78 31.63
N PHE B 570 28.72 -13.77 31.23
CA PHE B 570 27.87 -12.62 31.47
C PHE B 570 26.42 -13.03 31.56
N ALA B 571 25.55 -12.08 31.88
CA ALA B 571 24.13 -12.35 31.98
C ALA B 571 23.32 -11.07 31.79
N LEU B 572 22.11 -11.23 31.26
CA LEU B 572 21.20 -10.13 31.04
C LEU B 572 20.14 -10.27 32.11
N THR B 573 19.65 -9.16 32.64
CA THR B 573 18.58 -9.25 33.62
C THR B 573 17.35 -9.49 32.77
N LYS B 574 16.29 -9.99 33.37
CA LYS B 574 15.03 -10.16 32.65
C LYS B 574 14.70 -8.69 32.34
N THR B 575 14.01 -8.43 31.23
CA THR B 575 13.69 -7.05 30.87
C THR B 575 12.81 -6.38 31.93
N PHE B 576 13.22 -5.21 32.40
CA PHE B 576 12.40 -4.53 33.39
C PHE B 576 12.02 -3.13 32.92
N SER B 577 11.07 -2.52 33.62
CA SER B 577 10.58 -1.19 33.26
C SER B 577 10.25 -0.34 34.47
N LEU B 578 9.76 0.87 34.21
CA LEU B 578 9.37 1.79 35.27
C LEU B 578 8.13 1.21 35.93
N ASP B 579 7.87 1.62 37.17
CA ASP B 579 6.71 1.14 37.91
C ASP B 579 5.37 1.31 37.21
N LYS B 580 5.20 2.40 36.46
CA LYS B 580 3.94 2.63 35.76
C LYS B 580 3.66 1.60 34.65
N ASP B 581 4.70 0.92 34.19
CA ASP B 581 4.55 -0.08 33.14
C ASP B 581 4.61 -1.52 33.65
N ILE B 582 4.45 -1.70 34.96
CA ILE B 582 4.48 -3.02 35.59
C ILE B 582 3.52 -3.99 34.89
N VAL B 583 3.96 -5.22 34.69
CA VAL B 583 3.14 -6.22 34.00
C VAL B 583 2.77 -7.41 34.87
N THR B 584 1.80 -8.19 34.41
CA THR B 584 1.37 -9.40 35.11
C THR B 584 1.19 -10.51 34.09
N ASN B 585 1.94 -11.60 34.26
CA ASN B 585 1.88 -12.73 33.33
C ASN B 585 0.62 -13.57 33.47
N VAL B 586 0.32 -14.33 32.42
CA VAL B 586 -0.81 -15.25 32.41
C VAL B 586 -0.16 -16.64 32.49
N SER B 587 -0.98 -17.68 32.58
CA SER B 587 -0.50 -19.04 32.61
C SER B 587 -1.59 -19.91 32.02
N PRO B 588 -1.22 -20.95 31.25
CA PRO B 588 0.15 -21.32 30.90
C PRO B 588 0.78 -20.30 29.94
N ARG B 589 2.11 -20.25 29.86
CA ARG B 589 2.75 -19.30 28.95
C ARG B 589 4.00 -19.77 28.20
N ILE B 590 4.52 -20.94 28.55
CA ILE B 590 5.71 -21.47 27.86
C ILE B 590 5.47 -22.93 27.52
N VAL B 591 5.48 -23.25 26.23
CA VAL B 591 5.21 -24.61 25.79
C VAL B 591 6.35 -25.15 24.93
N ARG B 592 6.42 -26.47 24.83
CA ARG B 592 7.45 -27.13 24.02
C ARG B 592 7.14 -26.96 22.54
N GLY B 593 8.19 -26.98 21.72
CA GLY B 593 7.97 -26.84 20.29
C GLY B 593 7.48 -28.14 19.68
N THR B 594 6.79 -28.01 18.55
CA THR B 594 6.27 -29.16 17.84
C THR B 594 7.04 -29.22 16.52
N THR B 595 8.14 -28.48 16.48
CA THR B 595 9.00 -28.38 15.32
C THR B 595 9.78 -29.64 14.90
N SER B 596 9.83 -30.66 15.77
CA SER B 596 10.52 -31.89 15.42
C SER B 596 9.71 -33.14 15.79
N GLY B 597 8.38 -33.02 15.72
CA GLY B 597 7.50 -34.13 16.02
C GLY B 597 7.26 -34.42 17.48
N PRO B 598 6.54 -35.52 17.77
CA PRO B 598 6.20 -35.97 19.13
C PRO B 598 7.37 -36.60 19.88
N MET B 599 8.44 -35.83 20.06
CA MET B 599 9.63 -36.27 20.77
C MET B 599 9.63 -35.45 22.06
N TYR B 600 9.48 -36.13 23.19
CA TYR B 600 9.43 -35.45 24.49
C TYR B 600 10.70 -35.63 25.32
N GLY B 601 10.88 -34.75 26.30
CA GLY B 601 12.04 -34.84 27.16
C GLY B 601 13.20 -33.96 26.75
N PRO B 602 14.44 -34.46 26.83
CA PRO B 602 15.65 -33.73 26.47
C PRO B 602 15.73 -33.22 25.04
N GLY B 603 16.41 -32.09 24.86
CA GLY B 603 16.61 -31.53 23.54
C GLY B 603 15.41 -31.05 22.74
N GLN B 604 14.44 -30.40 23.37
CA GLN B 604 13.31 -29.87 22.62
C GLN B 604 13.89 -28.96 21.53
N SER B 605 13.41 -29.07 20.30
CA SER B 605 13.95 -28.27 19.20
C SER B 605 13.50 -26.81 19.21
N SER B 606 12.59 -26.47 20.12
CA SER B 606 12.12 -25.10 20.27
C SER B 606 11.11 -24.98 21.40
N PHE B 607 10.76 -23.74 21.70
CA PHE B 607 9.77 -23.40 22.72
C PHE B 607 9.01 -22.21 22.16
N LEU B 608 7.79 -22.02 22.64
CA LEU B 608 7.01 -20.85 22.25
C LEU B 608 6.54 -20.25 23.57
N ASN B 609 6.66 -18.95 23.72
CA ASN B 609 6.23 -18.32 24.96
C ASN B 609 5.36 -17.09 24.70
N ILE B 610 4.46 -16.81 25.64
CA ILE B 610 3.61 -15.62 25.57
C ILE B 610 3.83 -14.90 26.90
N GLU B 611 5.07 -14.95 27.37
CA GLU B 611 5.45 -14.29 28.61
C GLU B 611 5.73 -12.83 28.31
N LEU B 612 5.57 -11.97 29.30
CA LEU B 612 5.83 -10.54 29.09
C LEU B 612 7.21 -10.26 29.66
N ILE B 613 7.48 -9.00 29.99
CA ILE B 613 8.78 -8.67 30.56
C ILE B 613 8.74 -9.06 32.04
N SER B 614 9.77 -8.66 32.79
CA SER B 614 9.82 -9.03 34.20
C SER B 614 8.67 -8.52 35.05
N GLU B 615 8.22 -9.33 36.00
CA GLU B 615 7.15 -8.93 36.90
C GLU B 615 7.76 -8.26 38.13
N LYS B 616 9.09 -8.30 38.22
CA LYS B 616 9.79 -7.70 39.34
C LYS B 616 10.12 -6.24 39.00
N THR B 617 10.11 -5.39 40.02
CA THR B 617 10.35 -3.96 39.85
C THR B 617 11.77 -3.53 39.50
N ALA B 618 11.89 -2.31 39.01
CA ALA B 618 13.18 -1.74 38.65
C ALA B 618 14.02 -1.59 39.93
N ALA B 619 13.37 -1.34 41.06
CA ALA B 619 14.07 -1.20 42.33
C ALA B 619 14.78 -2.51 42.66
N TYR B 620 14.05 -3.62 42.52
CA TYR B 620 14.61 -4.95 42.78
C TYR B 620 15.78 -5.20 41.85
N TRP B 621 15.58 -4.96 40.56
CA TRP B 621 16.63 -5.20 39.58
C TRP B 621 17.86 -4.31 39.76
N CYS B 622 17.64 -3.04 40.07
CA CYS B 622 18.78 -2.14 40.25
C CYS B 622 19.58 -2.50 41.50
N GLN B 623 18.90 -2.85 42.58
CA GLN B 623 19.60 -3.24 43.80
C GLN B 623 20.35 -4.56 43.50
N SER B 624 19.70 -5.45 42.77
CA SER B 624 20.30 -6.74 42.42
C SER B 624 21.57 -6.58 41.58
N VAL B 625 21.55 -5.63 40.65
CA VAL B 625 22.72 -5.40 39.81
C VAL B 625 23.89 -4.91 40.65
N THR B 626 23.60 -4.03 41.60
CA THR B 626 24.65 -3.50 42.46
C THR B 626 25.26 -4.66 43.25
N GLU B 627 24.41 -5.54 43.77
CA GLU B 627 24.87 -6.70 44.54
C GLU B 627 25.75 -7.61 43.66
N LEU B 628 25.22 -7.99 42.51
CA LEU B 628 25.93 -8.86 41.57
C LEU B 628 27.28 -8.30 41.14
N LYS B 629 27.34 -7.01 40.79
CA LYS B 629 28.60 -6.41 40.36
C LYS B 629 29.58 -6.30 41.52
N ALA B 630 29.07 -6.17 42.73
CA ALA B 630 29.93 -6.08 43.90
C ALA B 630 30.58 -7.43 44.16
N ASP B 631 29.81 -8.51 44.01
CA ASP B 631 30.33 -9.85 44.25
C ASP B 631 31.02 -10.52 43.07
N PHE B 632 30.69 -10.08 41.85
CA PHE B 632 31.29 -10.65 40.66
C PHE B 632 31.75 -9.55 39.71
N PRO B 633 32.78 -8.80 40.10
CA PRO B 633 33.32 -7.70 39.29
C PRO B 633 33.79 -8.08 37.89
N ASP B 634 34.20 -9.34 37.69
CA ASP B 634 34.68 -9.75 36.37
C ASP B 634 33.60 -10.32 35.48
N ASN B 635 32.43 -10.59 36.03
CA ASN B 635 31.34 -11.11 35.21
C ASN B 635 30.50 -9.92 34.73
N ILE B 636 30.25 -9.88 33.43
CA ILE B 636 29.49 -8.79 32.84
C ILE B 636 27.99 -8.90 33.11
N VAL B 637 27.41 -7.81 33.62
CA VAL B 637 25.97 -7.75 33.88
C VAL B 637 25.36 -6.68 32.97
N ILE B 638 24.42 -7.10 32.13
CA ILE B 638 23.77 -6.16 31.21
C ILE B 638 22.31 -6.01 31.61
N ALA B 639 21.90 -4.79 31.87
CA ALA B 639 20.51 -4.56 32.27
C ALA B 639 19.63 -4.38 31.04
N SER B 640 18.60 -5.22 30.94
CA SER B 640 17.65 -5.15 29.84
C SER B 640 16.49 -4.29 30.31
N ILE B 641 16.15 -3.27 29.54
CA ILE B 641 15.07 -2.35 29.90
C ILE B 641 14.13 -2.04 28.73
N MET B 642 12.92 -1.61 29.06
CA MET B 642 11.91 -1.28 28.07
C MET B 642 11.00 -0.13 28.51
N CYS B 643 10.70 0.76 27.58
CA CYS B 643 9.80 1.89 27.83
C CYS B 643 8.98 2.10 26.56
N SER B 644 7.87 2.84 26.68
CA SER B 644 7.06 3.14 25.50
C SER B 644 7.82 4.24 24.74
N TYR B 645 7.30 4.67 23.61
CA TYR B 645 7.97 5.71 22.84
C TYR B 645 7.85 7.04 23.59
N ASN B 646 8.67 7.18 24.64
CA ASN B 646 8.68 8.34 25.51
C ASN B 646 10.13 8.69 25.86
N LYS B 647 10.60 9.86 25.44
CA LYS B 647 11.98 10.26 25.72
C LYS B 647 12.34 10.32 27.21
N ASN B 648 11.50 10.96 28.01
CA ASN B 648 11.78 11.06 29.44
C ASN B 648 11.88 9.68 30.10
N ASP B 649 10.96 8.79 29.75
CA ASP B 649 10.98 7.44 30.32
C ASP B 649 12.27 6.69 30.00
N TRP B 650 12.65 6.66 28.73
CA TRP B 650 13.88 5.96 28.37
C TRP B 650 15.09 6.55 29.07
N MET B 651 15.14 7.87 29.20
CA MET B 651 16.26 8.52 29.86
C MET B 651 16.28 8.22 31.35
N GLU B 652 15.10 8.21 31.96
CA GLU B 652 14.99 7.94 33.39
C GLU B 652 15.42 6.50 33.73
N LEU B 653 14.83 5.54 33.02
CA LEU B 653 15.14 4.14 33.27
C LEU B 653 16.59 3.78 32.96
N SER B 654 17.11 4.24 31.82
CA SER B 654 18.49 3.92 31.47
C SER B 654 19.47 4.49 32.50
N ARG B 655 19.18 5.68 33.02
CA ARG B 655 20.04 6.29 34.01
C ARG B 655 19.96 5.58 35.35
N LYS B 656 18.78 5.07 35.68
CA LYS B 656 18.60 4.35 36.93
C LYS B 656 19.41 3.06 36.83
N ALA B 657 19.37 2.43 35.67
CA ALA B 657 20.10 1.18 35.45
C ALA B 657 21.60 1.45 35.48
N GLU B 658 22.04 2.50 34.80
CA GLU B 658 23.46 2.86 34.77
C GLU B 658 24.00 3.13 36.18
N ALA B 659 23.23 3.87 36.98
CA ALA B 659 23.66 4.20 38.33
C ALA B 659 23.79 2.99 39.25
N SER B 660 23.05 1.92 38.96
CA SER B 660 23.11 0.72 39.79
C SER B 660 24.45 -0.02 39.60
N GLY B 661 25.18 0.34 38.55
CA GLY B 661 26.46 -0.30 38.30
C GLY B 661 26.49 -1.25 37.11
N ALA B 662 25.42 -1.32 36.34
CA ALA B 662 25.37 -2.21 35.18
C ALA B 662 26.53 -1.88 34.22
N ASP B 663 27.14 -2.92 33.64
CA ASP B 663 28.25 -2.72 32.70
C ASP B 663 27.75 -2.17 31.37
N ALA B 664 26.48 -2.44 31.06
CA ALA B 664 25.89 -1.98 29.82
C ALA B 664 24.38 -2.18 29.89
N LEU B 665 23.68 -1.70 28.87
CA LEU B 665 22.24 -1.86 28.83
C LEU B 665 21.84 -2.53 27.53
N GLU B 666 20.68 -3.17 27.52
CA GLU B 666 20.14 -3.79 26.34
C GLU B 666 18.75 -3.21 26.20
N LEU B 667 18.48 -2.59 25.06
CA LEU B 667 17.19 -1.98 24.80
C LEU B 667 16.25 -3.01 24.17
N ASN B 668 15.22 -3.42 24.90
CA ASN B 668 14.30 -4.40 24.37
C ASN B 668 13.28 -3.73 23.45
N LEU B 669 13.57 -3.77 22.15
CA LEU B 669 12.72 -3.18 21.14
C LEU B 669 12.20 -4.33 20.27
N SER B 670 12.07 -5.51 20.85
CA SER B 670 11.67 -6.68 20.08
C SER B 670 10.71 -7.69 20.66
N CYS B 671 10.00 -7.36 21.73
CA CYS B 671 9.04 -8.32 22.27
C CYS B 671 7.95 -8.53 21.21
N PRO B 672 7.81 -9.76 20.67
CA PRO B 672 6.82 -10.09 19.63
C PRO B 672 5.37 -10.21 20.06
N HIS B 673 5.07 -9.98 21.32
CA HIS B 673 3.70 -10.11 21.80
C HIS B 673 3.49 -9.44 23.16
N GLY B 674 2.23 -9.13 23.46
CA GLY B 674 1.89 -8.52 24.74
C GLY B 674 2.21 -7.05 24.93
N MET B 675 3.49 -6.75 25.02
CA MET B 675 3.97 -5.38 25.23
C MET B 675 3.60 -4.46 24.06
N GLY B 676 3.35 -5.06 22.89
CA GLY B 676 2.99 -4.28 21.72
C GLY B 676 1.69 -3.52 21.91
N GLU B 677 0.75 -4.16 22.59
CA GLU B 677 -0.55 -3.57 22.87
C GLU B 677 -0.46 -2.44 23.89
N ARG B 678 0.66 -2.40 24.61
CA ARG B 678 0.90 -1.35 25.59
C ARG B 678 1.79 -0.27 24.96
N GLY B 679 2.00 -0.40 23.66
CA GLY B 679 2.80 0.56 22.92
C GLY B 679 4.29 0.38 23.02
N MET B 680 4.74 -0.87 23.06
CA MET B 680 6.17 -1.19 23.17
C MET B 680 6.52 -2.44 22.36
N GLY B 681 7.74 -2.94 22.55
CA GLY B 681 8.18 -4.13 21.86
C GLY B 681 8.48 -3.94 20.38
N LEU B 682 7.82 -4.74 19.54
CA LEU B 682 7.99 -4.71 18.09
C LEU B 682 7.56 -3.41 17.41
N ALA B 683 6.38 -2.92 17.76
CA ALA B 683 5.87 -1.69 17.19
C ALA B 683 7.01 -0.68 17.05
N CYS B 684 7.80 -0.54 18.12
CA CYS B 684 8.94 0.38 18.13
C CYS B 684 10.18 -0.22 17.46
N GLY B 685 10.30 -1.55 17.44
CA GLY B 685 11.47 -2.19 16.86
C GLY B 685 11.44 -2.56 15.38
N GLN B 686 10.31 -2.26 14.73
CA GLN B 686 10.15 -2.58 13.32
C GLN B 686 10.29 -1.36 12.45
N ASP B 687 10.32 -0.18 13.07
CA ASP B 687 10.45 1.08 12.35
C ASP B 687 11.83 1.72 12.57
N PRO B 688 12.68 1.75 11.53
CA PRO B 688 14.03 2.35 11.66
C PRO B 688 14.04 3.71 12.34
N GLU B 689 13.08 4.56 11.98
CA GLU B 689 13.01 5.89 12.56
C GLU B 689 12.85 5.86 14.06
N LEU B 690 11.93 5.05 14.56
CA LEU B 690 11.71 4.97 15.99
C LEU B 690 12.92 4.37 16.69
N VAL B 691 13.50 3.32 16.10
CA VAL B 691 14.68 2.69 16.68
C VAL B 691 15.81 3.72 16.81
N ARG B 692 16.00 4.52 15.76
CA ARG B 692 17.05 5.54 15.77
C ARG B 692 16.85 6.57 16.89
N ASN B 693 15.63 7.06 17.07
CA ASN B 693 15.36 8.04 18.09
C ASN B 693 15.51 7.50 19.51
N ILE B 694 15.03 6.29 19.75
CA ILE B 694 15.15 5.70 21.08
C ILE B 694 16.61 5.56 21.45
N CYS B 695 17.44 5.11 20.50
CA CYS B 695 18.86 4.96 20.75
C CYS B 695 19.51 6.32 21.03
N ARG B 696 19.04 7.36 20.34
CA ARG B 696 19.57 8.71 20.54
C ARG B 696 19.24 9.18 21.95
N TRP B 697 18.02 8.91 22.40
CA TRP B 697 17.60 9.31 23.74
C TRP B 697 18.48 8.64 24.82
N VAL B 698 18.78 7.37 24.62
CA VAL B 698 19.61 6.61 25.55
C VAL B 698 21.08 7.05 25.49
N ARG B 699 21.60 7.24 24.29
CA ARG B 699 22.99 7.67 24.11
C ARG B 699 23.26 8.96 24.88
N GLN B 700 22.29 9.85 24.84
CA GLN B 700 22.36 11.15 25.49
C GLN B 700 22.17 11.05 27.00
N ALA B 701 21.50 9.99 27.45
CA ALA B 701 21.23 9.80 28.87
C ALA B 701 22.33 9.11 29.67
N VAL B 702 23.05 8.19 29.06
CA VAL B 702 24.09 7.45 29.77
C VAL B 702 25.44 7.42 29.07
N GLN B 703 26.48 7.05 29.81
CA GLN B 703 27.83 6.98 29.28
C GLN B 703 28.26 5.54 29.00
N ILE B 704 27.69 4.59 29.71
CA ILE B 704 28.07 3.19 29.49
C ILE B 704 27.56 2.70 28.14
N PRO B 705 28.15 1.62 27.61
CA PRO B 705 27.64 1.17 26.31
C PRO B 705 26.25 0.55 26.43
N PHE B 706 25.52 0.52 25.32
CA PHE B 706 24.18 -0.07 25.31
C PHE B 706 23.94 -0.69 23.95
N PHE B 707 23.15 -1.75 23.93
CA PHE B 707 22.86 -2.46 22.69
C PHE B 707 21.37 -2.56 22.45
N ALA B 708 20.97 -2.46 21.18
CA ALA B 708 19.56 -2.56 20.81
C ALA B 708 19.25 -4.01 20.46
N LYS B 709 18.27 -4.60 21.14
CA LYS B 709 17.91 -5.98 20.84
C LYS B 709 16.89 -5.97 19.70
N LEU B 710 17.30 -6.49 18.55
CA LEU B 710 16.46 -6.50 17.35
C LEU B 710 15.54 -7.70 17.18
N THR B 711 14.43 -7.46 16.51
CA THR B 711 13.46 -8.51 16.23
C THR B 711 13.77 -9.07 14.85
N PRO B 712 13.53 -10.36 14.65
CA PRO B 712 13.80 -10.97 13.34
C PRO B 712 12.54 -10.82 12.48
N ASN B 713 11.46 -10.40 13.11
CA ASN B 713 10.18 -10.25 12.41
C ASN B 713 10.04 -8.95 11.63
N VAL B 714 10.95 -8.74 10.68
CA VAL B 714 10.94 -7.56 9.83
C VAL B 714 11.47 -7.95 8.46
N THR B 715 11.07 -7.19 7.45
CA THR B 715 11.49 -7.45 6.09
C THR B 715 13.01 -7.34 5.94
N ASP B 716 13.59 -6.31 6.55
CA ASP B 716 15.03 -6.09 6.45
C ASP B 716 15.60 -5.70 7.80
N ILE B 717 16.19 -6.66 8.50
CA ILE B 717 16.75 -6.40 9.83
C ILE B 717 17.97 -5.45 9.77
N VAL B 718 18.63 -5.39 8.62
CA VAL B 718 19.80 -4.50 8.50
C VAL B 718 19.37 -3.03 8.66
N SER B 719 18.19 -2.69 8.15
CA SER B 719 17.72 -1.31 8.25
C SER B 719 17.55 -0.88 9.70
N ILE B 720 17.05 -1.75 10.57
CA ILE B 720 16.91 -1.36 11.96
C ILE B 720 18.24 -1.44 12.71
N ALA B 721 19.13 -2.32 12.26
CA ALA B 721 20.45 -2.43 12.88
C ALA B 721 21.21 -1.13 12.57
N ARG B 722 21.13 -0.70 11.32
CA ARG B 722 21.81 0.52 10.89
C ARG B 722 21.21 1.74 11.62
N ALA B 723 19.90 1.72 11.83
CA ALA B 723 19.23 2.82 12.52
C ALA B 723 19.75 2.91 13.96
N ALA B 724 19.98 1.76 14.58
CA ALA B 724 20.50 1.71 15.94
C ALA B 724 21.92 2.29 15.98
N LYS B 725 22.73 1.92 15.00
CA LYS B 725 24.10 2.41 14.93
C LYS B 725 24.10 3.93 14.75
N GLU B 726 23.22 4.42 13.87
CA GLU B 726 23.11 5.85 13.60
C GLU B 726 22.62 6.60 14.84
N GLY B 727 21.84 5.90 15.66
CA GLY B 727 21.32 6.52 16.86
C GLY B 727 22.33 6.56 17.99
N GLY B 728 23.46 5.88 17.82
CA GLY B 728 24.48 5.89 18.85
C GLY B 728 24.66 4.59 19.64
N ALA B 729 23.96 3.53 19.25
CA ALA B 729 24.10 2.26 19.93
C ALA B 729 25.52 1.73 19.74
N ASP B 730 26.02 1.01 20.74
CA ASP B 730 27.36 0.44 20.68
C ASP B 730 27.35 -0.94 20.04
N GLY B 731 26.17 -1.41 19.70
CA GLY B 731 26.05 -2.70 19.07
C GLY B 731 24.60 -3.15 19.09
N VAL B 732 24.36 -4.35 18.56
CA VAL B 732 23.01 -4.88 18.53
C VAL B 732 23.00 -6.35 18.91
N THR B 733 21.88 -6.76 19.50
CA THR B 733 21.69 -8.14 19.89
C THR B 733 20.74 -8.72 18.85
N ALA B 734 21.18 -9.76 18.16
CA ALA B 734 20.36 -10.40 17.15
C ALA B 734 20.29 -11.90 17.43
N THR B 735 19.08 -12.42 17.66
CA THR B 735 17.84 -11.64 17.65
C THR B 735 16.87 -12.12 18.73
N ASN B 736 15.72 -11.46 18.82
CA ASN B 736 14.70 -11.86 19.78
C ASN B 736 13.92 -13.02 19.13
N THR B 737 12.85 -13.47 19.79
CA THR B 737 12.09 -14.59 19.25
C THR B 737 11.30 -14.33 17.98
N VAL B 738 11.01 -15.42 17.27
CA VAL B 738 10.27 -15.36 16.02
C VAL B 738 8.78 -15.50 16.31
N SER B 739 7.99 -14.63 15.70
CA SER B 739 6.56 -14.64 15.91
C SER B 739 5.94 -15.89 15.29
N GLY B 740 5.17 -16.62 16.08
CA GLY B 740 4.55 -17.82 15.55
C GLY B 740 3.41 -18.36 16.38
N LEU B 741 2.85 -19.47 15.90
CA LEU B 741 1.78 -20.17 16.57
C LEU B 741 2.29 -21.62 16.60
N MET B 742 2.50 -22.17 17.79
CA MET B 742 3.04 -23.53 17.87
C MET B 742 2.10 -24.66 17.51
N GLY B 743 0.79 -24.39 17.44
CA GLY B 743 -0.09 -25.47 17.07
C GLY B 743 -1.42 -25.57 17.79
N LEU B 744 -2.28 -26.45 17.30
CA LEU B 744 -3.61 -26.65 17.85
C LEU B 744 -3.89 -28.13 18.06
N LYS B 745 -4.80 -28.43 18.99
CA LYS B 745 -5.18 -29.81 19.26
C LYS B 745 -6.17 -30.15 18.14
N ALA B 746 -6.54 -31.42 18.04
CA ALA B 746 -7.46 -31.85 16.99
C ALA B 746 -8.84 -31.19 17.10
N ASP B 747 -9.19 -30.71 18.27
CA ASP B 747 -10.50 -30.07 18.45
C ASP B 747 -10.47 -28.58 18.10
N GLY B 748 -9.31 -28.10 17.65
CA GLY B 748 -9.18 -26.71 17.27
C GLY B 748 -8.65 -25.75 18.31
N THR B 749 -8.58 -26.19 19.57
CA THR B 749 -8.09 -25.32 20.64
C THR B 749 -6.57 -25.22 20.60
N PRO B 750 -6.02 -24.06 20.95
CA PRO B 750 -4.57 -23.86 20.93
C PRO B 750 -3.80 -24.32 22.16
N TRP B 751 -2.49 -24.24 22.06
CA TRP B 751 -1.59 -24.55 23.17
C TRP B 751 -0.41 -23.63 22.96
N PRO B 752 -0.13 -22.75 23.94
CA PRO B 752 -0.86 -22.59 25.20
C PRO B 752 -2.31 -22.11 25.05
N ALA B 753 -3.15 -22.50 25.99
CA ALA B 753 -4.55 -22.11 26.03
C ALA B 753 -4.78 -21.49 27.41
N VAL B 754 -5.25 -20.25 27.44
CA VAL B 754 -5.47 -19.55 28.70
C VAL B 754 -6.95 -19.41 29.10
N GLY B 755 -7.25 -19.77 30.34
CA GLY B 755 -8.61 -19.67 30.85
C GLY B 755 -9.59 -20.71 30.36
N ALA B 756 -10.82 -20.59 30.82
CA ALA B 756 -11.88 -21.52 30.41
C ALA B 756 -12.18 -21.35 28.93
N GLY B 757 -11.93 -20.16 28.40
CA GLY B 757 -12.18 -19.92 26.99
C GLY B 757 -11.11 -20.50 26.08
N LYS B 758 -10.05 -21.05 26.69
CA LYS B 758 -8.95 -21.66 25.94
C LYS B 758 -8.42 -20.73 24.85
N ARG B 759 -8.11 -19.50 25.23
CA ARG B 759 -7.63 -18.50 24.29
C ARG B 759 -6.11 -18.48 24.21
N THR B 760 -5.60 -17.85 23.16
CA THR B 760 -4.17 -17.70 22.99
C THR B 760 -3.92 -16.50 22.09
N THR B 761 -2.65 -16.17 21.92
CA THR B 761 -2.26 -15.06 21.06
C THR B 761 -0.92 -15.48 20.48
N TYR B 762 -0.49 -14.82 19.41
CA TYR B 762 0.79 -15.15 18.80
C TYR B 762 1.89 -15.03 19.84
N GLY B 763 2.78 -16.03 19.87
CA GLY B 763 3.87 -16.01 20.83
C GLY B 763 5.23 -15.89 20.15
N GLY B 764 6.28 -16.09 20.94
CA GLY B 764 7.63 -16.01 20.42
C GLY B 764 8.28 -17.38 20.39
N VAL B 765 8.80 -17.76 19.22
CA VAL B 765 9.47 -19.05 19.07
C VAL B 765 10.96 -18.89 19.34
N SER B 766 11.52 -19.80 20.15
CA SER B 766 12.94 -19.77 20.49
C SER B 766 13.52 -21.17 20.30
N GLY B 767 14.84 -21.30 20.40
CA GLY B 767 15.44 -22.62 20.26
C GLY B 767 16.15 -22.89 18.95
N THR B 768 16.60 -24.13 18.77
CA THR B 768 17.34 -24.51 17.57
C THR B 768 16.52 -24.36 16.28
N ALA B 769 15.20 -24.42 16.39
CA ALA B 769 14.36 -24.28 15.20
C ALA B 769 14.49 -22.88 14.55
N ILE B 770 14.88 -21.87 15.31
CA ILE B 770 15.02 -20.53 14.75
C ILE B 770 16.47 -20.14 14.48
N ARG B 771 17.41 -21.04 14.75
CA ARG B 771 18.82 -20.75 14.51
C ARG B 771 19.12 -20.31 13.07
N PRO B 772 18.50 -20.97 12.06
CA PRO B 772 18.77 -20.55 10.68
C PRO B 772 18.40 -19.08 10.44
N ILE B 773 17.37 -18.63 11.14
CA ILE B 773 16.91 -17.26 11.02
C ILE B 773 17.86 -16.32 11.74
N ALA B 774 18.36 -16.75 12.90
CA ALA B 774 19.29 -15.94 13.66
C ALA B 774 20.65 -15.88 12.97
N LEU B 775 21.12 -17.00 12.44
CA LEU B 775 22.41 -17.02 11.75
C LEU B 775 22.37 -16.08 10.55
N ARG B 776 21.27 -16.12 9.80
CA ARG B 776 21.15 -15.25 8.64
C ARG B 776 21.19 -13.79 9.09
N ALA B 777 20.47 -13.48 10.17
CA ALA B 777 20.43 -12.12 10.69
C ALA B 777 21.82 -11.65 11.12
N VAL B 778 22.53 -12.48 11.88
CA VAL B 778 23.85 -12.10 12.32
C VAL B 778 24.78 -11.86 11.14
N THR B 779 24.82 -12.80 10.19
CA THR B 779 25.70 -12.64 9.04
C THR B 779 25.36 -11.42 8.17
N THR B 780 24.09 -11.16 7.87
CA THR B 780 23.74 -10.00 7.05
C THR B 780 24.13 -8.69 7.71
N ILE B 781 23.91 -8.61 9.03
CA ILE B 781 24.28 -7.40 9.76
C ILE B 781 25.79 -7.26 9.76
N ALA B 782 26.50 -8.36 10.02
CA ALA B 782 27.96 -8.34 10.05
C ALA B 782 28.56 -7.89 8.71
N ARG B 783 27.95 -8.31 7.61
CA ARG B 783 28.45 -7.95 6.28
C ARG B 783 28.12 -6.50 5.93
N ALA B 784 26.95 -6.05 6.33
CA ALA B 784 26.50 -4.70 6.05
C ALA B 784 27.17 -3.63 6.92
N LEU B 785 27.40 -3.96 8.19
CA LEU B 785 28.02 -3.03 9.14
C LEU B 785 29.26 -3.67 9.77
N PRO B 786 30.34 -3.85 8.98
CA PRO B 786 31.57 -4.46 9.48
C PRO B 786 32.14 -3.81 10.72
N GLY B 787 32.53 -4.62 11.70
CA GLY B 787 33.09 -4.10 12.93
C GLY B 787 32.08 -3.73 14.00
N PHE B 788 30.82 -3.59 13.61
CA PHE B 788 29.77 -3.25 14.57
C PHE B 788 29.47 -4.44 15.47
N PRO B 789 29.66 -4.29 16.80
CA PRO B 789 29.44 -5.35 17.79
C PRO B 789 28.07 -6.04 17.69
N ILE B 790 28.09 -7.37 17.69
CA ILE B 790 26.87 -8.15 17.62
C ILE B 790 26.86 -9.19 18.73
N LEU B 791 25.78 -9.21 19.50
CA LEU B 791 25.61 -10.20 20.56
C LEU B 791 24.59 -11.15 19.94
N ALA B 792 24.99 -12.40 19.71
CA ALA B 792 24.08 -13.35 19.09
C ALA B 792 23.17 -14.08 20.07
N THR B 793 22.00 -14.43 19.56
CA THR B 793 21.01 -15.16 20.34
C THR B 793 20.03 -15.83 19.39
N GLY B 794 19.79 -17.13 19.60
CA GLY B 794 18.87 -17.86 18.75
C GLY B 794 19.34 -19.26 18.41
N GLY B 795 19.07 -20.22 19.30
CA GLY B 795 19.46 -21.58 19.03
C GLY B 795 20.88 -22.00 19.41
N ILE B 796 21.56 -21.20 20.22
CA ILE B 796 22.91 -21.56 20.63
C ILE B 796 22.78 -22.59 21.77
N ASP B 797 23.28 -23.80 21.54
CA ASP B 797 23.19 -24.87 22.55
C ASP B 797 24.46 -25.71 22.68
N SER B 798 25.58 -25.17 22.25
CA SER B 798 26.85 -25.89 22.33
C SER B 798 28.00 -24.99 21.90
N ALA B 799 29.23 -25.43 22.19
CA ALA B 799 30.41 -24.66 21.80
C ALA B 799 30.43 -24.59 20.28
N GLU B 800 30.13 -25.73 19.67
CA GLU B 800 30.12 -25.88 18.23
C GLU B 800 29.16 -24.87 17.57
N SER B 801 27.91 -24.84 18.01
CA SER B 801 26.97 -23.89 17.42
C SER B 801 27.36 -22.47 17.79
N GLY B 802 27.92 -22.29 18.98
CA GLY B 802 28.37 -20.97 19.37
C GLY B 802 29.46 -20.48 18.43
N LEU B 803 30.40 -21.37 18.08
CA LEU B 803 31.49 -21.01 17.18
C LEU B 803 30.94 -20.56 15.82
N GLN B 804 29.83 -21.17 15.42
CA GLN B 804 29.20 -20.80 14.15
C GLN B 804 28.78 -19.33 14.17
N PHE B 805 28.25 -18.86 15.30
CA PHE B 805 27.84 -17.46 15.38
C PHE B 805 29.04 -16.53 15.45
N LEU B 806 30.13 -16.99 16.08
CA LEU B 806 31.35 -16.18 16.17
C LEU B 806 31.88 -16.03 14.74
N HIS B 807 31.97 -17.14 14.02
CA HIS B 807 32.43 -17.13 12.63
C HIS B 807 31.54 -16.24 11.78
N SER B 808 30.27 -16.14 12.17
CA SER B 808 29.31 -15.32 11.45
C SER B 808 29.40 -13.82 11.75
N GLY B 809 30.23 -13.43 12.72
CA GLY B 809 30.35 -12.02 13.02
C GLY B 809 30.01 -11.58 14.43
N ALA B 810 29.46 -12.48 15.24
CA ALA B 810 29.12 -12.13 16.62
C ALA B 810 30.38 -12.18 17.50
N SER B 811 30.37 -11.44 18.60
CA SER B 811 31.49 -11.42 19.54
C SER B 811 31.14 -12.21 20.80
N VAL B 812 29.89 -12.12 21.24
CA VAL B 812 29.44 -12.84 22.42
C VAL B 812 28.18 -13.62 22.09
N LEU B 813 27.87 -14.63 22.92
CA LEU B 813 26.75 -15.52 22.66
C LEU B 813 25.76 -15.63 23.82
N GLN B 814 24.52 -15.25 23.56
CA GLN B 814 23.47 -15.31 24.58
C GLN B 814 22.72 -16.64 24.45
N VAL B 815 22.34 -17.20 25.59
CA VAL B 815 21.66 -18.48 25.60
C VAL B 815 20.41 -18.50 26.49
N CYS B 816 19.35 -19.14 26.01
CA CYS B 816 18.14 -19.29 26.79
C CYS B 816 17.59 -20.72 26.73
N SER B 817 17.04 -21.08 25.58
CA SER B 817 16.43 -22.40 25.41
C SER B 817 17.31 -23.60 25.80
N ALA B 818 18.61 -23.51 25.54
CA ALA B 818 19.51 -24.60 25.89
C ALA B 818 19.52 -24.81 27.41
N VAL B 819 19.35 -23.73 28.15
CA VAL B 819 19.32 -23.83 29.61
C VAL B 819 17.95 -24.35 30.07
N GLN B 820 16.88 -23.90 29.40
CA GLN B 820 15.52 -24.35 29.73
C GLN B 820 15.44 -25.85 29.50
N ASN B 821 16.23 -26.33 28.55
CA ASN B 821 16.27 -27.76 28.23
C ASN B 821 17.17 -28.52 29.22
N GLN B 822 17.99 -27.79 29.96
CA GLN B 822 18.90 -28.44 30.90
C GLN B 822 19.07 -27.66 32.22
N ASP B 823 20.22 -27.03 32.39
CA ASP B 823 20.51 -26.27 33.60
C ASP B 823 21.77 -25.44 33.38
N PHE B 824 22.16 -24.67 34.39
CA PHE B 824 23.31 -23.80 34.28
C PHE B 824 24.68 -24.48 34.06
N THR B 825 24.82 -25.75 34.44
CA THR B 825 26.10 -26.42 34.29
C THR B 825 26.57 -26.57 32.85
N VAL B 826 25.70 -26.37 31.87
CA VAL B 826 26.11 -26.50 30.48
C VAL B 826 27.28 -25.58 30.16
N ILE B 827 27.46 -24.52 30.97
CA ILE B 827 28.55 -23.59 30.74
C ILE B 827 29.90 -24.32 30.76
N GLN B 828 30.02 -25.33 31.61
CA GLN B 828 31.25 -26.12 31.70
C GLN B 828 31.50 -26.81 30.36
N ASP B 829 30.42 -27.32 29.76
CA ASP B 829 30.51 -27.97 28.46
C ASP B 829 30.86 -26.98 27.34
N TYR B 830 30.23 -25.82 27.35
CA TYR B 830 30.50 -24.81 26.33
C TYR B 830 31.94 -24.30 26.39
N CYS B 831 32.45 -24.09 27.59
CA CYS B 831 33.82 -23.59 27.72
C CYS B 831 34.88 -24.63 27.32
N THR B 832 34.76 -25.86 27.81
CA THR B 832 35.75 -26.87 27.45
C THR B 832 35.64 -27.18 25.96
N GLY B 833 34.41 -27.08 25.44
CA GLY B 833 34.18 -27.36 24.03
C GLY B 833 34.80 -26.32 23.13
N LEU B 834 34.64 -25.04 23.48
CA LEU B 834 35.20 -23.98 22.66
C LEU B 834 36.73 -24.03 22.73
N LYS B 835 37.27 -24.30 23.92
CA LYS B 835 38.72 -24.39 24.06
C LYS B 835 39.27 -25.49 23.16
N ALA B 836 38.60 -26.65 23.14
CA ALA B 836 39.04 -27.77 22.34
C ALA B 836 38.99 -27.44 20.84
N LEU B 837 37.91 -26.80 20.41
CA LEU B 837 37.76 -26.44 19.01
C LEU B 837 38.88 -25.49 18.54
N LEU B 838 39.26 -24.53 19.39
CA LEU B 838 40.32 -23.61 19.01
C LEU B 838 41.67 -24.30 19.05
N TYR B 839 41.86 -25.18 20.04
CA TYR B 839 43.11 -25.91 20.20
C TYR B 839 43.38 -26.79 18.99
N LEU B 840 42.37 -27.55 18.58
CA LEU B 840 42.49 -28.46 17.45
C LEU B 840 42.84 -27.76 16.14
N LYS B 841 42.54 -26.47 16.04
CA LYS B 841 42.86 -25.72 14.82
C LYS B 841 44.37 -25.55 14.64
N SER B 842 45.15 -25.85 15.67
CA SER B 842 46.60 -25.71 15.59
C SER B 842 47.28 -27.06 15.38
N ILE B 843 46.51 -28.14 15.37
CA ILE B 843 47.07 -29.47 15.18
C ILE B 843 47.01 -29.89 13.72
N GLU B 844 48.16 -29.87 13.08
CA GLU B 844 48.28 -30.21 11.67
C GLU B 844 47.82 -31.60 11.28
N GLU B 845 48.09 -32.60 12.12
CA GLU B 845 47.68 -33.97 11.79
C GLU B 845 46.19 -34.29 11.94
N LEU B 846 45.42 -33.32 12.42
CA LEU B 846 43.98 -33.53 12.61
C LEU B 846 43.14 -32.59 11.73
N GLN B 847 43.70 -32.17 10.60
CA GLN B 847 43.01 -31.27 9.71
C GLN B 847 41.87 -31.92 8.93
N GLY B 848 41.87 -33.26 8.87
CA GLY B 848 40.81 -33.96 8.17
C GLY B 848 39.55 -34.07 9.03
N TRP B 849 39.67 -33.65 10.29
CA TRP B 849 38.55 -33.69 11.22
C TRP B 849 37.65 -32.47 11.06
N ASP B 850 36.37 -32.63 11.39
CA ASP B 850 35.44 -31.52 11.36
C ASP B 850 35.23 -31.20 12.84
N GLY B 851 35.96 -30.22 13.34
CA GLY B 851 35.86 -29.87 14.75
C GLY B 851 36.42 -31.02 15.55
N GLN B 852 35.65 -31.51 16.51
CA GLN B 852 36.08 -32.62 17.36
C GLN B 852 35.70 -33.97 16.76
N SER B 853 35.12 -33.95 15.56
CA SER B 853 34.72 -35.19 14.90
C SER B 853 35.75 -35.72 13.91
N PRO B 854 36.26 -36.94 14.15
CA PRO B 854 37.25 -37.54 13.25
C PRO B 854 36.59 -37.79 11.89
N GLY B 855 37.38 -37.94 10.84
CA GLY B 855 36.80 -38.22 9.54
C GLY B 855 36.13 -39.57 9.66
N THR B 856 34.91 -39.70 9.15
CA THR B 856 34.17 -40.96 9.26
C THR B 856 34.82 -42.09 8.44
N GLU B 857 35.09 -43.21 9.10
CA GLU B 857 35.68 -44.38 8.44
C GLU B 857 34.57 -45.37 8.12
N SER B 858 34.73 -46.13 7.02
CA SER B 858 33.72 -47.12 6.64
C SER B 858 33.46 -48.07 7.81
N HIS B 859 32.20 -48.21 8.17
CA HIS B 859 31.83 -49.06 9.29
C HIS B 859 30.43 -49.65 9.16
N GLN B 860 30.11 -50.52 10.11
CA GLN B 860 28.81 -51.16 10.25
C GLN B 860 28.67 -51.25 11.76
N LYS B 861 27.61 -50.65 12.30
CA LYS B 861 27.38 -50.67 13.74
C LYS B 861 28.52 -50.00 14.50
N GLY B 862 29.17 -49.04 13.85
CA GLY B 862 30.27 -48.34 14.49
C GLY B 862 31.60 -49.08 14.46
N LYS B 863 31.60 -50.33 14.02
CA LYS B 863 32.83 -51.10 13.95
C LYS B 863 33.42 -51.02 12.54
N PRO B 864 34.68 -50.57 12.43
CA PRO B 864 35.35 -50.45 11.13
C PRO B 864 35.26 -51.70 10.27
N VAL B 865 34.92 -51.50 9.00
CA VAL B 865 34.80 -52.60 8.04
C VAL B 865 36.16 -53.19 7.69
N PRO B 866 36.26 -54.52 7.63
CA PRO B 866 37.51 -55.20 7.30
C PRO B 866 38.00 -54.80 5.90
N ARG B 867 39.28 -54.51 5.78
CA ARG B 867 39.84 -54.14 4.49
C ARG B 867 40.44 -55.34 3.77
N ILE B 868 39.65 -56.39 3.60
CA ILE B 868 40.11 -57.59 2.91
C ILE B 868 39.85 -57.44 1.42
N ALA B 869 40.87 -57.75 0.62
CA ALA B 869 40.75 -57.65 -0.83
C ALA B 869 39.59 -58.47 -1.37
N GLU B 870 39.44 -59.68 -0.87
CA GLU B 870 38.38 -60.58 -1.30
C GLU B 870 36.97 -60.10 -0.93
N LEU B 871 36.88 -58.92 -0.31
CA LEU B 871 35.59 -58.37 0.09
C LEU B 871 35.22 -57.08 -0.64
N MET B 872 36.23 -56.25 -0.92
CA MET B 872 36.02 -54.98 -1.58
C MET B 872 35.42 -55.12 -2.99
N GLY B 873 34.36 -54.36 -3.24
CA GLY B 873 33.71 -54.39 -4.54
C GLY B 873 33.12 -55.74 -4.92
N LYS B 874 32.53 -56.43 -3.96
CA LYS B 874 31.94 -57.73 -4.23
C LYS B 874 30.42 -57.71 -4.15
N LYS B 875 29.86 -56.55 -3.79
CA LYS B 875 28.42 -56.40 -3.67
C LYS B 875 27.87 -57.44 -2.69
N LEU B 876 28.49 -57.50 -1.51
CA LEU B 876 28.04 -58.43 -0.48
C LEU B 876 27.44 -57.67 0.68
N PRO B 877 26.12 -57.40 0.64
CA PRO B 877 25.47 -56.67 1.72
C PRO B 877 25.53 -57.51 3.01
N ASN B 878 25.25 -56.88 4.14
CA ASN B 878 25.31 -57.55 5.43
C ASN B 878 24.04 -58.29 5.86
N PHE B 879 23.55 -59.17 5.00
CA PHE B 879 22.36 -59.94 5.33
C PHE B 879 22.24 -61.18 4.45
N GLY B 880 21.37 -62.10 4.88
CA GLY B 880 21.13 -63.32 4.12
C GLY B 880 22.37 -64.10 3.70
N PRO B 881 22.31 -64.77 2.54
CA PRO B 881 23.45 -65.55 2.04
C PRO B 881 24.71 -64.71 1.85
N TYR B 882 24.53 -63.42 1.60
CA TYR B 882 25.68 -62.53 1.41
C TYR B 882 26.46 -62.40 2.71
N LEU B 883 25.74 -62.33 3.83
CA LEU B 883 26.37 -62.21 5.13
C LEU B 883 27.18 -63.47 5.41
N GLU B 884 26.62 -64.62 5.04
CA GLU B 884 27.27 -65.92 5.22
C GLU B 884 28.60 -65.93 4.45
N GLN B 885 28.60 -65.38 3.24
CA GLN B 885 29.82 -65.32 2.43
C GLN B 885 30.86 -64.41 3.05
N ARG B 886 30.42 -63.25 3.56
CA ARG B 886 31.35 -62.30 4.18
C ARG B 886 32.06 -62.96 5.35
N LYS B 887 31.31 -63.67 6.18
CA LYS B 887 31.87 -64.35 7.35
C LYS B 887 32.89 -65.41 6.95
N LYS B 888 32.56 -66.16 5.90
CA LYS B 888 33.45 -67.20 5.40
C LYS B 888 34.76 -66.56 4.95
N ILE B 889 34.68 -65.45 4.22
CA ILE B 889 35.87 -64.74 3.74
C ILE B 889 36.68 -64.16 4.90
N ILE B 890 36.00 -63.65 5.92
CA ILE B 890 36.66 -63.08 7.08
C ILE B 890 37.40 -64.15 7.89
N ALA B 891 36.77 -65.31 8.07
CA ALA B 891 37.39 -66.41 8.81
C ALA B 891 38.63 -66.89 8.06
N GLU B 892 38.51 -66.96 6.75
CA GLU B 892 39.59 -67.40 5.88
C GLU B 892 40.78 -66.45 6.05
N GLU B 893 40.50 -65.16 6.10
CA GLU B 893 41.53 -64.14 6.27
C GLU B 893 42.24 -64.28 7.62
N LYS B 894 41.48 -64.64 8.66
CA LYS B 894 42.06 -64.81 9.98
C LYS B 894 43.04 -65.98 9.98
N MET B 895 42.69 -67.06 9.28
CA MET B 895 43.55 -68.23 9.19
C MET B 895 44.80 -67.90 8.40
N ARG B 896 44.65 -67.07 7.37
CA ARG B 896 45.78 -66.66 6.54
C ARG B 896 46.76 -65.81 7.35
N LEU B 897 46.21 -64.91 8.16
CA LEU B 897 47.04 -64.03 8.99
C LEU B 897 47.76 -64.85 10.05
N LYS B 898 47.17 -65.98 10.42
CA LYS B 898 47.76 -66.88 11.41
C LYS B 898 49.01 -67.50 10.81
N GLU B 899 49.03 -67.55 9.48
CA GLU B 899 50.14 -68.12 8.73
C GLU B 899 51.30 -67.17 8.54
N GLN B 900 51.08 -65.86 8.68
CA GLN B 900 52.19 -64.95 8.51
C GLN B 900 53.02 -64.79 9.76
N GLU B 908 54.18 -46.67 18.74
CA GLU B 908 54.66 -45.77 19.77
C GLU B 908 53.77 -44.56 19.85
N ARG B 909 53.19 -44.32 21.01
CA ARG B 909 52.26 -43.22 21.13
C ARG B 909 53.00 -41.91 21.37
N LYS B 910 52.77 -40.93 20.51
CA LYS B 910 53.40 -39.62 20.61
C LYS B 910 52.33 -38.53 20.57
N PRO B 911 52.43 -37.53 21.45
CA PRO B 911 51.43 -36.46 21.45
C PRO B 911 51.63 -35.47 20.30
N PHE B 912 50.53 -34.96 19.77
CA PHE B 912 50.59 -34.00 18.69
C PHE B 912 50.93 -32.65 19.31
N ILE B 913 51.75 -31.88 18.63
CA ILE B 913 52.17 -30.58 19.13
C ILE B 913 51.65 -29.46 18.24
N PRO B 914 51.07 -28.41 18.86
CA PRO B 914 50.55 -27.28 18.07
C PRO B 914 51.66 -26.73 17.19
N LYS B 915 51.48 -26.78 15.88
CA LYS B 915 52.49 -26.28 14.96
C LYS B 915 52.14 -24.89 14.47
N LYS B 916 51.31 -24.20 15.25
CA LYS B 916 50.86 -22.86 14.90
C LYS B 916 50.13 -22.28 16.12
N PRO B 917 50.13 -20.96 16.27
CA PRO B 917 49.46 -20.34 17.41
C PRO B 917 47.98 -20.68 17.53
N ILE B 918 47.52 -20.90 18.76
CA ILE B 918 46.12 -21.21 19.00
C ILE B 918 45.37 -19.91 18.76
N PRO B 919 44.38 -19.93 17.88
CA PRO B 919 43.63 -18.68 17.65
C PRO B 919 42.84 -18.21 18.87
N ALA B 920 42.69 -16.90 18.98
CA ALA B 920 41.93 -16.29 20.07
C ALA B 920 40.55 -16.00 19.48
N ILE B 921 39.55 -15.80 20.32
CA ILE B 921 38.22 -15.50 19.81
C ILE B 921 38.27 -14.40 18.77
N LYS B 922 39.03 -13.34 19.05
CA LYS B 922 39.13 -12.22 18.12
C LYS B 922 39.65 -12.65 16.74
N ASP B 923 40.39 -13.77 16.69
CA ASP B 923 40.92 -14.23 15.41
C ASP B 923 39.91 -15.03 14.58
N VAL B 924 38.84 -15.51 15.19
CA VAL B 924 37.86 -16.29 14.44
C VAL B 924 36.58 -15.53 14.08
N ILE B 925 36.33 -14.42 14.77
CA ILE B 925 35.12 -13.63 14.52
C ILE B 925 35.04 -13.17 13.07
N GLY B 926 33.93 -13.51 12.41
CA GLY B 926 33.70 -13.11 11.04
C GLY B 926 34.43 -13.88 9.94
N LYS B 927 35.19 -14.90 10.31
CA LYS B 927 35.94 -15.66 9.30
C LYS B 927 35.10 -16.44 8.31
N ALA B 928 33.80 -16.56 8.56
CA ALA B 928 32.92 -17.30 7.65
C ALA B 928 32.34 -16.39 6.58
N LEU B 929 32.30 -15.09 6.87
CA LEU B 929 31.74 -14.12 5.93
C LEU B 929 32.36 -14.18 4.53
N GLN B 930 33.63 -14.57 4.43
CA GLN B 930 34.27 -14.65 3.13
C GLN B 930 33.59 -15.63 2.17
N TYR B 931 32.90 -16.63 2.71
CA TYR B 931 32.23 -17.64 1.89
C TYR B 931 30.83 -17.25 1.45
N LEU B 932 30.29 -16.21 2.09
CA LEU B 932 28.94 -15.75 1.78
C LEU B 932 28.90 -14.74 0.65
N GLY B 933 27.85 -14.83 -0.17
CA GLY B 933 27.71 -13.91 -1.28
C GLY B 933 26.36 -14.04 -1.94
N THR B 934 26.25 -13.50 -3.14
CA THR B 934 25.01 -13.56 -3.90
C THR B 934 24.96 -14.93 -4.59
N PHE B 935 23.79 -15.26 -5.14
CA PHE B 935 23.62 -16.52 -5.86
C PHE B 935 24.49 -16.52 -7.11
N GLY B 936 24.61 -15.34 -7.73
CA GLY B 936 25.41 -15.19 -8.93
C GLY B 936 26.88 -15.46 -8.74
N GLU B 937 27.37 -15.29 -7.51
CA GLU B 937 28.77 -15.52 -7.21
C GLU B 937 29.07 -17.00 -7.02
N LEU B 938 28.03 -17.83 -7.10
CA LEU B 938 28.20 -19.28 -6.97
C LEU B 938 28.46 -19.85 -8.35
N SER B 939 29.37 -20.81 -8.44
CA SER B 939 29.71 -21.42 -9.72
C SER B 939 28.71 -22.49 -10.17
N ASN B 940 28.22 -22.38 -11.41
CA ASN B 940 27.29 -23.40 -11.91
C ASN B 940 27.99 -24.37 -12.85
N ILE B 941 29.32 -24.28 -12.93
CA ILE B 941 30.08 -25.20 -13.77
C ILE B 941 30.76 -26.25 -12.90
N GLU B 942 30.97 -25.91 -11.64
CA GLU B 942 31.58 -26.85 -10.68
C GLU B 942 30.45 -27.66 -10.04
N GLN B 943 29.87 -28.56 -10.82
CA GLN B 943 28.78 -29.40 -10.34
C GLN B 943 29.31 -30.64 -9.63
N VAL B 944 28.43 -31.28 -8.86
CA VAL B 944 28.79 -32.49 -8.14
C VAL B 944 27.73 -33.57 -8.35
N VAL B 945 28.09 -34.79 -7.99
CA VAL B 945 27.16 -35.91 -8.07
C VAL B 945 27.35 -36.71 -6.79
N ALA B 946 26.37 -37.51 -6.45
CA ALA B 946 26.41 -38.31 -5.25
C ALA B 946 27.11 -39.65 -5.50
N VAL B 947 27.92 -40.08 -4.53
CA VAL B 947 28.63 -41.36 -4.61
C VAL B 947 28.41 -42.06 -3.28
N ILE B 948 27.98 -43.32 -3.38
CA ILE B 948 27.66 -44.12 -2.22
C ILE B 948 28.70 -45.16 -1.83
N ASP B 949 29.04 -45.19 -0.54
CA ASP B 949 30.00 -46.19 -0.03
C ASP B 949 29.17 -47.41 0.34
N GLU B 950 29.18 -48.42 -0.52
CA GLU B 950 28.41 -49.65 -0.30
C GLU B 950 28.72 -50.37 1.01
N GLU B 951 29.91 -50.14 1.56
CA GLU B 951 30.29 -50.81 2.81
C GLU B 951 29.61 -50.21 4.04
N MET B 952 29.13 -48.97 3.92
CA MET B 952 28.49 -48.29 5.05
C MET B 952 26.96 -48.32 4.97
N CYS B 953 26.46 -48.60 3.78
CA CYS B 953 25.01 -48.64 3.51
C CYS B 953 24.22 -49.67 4.33
N ILE B 954 23.03 -49.31 4.79
CA ILE B 954 22.22 -50.27 5.52
C ILE B 954 20.98 -50.69 4.74
N ASN B 955 21.05 -50.50 3.43
CA ASN B 955 20.04 -50.95 2.48
C ASN B 955 18.57 -50.50 2.64
N CYS B 956 18.34 -49.35 3.25
CA CYS B 956 16.98 -48.88 3.47
C CYS B 956 16.27 -48.35 2.24
N GLY B 957 17.03 -47.87 1.27
CA GLY B 957 16.44 -47.34 0.05
C GLY B 957 15.88 -45.92 0.14
N LYS B 958 16.25 -45.17 1.17
CA LYS B 958 15.75 -43.81 1.31
C LYS B 958 16.32 -42.89 0.23
N CYS B 959 17.58 -43.11 -0.14
CA CYS B 959 18.20 -42.28 -1.18
C CYS B 959 17.40 -42.49 -2.46
N TYR B 960 17.05 -43.74 -2.72
CA TYR B 960 16.28 -44.16 -3.88
C TYR B 960 14.88 -43.50 -3.90
N MET B 961 14.15 -43.60 -2.80
CA MET B 961 12.81 -43.01 -2.73
C MET B 961 12.82 -41.48 -2.85
N THR B 962 13.81 -40.82 -2.26
CA THR B 962 13.87 -39.37 -2.34
C THR B 962 14.16 -38.94 -3.77
N CYS B 963 15.07 -39.64 -4.44
CA CYS B 963 15.40 -39.26 -5.81
C CYS B 963 14.24 -39.60 -6.74
N ASN B 964 13.44 -40.61 -6.38
CA ASN B 964 12.31 -41.01 -7.21
C ASN B 964 11.12 -40.04 -7.14
N ASP B 965 10.70 -39.69 -5.94
CA ASP B 965 9.54 -38.82 -5.80
C ASP B 965 9.89 -37.37 -5.48
N SER B 966 11.17 -37.06 -5.34
CA SER B 966 11.60 -35.69 -5.07
C SER B 966 12.86 -35.33 -5.86
N GLY B 967 13.26 -36.19 -6.79
CA GLY B 967 14.47 -35.90 -7.53
C GLY B 967 14.49 -36.19 -9.03
N TYR B 968 15.49 -36.96 -9.45
CA TYR B 968 15.66 -37.25 -10.87
C TYR B 968 15.67 -38.72 -11.29
N GLN B 969 15.12 -39.60 -10.44
CA GLN B 969 15.06 -41.02 -10.74
C GLN B 969 16.43 -41.50 -11.24
N ALA B 970 17.48 -41.06 -10.56
CA ALA B 970 18.86 -41.37 -10.95
C ALA B 970 19.52 -42.53 -10.21
N ILE B 971 18.81 -43.13 -9.27
CA ILE B 971 19.38 -44.22 -8.50
C ILE B 971 18.80 -45.60 -8.79
N GLN B 972 19.68 -46.57 -8.98
CA GLN B 972 19.26 -47.94 -9.21
C GLN B 972 19.31 -48.62 -7.85
N PHE B 973 18.25 -49.33 -7.48
CA PHE B 973 18.17 -50.03 -6.21
C PHE B 973 18.06 -51.52 -6.54
N ASP B 974 19.13 -52.27 -6.31
CA ASP B 974 19.13 -53.70 -6.63
C ASP B 974 18.09 -54.48 -5.84
N PRO B 975 17.25 -55.24 -6.55
CA PRO B 975 16.20 -56.04 -5.93
C PRO B 975 16.67 -57.25 -5.11
N GLU B 976 17.93 -57.65 -5.28
CA GLU B 976 18.46 -58.80 -4.54
C GLU B 976 19.35 -58.38 -3.37
N THR B 977 20.22 -57.41 -3.60
CA THR B 977 21.14 -56.94 -2.57
C THR B 977 20.68 -55.70 -1.82
N HIS B 978 19.69 -55.00 -2.37
CA HIS B 978 19.19 -53.77 -1.78
C HIS B 978 20.32 -52.75 -1.62
N LEU B 979 21.19 -52.72 -2.62
CA LEU B 979 22.30 -51.78 -2.64
C LEU B 979 22.00 -50.73 -3.70
N PRO B 980 22.17 -49.45 -3.36
CA PRO B 980 21.89 -48.39 -4.32
C PRO B 980 23.12 -48.02 -5.15
N THR B 981 22.88 -47.57 -6.37
CA THR B 981 23.94 -47.14 -7.26
C THR B 981 23.50 -45.85 -7.95
N VAL B 982 24.24 -44.77 -7.72
CA VAL B 982 23.92 -43.49 -8.33
C VAL B 982 24.37 -43.54 -9.80
N THR B 983 23.45 -43.30 -10.73
CA THR B 983 23.80 -43.33 -12.15
C THR B 983 24.20 -41.94 -12.62
N ASP B 984 24.57 -41.81 -13.89
CA ASP B 984 25.01 -40.49 -14.32
C ASP B 984 23.93 -39.46 -14.66
N THR B 985 22.67 -39.80 -14.40
CA THR B 985 21.59 -38.85 -14.63
C THR B 985 21.47 -37.97 -13.37
N CYS B 986 22.35 -38.22 -12.41
CA CYS B 986 22.38 -37.47 -11.16
C CYS B 986 22.65 -35.99 -11.44
N THR B 987 21.97 -35.09 -10.73
CA THR B 987 22.16 -33.65 -10.92
C THR B 987 22.86 -33.03 -9.72
N GLY B 988 23.14 -33.82 -8.70
CA GLY B 988 23.80 -33.31 -7.51
C GLY B 988 22.92 -32.44 -6.60
N CYS B 989 21.61 -32.61 -6.68
CA CYS B 989 20.71 -31.80 -5.87
C CYS B 989 21.06 -31.99 -4.39
N THR B 990 21.56 -33.18 -4.06
CA THR B 990 22.01 -33.54 -2.72
C THR B 990 20.94 -34.02 -1.73
N LEU B 991 19.72 -34.25 -2.21
CA LEU B 991 18.65 -34.73 -1.32
C LEU B 991 18.94 -36.11 -0.73
N CYS B 992 19.48 -37.03 -1.56
CA CYS B 992 19.77 -38.38 -1.08
C CYS B 992 20.74 -38.36 0.12
N LEU B 993 21.79 -37.56 0.03
CA LEU B 993 22.76 -37.46 1.11
C LEU B 993 22.08 -36.87 2.35
N SER B 994 21.13 -35.97 2.11
CA SER B 994 20.41 -35.31 3.19
C SER B 994 19.45 -36.18 3.99
N VAL B 995 18.96 -37.27 3.38
CA VAL B 995 18.04 -38.17 4.08
C VAL B 995 18.68 -39.48 4.51
N CYS B 996 19.92 -39.72 4.11
CA CYS B 996 20.62 -40.96 4.46
C CYS B 996 20.80 -41.06 5.96
N PRO B 997 20.43 -42.21 6.56
CA PRO B 997 20.57 -42.41 8.01
C PRO B 997 22.02 -42.61 8.48
N ILE B 998 22.91 -42.97 7.57
CA ILE B 998 24.32 -43.20 7.91
C ILE B 998 25.17 -41.98 7.56
N ILE B 999 25.76 -41.37 8.57
CA ILE B 999 26.59 -40.20 8.37
C ILE B 999 27.77 -40.52 7.44
N ASP B 1000 27.89 -39.72 6.38
CA ASP B 1000 28.96 -39.85 5.40
C ASP B 1000 28.95 -41.11 4.52
N CYS B 1001 27.84 -41.84 4.52
CA CYS B 1001 27.75 -43.02 3.66
C CYS B 1001 27.75 -42.48 2.24
N ILE B 1002 27.03 -41.38 2.05
CA ILE B 1002 26.94 -40.73 0.76
C ILE B 1002 27.74 -39.44 0.81
N ARG B 1003 28.52 -39.18 -0.23
CA ARG B 1003 29.31 -37.97 -0.31
C ARG B 1003 29.13 -37.35 -1.68
N MET B 1004 29.27 -36.03 -1.76
CA MET B 1004 29.16 -35.33 -3.03
C MET B 1004 30.57 -35.13 -3.58
N VAL B 1005 30.81 -35.58 -4.81
CA VAL B 1005 32.13 -35.43 -5.43
C VAL B 1005 32.00 -34.69 -6.76
N SER B 1006 33.09 -34.05 -7.18
CA SER B 1006 33.08 -33.31 -8.43
C SER B 1006 32.66 -34.19 -9.59
N ARG B 1007 31.80 -33.64 -10.44
CA ARG B 1007 31.31 -34.35 -11.61
C ARG B 1007 32.46 -34.44 -12.62
N THR B 1008 32.68 -35.60 -13.21
CA THR B 1008 33.73 -35.73 -14.22
C THR B 1008 33.17 -35.67 -15.63
N THR B 1009 31.86 -35.87 -15.75
CA THR B 1009 31.20 -35.80 -17.05
C THR B 1009 30.63 -34.40 -17.24
N PRO B 1010 30.46 -33.96 -18.50
CA PRO B 1010 29.92 -32.63 -18.74
C PRO B 1010 28.47 -32.52 -18.26
N TYR B 1011 28.19 -31.49 -17.46
CA TYR B 1011 26.84 -31.31 -16.95
C TYR B 1011 25.96 -30.60 -17.96
N GLU B 1012 24.74 -31.09 -18.12
CA GLU B 1012 23.78 -30.50 -19.04
C GLU B 1012 22.40 -30.52 -18.42
N PRO B 1013 21.82 -29.34 -18.15
CA PRO B 1013 20.49 -29.21 -17.55
C PRO B 1013 19.42 -29.83 -18.44
N LYS B 1014 18.45 -30.50 -17.82
CA LYS B 1014 17.35 -31.11 -18.56
C LYS B 1014 16.27 -30.07 -18.77
N ARG B 1015 16.03 -29.70 -20.03
CA ARG B 1015 15.02 -28.70 -20.35
C ARG B 1015 13.64 -29.27 -20.62
N GLY B 1016 13.54 -30.60 -20.75
CA GLY B 1016 12.25 -31.22 -21.03
C GLY B 1016 11.98 -31.15 -22.52
N LEU B 1017 12.06 -29.94 -23.06
CA LEU B 1017 11.87 -29.67 -24.47
C LEU B 1017 12.92 -28.65 -24.88
N PRO B 1018 13.55 -28.84 -26.05
CA PRO B 1018 14.58 -27.94 -26.56
C PRO B 1018 14.14 -26.48 -26.59
N LEU B 1019 15.11 -25.56 -26.57
CA LEU B 1019 14.81 -24.13 -26.62
C LEU B 1019 14.90 -23.64 -28.07
N ALA B 1020 14.23 -22.53 -28.35
CA ALA B 1020 14.23 -21.96 -29.69
C ALA B 1020 15.22 -20.80 -29.78
N ALA C 2 1.62 86.28 6.85
CA ALA C 2 1.32 85.59 5.56
C ALA C 2 1.09 84.10 5.80
N PRO C 3 0.31 83.43 4.92
CA PRO C 3 0.10 81.99 5.15
C PRO C 3 0.93 81.14 4.18
N VAL C 4 1.12 79.87 4.53
CA VAL C 4 1.86 78.97 3.65
C VAL C 4 0.87 78.57 2.55
N LEU C 5 1.00 79.21 1.40
CA LEU C 5 0.12 78.99 0.26
C LEU C 5 0.13 77.58 -0.33
N SER C 6 1.31 76.95 -0.39
CA SER C 6 1.41 75.61 -0.96
C SER C 6 1.02 74.50 0.00
N LYS C 7 0.29 74.86 1.05
CA LYS C 7 -0.13 73.87 2.05
C LYS C 7 -1.65 73.88 2.24
N ASP C 8 -2.23 72.70 2.48
CA ASP C 8 -3.67 72.60 2.69
C ASP C 8 -4.00 73.04 4.11
N VAL C 9 -5.04 73.85 4.26
CA VAL C 9 -5.47 74.26 5.60
C VAL C 9 -6.18 73.05 6.22
N ALA C 10 -6.36 73.08 7.53
CA ALA C 10 -7.02 71.98 8.25
C ALA C 10 -8.26 71.41 7.57
N ASP C 11 -9.15 72.29 7.13
CA ASP C 11 -10.38 71.86 6.48
C ASP C 11 -10.18 71.01 5.23
N ILE C 12 -9.21 71.41 4.39
CA ILE C 12 -8.95 70.67 3.17
C ILE C 12 -8.28 69.36 3.51
N GLU C 13 -7.36 69.41 4.47
CA GLU C 13 -6.65 68.23 4.92
C GLU C 13 -7.69 67.21 5.35
N SER C 14 -8.73 67.71 6.01
CA SER C 14 -9.82 66.87 6.50
C SER C 14 -10.64 66.28 5.35
N ILE C 15 -10.94 67.09 4.34
CA ILE C 15 -11.72 66.60 3.22
C ILE C 15 -10.92 65.57 2.42
N LEU C 16 -9.59 65.66 2.51
CA LEU C 16 -8.71 64.72 1.80
C LEU C 16 -8.38 63.47 2.60
N ALA C 17 -9.00 63.32 3.76
CA ALA C 17 -8.74 62.17 4.63
C ALA C 17 -8.73 60.80 3.93
N LEU C 18 -9.70 60.58 3.04
CA LEU C 18 -9.79 59.31 2.33
C LEU C 18 -9.13 59.28 0.96
N ASN C 19 -8.42 60.34 0.61
CA ASN C 19 -7.74 60.43 -0.69
C ASN C 19 -6.58 59.41 -0.67
N PRO C 20 -6.44 58.63 -1.77
CA PRO C 20 -5.35 57.63 -1.83
C PRO C 20 -3.95 58.18 -1.68
N ARG C 21 -3.16 57.48 -0.89
CA ARG C 21 -1.76 57.83 -0.63
C ARG C 21 -1.04 56.50 -0.48
N THR C 22 0.10 56.34 -1.16
CA THR C 22 0.82 55.09 -1.07
C THR C 22 1.44 54.91 0.30
N GLN C 23 1.27 53.72 0.88
CA GLN C 23 1.82 53.42 2.19
C GLN C 23 3.32 53.17 2.12
N SER C 24 4.01 53.50 3.21
CA SER C 24 5.45 53.32 3.28
C SER C 24 5.79 52.04 4.05
N HIS C 25 4.78 51.44 4.67
CA HIS C 25 4.95 50.20 5.43
C HIS C 25 3.76 49.27 5.22
N ALA C 26 3.92 48.01 5.62
CA ALA C 26 2.84 47.05 5.49
C ALA C 26 1.79 47.46 6.52
N ALA C 27 0.53 47.12 6.25
CA ALA C 27 -0.56 47.48 7.15
C ALA C 27 -0.59 46.53 8.34
N LEU C 28 -1.32 46.93 9.39
CA LEU C 28 -1.44 46.10 10.58
C LEU C 28 -2.88 46.15 11.09
N HIS C 29 -3.60 45.06 10.89
CA HIS C 29 -4.99 44.95 11.34
C HIS C 29 -5.19 43.50 11.76
N SER C 30 -5.57 43.31 13.02
CA SER C 30 -5.77 41.96 13.53
C SER C 30 -6.86 41.23 12.77
N THR C 31 -6.80 39.91 12.82
CA THR C 31 -7.80 39.08 12.15
C THR C 31 -9.18 39.31 12.75
N LEU C 32 -9.23 39.61 14.04
CA LEU C 32 -10.50 39.87 14.70
C LEU C 32 -11.09 41.18 14.19
N ALA C 33 -10.25 42.21 14.09
CA ALA C 33 -10.68 43.52 13.62
C ALA C 33 -11.28 43.38 12.21
N LYS C 34 -10.60 42.62 11.36
CA LYS C 34 -11.06 42.39 10.00
C LYS C 34 -12.41 41.70 9.94
N LYS C 35 -12.60 40.67 10.77
CA LYS C 35 -13.86 39.94 10.80
C LYS C 35 -15.02 40.87 11.18
N LEU C 36 -14.76 41.78 12.11
CA LEU C 36 -15.78 42.72 12.56
C LEU C 36 -16.08 43.82 11.55
N ASP C 37 -15.10 44.11 10.70
CA ASP C 37 -15.24 45.18 9.70
C ASP C 37 -15.85 44.72 8.38
N LYS C 38 -15.63 43.47 8.02
CA LYS C 38 -16.11 42.90 6.76
C LYS C 38 -17.58 43.11 6.44
N LYS C 39 -18.45 42.88 7.43
CA LYS C 39 -19.89 43.00 7.23
C LYS C 39 -20.38 44.39 6.84
N HIS C 40 -19.60 45.41 7.16
CA HIS C 40 -19.99 46.77 6.85
C HIS C 40 -20.00 47.07 5.35
N TRP C 41 -19.10 46.43 4.60
CA TRP C 41 -19.00 46.67 3.16
C TRP C 41 -19.62 45.61 2.26
N LYS C 42 -20.16 44.56 2.87
CA LYS C 42 -20.75 43.45 2.15
C LYS C 42 -21.78 43.83 1.06
N ARG C 43 -21.51 43.40 -0.18
CA ARG C 43 -22.37 43.66 -1.34
C ARG C 43 -23.24 42.45 -1.73
N ASN C 44 -22.58 41.30 -1.83
CA ASN C 44 -23.24 40.06 -2.25
C ASN C 44 -23.88 39.28 -1.10
N PRO C 45 -24.55 38.16 -1.42
CA PRO C 45 -25.20 37.33 -0.39
C PRO C 45 -24.19 36.73 0.58
N ASP C 46 -24.58 36.64 1.84
CA ASP C 46 -23.72 36.08 2.88
C ASP C 46 -23.90 34.56 2.88
N LYS C 47 -22.83 33.82 2.65
CA LYS C 47 -22.92 32.36 2.61
C LYS C 47 -23.34 31.78 3.97
N ASN C 48 -23.24 32.58 5.02
CA ASN C 48 -23.60 32.12 6.36
C ASN C 48 -25.04 32.47 6.73
N CYS C 49 -25.68 33.33 5.96
CA CYS C 49 -27.07 33.72 6.23
C CYS C 49 -27.99 32.64 5.66
N PHE C 50 -28.88 32.12 6.49
CA PHE C 50 -29.80 31.06 6.07
C PHE C 50 -31.17 31.54 5.60
N HIS C 51 -31.43 32.84 5.66
CA HIS C 51 -32.72 33.35 5.23
C HIS C 51 -32.60 34.64 4.44
N CYS C 52 -33.33 34.70 3.32
CA CYS C 52 -33.31 35.89 2.47
C CYS C 52 -34.44 36.82 2.90
N GLU C 53 -34.36 38.06 2.45
CA GLU C 53 -35.37 39.05 2.77
C GLU C 53 -36.77 38.54 2.43
N LYS C 54 -37.79 39.16 3.03
CA LYS C 54 -39.17 38.78 2.78
C LYS C 54 -39.53 39.16 1.34
N LEU C 55 -40.32 38.32 0.68
CA LEU C 55 -40.72 38.58 -0.69
C LEU C 55 -42.23 38.59 -0.90
N GLU C 56 -42.99 38.62 0.19
CA GLU C 56 -44.44 38.63 0.08
C GLU C 56 -44.91 39.80 -0.75
N ASN C 57 -45.74 39.50 -1.75
CA ASN C 57 -46.30 40.49 -2.66
C ASN C 57 -45.22 41.32 -3.37
N ASN C 58 -44.01 40.78 -3.46
CA ASN C 58 -42.93 41.47 -4.15
C ASN C 58 -42.78 40.87 -5.55
N PHE C 59 -43.24 41.59 -6.56
CA PHE C 59 -43.14 41.10 -7.93
C PHE C 59 -42.14 41.89 -8.77
N ASP C 60 -41.13 42.48 -8.12
CA ASP C 60 -40.12 43.24 -8.83
C ASP C 60 -39.24 42.30 -9.64
N ASP C 61 -38.77 42.78 -10.79
CA ASP C 61 -37.91 42.02 -11.67
C ASP C 61 -36.71 41.39 -10.96
N ILE C 62 -36.58 40.07 -11.05
CA ILE C 62 -35.47 39.37 -10.41
C ILE C 62 -34.45 38.81 -11.41
N LYS C 63 -34.65 39.07 -12.69
CA LYS C 63 -33.72 38.57 -13.70
C LYS C 63 -32.32 39.16 -13.52
N HIS C 64 -31.32 38.29 -13.60
CA HIS C 64 -29.94 38.71 -13.46
C HIS C 64 -29.44 39.26 -14.78
N THR C 65 -30.18 38.99 -15.85
CA THR C 65 -29.77 39.42 -17.18
C THR C 65 -30.27 40.78 -17.64
N THR C 66 -31.13 41.42 -16.86
CA THR C 66 -31.65 42.74 -17.23
C THR C 66 -30.50 43.75 -17.34
N LEU C 67 -30.53 44.54 -18.40
CA LEU C 67 -29.50 45.55 -18.60
C LEU C 67 -30.08 46.95 -18.77
N GLY C 68 -29.31 47.94 -18.33
CA GLY C 68 -29.68 49.33 -18.49
C GLY C 68 -28.83 49.76 -19.68
N GLU C 69 -28.93 51.00 -20.14
CA GLU C 69 -28.14 51.42 -21.29
C GLU C 69 -26.63 51.34 -21.06
N ARG C 70 -26.16 51.82 -19.92
CA ARG C 70 -24.73 51.79 -19.63
C ARG C 70 -24.20 50.37 -19.79
N GLY C 71 -24.86 49.42 -19.12
CA GLY C 71 -24.44 48.03 -19.18
C GLY C 71 -24.62 47.38 -20.54
N ALA C 72 -25.67 47.75 -21.26
CA ALA C 72 -25.92 47.16 -22.57
C ALA C 72 -24.83 47.59 -23.56
N LEU C 73 -24.43 48.86 -23.48
CA LEU C 73 -23.41 49.37 -24.37
C LEU C 73 -22.08 48.66 -24.16
N ARG C 74 -21.75 48.39 -22.89
CA ARG C 74 -20.49 47.70 -22.59
C ARG C 74 -20.52 46.27 -23.10
N GLU C 75 -21.62 45.57 -22.83
CA GLU C 75 -21.74 44.18 -23.26
C GLU C 75 -21.81 44.07 -24.78
N ALA C 76 -22.46 45.04 -25.42
CA ALA C 76 -22.58 45.02 -26.89
C ALA C 76 -21.21 45.27 -27.52
N MET C 77 -20.43 46.18 -26.94
CA MET C 77 -19.09 46.49 -27.45
C MET C 77 -18.16 45.28 -27.30
N ARG C 78 -18.44 44.45 -26.30
CA ARG C 78 -17.63 43.27 -26.02
C ARG C 78 -17.86 42.15 -27.03
N CYS C 79 -19.08 42.04 -27.53
CA CYS C 79 -19.43 41.02 -28.50
C CYS C 79 -18.48 41.03 -29.70
N LEU C 80 -18.02 39.85 -30.10
CA LEU C 80 -17.10 39.74 -31.22
C LEU C 80 -17.80 39.96 -32.57
N LYS C 81 -19.13 39.84 -32.58
CA LYS C 81 -19.91 40.05 -33.80
C LYS C 81 -19.34 39.14 -34.89
N CYS C 82 -19.34 37.85 -34.54
CA CYS C 82 -18.80 36.78 -35.36
C CYS C 82 -19.44 36.46 -36.70
N ALA C 83 -18.65 35.87 -37.58
CA ALA C 83 -19.11 35.44 -38.90
C ALA C 83 -19.80 34.09 -38.73
N ASP C 84 -20.89 33.88 -39.46
CA ASP C 84 -21.61 32.61 -39.39
C ASP C 84 -21.74 32.21 -37.91
N ALA C 85 -22.07 33.20 -37.08
CA ALA C 85 -22.21 33.07 -35.62
C ALA C 85 -22.90 31.82 -35.12
N PRO C 86 -22.26 31.12 -34.17
CA PRO C 86 -22.83 29.89 -33.58
C PRO C 86 -24.01 30.20 -32.67
N CYS C 87 -24.05 31.43 -32.16
CA CYS C 87 -25.14 31.84 -31.28
C CYS C 87 -26.42 31.89 -32.11
N GLN C 88 -26.32 32.40 -33.33
CA GLN C 88 -27.48 32.49 -34.23
C GLN C 88 -27.93 31.09 -34.64
N LYS C 89 -26.97 30.21 -34.87
CA LYS C 89 -27.28 28.84 -35.24
C LYS C 89 -27.98 28.14 -34.08
N SER C 90 -27.65 28.56 -32.87
CA SER C 90 -28.23 27.98 -31.66
C SER C 90 -29.55 28.63 -31.26
N CYS C 91 -30.01 29.59 -32.06
CA CYS C 91 -31.27 30.27 -31.79
C CYS C 91 -32.39 29.67 -32.64
N PRO C 92 -33.45 29.18 -32.01
CA PRO C 92 -34.59 28.57 -32.71
C PRO C 92 -35.26 29.46 -33.78
N THR C 93 -35.18 30.78 -33.62
CA THR C 93 -35.77 31.67 -34.61
C THR C 93 -34.70 32.24 -35.53
N HIS C 94 -33.46 31.78 -35.34
CA HIS C 94 -32.33 32.20 -36.18
C HIS C 94 -32.10 33.71 -36.24
N LEU C 95 -32.19 34.38 -35.08
CA LEU C 95 -31.97 35.82 -35.04
C LEU C 95 -30.56 36.18 -35.45
N ASP C 96 -30.41 37.23 -36.25
CA ASP C 96 -29.10 37.68 -36.67
C ASP C 96 -28.54 38.44 -35.46
N ILE C 97 -28.05 37.69 -34.48
CA ILE C 97 -27.49 38.25 -33.25
C ILE C 97 -26.33 39.20 -33.51
N LYS C 98 -25.46 38.83 -34.44
CA LYS C 98 -24.31 39.65 -34.79
C LYS C 98 -24.77 41.06 -35.17
N SER C 99 -25.77 41.14 -36.04
CA SER C 99 -26.28 42.42 -36.49
C SER C 99 -26.98 43.26 -35.43
N PHE C 100 -27.89 42.67 -34.68
CA PHE C 100 -28.61 43.45 -33.68
C PHE C 100 -27.69 43.92 -32.54
N ILE C 101 -26.70 43.10 -32.19
CA ILE C 101 -25.79 43.52 -31.13
C ILE C 101 -24.88 44.63 -31.68
N THR C 102 -24.51 44.53 -32.96
CA THR C 102 -23.67 45.57 -33.56
C THR C 102 -24.44 46.88 -33.53
N SER C 103 -25.72 46.83 -33.88
CA SER C 103 -26.54 48.04 -33.87
C SER C 103 -26.61 48.63 -32.46
N ILE C 104 -26.68 47.76 -31.45
CA ILE C 104 -26.74 48.23 -30.07
C ILE C 104 -25.44 48.96 -29.72
N SER C 105 -24.29 48.37 -30.08
CA SER C 105 -23.01 48.99 -29.77
C SER C 105 -22.89 50.35 -30.47
N ASN C 106 -23.63 50.53 -31.56
CA ASN C 106 -23.61 51.79 -32.31
C ASN C 106 -24.75 52.71 -31.88
N LYS C 107 -25.42 52.36 -30.79
CA LYS C 107 -26.53 53.16 -30.28
C LYS C 107 -27.76 53.20 -31.19
N ASN C 108 -27.84 52.27 -32.13
CA ASN C 108 -28.98 52.20 -33.03
C ASN C 108 -29.95 51.15 -32.49
N TYR C 109 -30.67 51.51 -31.45
CA TYR C 109 -31.60 50.59 -30.82
C TYR C 109 -32.77 50.23 -31.73
N TYR C 110 -33.20 51.17 -32.57
CA TYR C 110 -34.29 50.88 -33.50
C TYR C 110 -33.85 49.77 -34.44
N GLY C 111 -32.67 49.95 -35.04
CA GLY C 111 -32.16 48.96 -35.96
C GLY C 111 -32.05 47.59 -35.32
N ALA C 112 -31.58 47.58 -34.08
CA ALA C 112 -31.44 46.34 -33.33
C ALA C 112 -32.81 45.67 -33.17
N ALA C 113 -33.79 46.45 -32.71
CA ALA C 113 -35.14 45.93 -32.49
C ALA C 113 -35.76 45.43 -33.80
N LYS C 114 -35.57 46.20 -34.86
CA LYS C 114 -36.11 45.84 -36.16
C LYS C 114 -35.57 44.47 -36.58
N MET C 115 -34.27 44.27 -36.38
CA MET C 115 -33.63 43.01 -36.74
C MET C 115 -34.21 41.86 -35.90
N ILE C 116 -34.36 42.12 -34.60
CA ILE C 116 -34.89 41.13 -33.68
C ILE C 116 -36.31 40.69 -34.03
N PHE C 117 -37.20 41.67 -34.19
CA PHE C 117 -38.58 41.36 -34.51
C PHE C 117 -38.79 40.81 -35.91
N SER C 118 -37.83 41.03 -36.80
CA SER C 118 -37.95 40.51 -38.16
C SER C 118 -38.03 38.98 -38.12
N ASP C 119 -37.26 38.38 -37.23
CA ASP C 119 -37.25 36.93 -37.11
C ASP C 119 -38.01 36.38 -35.91
N ASN C 120 -38.35 37.26 -34.96
CA ASN C 120 -39.07 36.87 -33.76
C ASN C 120 -40.07 37.93 -33.33
N PRO C 121 -41.37 37.73 -33.64
CA PRO C 121 -42.43 38.69 -33.28
C PRO C 121 -42.60 38.87 -31.77
N LEU C 122 -42.01 37.97 -30.98
CA LEU C 122 -42.09 38.09 -29.53
C LEU C 122 -40.69 38.33 -29.00
N GLY C 123 -39.97 39.21 -29.70
CA GLY C 123 -38.59 39.53 -29.34
C GLY C 123 -38.33 39.96 -27.91
N LEU C 124 -39.20 40.79 -27.35
CA LEU C 124 -39.00 41.24 -25.98
C LEU C 124 -39.24 40.12 -24.97
N THR C 125 -40.34 39.39 -25.14
CA THR C 125 -40.67 38.28 -24.25
C THR C 125 -39.51 37.28 -24.21
N CYS C 126 -39.03 36.89 -25.39
CA CYS C 126 -37.94 35.91 -25.48
C CYS C 126 -36.65 36.43 -24.88
N GLY C 127 -36.39 37.72 -25.01
CA GLY C 127 -35.19 38.29 -24.46
C GLY C 127 -35.21 38.12 -22.95
N MET C 128 -36.39 38.24 -22.37
CA MET C 128 -36.56 38.11 -20.93
C MET C 128 -36.65 36.67 -20.41
N VAL C 129 -37.27 35.77 -21.18
CA VAL C 129 -37.46 34.40 -20.71
C VAL C 129 -36.69 33.25 -21.37
N CYS C 130 -36.08 33.46 -22.53
CA CYS C 130 -35.35 32.37 -23.16
C CYS C 130 -34.29 31.76 -22.25
N PRO C 131 -34.25 30.42 -22.19
CA PRO C 131 -33.25 29.74 -21.36
C PRO C 131 -31.99 29.71 -22.19
N THR C 132 -31.40 30.89 -22.38
CA THR C 132 -30.21 31.06 -23.21
C THR C 132 -29.02 30.14 -23.01
N SER C 133 -28.75 29.71 -21.78
CA SER C 133 -27.62 28.80 -21.54
C SER C 133 -27.81 27.51 -22.32
N ASP C 134 -29.05 27.17 -22.62
CA ASP C 134 -29.34 25.95 -23.38
C ASP C 134 -29.67 26.30 -24.82
N LEU C 135 -29.55 27.59 -25.16
CA LEU C 135 -29.85 28.03 -26.52
C LEU C 135 -28.68 28.81 -27.13
N CYS C 136 -28.95 30.02 -27.59
CA CYS C 136 -27.93 30.87 -28.22
C CYS C 136 -26.65 31.09 -27.41
N VAL C 137 -26.79 31.46 -26.15
CA VAL C 137 -25.61 31.70 -25.31
C VAL C 137 -24.77 30.43 -25.16
N GLY C 138 -25.43 29.28 -25.21
CA GLY C 138 -24.71 28.02 -25.07
C GLY C 138 -23.69 27.80 -26.19
N GLY C 139 -23.87 28.48 -27.31
CA GLY C 139 -22.94 28.33 -28.42
C GLY C 139 -22.07 29.55 -28.68
N CYS C 140 -22.11 30.53 -27.77
CA CYS C 140 -21.32 31.75 -27.91
C CYS C 140 -19.81 31.54 -27.82
N ASN C 141 -19.08 32.01 -28.83
CA ASN C 141 -17.63 31.85 -28.86
C ASN C 141 -16.89 32.45 -27.66
N LEU C 142 -17.46 33.50 -27.06
CA LEU C 142 -16.79 34.12 -25.92
C LEU C 142 -16.78 33.26 -24.66
N TYR C 143 -17.40 32.08 -24.76
CA TYR C 143 -17.40 31.16 -23.64
C TYR C 143 -15.94 30.73 -23.50
N ALA C 144 -15.21 30.81 -24.60
CA ALA C 144 -13.79 30.44 -24.62
C ALA C 144 -12.86 31.50 -24.04
N THR C 145 -13.42 32.47 -23.33
CA THR C 145 -12.62 33.50 -22.69
C THR C 145 -12.96 33.51 -21.20
N GLU C 146 -12.06 34.05 -20.40
CA GLU C 146 -12.27 34.11 -18.95
C GLU C 146 -13.51 34.95 -18.58
N GLU C 147 -13.74 36.05 -19.30
CA GLU C 147 -14.89 36.91 -19.02
C GLU C 147 -16.22 36.24 -19.40
N GLY C 148 -16.15 35.21 -20.23
CA GLY C 148 -17.35 34.47 -20.60
C GLY C 148 -18.25 34.92 -21.73
N SER C 149 -19.31 34.16 -21.91
CA SER C 149 -20.31 34.39 -22.96
C SER C 149 -21.08 35.70 -22.83
N ILE C 150 -21.60 36.17 -23.95
CA ILE C 150 -22.36 37.41 -24.02
C ILE C 150 -23.77 37.22 -23.49
N ASN C 151 -24.26 38.23 -22.78
CA ASN C 151 -25.61 38.22 -22.25
C ASN C 151 -26.52 38.62 -23.41
N ILE C 152 -26.72 37.67 -24.32
CA ILE C 152 -27.56 37.91 -25.50
C ILE C 152 -29.00 38.26 -25.16
N GLY C 153 -29.59 37.54 -24.22
CA GLY C 153 -30.97 37.82 -23.85
C GLY C 153 -31.16 39.22 -23.31
N GLY C 154 -30.29 39.63 -22.40
CA GLY C 154 -30.38 40.95 -21.81
C GLY C 154 -30.25 42.05 -22.84
N LEU C 155 -29.39 41.83 -23.83
CA LEU C 155 -29.20 42.80 -24.90
C LEU C 155 -30.45 42.86 -25.76
N GLN C 156 -31.04 41.70 -26.03
CA GLN C 156 -32.24 41.64 -26.84
C GLN C 156 -33.37 42.36 -26.14
N GLN C 157 -33.42 42.19 -24.82
CA GLN C 157 -34.43 42.81 -23.97
C GLN C 157 -34.27 44.32 -23.98
N PHE C 158 -33.04 44.79 -23.83
CA PHE C 158 -32.79 46.24 -23.79
C PHE C 158 -33.23 46.93 -25.08
N ALA C 159 -32.73 46.47 -26.23
CA ALA C 159 -33.09 47.06 -27.50
C ALA C 159 -34.61 47.06 -27.71
N SER C 160 -35.26 45.96 -27.36
CA SER C 160 -36.70 45.85 -27.53
C SER C 160 -37.46 46.77 -26.57
N GLU C 161 -36.93 46.95 -25.37
CA GLU C 161 -37.56 47.83 -24.38
C GLU C 161 -37.50 49.27 -24.89
N VAL C 162 -36.36 49.67 -25.42
CA VAL C 162 -36.23 51.03 -25.94
C VAL C 162 -37.21 51.22 -27.10
N PHE C 163 -37.27 50.23 -27.98
CA PHE C 163 -38.16 50.29 -29.12
C PHE C 163 -39.60 50.42 -28.64
N LYS C 164 -39.96 49.64 -27.62
CA LYS C 164 -41.30 49.69 -27.06
C LYS C 164 -41.59 51.09 -26.52
N ALA C 165 -40.60 51.71 -25.90
CA ALA C 165 -40.77 53.05 -25.34
C ALA C 165 -40.92 54.11 -26.44
N MET C 166 -40.45 53.79 -27.65
CA MET C 166 -40.56 54.75 -28.76
C MET C 166 -42.00 54.83 -29.27
N ASN C 167 -42.79 53.81 -28.94
CA ASN C 167 -44.19 53.78 -29.35
C ASN C 167 -44.36 53.99 -30.84
N ILE C 168 -43.69 53.14 -31.61
CA ILE C 168 -43.75 53.16 -33.06
C ILE C 168 -44.52 51.91 -33.46
N PRO C 169 -45.54 52.07 -34.32
CA PRO C 169 -46.34 50.93 -34.78
C PRO C 169 -45.69 50.15 -35.91
N GLN C 170 -46.19 48.94 -36.13
CA GLN C 170 -45.69 48.09 -37.21
C GLN C 170 -46.56 48.40 -38.42
N ILE C 171 -46.01 48.27 -39.62
CA ILE C 171 -46.77 48.48 -40.85
C ILE C 171 -46.46 47.33 -41.78
N ARG C 172 -47.29 47.12 -42.80
CA ARG C 172 -47.02 46.04 -43.75
C ARG C 172 -45.85 46.50 -44.63
N ASN C 173 -45.16 45.55 -45.25
CA ASN C 173 -44.02 45.88 -46.10
C ASN C 173 -44.43 46.91 -47.14
N PRO C 174 -43.75 48.07 -47.15
CA PRO C 174 -44.05 49.14 -48.10
C PRO C 174 -43.94 48.74 -49.57
N CYS C 175 -43.33 47.59 -49.83
CA CYS C 175 -43.17 47.11 -51.20
C CYS C 175 -44.39 46.31 -51.67
N LEU C 176 -45.18 45.80 -50.73
CA LEU C 176 -46.37 45.04 -51.08
C LEU C 176 -47.35 45.92 -51.86
N PRO C 177 -48.10 45.31 -52.79
CA PRO C 177 -49.06 46.10 -53.55
C PRO C 177 -50.12 46.63 -52.60
N SER C 178 -50.89 47.61 -53.06
CA SER C 178 -51.95 48.18 -52.25
C SER C 178 -52.96 47.10 -51.86
N GLN C 179 -53.69 47.36 -50.79
CA GLN C 179 -54.71 46.46 -50.28
C GLN C 179 -55.67 45.96 -51.36
N GLU C 180 -56.24 46.90 -52.12
CA GLU C 180 -57.19 46.57 -53.17
C GLU C 180 -56.58 45.89 -54.38
N LYS C 181 -55.26 45.94 -54.50
CA LYS C 181 -54.61 45.31 -55.64
C LYS C 181 -54.06 43.92 -55.32
N MET C 182 -54.30 43.46 -54.11
CA MET C 182 -53.85 42.14 -53.70
C MET C 182 -54.75 41.07 -54.31
N PRO C 183 -54.15 39.97 -54.78
CA PRO C 183 -54.92 38.88 -55.39
C PRO C 183 -56.01 38.39 -54.44
N GLU C 184 -57.05 37.78 -55.01
CA GLU C 184 -58.17 37.26 -54.24
C GLU C 184 -57.72 36.34 -53.12
N ALA C 185 -56.73 35.50 -53.42
CA ALA C 185 -56.18 34.54 -52.47
C ALA C 185 -55.87 35.09 -51.08
N TYR C 186 -55.39 36.33 -51.02
CA TYR C 186 -55.04 36.94 -49.74
C TYR C 186 -56.22 37.34 -48.87
N SER C 187 -57.42 37.18 -49.39
CA SER C 187 -58.62 37.53 -48.63
C SER C 187 -59.22 36.26 -48.00
N ALA C 188 -58.56 35.13 -48.21
CA ALA C 188 -59.02 33.86 -47.67
C ALA C 188 -59.15 33.91 -46.15
N LYS C 189 -60.28 33.44 -45.63
CA LYS C 189 -60.52 33.43 -44.20
C LYS C 189 -59.60 32.44 -43.50
N ILE C 190 -58.76 32.95 -42.60
CA ILE C 190 -57.83 32.10 -41.87
C ILE C 190 -58.19 32.10 -40.38
N ALA C 191 -58.14 30.93 -39.76
CA ALA C 191 -58.46 30.82 -38.34
C ALA C 191 -57.31 30.21 -37.56
N LEU C 192 -57.08 30.73 -36.36
CA LEU C 192 -56.03 30.22 -35.50
C LEU C 192 -56.67 29.97 -34.14
N LEU C 193 -56.33 28.85 -33.52
CA LEU C 193 -56.88 28.50 -32.22
C LEU C 193 -55.83 28.67 -31.12
N GLY C 194 -56.18 29.48 -30.11
CA GLY C 194 -55.27 29.74 -29.00
C GLY C 194 -54.45 30.98 -29.27
N ALA C 195 -54.47 31.94 -28.34
CA ALA C 195 -53.72 33.18 -28.50
C ALA C 195 -52.40 33.14 -27.76
N GLY C 196 -51.57 32.14 -28.07
CA GLY C 196 -50.29 32.01 -27.43
C GLY C 196 -49.16 32.33 -28.39
N PRO C 197 -47.90 32.21 -27.95
CA PRO C 197 -46.72 32.48 -28.78
C PRO C 197 -46.80 31.90 -30.19
N ALA C 198 -47.23 30.64 -30.30
CA ALA C 198 -47.32 29.97 -31.59
C ALA C 198 -48.28 30.63 -32.57
N SER C 199 -49.51 30.89 -32.12
CA SER C 199 -50.52 31.53 -32.98
C SER C 199 -50.17 32.98 -33.27
N ILE C 200 -49.70 33.70 -32.24
CA ILE C 200 -49.34 35.10 -32.41
C ILE C 200 -48.27 35.20 -33.49
N SER C 201 -47.26 34.34 -33.40
CA SER C 201 -46.18 34.32 -34.39
C SER C 201 -46.72 33.98 -35.77
N CYS C 202 -47.49 32.89 -35.86
CA CYS C 202 -48.06 32.44 -37.13
C CYS C 202 -48.94 33.52 -37.77
N ALA C 203 -49.87 34.09 -37.00
CA ALA C 203 -50.74 35.13 -37.51
C ALA C 203 -49.95 36.35 -37.97
N SER C 204 -48.90 36.69 -37.22
CA SER C 204 -48.06 37.85 -37.56
C SER C 204 -47.44 37.71 -38.94
N PHE C 205 -46.75 36.58 -39.17
CA PHE C 205 -46.12 36.36 -40.45
C PHE C 205 -47.13 36.30 -41.61
N LEU C 206 -48.28 35.67 -41.39
CA LEU C 206 -49.28 35.59 -42.43
C LEU C 206 -49.73 37.02 -42.77
N ALA C 207 -49.89 37.85 -41.74
CA ALA C 207 -50.30 39.23 -41.95
C ALA C 207 -49.22 39.97 -42.73
N ARG C 208 -47.95 39.66 -42.46
CA ARG C 208 -46.85 40.30 -43.15
C ARG C 208 -46.94 39.98 -44.64
N LEU C 209 -47.30 38.74 -44.95
CA LEU C 209 -47.42 38.31 -46.35
C LEU C 209 -48.57 38.98 -47.09
N GLY C 210 -49.48 39.61 -46.36
CA GLY C 210 -50.58 40.29 -47.02
C GLY C 210 -51.98 39.78 -46.75
N TYR C 211 -52.12 38.68 -46.00
CA TYR C 211 -53.45 38.15 -45.72
C TYR C 211 -54.24 39.14 -44.86
N SER C 212 -55.44 39.46 -45.32
CA SER C 212 -56.30 40.45 -44.65
C SER C 212 -57.45 39.98 -43.79
N ASP C 213 -57.62 38.67 -43.67
CA ASP C 213 -58.71 38.15 -42.85
C ASP C 213 -58.19 37.04 -41.94
N ILE C 214 -57.49 37.44 -40.88
CA ILE C 214 -56.92 36.49 -39.94
C ILE C 214 -57.56 36.67 -38.58
N THR C 215 -58.06 35.57 -38.02
CA THR C 215 -58.71 35.63 -36.71
C THR C 215 -58.18 34.57 -35.76
N ILE C 216 -57.93 34.98 -34.53
CA ILE C 216 -57.44 34.07 -33.50
C ILE C 216 -58.56 33.89 -32.48
N PHE C 217 -58.95 32.64 -32.24
CA PHE C 217 -60.01 32.36 -31.27
C PHE C 217 -59.34 31.86 -30.00
N GLU C 218 -59.56 32.59 -28.91
CA GLU C 218 -58.96 32.26 -27.63
C GLU C 218 -60.02 31.85 -26.61
N LYS C 219 -59.77 30.73 -25.95
CA LYS C 219 -60.68 30.20 -24.96
C LYS C 219 -60.88 31.15 -23.79
N GLN C 220 -59.78 31.57 -23.18
CA GLN C 220 -59.83 32.46 -22.03
C GLN C 220 -60.21 33.89 -22.41
N GLU C 221 -60.33 34.76 -21.40
CA GLU C 221 -60.67 36.15 -21.64
C GLU C 221 -59.38 36.98 -21.79
N TYR C 222 -58.24 36.36 -21.47
CA TYR C 222 -56.94 37.01 -21.57
C TYR C 222 -56.18 36.41 -22.74
N VAL C 223 -55.19 37.16 -23.25
CA VAL C 223 -54.39 36.68 -24.38
C VAL C 223 -52.92 36.55 -23.98
N GLY C 224 -52.16 35.79 -24.78
CA GLY C 224 -50.75 35.62 -24.49
C GLY C 224 -50.35 34.22 -24.08
N GLY C 225 -51.33 33.36 -23.80
CA GLY C 225 -51.01 32.00 -23.39
C GLY C 225 -50.26 31.92 -22.09
N LEU C 226 -49.36 30.95 -21.99
CA LEU C 226 -48.55 30.76 -20.78
C LEU C 226 -47.71 31.98 -20.41
N SER C 227 -47.38 32.82 -21.40
CA SER C 227 -46.60 34.02 -21.14
C SER C 227 -47.40 34.91 -20.21
N THR C 228 -48.71 34.80 -20.29
CA THR C 228 -49.62 35.59 -19.46
C THR C 228 -50.14 34.85 -18.23
N SER C 229 -50.63 33.64 -18.42
CA SER C 229 -51.22 32.88 -17.31
C SER C 229 -50.30 32.18 -16.32
N GLU C 230 -49.04 31.92 -16.68
CA GLU C 230 -48.18 31.22 -15.74
C GLU C 230 -46.79 31.78 -15.47
N ILE C 231 -46.12 32.33 -16.49
CA ILE C 231 -44.79 32.90 -16.27
C ILE C 231 -44.95 34.05 -15.27
N PRO C 232 -44.21 34.00 -14.14
CA PRO C 232 -44.30 35.05 -13.13
C PRO C 232 -44.03 36.48 -13.60
N GLN C 233 -44.80 37.41 -13.04
CA GLN C 233 -44.67 38.83 -13.35
C GLN C 233 -43.26 39.31 -13.00
N PHE C 234 -42.61 38.65 -12.05
CA PHE C 234 -41.26 39.04 -11.67
C PHE C 234 -40.20 38.54 -12.64
N ARG C 235 -40.64 37.89 -13.71
CA ARG C 235 -39.73 37.41 -14.75
C ARG C 235 -40.17 38.02 -16.08
N LEU C 236 -41.47 38.11 -16.28
CA LEU C 236 -42.04 38.67 -17.51
C LEU C 236 -43.22 39.59 -17.23
N PRO C 237 -42.99 40.91 -17.24
CA PRO C 237 -44.09 41.85 -16.98
C PRO C 237 -45.19 41.68 -18.03
N TYR C 238 -46.44 41.70 -17.59
CA TYR C 238 -47.55 41.54 -18.50
C TYR C 238 -47.59 42.60 -19.59
N ASP C 239 -47.17 43.82 -19.28
CA ASP C 239 -47.24 44.82 -20.34
C ASP C 239 -46.31 44.52 -21.51
N VAL C 240 -45.37 43.59 -21.33
CA VAL C 240 -44.49 43.18 -22.43
C VAL C 240 -45.36 42.42 -23.44
N VAL C 241 -46.19 41.52 -22.91
CA VAL C 241 -47.07 40.71 -23.74
C VAL C 241 -48.06 41.59 -24.50
N ASN C 242 -48.65 42.56 -23.80
CA ASN C 242 -49.61 43.49 -24.39
C ASN C 242 -48.95 44.27 -25.55
N PHE C 243 -47.69 44.62 -25.36
CA PHE C 243 -46.93 45.35 -26.38
C PHE C 243 -46.83 44.55 -27.67
N GLU C 244 -46.44 43.29 -27.54
CA GLU C 244 -46.28 42.43 -28.71
C GLU C 244 -47.62 42.08 -29.36
N ILE C 245 -48.67 41.99 -28.56
CA ILE C 245 -50.01 41.71 -29.09
C ILE C 245 -50.46 42.89 -29.95
N GLU C 246 -50.24 44.10 -29.45
CA GLU C 246 -50.63 45.30 -30.19
C GLU C 246 -49.86 45.44 -31.49
N LEU C 247 -48.58 45.06 -31.48
CA LEU C 247 -47.77 45.14 -32.69
C LEU C 247 -48.42 44.28 -33.76
N MET C 248 -48.86 43.08 -33.36
CA MET C 248 -49.50 42.16 -34.28
C MET C 248 -50.80 42.76 -34.80
N LYS C 249 -51.58 43.37 -33.91
CA LYS C 249 -52.85 43.96 -34.30
C LYS C 249 -52.65 45.11 -35.30
N ASP C 250 -51.47 45.74 -35.30
CA ASP C 250 -51.22 46.83 -36.23
C ASP C 250 -51.37 46.32 -37.65
N LEU C 251 -51.18 45.01 -37.84
CA LEU C 251 -51.30 44.42 -39.16
C LEU C 251 -52.71 43.91 -39.46
N GLY C 252 -53.67 44.24 -38.61
CA GLY C 252 -55.04 43.82 -38.84
C GLY C 252 -55.50 42.50 -38.25
N VAL C 253 -54.59 41.72 -37.68
CA VAL C 253 -54.97 40.43 -37.08
C VAL C 253 -56.07 40.65 -36.04
N LYS C 254 -57.11 39.83 -36.09
CA LYS C 254 -58.22 39.96 -35.15
C LYS C 254 -58.16 38.88 -34.08
N ILE C 255 -58.58 39.22 -32.87
CA ILE C 255 -58.60 38.26 -31.77
C ILE C 255 -59.95 38.26 -31.08
N ILE C 256 -60.53 37.07 -30.96
CA ILE C 256 -61.82 36.95 -30.31
C ILE C 256 -61.71 36.00 -29.12
N CYS C 257 -61.90 36.51 -27.92
CA CYS C 257 -61.80 35.70 -26.71
C CYS C 257 -63.15 35.09 -26.35
N GLY C 258 -63.14 34.12 -25.45
CA GLY C 258 -64.38 33.48 -25.05
C GLY C 258 -64.85 32.46 -26.06
N LYS C 259 -63.99 32.15 -27.02
CA LYS C 259 -64.29 31.18 -28.06
C LYS C 259 -63.32 30.01 -27.93
N SER C 260 -63.85 28.81 -27.75
CA SER C 260 -63.00 27.65 -27.57
C SER C 260 -63.11 26.62 -28.70
N LEU C 261 -62.03 25.88 -28.89
CA LEU C 261 -62.00 24.80 -29.86
C LEU C 261 -62.52 23.61 -29.05
N SER C 262 -63.80 23.31 -29.23
CA SER C 262 -64.41 22.21 -28.49
C SER C 262 -65.61 21.67 -29.23
N GLU C 263 -65.96 20.40 -28.96
CA GLU C 263 -67.07 19.72 -29.61
C GLU C 263 -68.41 20.47 -29.52
N ASN C 264 -68.49 21.41 -28.59
CA ASN C 264 -69.69 22.21 -28.37
C ASN C 264 -69.65 23.59 -29.03
N GLU C 265 -68.47 24.03 -29.44
CA GLU C 265 -68.32 25.36 -30.06
C GLU C 265 -67.65 25.32 -31.42
N ILE C 266 -66.35 25.62 -31.46
CA ILE C 266 -65.63 25.62 -32.71
C ILE C 266 -65.00 24.27 -33.00
N THR C 267 -65.14 23.84 -34.24
CA THR C 267 -64.60 22.56 -34.66
C THR C 267 -64.03 22.74 -36.05
N LEU C 268 -63.16 21.83 -36.47
CA LEU C 268 -62.59 21.91 -37.80
C LEU C 268 -63.74 21.87 -38.80
N ASN C 269 -64.80 21.14 -38.49
CA ASN C 269 -65.95 21.03 -39.38
C ASN C 269 -66.74 22.34 -39.44
N THR C 270 -66.98 22.96 -38.28
CA THR C 270 -67.72 24.22 -38.26
C THR C 270 -66.94 25.30 -38.97
N LEU C 271 -65.61 25.29 -38.81
CA LEU C 271 -64.78 26.29 -39.45
C LEU C 271 -64.85 26.08 -40.96
N LYS C 272 -64.72 24.83 -41.38
CA LYS C 272 -64.76 24.51 -42.81
C LYS C 272 -66.12 24.89 -43.41
N GLU C 273 -67.19 24.65 -42.66
CA GLU C 273 -68.51 24.98 -43.13
C GLU C 273 -68.76 26.49 -43.17
N GLU C 274 -68.00 27.23 -42.37
CA GLU C 274 -68.14 28.69 -42.33
C GLU C 274 -67.32 29.37 -43.42
N GLY C 275 -66.54 28.59 -44.17
CA GLY C 275 -65.75 29.16 -45.24
C GLY C 275 -64.25 29.31 -45.04
N TYR C 276 -63.76 29.03 -43.83
CA TYR C 276 -62.33 29.16 -43.56
C TYR C 276 -61.51 28.25 -44.47
N LYS C 277 -60.46 28.81 -45.06
CA LYS C 277 -59.61 28.07 -45.98
C LYS C 277 -58.41 27.39 -45.31
N ALA C 278 -58.03 27.87 -44.14
CA ALA C 278 -56.90 27.29 -43.41
C ALA C 278 -57.06 27.51 -41.90
N ALA C 279 -56.47 26.61 -41.12
CA ALA C 279 -56.54 26.71 -39.67
C ALA C 279 -55.22 26.30 -39.02
N PHE C 280 -54.82 27.04 -38.00
CA PHE C 280 -53.59 26.73 -37.27
C PHE C 280 -53.99 26.39 -35.84
N ILE C 281 -53.48 25.27 -35.34
CA ILE C 281 -53.79 24.84 -33.98
C ILE C 281 -52.65 25.19 -33.04
N GLY C 282 -52.92 26.09 -32.10
CA GLY C 282 -51.89 26.49 -31.15
C GLY C 282 -52.50 26.64 -29.77
N ILE C 283 -53.20 25.61 -29.32
CA ILE C 283 -53.87 25.64 -28.02
C ILE C 283 -52.99 25.11 -26.89
N GLY C 284 -51.78 24.67 -27.22
CA GLY C 284 -50.88 24.15 -26.21
C GLY C 284 -51.39 22.92 -25.49
N LEU C 285 -50.92 22.73 -24.27
CA LEU C 285 -51.32 21.61 -23.42
C LEU C 285 -52.06 22.24 -22.25
N PRO C 286 -53.37 22.50 -22.43
CA PRO C 286 -54.28 23.12 -21.47
C PRO C 286 -54.58 22.43 -20.13
N GLU C 287 -54.20 21.17 -20.00
CA GLU C 287 -54.50 20.45 -18.76
C GLU C 287 -53.30 19.96 -17.97
N PRO C 288 -53.40 20.02 -16.63
CA PRO C 288 -52.32 19.58 -15.75
C PRO C 288 -52.20 18.06 -15.76
N LYS C 289 -50.97 17.56 -15.68
CA LYS C 289 -50.78 16.12 -15.62
C LYS C 289 -51.15 15.78 -14.19
N THR C 290 -52.19 14.97 -14.02
CA THR C 290 -52.63 14.59 -12.69
C THR C 290 -52.12 13.23 -12.24
N ASP C 291 -52.37 12.92 -10.97
CA ASP C 291 -51.95 11.65 -10.40
C ASP C 291 -53.00 11.19 -9.39
N ASP C 292 -53.26 9.89 -9.37
CA ASP C 292 -54.26 9.32 -8.49
C ASP C 292 -54.17 9.75 -7.02
N ILE C 293 -52.98 9.76 -6.45
CA ILE C 293 -52.81 10.12 -5.04
C ILE C 293 -53.36 11.49 -4.65
N PHE C 294 -53.72 12.32 -5.62
CA PHE C 294 -54.26 13.64 -5.30
C PHE C 294 -55.76 13.70 -5.53
N GLN C 295 -56.35 12.56 -5.86
CA GLN C 295 -57.78 12.45 -6.11
C GLN C 295 -58.60 13.03 -4.97
N GLY C 296 -59.53 13.93 -5.31
CA GLY C 296 -60.37 14.52 -4.30
C GLY C 296 -59.81 15.74 -3.59
N LEU C 297 -58.50 15.91 -3.60
CA LEU C 297 -57.87 17.05 -2.94
C LEU C 297 -58.28 18.37 -3.60
N THR C 298 -58.60 19.36 -2.78
CA THR C 298 -59.02 20.66 -3.28
C THR C 298 -58.10 21.77 -2.81
N GLN C 299 -58.34 22.98 -3.31
CA GLN C 299 -57.54 24.14 -2.94
C GLN C 299 -57.79 24.50 -1.48
N ASP C 300 -59.04 24.34 -1.04
CA ASP C 300 -59.40 24.64 0.34
C ASP C 300 -58.53 23.87 1.32
N GLN C 301 -58.13 22.67 0.94
CA GLN C 301 -57.29 21.84 1.80
C GLN C 301 -55.84 22.27 1.64
N GLY C 302 -55.55 22.98 0.55
CA GLY C 302 -54.20 23.43 0.30
C GLY C 302 -53.49 22.74 -0.86
N PHE C 303 -54.25 22.06 -1.71
CA PHE C 303 -53.66 21.38 -2.86
C PHE C 303 -53.85 22.13 -4.17
N TYR C 304 -52.80 22.14 -4.98
CA TYR C 304 -52.84 22.81 -6.28
C TYR C 304 -51.97 22.05 -7.27
N THR C 305 -52.28 22.23 -8.56
CA THR C 305 -51.46 21.67 -9.62
C THR C 305 -50.85 22.97 -10.14
N SER C 306 -49.79 22.91 -10.94
CA SER C 306 -49.20 24.13 -11.45
C SER C 306 -50.27 24.90 -12.23
N LYS C 307 -51.12 24.16 -12.95
CA LYS C 307 -52.19 24.76 -13.76
C LYS C 307 -53.24 25.51 -12.93
N ASP C 308 -53.34 25.18 -11.64
CA ASP C 308 -54.28 25.85 -10.76
C ASP C 308 -53.64 27.04 -10.03
N PHE C 309 -52.46 26.79 -9.48
CA PHE C 309 -51.74 27.80 -8.72
C PHE C 309 -51.23 29.03 -9.48
N LEU C 310 -50.29 28.82 -10.41
CA LEU C 310 -49.72 29.94 -11.17
C LEU C 310 -50.72 30.91 -11.78
N PRO C 311 -51.80 30.40 -12.41
CA PRO C 311 -52.76 31.34 -12.99
C PRO C 311 -53.39 32.25 -11.95
N LEU C 312 -53.54 31.75 -10.73
CA LEU C 312 -54.12 32.55 -9.66
C LEU C 312 -53.18 33.69 -9.28
N VAL C 313 -51.90 33.38 -9.14
CA VAL C 313 -50.92 34.40 -8.79
C VAL C 313 -50.81 35.41 -9.92
N ALA C 314 -50.82 34.92 -11.16
CA ALA C 314 -50.73 35.79 -12.32
C ALA C 314 -51.88 36.79 -12.38
N LYS C 315 -53.11 36.29 -12.27
CA LYS C 315 -54.28 37.17 -12.33
C LYS C 315 -54.24 38.23 -11.25
N SER C 316 -53.61 37.91 -10.13
CA SER C 316 -53.53 38.84 -9.02
C SER C 316 -52.38 39.84 -9.14
N SER C 317 -51.27 39.43 -9.74
CA SER C 317 -50.11 40.30 -9.85
C SER C 317 -49.92 40.98 -11.19
N LYS C 318 -50.70 40.58 -12.19
CA LYS C 318 -50.58 41.17 -13.51
C LYS C 318 -51.72 42.13 -13.85
N ALA C 319 -51.46 43.42 -13.67
CA ALA C 319 -52.45 44.45 -13.97
C ALA C 319 -52.73 44.46 -15.46
N GLY C 320 -54.00 44.34 -15.83
CA GLY C 320 -54.37 44.34 -17.24
C GLY C 320 -54.72 42.96 -17.74
N MET C 321 -54.29 41.92 -17.03
CA MET C 321 -54.59 40.55 -17.45
C MET C 321 -56.10 40.33 -17.42
N CYS C 322 -56.69 40.49 -16.23
CA CYS C 322 -58.13 40.33 -16.05
C CYS C 322 -58.73 41.63 -15.54
N ALA C 323 -59.91 41.99 -16.05
CA ALA C 323 -60.58 43.21 -15.63
C ALA C 323 -61.24 43.06 -14.25
N CYS C 324 -61.13 41.88 -13.67
CA CYS C 324 -61.71 41.62 -12.36
C CYS C 324 -60.65 41.56 -11.25
N HIS C 325 -60.35 42.71 -10.66
CA HIS C 325 -59.36 42.80 -9.58
C HIS C 325 -59.57 41.67 -8.58
N SER C 326 -58.49 40.95 -8.27
CA SER C 326 -58.57 39.83 -7.35
C SER C 326 -57.42 39.78 -6.35
N PRO C 327 -57.60 39.05 -5.23
CA PRO C 327 -56.59 38.90 -4.18
C PRO C 327 -55.58 37.77 -4.47
N LEU C 328 -54.47 37.82 -3.76
CA LEU C 328 -53.37 36.86 -3.89
C LEU C 328 -53.61 35.61 -3.05
N PRO C 329 -53.36 34.43 -3.63
CA PRO C 329 -53.56 33.17 -2.89
C PRO C 329 -52.91 33.19 -1.52
N SER C 330 -53.71 32.92 -0.49
CA SER C 330 -53.22 32.88 0.89
C SER C 330 -52.43 31.62 1.15
N ILE C 331 -51.12 31.71 1.00
CA ILE C 331 -50.29 30.55 1.22
C ILE C 331 -49.41 30.79 2.43
N ARG C 332 -49.67 30.05 3.50
CA ARG C 332 -48.89 30.21 4.71
C ARG C 332 -48.49 28.86 5.28
N GLY C 333 -47.33 28.84 5.94
CA GLY C 333 -46.83 27.60 6.50
C GLY C 333 -45.87 26.96 5.53
N ALA C 334 -45.60 25.68 5.70
CA ALA C 334 -44.69 24.95 4.83
C ALA C 334 -45.34 24.60 3.50
N VAL C 335 -44.64 24.86 2.41
CA VAL C 335 -45.16 24.58 1.08
C VAL C 335 -44.29 23.52 0.41
N ILE C 336 -44.94 22.52 -0.17
CA ILE C 336 -44.22 21.48 -0.86
C ILE C 336 -44.54 21.53 -2.34
N VAL C 337 -43.49 21.56 -3.16
CA VAL C 337 -43.66 21.59 -4.60
C VAL C 337 -43.10 20.27 -5.08
N LEU C 338 -43.93 19.49 -5.76
CA LEU C 338 -43.52 18.19 -6.27
C LEU C 338 -43.05 18.30 -7.72
N GLY C 339 -41.83 17.85 -7.97
CA GLY C 339 -41.28 17.92 -9.31
C GLY C 339 -40.05 18.81 -9.35
N ALA C 340 -39.17 18.56 -10.31
CA ALA C 340 -37.95 19.34 -10.44
C ALA C 340 -37.86 19.92 -11.85
N GLY C 341 -39.02 20.06 -12.48
CA GLY C 341 -39.05 20.61 -13.82
C GLY C 341 -38.98 22.11 -13.64
N ASP C 342 -38.88 22.84 -14.75
CA ASP C 342 -38.78 24.28 -14.66
C ASP C 342 -40.05 24.93 -14.08
N THR C 343 -41.21 24.29 -14.26
CA THR C 343 -42.44 24.86 -13.71
C THR C 343 -42.42 24.80 -12.18
N ALA C 344 -41.81 23.75 -11.64
CA ALA C 344 -41.71 23.58 -10.21
C ALA C 344 -41.07 24.80 -9.56
N PHE C 345 -39.99 25.28 -10.17
CA PHE C 345 -39.26 26.44 -9.64
C PHE C 345 -40.06 27.74 -9.67
N ASP C 346 -40.93 27.91 -10.66
CA ASP C 346 -41.75 29.12 -10.72
C ASP C 346 -42.85 29.02 -9.67
N CYS C 347 -43.23 27.79 -9.31
CA CYS C 347 -44.25 27.58 -8.29
C CYS C 347 -43.60 27.89 -6.94
N ALA C 348 -42.36 27.45 -6.77
CA ALA C 348 -41.62 27.68 -5.54
C ALA C 348 -41.44 29.17 -5.28
N THR C 349 -40.90 29.89 -6.26
CA THR C 349 -40.68 31.33 -6.10
C THR C 349 -42.00 32.09 -5.98
N SER C 350 -43.02 31.65 -6.70
CA SER C 350 -44.31 32.31 -6.63
C SER C 350 -44.95 32.07 -5.26
N ALA C 351 -44.70 30.91 -4.68
CA ALA C 351 -45.26 30.59 -3.37
C ALA C 351 -44.78 31.63 -2.36
N LEU C 352 -43.48 31.97 -2.42
CA LEU C 352 -42.91 32.96 -1.51
C LEU C 352 -43.63 34.29 -1.59
N ARG C 353 -44.03 34.68 -2.81
CA ARG C 353 -44.72 35.94 -3.00
C ARG C 353 -46.10 35.91 -2.37
N CYS C 354 -46.64 34.71 -2.18
CA CYS C 354 -47.97 34.56 -1.60
C CYS C 354 -47.96 34.51 -0.07
N GLY C 355 -46.78 34.46 0.52
CA GLY C 355 -46.68 34.43 1.98
C GLY C 355 -46.11 33.17 2.58
N ALA C 356 -45.71 32.22 1.74
CA ALA C 356 -45.14 30.98 2.23
C ALA C 356 -44.05 31.26 3.23
N ARG C 357 -44.06 30.51 4.33
CA ARG C 357 -43.04 30.66 5.37
C ARG C 357 -41.79 29.93 4.91
N ARG C 358 -42.01 28.81 4.24
CA ARG C 358 -40.90 28.04 3.73
C ARG C 358 -41.37 27.20 2.54
N VAL C 359 -40.47 26.96 1.60
CA VAL C 359 -40.81 26.18 0.41
C VAL C 359 -39.82 25.06 0.18
N PHE C 360 -40.35 23.85 0.02
CA PHE C 360 -39.50 22.69 -0.24
C PHE C 360 -39.80 22.13 -1.61
N LEU C 361 -38.74 21.84 -2.36
CA LEU C 361 -38.88 21.26 -3.69
C LEU C 361 -38.49 19.80 -3.52
N VAL C 362 -39.46 18.91 -3.65
CA VAL C 362 -39.22 17.48 -3.49
C VAL C 362 -39.37 16.75 -4.82
N PHE C 363 -38.29 16.11 -5.25
CA PHE C 363 -38.30 15.37 -6.51
C PHE C 363 -37.88 13.90 -6.31
N ARG C 364 -38.37 13.04 -7.19
CA ARG C 364 -38.10 11.61 -7.11
C ARG C 364 -36.72 11.17 -7.57
N LYS C 365 -35.95 12.07 -8.17
CA LYS C 365 -34.62 11.71 -8.60
C LYS C 365 -33.55 12.52 -7.89
N GLY C 366 -32.31 12.45 -8.37
CA GLY C 366 -31.23 13.18 -7.75
C GLY C 366 -31.06 14.61 -8.20
N PHE C 367 -30.16 15.33 -7.53
CA PHE C 367 -29.88 16.72 -7.86
C PHE C 367 -29.33 16.79 -9.28
N VAL C 368 -28.48 15.83 -9.62
CA VAL C 368 -27.87 15.76 -10.93
C VAL C 368 -28.95 15.57 -12.01
N ASN C 369 -30.09 15.03 -11.61
CA ASN C 369 -31.17 14.76 -12.56
C ASN C 369 -32.09 15.93 -12.83
N ILE C 370 -31.92 17.03 -12.10
CA ILE C 370 -32.76 18.19 -12.35
C ILE C 370 -32.39 18.64 -13.76
N ARG C 371 -33.39 18.76 -14.62
CA ARG C 371 -33.12 19.17 -15.98
C ARG C 371 -33.62 20.58 -16.27
N ALA C 372 -34.08 21.26 -15.22
CA ALA C 372 -34.54 22.63 -15.35
C ALA C 372 -33.31 23.49 -15.66
N VAL C 373 -33.49 24.56 -16.43
CA VAL C 373 -32.37 25.43 -16.77
C VAL C 373 -31.68 25.95 -15.49
N PRO C 374 -30.34 25.89 -15.42
CA PRO C 374 -29.58 26.35 -14.26
C PRO C 374 -29.99 27.73 -13.76
N GLU C 375 -30.16 28.67 -14.69
CA GLU C 375 -30.54 30.03 -14.35
C GLU C 375 -31.83 30.08 -13.53
N GLU C 376 -32.77 29.21 -13.89
CA GLU C 376 -34.05 29.14 -13.19
C GLU C 376 -33.86 28.50 -11.81
N VAL C 377 -33.06 27.45 -11.76
CA VAL C 377 -32.78 26.77 -10.50
C VAL C 377 -32.13 27.72 -9.51
N GLU C 378 -31.20 28.53 -10.01
CA GLU C 378 -30.49 29.47 -9.16
C GLU C 378 -31.40 30.50 -8.50
N LEU C 379 -32.43 30.97 -9.22
CA LEU C 379 -33.33 31.94 -8.64
C LEU C 379 -34.00 31.38 -7.39
N ALA C 380 -34.40 30.10 -7.44
CA ALA C 380 -35.05 29.48 -6.29
C ALA C 380 -34.03 29.27 -5.18
N LYS C 381 -32.83 28.89 -5.57
CA LYS C 381 -31.76 28.66 -4.60
C LYS C 381 -31.39 29.93 -3.81
N GLU C 382 -31.33 31.07 -4.50
CA GLU C 382 -30.98 32.32 -3.82
C GLU C 382 -32.09 32.82 -2.92
N GLU C 383 -33.32 32.38 -3.18
CA GLU C 383 -34.44 32.82 -2.36
C GLU C 383 -34.68 31.81 -1.24
N LYS C 384 -33.66 30.99 -1.02
CA LYS C 384 -33.64 29.98 0.04
C LYS C 384 -34.71 28.89 0.01
N CYS C 385 -34.95 28.31 -1.15
CA CYS C 385 -35.91 27.21 -1.24
C CYS C 385 -35.12 25.96 -0.90
N GLU C 386 -35.70 25.05 -0.14
CA GLU C 386 -34.99 23.83 0.22
C GLU C 386 -35.22 22.75 -0.83
N PHE C 387 -34.23 21.87 -1.00
CA PHE C 387 -34.31 20.81 -2.00
C PHE C 387 -34.22 19.42 -1.37
N LEU C 388 -35.18 18.56 -1.68
CA LEU C 388 -35.20 17.20 -1.15
C LEU C 388 -35.25 16.20 -2.29
N PRO C 389 -34.12 15.51 -2.55
CA PRO C 389 -34.03 14.51 -3.61
C PRO C 389 -34.47 13.09 -3.22
N PHE C 390 -34.47 12.21 -4.21
CA PHE C 390 -34.84 10.81 -4.05
C PHE C 390 -36.09 10.53 -3.20
N LEU C 391 -37.17 11.25 -3.47
CA LEU C 391 -38.42 11.06 -2.73
C LEU C 391 -39.60 11.06 -3.69
N SER C 392 -40.38 9.99 -3.67
CA SER C 392 -41.56 9.88 -4.53
C SER C 392 -42.82 9.91 -3.67
N PRO C 393 -43.76 10.81 -3.99
CA PRO C 393 -45.00 10.91 -3.22
C PRO C 393 -45.84 9.64 -3.26
N ARG C 394 -46.60 9.41 -2.18
CA ARG C 394 -47.45 8.23 -2.07
C ARG C 394 -48.81 8.57 -1.44
N LYS C 395 -48.80 9.44 -0.44
CA LYS C 395 -50.03 9.83 0.26
C LYS C 395 -50.03 11.29 0.68
N VAL C 396 -51.22 11.87 0.78
CA VAL C 396 -51.37 13.24 1.23
C VAL C 396 -52.30 13.23 2.44
N ILE C 397 -51.72 13.44 3.63
CA ILE C 397 -52.48 13.43 4.88
C ILE C 397 -53.24 14.72 5.14
N VAL C 398 -54.56 14.63 5.25
CA VAL C 398 -55.40 15.80 5.49
C VAL C 398 -56.15 15.72 6.83
N LYS C 399 -56.09 16.80 7.61
CA LYS C 399 -56.77 16.85 8.90
C LYS C 399 -57.49 18.17 9.11
N GLY C 400 -58.73 18.10 9.58
CA GLY C 400 -59.50 19.31 9.83
C GLY C 400 -59.81 20.10 8.57
N GLY C 401 -59.83 19.42 7.43
CA GLY C 401 -60.11 20.09 6.17
C GLY C 401 -58.91 20.88 5.67
N ARG C 402 -57.72 20.52 6.14
CA ARG C 402 -56.49 21.18 5.77
C ARG C 402 -55.36 20.16 5.70
N ILE C 403 -54.45 20.35 4.76
CA ILE C 403 -53.32 19.45 4.60
C ILE C 403 -52.34 19.68 5.74
N VAL C 404 -51.66 18.61 6.16
CA VAL C 404 -50.69 18.72 7.24
C VAL C 404 -49.43 17.93 6.93
N ALA C 405 -49.48 17.06 5.93
CA ALA C 405 -48.30 16.27 5.58
C ALA C 405 -48.42 15.48 4.29
N VAL C 406 -47.28 14.98 3.82
CA VAL C 406 -47.23 14.18 2.61
C VAL C 406 -46.29 13.01 2.87
N GLN C 407 -46.70 11.82 2.43
CA GLN C 407 -45.91 10.62 2.64
C GLN C 407 -45.14 10.28 1.36
N PHE C 408 -43.85 10.00 1.50
CA PHE C 408 -43.00 9.66 0.37
C PHE C 408 -42.31 8.33 0.60
N VAL C 409 -41.66 7.82 -0.45
CA VAL C 409 -40.90 6.59 -0.36
C VAL C 409 -39.59 6.88 -1.06
N ARG C 410 -38.51 6.34 -0.55
CA ARG C 410 -37.22 6.62 -1.15
C ARG C 410 -37.02 5.95 -2.48
N THR C 411 -36.18 6.58 -3.31
CA THR C 411 -35.88 6.06 -4.63
C THR C 411 -34.37 5.91 -4.74
N GLU C 412 -33.94 5.22 -5.79
CA GLU C 412 -32.52 4.99 -5.96
C GLU C 412 -32.24 4.30 -7.28
N GLN C 413 -31.05 4.53 -7.83
CA GLN C 413 -30.65 3.92 -9.09
C GLN C 413 -29.76 2.72 -8.84
N ASP C 414 -30.00 1.64 -9.57
CA ASP C 414 -29.19 0.44 -9.42
C ASP C 414 -28.01 0.51 -10.39
N GLU C 415 -27.11 -0.47 -10.28
CA GLU C 415 -25.94 -0.52 -11.13
C GLU C 415 -26.31 -0.39 -12.60
N THR C 416 -27.45 -0.98 -12.96
CA THR C 416 -27.91 -0.95 -14.35
C THR C 416 -28.31 0.46 -14.78
N GLY C 417 -28.82 1.25 -13.83
CA GLY C 417 -29.23 2.61 -14.13
C GLY C 417 -30.72 2.81 -13.93
N LYS C 418 -31.42 1.72 -13.60
CA LYS C 418 -32.85 1.76 -13.37
C LYS C 418 -33.19 2.42 -12.05
N TRP C 419 -34.37 3.04 -11.99
CA TRP C 419 -34.81 3.68 -10.75
C TRP C 419 -35.78 2.77 -10.02
N ASN C 420 -35.57 2.64 -8.72
CA ASN C 420 -36.42 1.80 -7.89
C ASN C 420 -36.95 2.61 -6.73
N GLU C 421 -38.11 2.22 -6.21
CA GLU C 421 -38.70 2.92 -5.09
C GLU C 421 -39.01 1.93 -3.98
N ASP C 422 -38.16 1.91 -2.95
CA ASP C 422 -38.34 1.00 -1.83
C ASP C 422 -39.59 1.38 -1.04
N GLU C 423 -40.62 0.53 -1.21
CA GLU C 423 -41.91 0.73 -0.57
C GLU C 423 -41.88 0.64 0.95
N ASP C 424 -40.81 0.08 1.51
CA ASP C 424 -40.70 -0.06 2.96
C ASP C 424 -40.24 1.23 3.62
N GLN C 425 -39.36 1.96 2.94
CA GLN C 425 -38.83 3.22 3.46
C GLN C 425 -39.77 4.39 3.24
N ILE C 426 -40.75 4.55 4.14
CA ILE C 426 -41.70 5.66 4.02
C ILE C 426 -41.18 6.90 4.71
N VAL C 427 -41.55 8.06 4.17
CA VAL C 427 -41.10 9.34 4.72
C VAL C 427 -42.25 10.30 5.01
N HIS C 428 -42.24 10.85 6.21
CA HIS C 428 -43.28 11.80 6.59
C HIS C 428 -42.76 13.24 6.57
N LEU C 429 -43.31 14.03 5.66
CA LEU C 429 -42.92 15.44 5.55
C LEU C 429 -44.11 16.32 5.87
N LYS C 430 -43.87 17.31 6.73
CA LYS C 430 -44.90 18.24 7.14
C LYS C 430 -45.17 19.23 6.01
N ALA C 431 -46.39 19.75 5.95
CA ALA C 431 -46.74 20.71 4.91
C ALA C 431 -48.16 21.24 5.07
N ASP C 432 -48.35 22.52 4.74
CA ASP C 432 -49.65 23.17 4.83
C ASP C 432 -50.25 23.31 3.43
N VAL C 433 -49.36 23.32 2.43
CA VAL C 433 -49.76 23.46 1.04
C VAL C 433 -48.93 22.53 0.16
N VAL C 434 -49.57 21.98 -0.86
CA VAL C 434 -48.89 21.08 -1.78
C VAL C 434 -49.23 21.48 -3.21
N ILE C 435 -48.20 21.61 -4.03
CA ILE C 435 -48.37 22.01 -5.41
C ILE C 435 -47.67 21.02 -6.32
N SER C 436 -48.42 20.37 -7.20
CA SER C 436 -47.84 19.39 -8.12
C SER C 436 -47.47 20.08 -9.43
N ALA C 437 -46.24 19.84 -9.88
CA ALA C 437 -45.75 20.40 -11.12
C ALA C 437 -45.22 19.24 -11.94
N PHE C 438 -46.14 18.34 -12.30
CA PHE C 438 -45.80 17.14 -13.07
C PHE C 438 -45.87 17.32 -14.58
N GLY C 439 -46.23 18.52 -15.02
CA GLY C 439 -46.31 18.77 -16.46
C GLY C 439 -47.71 19.07 -16.91
N SER C 440 -47.91 19.10 -18.23
CA SER C 440 -49.22 19.37 -18.79
C SER C 440 -49.53 18.43 -19.94
N VAL C 441 -50.82 18.30 -20.26
CA VAL C 441 -51.26 17.41 -21.32
C VAL C 441 -52.55 17.86 -21.99
N LEU C 442 -52.94 17.14 -23.04
CA LEU C 442 -54.18 17.40 -23.75
C LEU C 442 -54.99 16.11 -23.57
N ARG C 443 -56.03 16.18 -22.74
CA ARG C 443 -56.87 15.03 -22.45
C ARG C 443 -58.35 15.20 -22.79
N ASP C 444 -58.88 16.38 -22.53
CA ASP C 444 -60.28 16.68 -22.76
C ASP C 444 -60.78 16.10 -24.09
N PRO C 445 -61.66 15.08 -24.01
CA PRO C 445 -62.22 14.44 -25.21
C PRO C 445 -63.01 15.42 -26.08
N LYS C 446 -63.63 16.41 -25.45
CA LYS C 446 -64.41 17.40 -26.19
C LYS C 446 -63.50 18.21 -27.10
N VAL C 447 -62.26 18.44 -26.65
CA VAL C 447 -61.30 19.20 -27.43
C VAL C 447 -60.67 18.34 -28.52
N LYS C 448 -60.20 17.15 -28.15
CA LYS C 448 -59.58 16.24 -29.09
C LYS C 448 -60.54 15.89 -30.24
N GLU C 449 -61.83 15.82 -29.93
CA GLU C 449 -62.79 15.47 -30.96
C GLU C 449 -63.07 16.61 -31.93
N ALA C 450 -62.88 17.84 -31.45
CA ALA C 450 -63.10 19.01 -32.29
C ALA C 450 -62.03 19.04 -33.37
N LEU C 451 -60.99 18.22 -33.20
CA LEU C 451 -59.90 18.15 -34.14
C LEU C 451 -60.07 17.02 -35.16
N SER C 452 -61.21 16.34 -35.11
CA SER C 452 -61.47 15.26 -36.05
C SER C 452 -61.51 15.87 -37.46
N PRO C 453 -60.97 15.15 -38.45
CA PRO C 453 -60.37 13.83 -38.33
C PRO C 453 -58.85 13.79 -38.42
N ILE C 454 -58.16 14.82 -37.95
CA ILE C 454 -56.71 14.80 -38.06
C ILE C 454 -56.11 13.63 -37.27
N LYS C 455 -55.00 13.12 -37.78
CA LYS C 455 -54.30 12.00 -37.19
C LYS C 455 -53.47 12.37 -35.95
N PHE C 456 -53.55 11.55 -34.91
CA PHE C 456 -52.79 11.76 -33.69
C PHE C 456 -51.70 10.69 -33.66
N ASN C 457 -50.57 11.00 -33.05
CA ASN C 457 -49.46 10.06 -32.96
C ASN C 457 -49.54 9.28 -31.66
N ARG C 458 -48.53 8.47 -31.37
CA ARG C 458 -48.57 7.69 -30.14
C ARG C 458 -48.37 8.52 -28.87
N TRP C 459 -48.04 9.79 -29.02
CA TRP C 459 -47.88 10.66 -27.85
C TRP C 459 -49.26 11.21 -27.53
N ASP C 460 -50.23 10.83 -28.35
CA ASP C 460 -51.60 11.27 -28.18
C ASP C 460 -51.73 12.76 -28.48
N LEU C 461 -50.94 13.22 -29.44
CA LEU C 461 -50.95 14.62 -29.86
C LEU C 461 -51.07 14.68 -31.38
N PRO C 462 -51.66 15.78 -31.90
CA PRO C 462 -51.79 15.86 -33.36
C PRO C 462 -50.45 15.69 -34.06
N GLU C 463 -50.44 14.86 -35.09
CA GLU C 463 -49.24 14.57 -35.87
C GLU C 463 -49.09 15.60 -36.98
N VAL C 464 -47.87 16.11 -37.14
CA VAL C 464 -47.60 17.10 -38.18
C VAL C 464 -46.27 16.81 -38.83
N ASP C 465 -46.10 17.26 -40.08
CA ASP C 465 -44.83 17.08 -40.76
C ASP C 465 -43.91 18.10 -40.08
N PRO C 466 -42.79 17.63 -39.54
CA PRO C 466 -41.85 18.53 -38.86
C PRO C 466 -41.31 19.70 -39.67
N GLU C 467 -41.40 19.62 -40.99
CA GLU C 467 -40.92 20.69 -41.86
C GLU C 467 -42.01 21.70 -42.24
N THR C 468 -43.21 21.21 -42.50
CA THR C 468 -44.32 22.07 -42.91
C THR C 468 -45.32 22.40 -41.80
N MET C 469 -45.31 21.62 -40.73
CA MET C 469 -46.24 21.82 -39.61
C MET C 469 -47.68 21.51 -40.02
N GLN C 470 -47.83 20.80 -41.13
CA GLN C 470 -49.14 20.44 -41.67
C GLN C 470 -49.62 19.10 -41.09
N THR C 471 -50.91 19.02 -40.76
CA THR C 471 -51.47 17.79 -40.21
C THR C 471 -51.90 16.85 -41.35
N SER C 472 -52.58 15.76 -40.99
CA SER C 472 -53.04 14.81 -41.99
C SER C 472 -54.07 15.47 -42.89
N GLU C 473 -54.66 16.56 -42.40
CA GLU C 473 -55.63 17.32 -43.17
C GLU C 473 -54.85 18.51 -43.75
N PRO C 474 -54.71 18.57 -45.09
CA PRO C 474 -53.99 19.63 -45.82
C PRO C 474 -54.22 21.08 -45.40
N TRP C 475 -55.45 21.44 -45.06
CA TRP C 475 -55.74 22.82 -44.66
C TRP C 475 -55.52 23.12 -43.19
N VAL C 476 -55.13 22.10 -42.42
CA VAL C 476 -54.93 22.28 -40.98
C VAL C 476 -53.48 22.12 -40.56
N PHE C 477 -52.95 23.13 -39.87
CA PHE C 477 -51.57 23.09 -39.40
C PHE C 477 -51.57 23.22 -37.87
N ALA C 478 -50.46 22.81 -37.26
CA ALA C 478 -50.34 22.88 -35.81
C ALA C 478 -48.90 23.18 -35.40
N GLY C 479 -48.74 23.80 -34.24
CA GLY C 479 -47.41 24.11 -33.75
C GLY C 479 -47.43 24.52 -32.29
N GLY C 480 -46.24 24.62 -31.69
CA GLY C 480 -46.17 25.01 -30.29
C GLY C 480 -46.24 23.81 -29.37
N ASP C 481 -46.63 24.05 -28.12
CA ASP C 481 -46.73 22.98 -27.14
C ASP C 481 -47.60 21.81 -27.59
N ILE C 482 -48.67 22.10 -28.32
CA ILE C 482 -49.60 21.07 -28.79
C ILE C 482 -48.92 19.99 -29.62
N VAL C 483 -47.84 20.34 -30.32
CA VAL C 483 -47.13 19.37 -31.15
C VAL C 483 -46.17 18.51 -30.32
N GLY C 484 -45.80 19.00 -29.14
CA GLY C 484 -44.92 18.24 -28.27
C GLY C 484 -43.42 18.29 -28.52
N MET C 485 -42.98 19.11 -29.46
CA MET C 485 -41.55 19.20 -29.72
C MET C 485 -40.95 20.42 -29.03
N ALA C 486 -41.61 21.57 -29.15
CA ALA C 486 -41.13 22.79 -28.53
C ALA C 486 -41.17 22.69 -27.01
N ASN C 487 -40.18 23.28 -26.36
CA ASN C 487 -40.07 23.28 -24.91
C ASN C 487 -39.92 24.73 -24.44
N THR C 488 -39.95 25.65 -25.39
CA THR C 488 -39.77 27.06 -25.06
C THR C 488 -40.69 27.99 -25.82
N THR C 489 -40.67 29.26 -25.41
CA THR C 489 -41.47 30.29 -26.06
C THR C 489 -40.91 30.50 -27.46
N VAL C 490 -39.58 30.59 -27.58
CA VAL C 490 -38.95 30.82 -28.86
C VAL C 490 -39.20 29.71 -29.88
N GLU C 491 -39.21 28.45 -29.43
CA GLU C 491 -39.47 27.33 -30.33
C GLU C 491 -40.91 27.32 -30.77
N SER C 492 -41.80 27.78 -29.89
CA SER C 492 -43.22 27.84 -30.22
C SER C 492 -43.42 28.93 -31.27
N VAL C 493 -42.69 30.05 -31.09
CA VAL C 493 -42.76 31.15 -32.04
C VAL C 493 -42.29 30.67 -33.40
N ASN C 494 -41.23 29.85 -33.39
CA ASN C 494 -40.69 29.33 -34.64
C ASN C 494 -41.65 28.37 -35.31
N ASP C 495 -42.36 27.58 -34.51
CA ASP C 495 -43.33 26.64 -35.06
C ASP C 495 -44.37 27.42 -35.88
N GLY C 496 -44.88 28.51 -35.30
CA GLY C 496 -45.86 29.31 -36.00
C GLY C 496 -45.25 29.97 -37.23
N LYS C 497 -44.00 30.37 -37.10
CA LYS C 497 -43.25 31.02 -38.18
C LYS C 497 -43.07 30.04 -39.34
N GLN C 498 -42.66 28.82 -39.00
CA GLN C 498 -42.44 27.76 -39.98
C GLN C 498 -43.77 27.42 -40.67
N ALA C 499 -44.83 27.33 -39.88
CA ALA C 499 -46.15 27.01 -40.41
C ALA C 499 -46.72 28.08 -41.34
N SER C 500 -46.50 29.34 -40.99
CA SER C 500 -47.02 30.44 -41.79
C SER C 500 -46.63 30.35 -43.26
N TRP C 501 -45.39 29.95 -43.53
CA TRP C 501 -44.94 29.85 -44.91
C TRP C 501 -45.68 28.77 -45.70
N TYR C 502 -45.85 27.59 -45.11
CA TYR C 502 -46.53 26.52 -45.82
C TYR C 502 -48.04 26.70 -45.87
N ILE C 503 -48.58 27.48 -44.93
CA ILE C 503 -50.01 27.76 -44.90
C ILE C 503 -50.23 28.65 -46.12
N HIS C 504 -49.28 29.58 -46.30
CA HIS C 504 -49.28 30.52 -47.42
C HIS C 504 -49.24 29.73 -48.73
N LYS C 505 -48.30 28.80 -48.80
CA LYS C 505 -48.15 27.96 -49.98
C LYS C 505 -49.43 27.18 -50.25
N TYR C 506 -50.03 26.64 -49.19
CA TYR C 506 -51.26 25.87 -49.34
C TYR C 506 -52.39 26.73 -49.89
N ILE C 507 -52.67 27.84 -49.21
CA ILE C 507 -53.74 28.74 -49.63
C ILE C 507 -53.58 29.23 -51.06
N GLN C 508 -52.38 29.68 -51.40
CA GLN C 508 -52.10 30.16 -52.76
C GLN C 508 -52.46 29.08 -53.77
N ALA C 509 -52.01 27.85 -53.51
CA ALA C 509 -52.27 26.72 -54.40
C ALA C 509 -53.77 26.48 -54.56
N GLN C 510 -54.53 26.65 -53.48
CA GLN C 510 -55.97 26.44 -53.54
C GLN C 510 -56.62 27.43 -54.50
N TYR C 511 -55.92 28.54 -54.75
CA TYR C 511 -56.42 29.56 -55.67
C TYR C 511 -55.71 29.48 -57.01
N GLY C 512 -55.02 28.37 -57.25
CA GLY C 512 -54.33 28.19 -58.51
C GLY C 512 -53.06 29.00 -58.70
N ALA C 513 -52.49 29.47 -57.61
CA ALA C 513 -51.27 30.27 -57.68
C ALA C 513 -50.11 29.55 -56.99
N SER C 514 -48.90 29.81 -57.48
CA SER C 514 -47.71 29.20 -56.91
C SER C 514 -46.93 30.24 -56.11
N VAL C 515 -45.94 29.79 -55.36
CA VAL C 515 -45.12 30.70 -54.57
C VAL C 515 -43.65 30.40 -54.86
N SER C 516 -42.78 31.35 -54.55
CA SER C 516 -41.35 31.20 -54.78
C SER C 516 -40.83 29.89 -54.19
N ALA C 517 -39.89 29.26 -54.89
CA ALA C 517 -39.31 28.00 -54.42
C ALA C 517 -38.57 28.25 -53.12
N LYS C 518 -37.93 29.42 -53.02
CA LYS C 518 -37.18 29.80 -51.83
C LYS C 518 -38.10 30.58 -50.90
N PRO C 519 -38.19 30.16 -49.63
CA PRO C 519 -39.05 30.81 -48.62
C PRO C 519 -38.77 32.31 -48.54
N GLU C 520 -39.82 33.11 -48.58
CA GLU C 520 -39.66 34.55 -48.51
C GLU C 520 -40.56 35.22 -47.48
N LEU C 521 -40.39 34.88 -46.21
CA LEU C 521 -41.18 35.50 -45.16
C LEU C 521 -40.64 36.92 -45.06
N PRO C 522 -41.53 37.92 -45.01
CA PRO C 522 -41.13 39.33 -44.92
C PRO C 522 -40.44 39.67 -43.60
N LEU C 523 -39.67 40.76 -43.62
CA LEU C 523 -38.99 41.23 -42.43
C LEU C 523 -40.02 42.08 -41.68
N PHE C 524 -39.57 42.73 -40.61
CA PHE C 524 -40.42 43.58 -39.77
C PHE C 524 -40.24 45.03 -40.22
N TYR C 525 -41.34 45.75 -40.43
CA TYR C 525 -41.28 47.15 -40.86
C TYR C 525 -42.11 48.09 -40.01
N THR C 526 -41.68 49.36 -40.00
CA THR C 526 -42.36 50.42 -39.26
C THR C 526 -42.25 51.69 -40.13
N PRO C 527 -42.96 52.77 -39.75
CA PRO C 527 -42.92 54.02 -40.52
C PRO C 527 -41.50 54.59 -40.64
N VAL C 528 -40.63 54.23 -39.70
CA VAL C 528 -39.26 54.71 -39.70
C VAL C 528 -38.56 54.32 -41.00
N ASP C 529 -38.90 53.14 -41.51
CA ASP C 529 -38.31 52.62 -42.75
C ASP C 529 -38.66 53.43 -44.00
N LEU C 530 -39.65 54.30 -43.89
CA LEU C 530 -40.09 55.12 -45.01
C LEU C 530 -39.32 56.44 -45.08
N VAL C 531 -38.56 56.74 -44.03
CA VAL C 531 -37.80 57.97 -43.98
C VAL C 531 -36.79 58.05 -45.11
N ASP C 532 -36.78 59.18 -45.81
CA ASP C 532 -35.88 59.39 -46.95
C ASP C 532 -34.53 59.90 -46.48
N ILE C 533 -33.47 59.16 -46.77
CA ILE C 533 -32.15 59.61 -46.37
C ILE C 533 -31.23 59.89 -47.56
N SER C 534 -31.83 60.24 -48.69
CA SER C 534 -31.07 60.57 -49.89
C SER C 534 -30.56 62.00 -49.74
N VAL C 535 -29.55 62.34 -50.51
CA VAL C 535 -28.98 63.68 -50.45
C VAL C 535 -28.31 64.04 -51.76
N GLU C 536 -28.33 65.33 -52.10
CA GLU C 536 -27.72 65.82 -53.32
C GLU C 536 -26.52 66.69 -52.96
N MET C 537 -25.44 66.51 -53.72
CA MET C 537 -24.23 67.29 -53.49
C MET C 537 -23.46 67.45 -54.79
N ALA C 538 -23.10 68.69 -55.10
CA ALA C 538 -22.36 68.99 -56.32
C ALA C 538 -23.03 68.41 -57.56
N GLY C 539 -24.36 68.45 -57.58
CA GLY C 539 -25.10 67.94 -58.72
C GLY C 539 -25.28 66.44 -58.75
N LEU C 540 -24.71 65.75 -57.77
CA LEU C 540 -24.82 64.29 -57.72
C LEU C 540 -25.92 63.88 -56.75
N LYS C 541 -26.59 62.77 -57.06
CA LYS C 541 -27.65 62.24 -56.21
C LYS C 541 -27.19 60.98 -55.50
N PHE C 542 -27.18 60.99 -54.17
CA PHE C 542 -26.79 59.81 -53.39
C PHE C 542 -28.04 59.20 -52.75
N ILE C 543 -28.24 57.89 -52.91
CA ILE C 543 -29.42 57.25 -52.33
C ILE C 543 -29.35 57.28 -50.80
N ASN C 544 -28.14 57.33 -50.26
CA ASN C 544 -27.92 57.47 -48.82
C ASN C 544 -26.56 58.16 -48.71
N PRO C 545 -26.28 58.84 -47.58
CA PRO C 545 -25.00 59.54 -47.43
C PRO C 545 -23.77 58.74 -47.04
N PHE C 546 -23.89 57.42 -46.96
CA PHE C 546 -22.74 56.60 -46.56
C PHE C 546 -21.97 56.02 -47.73
N GLY C 547 -20.64 56.12 -47.67
CA GLY C 547 -19.82 55.58 -48.74
C GLY C 547 -18.50 55.06 -48.21
N LEU C 548 -17.85 54.20 -49.00
CA LEU C 548 -16.56 53.64 -48.63
C LEU C 548 -15.47 54.61 -49.03
N ALA C 549 -14.61 54.95 -48.09
CA ALA C 549 -13.51 55.85 -48.37
C ALA C 549 -12.50 55.09 -49.23
N SER C 550 -11.64 55.84 -49.92
CA SER C 550 -10.58 55.26 -50.74
C SER C 550 -9.65 54.59 -49.74
N ALA C 551 -9.67 53.26 -49.63
CA ALA C 551 -8.80 52.58 -48.65
C ALA C 551 -8.81 51.05 -48.79
N ALA C 552 -8.42 50.33 -47.72
CA ALA C 552 -8.38 48.87 -47.77
C ALA C 552 -9.73 48.25 -48.18
N PRO C 553 -10.87 48.82 -47.70
CA PRO C 553 -12.16 48.21 -48.10
C PRO C 553 -12.44 48.34 -49.59
N THR C 554 -11.68 49.18 -50.28
CA THR C 554 -11.84 49.37 -51.72
C THR C 554 -10.57 48.93 -52.48
N THR C 555 -9.87 47.94 -51.92
CA THR C 555 -8.66 47.39 -52.52
C THR C 555 -8.93 46.84 -53.92
N SER C 556 -10.12 46.25 -54.10
CA SER C 556 -10.51 45.66 -55.38
C SER C 556 -11.93 46.09 -55.73
N SER C 557 -12.19 46.25 -57.03
CA SER C 557 -13.51 46.66 -57.49
C SER C 557 -14.57 45.61 -57.16
N SER C 558 -14.16 44.35 -57.04
CA SER C 558 -15.10 43.29 -56.71
C SER C 558 -15.68 43.51 -55.31
N MET C 559 -14.90 44.19 -54.46
CA MET C 559 -15.33 44.50 -53.10
C MET C 559 -16.34 45.63 -53.13
N ILE C 560 -16.14 46.59 -54.02
CA ILE C 560 -17.06 47.71 -54.17
C ILE C 560 -18.40 47.15 -54.65
N ARG C 561 -18.37 46.22 -55.59
CA ARG C 561 -19.59 45.60 -56.10
C ARG C 561 -20.40 45.01 -54.93
N ARG C 562 -19.72 44.26 -54.07
CA ARG C 562 -20.41 43.65 -52.92
C ARG C 562 -20.91 44.72 -51.95
N ALA C 563 -20.18 45.83 -51.85
CA ALA C 563 -20.59 46.92 -50.96
C ALA C 563 -21.89 47.54 -51.50
N PHE C 564 -21.95 47.73 -52.82
CA PHE C 564 -23.16 48.28 -53.42
C PHE C 564 -24.32 47.30 -53.27
N GLU C 565 -24.03 46.00 -53.39
CA GLU C 565 -25.08 44.98 -53.24
C GLU C 565 -25.61 45.03 -51.81
N ALA C 566 -24.72 45.36 -50.87
CA ALA C 566 -25.12 45.44 -49.46
C ALA C 566 -25.97 46.69 -49.22
N GLY C 567 -25.76 47.73 -50.02
CA GLY C 567 -26.55 48.95 -49.86
C GLY C 567 -25.81 50.27 -49.72
N TRP C 568 -24.48 50.25 -49.79
CA TRP C 568 -23.71 51.49 -49.66
C TRP C 568 -24.09 52.50 -50.74
N GLY C 569 -24.26 53.76 -50.34
CA GLY C 569 -24.64 54.81 -51.27
C GLY C 569 -23.60 55.14 -52.32
N PHE C 570 -22.33 55.11 -51.94
CA PHE C 570 -21.26 55.40 -52.88
C PHE C 570 -19.97 54.75 -52.46
N ALA C 571 -18.94 54.85 -53.31
CA ALA C 571 -17.65 54.29 -53.00
C ALA C 571 -16.55 54.97 -53.79
N LEU C 572 -15.38 55.03 -53.18
CA LEU C 572 -14.20 55.62 -53.79
C LEU C 572 -13.33 54.44 -54.21
N THR C 573 -12.64 54.57 -55.34
CA THR C 573 -11.74 53.50 -55.76
C THR C 573 -10.50 53.75 -54.90
N LYS C 574 -9.67 52.72 -54.73
CA LYS C 574 -8.42 52.90 -54.00
C LYS C 574 -7.72 53.93 -54.90
N THR C 575 -6.87 54.78 -54.34
CA THR C 575 -6.21 55.78 -55.16
C THR C 575 -5.33 55.11 -56.23
N PHE C 576 -5.50 55.50 -57.48
CA PHE C 576 -4.66 54.94 -58.54
C PHE C 576 -3.93 56.01 -59.33
N SER C 577 -2.92 55.59 -60.09
CA SER C 577 -2.11 56.52 -60.85
C SER C 577 -1.72 55.98 -62.22
N LEU C 578 -0.93 56.77 -62.94
CA LEU C 578 -0.44 56.39 -64.25
C LEU C 578 0.58 55.27 -64.07
N ASP C 579 0.73 54.44 -65.10
CA ASP C 579 1.65 53.31 -65.07
C ASP C 579 3.06 53.64 -64.57
N LYS C 580 3.58 54.80 -64.97
CA LYS C 580 4.93 55.18 -64.57
C LYS C 580 5.09 55.42 -63.06
N ASP C 581 3.97 55.63 -62.37
CA ASP C 581 4.02 55.88 -60.92
C ASP C 581 3.56 54.66 -60.11
N ILE C 582 3.56 53.49 -60.75
CA ILE C 582 3.13 52.25 -60.11
C ILE C 582 3.89 52.03 -58.79
N VAL C 583 3.19 51.58 -57.75
CA VAL C 583 3.83 51.36 -56.46
C VAL C 583 3.82 49.90 -56.01
N THR C 584 4.63 49.61 -54.99
CA THR C 584 4.73 48.27 -54.42
C THR C 584 4.71 48.41 -52.89
N ASN C 585 3.72 47.79 -52.26
CA ASN C 585 3.59 47.86 -50.80
C ASN C 585 4.60 47.00 -50.06
N VAL C 586 4.77 47.30 -48.78
CA VAL C 586 5.64 46.53 -47.91
C VAL C 586 4.71 45.83 -46.92
N SER C 587 5.27 44.96 -46.09
CA SER C 587 4.48 44.25 -45.09
C SER C 587 5.39 43.94 -43.91
N PRO C 588 4.87 44.03 -42.68
CA PRO C 588 3.49 44.42 -42.33
C PRO C 588 3.26 45.90 -42.63
N ARG C 589 2.00 46.32 -42.75
CA ARG C 589 1.71 47.73 -43.03
C ARG C 589 0.46 48.35 -42.39
N ILE C 590 -0.37 47.53 -41.75
CA ILE C 590 -1.57 48.03 -41.07
C ILE C 590 -1.64 47.43 -39.68
N VAL C 591 -1.54 48.27 -38.66
CA VAL C 591 -1.58 47.78 -37.29
C VAL C 591 -2.72 48.40 -36.49
N ARG C 592 -3.08 47.73 -35.39
CA ARG C 592 -4.14 48.21 -34.51
C ARG C 592 -3.63 49.39 -33.72
N GLY C 593 -4.53 50.26 -33.30
CA GLY C 593 -4.14 51.41 -32.51
C GLY C 593 -3.90 51.03 -31.06
N THR C 594 -3.08 51.83 -30.39
CA THR C 594 -2.79 51.62 -28.98
C THR C 594 -3.39 52.79 -28.21
N THR C 595 -4.28 53.51 -28.90
CA THR C 595 -4.94 54.69 -28.36
C THR C 595 -5.96 54.48 -27.24
N SER C 596 -6.36 53.23 -26.99
CA SER C 596 -7.30 52.97 -25.91
C SER C 596 -6.84 51.79 -25.04
N GLY C 597 -5.52 51.61 -24.97
CA GLY C 597 -4.97 50.54 -24.14
C GLY C 597 -4.96 49.16 -24.77
N PRO C 598 -4.55 48.14 -24.00
CA PRO C 598 -4.50 46.74 -24.46
C PRO C 598 -5.86 46.03 -24.56
N MET C 599 -6.74 46.58 -25.40
CA MET C 599 -8.06 46.02 -25.64
C MET C 599 -8.00 45.47 -27.07
N TYR C 600 -8.17 44.16 -27.20
CA TYR C 600 -8.10 43.53 -28.51
C TYR C 600 -9.46 43.06 -29.02
N GLY C 601 -9.56 42.83 -30.32
CA GLY C 601 -10.80 42.37 -30.90
C GLY C 601 -11.65 43.47 -31.50
N PRO C 602 -12.97 43.42 -31.31
CA PRO C 602 -13.91 44.41 -31.84
C PRO C 602 -13.70 45.85 -31.36
N GLY C 603 -14.06 46.79 -32.23
CA GLY C 603 -13.96 48.20 -31.91
C GLY C 603 -12.60 48.81 -31.62
N GLN C 604 -11.58 48.49 -32.41
CA GLN C 604 -10.27 49.11 -32.20
C GLN C 604 -10.51 50.61 -32.34
N SER C 605 -9.92 51.41 -31.44
CA SER C 605 -10.13 52.86 -31.47
C SER C 605 -9.36 53.58 -32.55
N SER C 606 -8.51 52.84 -33.27
CA SER C 606 -7.74 53.41 -34.36
C SER C 606 -6.86 52.36 -35.03
N PHE C 607 -6.30 52.73 -36.18
CA PHE C 607 -5.37 51.88 -36.91
C PHE C 607 -4.30 52.83 -37.42
N LEU C 608 -3.13 52.30 -37.72
CA LEU C 608 -2.07 53.09 -38.31
C LEU C 608 -1.65 52.27 -39.51
N ASN C 609 -1.39 52.93 -40.63
CA ASN C 609 -0.98 52.20 -41.82
C ASN C 609 0.16 52.92 -42.53
N ILE C 610 0.99 52.14 -43.22
CA ILE C 610 2.10 52.67 -44.01
C ILE C 610 1.89 52.12 -45.41
N GLU C 611 0.63 52.03 -45.81
CA GLU C 611 0.28 51.54 -47.13
C GLU C 611 0.40 52.69 -48.11
N LEU C 612 0.63 52.37 -49.38
CA LEU C 612 0.75 53.40 -50.41
C LEU C 612 -0.58 53.42 -51.16
N ILE C 613 -0.58 53.93 -52.38
CA ILE C 613 -1.82 53.94 -53.16
C ILE C 613 -2.03 52.54 -53.74
N SER C 614 -3.03 52.40 -54.61
CA SER C 614 -3.32 51.10 -55.19
C SER C 614 -2.16 50.48 -55.96
N GLU C 615 -2.03 49.16 -55.86
CA GLU C 615 -0.99 48.44 -56.60
C GLU C 615 -1.58 48.00 -57.94
N LYS C 616 -2.88 48.19 -58.10
CA LYS C 616 -3.56 47.83 -59.34
C LYS C 616 -3.51 49.00 -60.32
N THR C 617 -3.43 48.69 -61.61
CA THR C 617 -3.30 49.70 -62.66
C THR C 617 -4.53 50.55 -62.97
N ALA C 618 -4.29 51.69 -63.61
CA ALA C 618 -5.36 52.60 -64.01
C ALA C 618 -6.29 51.89 -64.99
N ALA C 619 -5.72 51.01 -65.81
CA ALA C 619 -6.50 50.25 -66.77
C ALA C 619 -7.51 49.37 -66.02
N TYR C 620 -7.05 48.70 -64.98
CA TYR C 620 -7.92 47.85 -64.17
C TYR C 620 -9.03 48.69 -63.55
N TRP C 621 -8.65 49.81 -62.94
CA TRP C 621 -9.61 50.67 -62.29
C TRP C 621 -10.61 51.31 -63.24
N CYS C 622 -10.14 51.79 -64.38
CA CYS C 622 -11.04 52.42 -65.33
C CYS C 622 -12.02 51.39 -65.90
N GLN C 623 -11.56 50.19 -66.24
CA GLN C 623 -12.49 49.19 -66.76
C GLN C 623 -13.47 48.82 -65.63
N SER C 624 -12.95 48.75 -64.41
CA SER C 624 -13.81 48.41 -63.27
C SER C 624 -14.90 49.45 -63.05
N VAL C 625 -14.56 50.73 -63.21
CA VAL C 625 -15.55 51.78 -63.02
C VAL C 625 -16.65 51.68 -64.06
N THR C 626 -16.27 51.37 -65.29
CA THR C 626 -17.27 51.23 -66.35
C THR C 626 -18.24 50.10 -65.99
N GLU C 627 -17.69 48.98 -65.52
CA GLU C 627 -18.49 47.83 -65.14
C GLU C 627 -19.42 48.18 -63.98
N LEU C 628 -18.87 48.77 -62.93
CA LEU C 628 -19.66 49.14 -61.76
C LEU C 628 -20.77 50.14 -62.10
N LYS C 629 -20.47 51.15 -62.89
CA LYS C 629 -21.50 52.14 -63.24
C LYS C 629 -22.58 51.53 -64.14
N ALA C 630 -22.19 50.55 -64.94
CA ALA C 630 -23.13 49.89 -65.82
C ALA C 630 -24.11 49.06 -64.98
N ASP C 631 -23.58 48.37 -63.97
CA ASP C 631 -24.43 47.53 -63.12
C ASP C 631 -25.11 48.24 -61.96
N PHE C 632 -24.55 49.37 -61.52
CA PHE C 632 -25.14 50.12 -60.42
C PHE C 632 -25.22 51.59 -60.75
N PRO C 633 -26.13 51.95 -61.66
CA PRO C 633 -26.34 53.34 -62.13
C PRO C 633 -26.67 54.33 -61.01
N ASP C 634 -27.36 53.85 -59.98
CA ASP C 634 -27.75 54.73 -58.87
C ASP C 634 -26.71 54.87 -57.77
N ASN C 635 -25.69 54.02 -57.79
CA ASN C 635 -24.65 54.10 -56.78
C ASN C 635 -23.52 54.98 -57.32
N ILE C 636 -23.11 55.96 -56.52
CA ILE C 636 -22.08 56.89 -56.93
C ILE C 636 -20.66 56.31 -56.82
N VAL C 637 -19.92 56.33 -57.93
CA VAL C 637 -18.55 55.85 -57.93
C VAL C 637 -17.61 57.03 -58.15
N ILE C 638 -16.71 57.26 -57.20
CA ILE C 638 -15.78 58.36 -57.30
C ILE C 638 -14.38 57.78 -57.49
N ALA C 639 -13.70 58.21 -58.53
CA ALA C 639 -12.35 57.70 -58.81
C ALA C 639 -11.29 58.53 -58.10
N SER C 640 -10.51 57.90 -57.24
CA SER C 640 -9.44 58.60 -56.52
C SER C 640 -8.17 58.49 -57.35
N ILE C 641 -7.54 59.62 -57.63
CA ILE C 641 -6.34 59.62 -58.45
C ILE C 641 -5.23 60.49 -57.86
N MET C 642 -4.00 60.19 -58.27
CA MET C 642 -2.84 60.94 -57.80
C MET C 642 -1.73 60.99 -58.84
N CYS C 643 -1.11 62.16 -58.95
CA CYS C 643 0.01 62.41 -59.87
C CYS C 643 1.00 63.33 -59.18
N SER C 644 2.22 63.40 -59.70
CA SER C 644 3.23 64.28 -59.13
C SER C 644 2.82 65.68 -59.58
N TYR C 645 3.56 66.70 -59.17
CA TYR C 645 3.21 68.07 -59.57
C TYR C 645 3.53 68.26 -61.04
N ASN C 646 2.67 67.73 -61.89
CA ASN C 646 2.84 67.78 -63.34
C ASN C 646 1.47 67.99 -64.01
N LYS C 647 1.33 69.08 -64.75
CA LYS C 647 0.07 69.39 -65.41
C LYS C 647 -0.42 68.34 -66.41
N ASN C 648 0.46 67.88 -67.30
CA ASN C 648 0.04 66.88 -68.27
C ASN C 648 -0.45 65.60 -67.61
N ASP C 649 0.25 65.17 -66.57
CA ASP C 649 -0.12 63.95 -65.85
C ASP C 649 -1.51 64.06 -65.23
N TRP C 650 -1.74 65.12 -64.49
CA TRP C 650 -3.05 65.30 -63.87
C TRP C 650 -4.17 65.37 -64.90
N MET C 651 -3.91 66.02 -66.02
CA MET C 651 -4.95 66.11 -67.06
C MET C 651 -5.16 64.77 -67.75
N GLU C 652 -4.08 64.03 -67.94
CA GLU C 652 -4.18 62.72 -68.59
C GLU C 652 -4.97 61.73 -67.74
N LEU C 653 -4.57 61.60 -66.48
CA LEU C 653 -5.23 60.68 -65.57
C LEU C 653 -6.69 61.05 -65.30
N SER C 654 -6.93 62.33 -65.00
CA SER C 654 -8.29 62.77 -64.73
C SER C 654 -9.21 62.50 -65.91
N ARG C 655 -8.72 62.73 -67.13
CA ARG C 655 -9.52 62.48 -68.32
C ARG C 655 -9.76 60.98 -68.54
N LYS C 656 -8.75 60.17 -68.24
CA LYS C 656 -8.88 58.72 -68.39
C LYS C 656 -9.95 58.23 -67.43
N ALA C 657 -9.94 58.78 -66.21
CA ALA C 657 -10.91 58.40 -65.21
C ALA C 657 -12.31 58.88 -65.59
N GLU C 658 -12.40 60.11 -66.08
CA GLU C 658 -13.69 60.66 -66.48
C GLU C 658 -14.31 59.83 -67.60
N ALA C 659 -13.48 59.42 -68.56
CA ALA C 659 -13.94 58.64 -69.70
C ALA C 659 -14.47 57.26 -69.34
N SER C 660 -14.03 56.72 -68.20
CA SER C 660 -14.48 55.38 -67.79
C SER C 660 -15.91 55.43 -67.27
N GLY C 661 -16.41 56.63 -67.00
CA GLY C 661 -17.77 56.77 -66.53
C GLY C 661 -17.92 57.15 -65.06
N ALA C 662 -16.81 57.52 -64.42
CA ALA C 662 -16.84 57.89 -63.02
C ALA C 662 -17.78 59.09 -62.82
N ASP C 663 -18.53 59.09 -61.72
CA ASP C 663 -19.46 60.19 -61.43
C ASP C 663 -18.69 61.44 -61.02
N ALA C 664 -17.50 61.24 -60.46
CA ALA C 664 -16.67 62.35 -60.01
C ALA C 664 -15.27 61.84 -59.71
N LEU C 665 -14.38 62.75 -59.38
CA LEU C 665 -13.01 62.38 -59.05
C LEU C 665 -12.64 62.92 -57.68
N GLU C 666 -11.68 62.27 -57.04
CA GLU C 666 -11.18 62.72 -55.76
C GLU C 666 -9.68 62.82 -55.96
N LEU C 667 -9.13 64.00 -55.74
CA LEU C 667 -7.71 64.25 -55.90
C LEU C 667 -6.99 63.94 -54.60
N ASN C 668 -6.17 62.89 -54.60
CA ASN C 668 -5.45 62.54 -53.39
C ASN C 668 -4.22 63.43 -53.24
N LEU C 669 -4.36 64.46 -52.42
CA LEU C 669 -3.28 65.40 -52.18
C LEU C 669 -2.97 65.32 -50.69
N SER C 670 -3.13 64.15 -50.10
CA SER C 670 -2.92 64.03 -48.66
C SER C 670 -2.34 62.74 -48.09
N CYS C 671 -1.66 61.95 -48.92
CA CYS C 671 -1.06 60.71 -48.43
C CYS C 671 0.07 61.11 -47.44
N PRO C 672 -0.13 60.84 -46.13
CA PRO C 672 0.80 61.14 -45.03
C PRO C 672 2.21 60.54 -45.13
N HIS C 673 2.37 59.51 -45.93
CA HIS C 673 3.67 58.85 -46.04
C HIS C 673 3.95 58.24 -47.43
N GLY C 674 5.20 57.79 -47.61
CA GLY C 674 5.61 57.18 -48.86
C GLY C 674 5.56 58.03 -50.11
N MET C 675 4.35 58.28 -50.60
CA MET C 675 4.15 59.06 -51.82
C MET C 675 4.83 60.43 -51.81
N GLY C 676 5.08 60.95 -50.61
CA GLY C 676 5.72 62.25 -50.51
C GLY C 676 7.18 62.22 -50.92
N GLU C 677 7.77 61.03 -50.90
CA GLU C 677 9.18 60.83 -51.27
C GLU C 677 9.39 60.70 -52.78
N ARG C 678 8.30 60.79 -53.53
CA ARG C 678 8.36 60.68 -54.98
C ARG C 678 7.58 61.83 -55.63
N GLY C 679 7.56 62.97 -54.94
CA GLY C 679 6.87 64.15 -55.42
C GLY C 679 5.38 64.04 -55.65
N MET C 680 4.64 63.60 -54.63
CA MET C 680 3.20 63.46 -54.78
C MET C 680 2.53 63.53 -53.41
N GLY C 681 1.26 63.17 -53.41
CA GLY C 681 0.46 63.15 -52.19
C GLY C 681 0.47 64.37 -51.31
N LEU C 682 0.88 64.18 -50.06
CA LEU C 682 0.93 65.23 -49.05
C LEU C 682 1.86 66.42 -49.38
N ALA C 683 3.02 66.14 -49.99
CA ALA C 683 3.98 67.18 -50.35
C ALA C 683 3.33 68.32 -51.12
N CYS C 684 2.28 67.98 -51.87
CA CYS C 684 1.53 68.93 -52.67
C CYS C 684 0.30 69.45 -51.92
N GLY C 685 -0.17 68.68 -50.94
CA GLY C 685 -1.37 69.08 -50.21
C GLY C 685 -1.21 70.06 -49.06
N GLN C 686 0.03 70.40 -48.71
CA GLN C 686 0.26 71.32 -47.62
C GLN C 686 0.49 72.75 -48.05
N ASP C 687 0.64 72.96 -49.36
CA ASP C 687 0.88 74.29 -49.91
C ASP C 687 -0.33 74.79 -50.70
N PRO C 688 -1.01 75.83 -50.21
CA PRO C 688 -2.18 76.38 -50.89
C PRO C 688 -1.95 76.62 -52.38
N GLU C 689 -0.78 77.15 -52.72
CA GLU C 689 -0.46 77.44 -54.11
C GLU C 689 -0.47 76.19 -54.99
N LEU C 690 0.15 75.12 -54.54
CA LEU C 690 0.19 73.91 -55.33
C LEU C 690 -1.20 73.30 -55.44
N VAL C 691 -1.94 73.32 -54.34
CA VAL C 691 -3.29 72.80 -54.31
C VAL C 691 -4.15 73.52 -55.34
N ARG C 692 -4.05 74.84 -55.36
CA ARG C 692 -4.83 75.65 -56.28
C ARG C 692 -4.51 75.33 -57.74
N ASN C 693 -3.21 75.17 -58.06
CA ASN C 693 -2.82 74.87 -59.42
C ASN C 693 -3.28 73.51 -59.89
N ILE C 694 -3.15 72.50 -59.03
CA ILE C 694 -3.55 71.14 -59.38
C ILE C 694 -5.05 71.11 -59.69
N CYS C 695 -5.83 71.80 -58.87
CA CYS C 695 -7.28 71.85 -59.07
C CYS C 695 -7.61 72.57 -60.38
N ARG C 696 -6.79 73.57 -60.72
CA ARG C 696 -6.99 74.31 -61.96
C ARG C 696 -6.72 73.41 -63.17
N TRP C 697 -5.67 72.61 -63.08
CA TRP C 697 -5.33 71.71 -64.17
C TRP C 697 -6.45 70.70 -64.41
N VAL C 698 -7.00 70.17 -63.32
CA VAL C 698 -8.07 69.19 -63.41
C VAL C 698 -9.38 69.82 -63.87
N ARG C 699 -9.67 71.02 -63.37
CA ARG C 699 -10.89 71.72 -63.74
C ARG C 699 -10.99 71.92 -65.26
N GLN C 700 -9.85 72.26 -65.88
CA GLN C 700 -9.85 72.48 -67.32
C GLN C 700 -9.73 71.18 -68.12
N ALA C 701 -9.43 70.07 -67.45
CA ALA C 701 -9.29 68.81 -68.15
C ALA C 701 -10.59 68.00 -68.22
N VAL C 702 -11.44 68.13 -67.19
CA VAL C 702 -12.68 67.36 -67.16
C VAL C 702 -13.91 68.21 -66.85
N GLN C 703 -15.09 67.66 -67.14
CA GLN C 703 -16.35 68.37 -66.90
C GLN C 703 -17.08 67.84 -65.66
N ILE C 704 -16.82 66.58 -65.29
CA ILE C 704 -17.49 66.03 -64.11
C ILE C 704 -16.99 66.71 -62.85
N PRO C 705 -17.74 66.62 -61.75
CA PRO C 705 -17.24 67.27 -60.54
C PRO C 705 -16.05 66.53 -59.95
N PHE C 706 -15.27 67.22 -59.13
CA PHE C 706 -14.11 66.60 -58.50
C PHE C 706 -13.87 67.24 -57.15
N PHE C 707 -13.30 66.48 -56.23
CA PHE C 707 -13.05 66.97 -54.89
C PHE C 707 -11.60 66.76 -54.50
N ALA C 708 -11.05 67.71 -53.76
CA ALA C 708 -9.68 67.60 -53.29
C ALA C 708 -9.69 66.99 -51.90
N LYS C 709 -8.96 65.90 -51.72
CA LYS C 709 -8.89 65.28 -50.40
C LYS C 709 -7.78 65.96 -49.61
N LEU C 710 -8.18 66.63 -48.53
CA LEU C 710 -7.24 67.38 -47.72
C LEU C 710 -6.59 66.61 -46.57
N THR C 711 -5.38 67.02 -46.22
CA THR C 711 -4.66 66.40 -45.12
C THR C 711 -4.93 67.22 -43.87
N PRO C 712 -5.00 66.57 -42.71
CA PRO C 712 -5.25 67.30 -41.46
C PRO C 712 -3.92 67.79 -40.88
N ASN C 713 -2.83 67.28 -41.45
CA ASN C 713 -1.48 67.62 -41.01
C ASN C 713 -1.00 68.96 -41.56
N VAL C 714 -1.71 70.03 -41.23
CA VAL C 714 -1.34 71.36 -41.65
C VAL C 714 -1.75 72.34 -40.57
N THR C 715 -1.11 73.50 -40.55
CA THR C 715 -1.41 74.52 -39.56
C THR C 715 -2.83 75.07 -39.76
N ASP C 716 -3.21 75.30 -41.01
CA ASP C 716 -4.51 75.87 -41.33
C ASP C 716 -5.18 75.14 -42.51
N ILE C 717 -6.04 74.19 -42.21
CA ILE C 717 -6.69 73.42 -43.27
C ILE C 717 -7.63 74.27 -44.13
N VAL C 718 -8.12 75.37 -43.57
CA VAL C 718 -9.01 76.26 -44.30
C VAL C 718 -8.29 76.87 -45.51
N SER C 719 -7.02 77.22 -45.32
CA SER C 719 -6.24 77.81 -46.40
C SER C 719 -6.15 76.89 -47.61
N ILE C 720 -5.97 75.58 -47.38
CA ILE C 720 -5.88 74.66 -48.51
C ILE C 720 -7.26 74.33 -49.08
N ALA C 721 -8.28 74.37 -48.24
CA ALA C 721 -9.65 74.11 -48.70
C ALA C 721 -10.04 75.26 -49.60
N ARG C 722 -9.69 76.48 -49.18
CA ARG C 722 -10.00 77.68 -49.94
C ARG C 722 -9.24 77.69 -51.26
N ALA C 723 -8.00 77.21 -51.24
CA ALA C 723 -7.18 77.16 -52.45
C ALA C 723 -7.84 76.21 -53.45
N ALA C 724 -8.42 75.12 -52.94
CA ALA C 724 -9.08 74.13 -53.80
C ALA C 724 -10.29 74.78 -54.45
N LYS C 725 -11.06 75.50 -53.66
CA LYS C 725 -12.26 76.16 -54.17
C LYS C 725 -11.88 77.18 -55.24
N GLU C 726 -10.80 77.92 -54.99
CA GLU C 726 -10.35 78.93 -55.95
C GLU C 726 -9.82 78.27 -57.23
N GLY C 727 -9.31 77.06 -57.09
CA GLY C 727 -8.79 76.34 -58.23
C GLY C 727 -9.88 75.71 -59.07
N GLY C 728 -11.12 75.73 -58.58
CA GLY C 728 -12.23 75.17 -59.33
C GLY C 728 -12.80 73.87 -58.80
N ALA C 729 -12.32 73.40 -57.65
CA ALA C 729 -12.83 72.17 -57.08
C ALA C 729 -14.30 72.32 -56.72
N ASP C 730 -15.06 71.23 -56.84
CA ASP C 730 -16.49 71.24 -56.52
C ASP C 730 -16.74 70.95 -55.05
N GLY C 731 -15.67 70.71 -54.31
CA GLY C 731 -15.79 70.43 -52.90
C GLY C 731 -14.51 69.81 -52.39
N VAL C 732 -14.48 69.52 -51.09
CA VAL C 732 -13.31 68.91 -50.48
C VAL C 732 -13.69 67.73 -49.59
N THR C 733 -12.76 66.81 -49.47
CA THR C 733 -12.93 65.64 -48.62
C THR C 733 -12.04 65.90 -47.42
N ALA C 734 -12.65 65.96 -46.24
CA ALA C 734 -11.91 66.21 -45.01
C ALA C 734 -12.21 65.09 -44.00
N THR C 735 -11.20 64.34 -43.57
CA THR C 735 -9.80 64.50 -43.99
C THR C 735 -9.11 63.15 -44.18
N ASN C 736 -7.86 63.19 -44.61
CA ASN C 736 -7.06 61.98 -44.78
C ASN C 736 -6.53 61.62 -43.39
N THR C 737 -5.64 60.63 -43.31
CA THR C 737 -5.10 60.20 -42.03
C THR C 737 -4.16 61.19 -41.37
N VAL C 738 -4.08 61.08 -40.04
CA VAL C 738 -3.22 61.92 -39.22
C VAL C 738 -1.84 61.28 -39.11
N SER C 739 -0.80 62.07 -39.31
CA SER C 739 0.55 61.53 -39.24
C SER C 739 0.92 61.17 -37.81
N GLY C 740 1.45 59.96 -37.64
CA GLY C 740 1.82 59.54 -36.30
C GLY C 740 2.68 58.29 -36.24
N LEU C 741 3.00 57.90 -35.02
CA LEU C 741 3.79 56.71 -34.74
C LEU C 741 2.96 56.00 -33.68
N MET C 742 2.49 54.80 -34.00
CA MET C 742 1.64 54.05 -33.08
C MET C 742 2.32 53.46 -31.85
N GLY C 743 3.63 53.38 -31.84
CA GLY C 743 4.28 52.84 -30.67
C GLY C 743 5.50 51.97 -30.87
N LEU C 744 6.15 51.64 -29.75
CA LEU C 744 7.33 50.80 -29.76
C LEU C 744 7.21 49.69 -28.72
N LYS C 745 7.93 48.60 -28.95
CA LYS C 745 7.97 47.48 -28.04
C LYS C 745 8.94 47.91 -26.93
N ALA C 746 8.97 47.18 -25.82
CA ALA C 746 9.86 47.53 -24.73
C ALA C 746 11.34 47.51 -25.14
N ASP C 747 11.68 46.79 -26.20
CA ASP C 747 13.08 46.73 -26.63
C ASP C 747 13.45 47.86 -27.58
N GLY C 748 12.50 48.77 -27.83
CA GLY C 748 12.77 49.90 -28.71
C GLY C 748 12.39 49.74 -30.16
N THR C 749 12.05 48.52 -30.58
CA THR C 749 11.66 48.30 -31.98
C THR C 749 10.21 48.74 -32.23
N PRO C 750 9.94 49.24 -33.43
CA PRO C 750 8.60 49.71 -33.80
C PRO C 750 7.61 48.66 -34.28
N TRP C 751 6.36 49.08 -34.40
CA TRP C 751 5.29 48.26 -34.91
C TRP C 751 4.36 49.21 -35.66
N PRO C 752 4.19 49.01 -36.97
CA PRO C 752 4.80 47.94 -37.77
C PRO C 752 6.33 48.00 -37.89
N ALA C 753 6.94 46.84 -38.06
CA ALA C 753 8.39 46.72 -38.23
C ALA C 753 8.60 45.92 -39.51
N VAL C 754 9.33 46.51 -40.46
CA VAL C 754 9.56 45.87 -41.76
C VAL C 754 10.98 45.33 -41.93
N GLY C 755 11.07 44.07 -42.38
CA GLY C 755 12.37 43.46 -42.61
C GLY C 755 13.15 43.03 -41.37
N ALA C 756 14.29 42.40 -41.62
CA ALA C 756 15.17 41.93 -40.54
C ALA C 756 15.67 43.11 -39.70
N GLY C 757 15.74 44.28 -40.32
CA GLY C 757 16.18 45.48 -39.63
C GLY C 757 15.11 46.11 -38.75
N LYS C 758 13.90 45.55 -38.79
CA LYS C 758 12.78 46.03 -37.99
C LYS C 758 12.63 47.54 -38.13
N ARG C 759 12.57 48.01 -39.37
CA ARG C 759 12.44 49.44 -39.64
C ARG C 759 10.98 49.85 -39.81
N THR C 760 10.74 51.15 -39.75
CA THR C 760 9.41 51.70 -39.93
C THR C 760 9.54 53.16 -40.34
N THR C 761 8.41 53.79 -40.62
CA THR C 761 8.39 55.18 -41.00
C THR C 761 7.05 55.72 -40.49
N TYR C 762 6.92 57.03 -40.39
CA TYR C 762 5.68 57.61 -39.91
C TYR C 762 4.52 57.12 -40.77
N GLY C 763 3.42 56.73 -40.13
CA GLY C 763 2.28 56.25 -40.87
C GLY C 763 1.08 57.16 -40.71
N GLY C 764 -0.08 56.69 -41.14
CA GLY C 764 -1.29 57.47 -41.02
C GLY C 764 -2.25 56.84 -40.03
N VAL C 765 -2.72 57.64 -39.07
CA VAL C 765 -3.66 57.17 -38.07
C VAL C 765 -5.09 57.40 -38.56
N SER C 766 -5.94 56.38 -38.42
CA SER C 766 -7.34 56.45 -38.82
C SER C 766 -8.21 55.95 -37.67
N GLY C 767 -9.52 56.10 -37.80
CA GLY C 767 -10.42 55.61 -36.76
C GLY C 767 -10.97 56.65 -35.80
N THR C 768 -11.74 56.20 -34.81
CA THR C 768 -12.35 57.10 -33.85
C THR C 768 -11.37 57.99 -33.06
N ALA C 769 -10.12 57.55 -32.95
CA ALA C 769 -9.13 58.35 -32.24
C ALA C 769 -8.88 59.69 -32.92
N ILE C 770 -9.12 59.77 -34.23
CA ILE C 770 -8.88 61.04 -34.95
C ILE C 770 -10.18 61.79 -35.27
N ARG C 771 -11.31 61.26 -34.83
CA ARG C 771 -12.58 61.92 -35.10
C ARG C 771 -12.61 63.38 -34.63
N PRO C 772 -12.06 63.67 -33.43
CA PRO C 772 -12.07 65.05 -32.93
C PRO C 772 -11.34 66.01 -33.87
N ILE C 773 -10.31 65.50 -34.53
CA ILE C 773 -9.52 66.29 -35.48
C ILE C 773 -10.30 66.50 -36.76
N ALA C 774 -10.99 65.45 -37.20
CA ALA C 774 -11.79 65.51 -38.42
C ALA C 774 -13.02 66.39 -38.23
N LEU C 775 -13.66 66.29 -37.08
CA LEU C 775 -14.84 67.10 -36.79
C LEU C 775 -14.47 68.58 -36.78
N ARG C 776 -13.34 68.91 -36.16
CA ARG C 776 -12.91 70.29 -36.12
C ARG C 776 -12.63 70.78 -37.54
N ALA C 777 -11.96 69.95 -38.34
CA ALA C 777 -11.65 70.32 -39.71
C ALA C 777 -12.92 70.57 -40.51
N VAL C 778 -13.88 69.66 -40.41
CA VAL C 778 -15.13 69.83 -41.14
C VAL C 778 -15.87 71.10 -40.71
N THR C 779 -16.00 71.31 -39.40
CA THR C 779 -16.71 72.49 -38.91
C THR C 779 -16.03 73.81 -39.29
N THR C 780 -14.70 73.87 -39.19
CA THR C 780 -14.00 75.10 -39.52
C THR C 780 -14.07 75.43 -41.02
N ILE C 781 -14.04 74.41 -41.86
CA ILE C 781 -14.14 74.61 -43.30
C ILE C 781 -15.57 75.06 -43.61
N ALA C 782 -16.53 74.40 -42.99
CA ALA C 782 -17.94 74.71 -43.20
C ALA C 782 -18.28 76.15 -42.81
N ARG C 783 -17.67 76.64 -41.73
CA ARG C 783 -17.94 78.00 -41.29
C ARG C 783 -17.22 79.05 -42.15
N ALA C 784 -16.02 78.71 -42.60
CA ALA C 784 -15.24 79.62 -43.42
C ALA C 784 -15.72 79.70 -44.86
N LEU C 785 -16.16 78.56 -45.40
CA LEU C 785 -16.63 78.48 -46.78
C LEU C 785 -18.04 77.89 -46.83
N PRO C 786 -19.03 78.62 -46.29
CA PRO C 786 -20.40 78.10 -46.31
C PRO C 786 -20.93 77.72 -47.69
N GLY C 787 -21.61 76.58 -47.73
CA GLY C 787 -22.18 76.09 -48.98
C GLY C 787 -21.24 75.24 -49.80
N PHE C 788 -19.94 75.29 -49.48
CA PHE C 788 -18.94 74.51 -50.22
C PHE C 788 -19.03 73.04 -49.78
N PRO C 789 -19.41 72.14 -50.71
CA PRO C 789 -19.55 70.71 -50.43
C PRO C 789 -18.38 70.07 -49.69
N ILE C 790 -18.70 69.31 -48.65
CA ILE C 790 -17.69 68.61 -47.86
C ILE C 790 -18.05 67.14 -47.71
N LEU C 791 -17.10 66.28 -48.05
CA LEU C 791 -17.27 64.84 -47.89
C LEU C 791 -16.45 64.56 -46.63
N ALA C 792 -17.11 64.13 -45.57
CA ALA C 792 -16.42 63.86 -44.31
C ALA C 792 -15.81 62.46 -44.22
N THR C 793 -14.69 62.37 -43.52
CA THR C 793 -14.00 61.11 -43.32
C THR C 793 -13.12 61.24 -42.09
N GLY C 794 -13.23 60.28 -41.18
CA GLY C 794 -12.44 60.32 -39.97
C GLY C 794 -13.17 59.88 -38.71
N GLY C 795 -13.23 58.58 -38.49
CA GLY C 795 -13.88 58.08 -37.29
C GLY C 795 -15.38 57.88 -37.33
N ILE C 796 -15.96 57.87 -38.53
CA ILE C 796 -17.39 57.66 -38.66
C ILE C 796 -17.65 56.16 -38.54
N ASP C 797 -18.38 55.76 -37.50
CA ASP C 797 -18.66 54.35 -37.28
C ASP C 797 -20.09 54.05 -36.85
N SER C 798 -21.02 54.94 -37.16
CA SER C 798 -22.41 54.75 -36.80
C SER C 798 -23.27 55.86 -37.38
N ALA C 799 -24.60 55.67 -37.35
CA ALA C 799 -25.52 56.69 -37.85
C ALA C 799 -25.34 57.94 -36.97
N GLU C 800 -25.27 57.70 -35.67
CA GLU C 800 -25.11 58.77 -34.68
C GLU C 800 -23.90 59.65 -34.97
N SER C 801 -22.72 59.04 -35.11
CA SER C 801 -21.51 59.82 -35.39
C SER C 801 -21.60 60.41 -36.79
N GLY C 802 -22.26 59.72 -37.70
CA GLY C 802 -22.41 60.25 -39.04
C GLY C 802 -23.23 61.53 -38.96
N LEU C 803 -24.31 61.51 -38.18
CA LEU C 803 -25.18 62.68 -38.03
C LEU C 803 -24.39 63.87 -37.48
N GLN C 804 -23.40 63.60 -36.64
CA GLN C 804 -22.58 64.67 -36.07
C GLN C 804 -21.82 65.40 -37.18
N PHE C 805 -21.31 64.65 -38.16
CA PHE C 805 -20.60 65.28 -39.27
C PHE C 805 -21.55 66.03 -40.21
N LEU C 806 -22.78 65.53 -40.36
CA LEU C 806 -23.78 66.20 -41.20
C LEU C 806 -24.12 67.53 -40.53
N HIS C 807 -24.37 67.48 -39.23
CA HIS C 807 -24.68 68.68 -38.46
C HIS C 807 -23.51 69.68 -38.51
N SER C 808 -22.30 69.15 -38.70
CA SER C 808 -21.10 69.97 -38.76
C SER C 808 -20.83 70.58 -40.14
N GLY C 809 -21.64 70.25 -41.14
CA GLY C 809 -21.44 70.82 -42.46
C GLY C 809 -21.18 69.86 -43.61
N ALA C 810 -20.96 68.59 -43.30
CA ALA C 810 -20.72 67.61 -44.35
C ALA C 810 -22.03 67.19 -44.99
N SER C 811 -21.96 66.78 -46.26
CA SER C 811 -23.14 66.33 -47.01
C SER C 811 -23.14 64.81 -47.10
N VAL C 812 -21.97 64.21 -47.28
CA VAL C 812 -21.84 62.77 -47.38
C VAL C 812 -20.77 62.27 -46.42
N LEU C 813 -20.81 60.98 -46.10
CA LEU C 813 -19.90 60.41 -45.11
C LEU C 813 -19.09 59.22 -45.61
N GLN C 814 -17.78 59.37 -45.61
CA GLN C 814 -16.89 58.30 -46.06
C GLN C 814 -16.46 57.46 -44.84
N VAL C 815 -16.35 56.15 -45.05
CA VAL C 815 -15.99 55.25 -43.96
C VAL C 815 -14.88 54.26 -44.34
N CYS C 816 -13.97 54.01 -43.42
CA CYS C 816 -12.90 53.03 -43.63
C CYS C 816 -12.71 52.13 -42.41
N SER C 817 -12.13 52.68 -41.35
CA SER C 817 -11.86 51.92 -40.12
C SER C 817 -13.03 51.13 -39.55
N ALA C 818 -14.25 51.68 -39.63
CA ALA C 818 -15.42 50.98 -39.10
C ALA C 818 -15.63 49.65 -39.84
N VAL C 819 -15.30 49.64 -41.13
CA VAL C 819 -15.44 48.42 -41.93
C VAL C 819 -14.27 47.46 -41.65
N GLN C 820 -13.09 48.02 -41.46
CA GLN C 820 -11.93 47.18 -41.15
C GLN C 820 -12.18 46.48 -39.82
N ASN C 821 -12.94 47.14 -38.94
CA ASN C 821 -13.29 46.58 -37.64
C ASN C 821 -14.44 45.58 -37.75
N GLN C 822 -15.12 45.58 -38.89
CA GLN C 822 -16.27 44.69 -39.04
C GLN C 822 -16.41 44.13 -40.46
N ASP C 823 -17.41 44.61 -41.20
CA ASP C 823 -17.65 44.16 -42.57
C ASP C 823 -18.63 45.12 -43.25
N PHE C 824 -18.94 44.85 -44.52
CA PHE C 824 -19.84 45.70 -45.29
C PHE C 824 -21.28 45.79 -44.79
N THR C 825 -21.74 44.81 -44.01
CA THR C 825 -23.11 44.84 -43.53
C THR C 825 -23.47 45.98 -42.59
N VAL C 826 -22.46 46.70 -42.08
CA VAL C 826 -22.74 47.81 -41.18
C VAL C 826 -23.60 48.89 -41.85
N ILE C 827 -23.64 48.90 -43.19
CA ILE C 827 -24.44 49.89 -43.92
C ILE C 827 -25.92 49.76 -43.52
N GLN C 828 -26.36 48.53 -43.25
CA GLN C 828 -27.75 48.27 -42.84
C GLN C 828 -28.00 48.99 -41.52
N ASP C 829 -27.01 48.95 -40.63
CA ASP C 829 -27.11 49.60 -39.33
C ASP C 829 -27.11 51.12 -39.48
N TYR C 830 -26.21 51.63 -40.32
CA TYR C 830 -26.11 53.07 -40.54
C TYR C 830 -27.40 53.63 -41.13
N CYS C 831 -27.98 52.93 -42.10
CA CYS C 831 -29.21 53.42 -42.72
C CYS C 831 -30.43 53.41 -41.81
N THR C 832 -30.68 52.31 -41.12
CA THR C 832 -31.83 52.25 -40.21
C THR C 832 -31.61 53.22 -39.06
N GLY C 833 -30.36 53.37 -38.65
CA GLY C 833 -30.05 54.27 -37.56
C GLY C 833 -30.27 55.73 -37.93
N LEU C 834 -29.89 56.13 -39.14
CA LEU C 834 -30.09 57.51 -39.56
C LEU C 834 -31.57 57.79 -39.74
N LYS C 835 -32.29 56.84 -40.30
CA LYS C 835 -33.74 57.01 -40.49
C LYS C 835 -34.43 57.21 -39.15
N ALA C 836 -34.02 56.42 -38.16
CA ALA C 836 -34.63 56.51 -36.83
C ALA C 836 -34.35 57.85 -36.16
N LEU C 837 -33.10 58.31 -36.26
CA LEU C 837 -32.72 59.58 -35.67
C LEU C 837 -33.51 60.74 -36.29
N LEU C 838 -33.75 60.68 -37.60
CA LEU C 838 -34.50 61.74 -38.27
C LEU C 838 -35.98 61.65 -37.90
N TYR C 839 -36.48 60.42 -37.84
CA TYR C 839 -37.88 60.17 -37.50
C TYR C 839 -38.20 60.72 -36.10
N LEU C 840 -37.37 60.37 -35.13
CA LEU C 840 -37.57 60.79 -33.75
C LEU C 840 -37.59 62.31 -33.54
N LYS C 841 -37.00 63.06 -34.46
CA LYS C 841 -36.99 64.51 -34.33
C LYS C 841 -38.39 65.10 -34.52
N SER C 842 -39.31 64.29 -35.03
CA SER C 842 -40.67 64.74 -35.26
C SER C 842 -41.62 64.30 -34.14
N ILE C 843 -41.13 63.48 -33.22
CA ILE C 843 -41.97 63.00 -32.12
C ILE C 843 -41.85 63.91 -30.91
N GLU C 844 -42.89 64.68 -30.66
CA GLU C 844 -42.93 65.62 -29.56
C GLU C 844 -42.76 65.03 -28.15
N GLU C 845 -43.34 63.86 -27.91
CA GLU C 845 -43.24 63.25 -26.59
C GLU C 845 -41.89 62.60 -26.26
N LEU C 846 -40.96 62.62 -27.20
CA LEU C 846 -39.65 62.03 -26.97
C LEU C 846 -38.53 63.06 -27.08
N GLN C 847 -38.85 64.31 -26.81
CA GLN C 847 -37.86 65.37 -26.89
C GLN C 847 -36.83 65.34 -25.75
N GLY C 848 -37.15 64.61 -24.68
CA GLY C 848 -36.23 64.51 -23.56
C GLY C 848 -35.14 63.49 -23.84
N TRP C 849 -35.29 62.78 -24.95
CA TRP C 849 -34.31 61.77 -25.35
C TRP C 849 -33.14 62.38 -26.09
N ASP C 850 -32.00 61.69 -26.04
CA ASP C 850 -30.81 62.13 -26.76
C ASP C 850 -30.72 61.13 -27.91
N GLY C 851 -31.30 61.49 -29.04
CA GLY C 851 -31.29 60.59 -30.17
C GLY C 851 -32.13 59.38 -29.80
N GLN C 852 -31.57 58.19 -29.95
CA GLN C 852 -32.32 57.00 -29.62
C GLN C 852 -32.21 56.58 -28.16
N SER C 853 -31.54 57.41 -27.35
CA SER C 853 -31.38 57.12 -25.93
C SER C 853 -32.39 57.82 -25.05
N PRO C 854 -33.18 57.05 -24.27
CA PRO C 854 -34.19 57.62 -23.38
C PRO C 854 -33.46 58.38 -22.27
N GLY C 855 -34.14 59.34 -21.65
CA GLY C 855 -33.50 60.07 -20.56
C GLY C 855 -33.19 59.05 -19.49
N THR C 856 -31.98 59.11 -18.92
CA THR C 856 -31.58 58.15 -17.90
C THR C 856 -32.37 58.27 -16.61
N GLU C 857 -32.99 57.17 -16.18
CA GLU C 857 -33.77 57.15 -14.94
C GLU C 857 -32.90 56.61 -13.81
N SER C 858 -33.14 57.06 -12.57
CA SER C 858 -32.34 56.57 -11.43
C SER C 858 -32.42 55.05 -11.39
N HIS C 859 -31.27 54.40 -11.33
CA HIS C 859 -31.23 52.94 -11.31
C HIS C 859 -30.02 52.37 -10.58
N GLN C 860 -30.03 51.05 -10.46
CA GLN C 860 -28.95 50.27 -9.88
C GLN C 860 -28.98 49.00 -10.71
N LYS C 861 -27.87 48.70 -11.39
CA LYS C 861 -27.78 47.52 -12.23
C LYS C 861 -28.84 47.54 -13.34
N GLY C 862 -29.18 48.73 -13.80
CA GLY C 862 -30.18 48.86 -14.85
C GLY C 862 -31.63 48.82 -14.40
N LYS C 863 -31.88 48.41 -13.16
CA LYS C 863 -33.24 48.33 -12.64
C LYS C 863 -33.63 49.63 -11.94
N PRO C 864 -34.73 50.26 -12.38
CA PRO C 864 -35.18 51.52 -11.77
C PRO C 864 -35.31 51.45 -10.25
N VAL C 865 -34.79 52.47 -9.58
CA VAL C 865 -34.83 52.54 -8.13
C VAL C 865 -36.25 52.81 -7.64
N PRO C 866 -36.66 52.11 -6.57
CA PRO C 866 -38.00 52.30 -6.02
C PRO C 866 -38.18 53.72 -5.49
N ARG C 867 -39.32 54.32 -5.80
CA ARG C 867 -39.63 55.67 -5.37
C ARG C 867 -40.43 55.69 -4.06
N ILE C 868 -39.89 55.05 -3.04
CA ILE C 868 -40.56 55.02 -1.74
C ILE C 868 -40.11 56.22 -0.92
N ALA C 869 -41.07 56.90 -0.30
CA ALA C 869 -40.79 58.07 0.51
C ALA C 869 -39.78 57.75 1.61
N GLU C 870 -39.99 56.63 2.28
CA GLU C 870 -39.11 56.20 3.37
C GLU C 870 -37.69 55.85 2.93
N LEU C 871 -37.38 56.04 1.65
CA LEU C 871 -36.04 55.73 1.14
C LEU C 871 -35.30 56.95 0.61
N MET C 872 -36.04 57.86 0.00
CA MET C 872 -35.45 59.08 -0.58
C MET C 872 -34.76 59.96 0.47
N GLY C 873 -33.53 60.33 0.16
CA GLY C 873 -32.76 61.19 1.05
C GLY C 873 -32.47 60.60 2.41
N LYS C 874 -32.18 59.30 2.44
CA LYS C 874 -31.90 58.62 3.71
C LYS C 874 -30.44 58.21 3.80
N LYS C 875 -29.68 58.45 2.74
CA LYS C 875 -28.27 58.11 2.70
C LYS C 875 -28.09 56.63 3.03
N LEU C 876 -28.78 55.79 2.27
CA LEU C 876 -28.68 54.35 2.45
C LEU C 876 -28.05 53.74 1.21
N PRO C 877 -26.71 53.57 1.22
CA PRO C 877 -25.99 52.98 0.09
C PRO C 877 -26.43 51.53 -0.08
N ASN C 878 -26.12 50.95 -1.24
CA ASN C 878 -26.52 49.57 -1.52
C ASN C 878 -25.54 48.50 -1.04
N PHE C 879 -25.15 48.57 0.23
CA PHE C 879 -24.24 47.58 0.78
C PHE C 879 -24.31 47.55 2.30
N GLY C 880 -23.74 46.49 2.88
CA GLY C 880 -23.70 46.34 4.32
C GLY C 880 -25.03 46.50 5.03
N PRO C 881 -25.02 47.01 6.27
CA PRO C 881 -26.24 47.20 7.05
C PRO C 881 -27.24 48.13 6.37
N TYR C 882 -26.75 49.02 5.51
CA TYR C 882 -27.63 49.95 4.82
C TYR C 882 -28.51 49.18 3.84
N LEU C 883 -27.92 48.21 3.16
CA LEU C 883 -28.65 47.39 2.21
C LEU C 883 -29.77 46.66 2.95
N GLU C 884 -29.43 46.14 4.13
CA GLU C 884 -30.39 45.43 4.97
C GLU C 884 -31.59 46.33 5.26
N GLN C 885 -31.30 47.60 5.57
CA GLN C 885 -32.32 48.60 5.86
C GLN C 885 -33.21 48.87 4.65
N ARG C 886 -32.59 49.02 3.48
CA ARG C 886 -33.34 49.28 2.26
C ARG C 886 -34.34 48.16 2.00
N LYS C 887 -33.87 46.92 2.11
CA LYS C 887 -34.70 45.75 1.88
C LYS C 887 -35.89 45.71 2.83
N LYS C 888 -35.63 46.04 4.10
CA LYS C 888 -36.68 46.05 5.10
C LYS C 888 -37.75 47.06 4.70
N ILE C 889 -37.31 48.25 4.27
CA ILE C 889 -38.24 49.29 3.86
C ILE C 889 -39.02 48.89 2.61
N ILE C 890 -38.35 48.23 1.67
CA ILE C 890 -39.00 47.80 0.44
C ILE C 890 -40.06 46.74 0.73
N ALA C 891 -39.74 45.79 1.60
CA ALA C 891 -40.68 44.73 1.96
C ALA C 891 -41.91 45.35 2.63
N GLU C 892 -41.68 46.30 3.52
CA GLU C 892 -42.79 46.98 4.21
C GLU C 892 -43.71 47.64 3.21
N GLU C 893 -43.10 48.29 2.22
CA GLU C 893 -43.87 48.97 1.18
C GLU C 893 -44.72 47.99 0.40
N LYS C 894 -44.20 46.80 0.15
CA LYS C 894 -44.95 45.78 -0.58
C LYS C 894 -46.17 45.35 0.22
N MET C 895 -45.99 45.19 1.54
CA MET C 895 -47.10 44.80 2.40
C MET C 895 -48.13 45.92 2.45
N ARG C 896 -47.66 47.16 2.44
CA ARG C 896 -48.56 48.30 2.48
C ARG C 896 -49.41 48.34 1.22
N LEU C 897 -48.77 48.13 0.08
CA LEU C 897 -49.45 48.15 -1.21
C LEU C 897 -50.47 47.02 -1.29
N LYS C 898 -50.19 45.94 -0.57
CA LYS C 898 -51.07 44.78 -0.55
C LYS C 898 -52.32 45.09 0.29
N GLU C 899 -52.09 45.76 1.42
CA GLU C 899 -53.15 46.13 2.37
C GLU C 899 -54.13 47.16 1.82
N GLN C 900 -53.65 48.02 0.93
CA GLN C 900 -54.48 49.04 0.33
C GLN C 900 -55.43 48.45 -0.71
N ASN C 901 -55.01 47.36 -1.35
CA ASN C 901 -55.82 46.69 -2.36
C ASN C 901 -56.27 47.63 -3.48
N ALA C 902 -55.57 48.75 -3.65
CA ALA C 902 -55.93 49.72 -4.69
C ALA C 902 -56.07 49.05 -6.06
N LEU C 907 -53.42 50.45 -18.59
CA LEU C 907 -52.88 51.53 -19.40
C LEU C 907 -53.06 51.13 -20.86
N GLU C 908 -53.47 52.09 -21.67
CA GLU C 908 -53.71 51.89 -23.08
C GLU C 908 -52.50 52.32 -23.87
N ARG C 909 -52.03 51.44 -24.74
CA ARG C 909 -50.87 51.73 -25.57
C ARG C 909 -51.31 52.48 -26.83
N LYS C 910 -50.74 53.66 -27.04
CA LYS C 910 -51.05 54.48 -28.21
C LYS C 910 -49.77 54.88 -28.92
N PRO C 911 -49.77 54.79 -30.25
CA PRO C 911 -48.58 55.15 -31.04
C PRO C 911 -48.39 56.65 -31.06
N PHE C 912 -47.13 57.09 -31.04
CA PHE C 912 -46.82 58.50 -31.10
C PHE C 912 -46.90 58.88 -32.58
N ILE C 913 -47.46 60.06 -32.87
CA ILE C 913 -47.59 60.51 -34.24
C ILE C 913 -46.72 61.72 -34.53
N PRO C 914 -45.99 61.70 -35.65
CA PRO C 914 -45.14 62.83 -36.02
C PRO C 914 -45.97 64.10 -36.03
N LYS C 915 -45.63 65.07 -35.19
CA LYS C 915 -46.37 66.32 -35.11
C LYS C 915 -45.67 67.43 -35.90
N LYS C 916 -44.78 67.03 -36.80
CA LYS C 916 -44.06 67.96 -37.64
C LYS C 916 -43.36 67.16 -38.72
N PRO C 917 -43.03 67.80 -39.85
CA PRO C 917 -42.36 67.09 -40.94
C PRO C 917 -41.04 66.46 -40.54
N ILE C 918 -40.78 65.27 -41.07
CA ILE C 918 -39.54 64.57 -40.78
C ILE C 918 -38.46 65.24 -41.60
N PRO C 919 -37.41 65.74 -40.94
CA PRO C 919 -36.32 66.40 -41.67
C PRO C 919 -35.59 65.54 -42.69
N ALA C 920 -35.18 66.17 -43.78
CA ALA C 920 -34.43 65.50 -44.82
C ALA C 920 -32.97 65.81 -44.51
N ILE C 921 -32.04 65.07 -45.09
CA ILE C 921 -30.63 65.32 -44.82
C ILE C 921 -30.29 66.80 -45.05
N LYS C 922 -30.78 67.38 -46.14
CA LYS C 922 -30.51 68.78 -46.44
C LYS C 922 -30.97 69.71 -45.33
N ASP C 923 -31.95 69.27 -44.54
CA ASP C 923 -32.46 70.11 -43.45
C ASP C 923 -31.58 70.10 -42.20
N VAL C 924 -30.74 69.08 -42.04
CA VAL C 924 -29.90 69.01 -40.85
C VAL C 924 -28.45 69.43 -41.09
N ILE C 925 -28.03 69.49 -42.35
CA ILE C 925 -26.65 69.86 -42.64
C ILE C 925 -26.28 71.23 -42.12
N GLY C 926 -25.22 71.27 -41.33
CA GLY C 926 -24.71 72.52 -40.77
C GLY C 926 -25.49 73.11 -39.61
N LYS C 927 -26.50 72.41 -39.13
CA LYS C 927 -27.32 72.92 -38.03
C LYS C 927 -26.57 73.08 -36.70
N ALA C 928 -25.40 72.48 -36.58
CA ALA C 928 -24.65 72.60 -35.33
C ALA C 928 -23.73 73.81 -35.31
N LEU C 929 -23.41 74.33 -36.49
CA LEU C 929 -22.51 75.47 -36.60
C LEU C 929 -22.94 76.69 -35.78
N GLN C 930 -24.26 76.85 -35.57
CA GLN C 930 -24.77 77.99 -34.80
C GLN C 930 -24.23 78.03 -33.37
N TYR C 931 -23.87 76.87 -32.83
CA TYR C 931 -23.36 76.79 -31.46
C TYR C 931 -21.86 77.02 -31.34
N LEU C 932 -21.17 77.01 -32.48
CA LEU C 932 -19.72 77.22 -32.48
C LEU C 932 -19.36 78.69 -32.57
N GLY C 933 -18.28 79.05 -31.88
CA GLY C 933 -17.83 80.43 -31.89
C GLY C 933 -16.47 80.54 -31.25
N THR C 934 -16.09 81.78 -30.96
CA THR C 934 -14.80 82.06 -30.32
C THR C 934 -14.97 81.83 -28.83
N PHE C 935 -13.86 81.75 -28.10
CA PHE C 935 -13.93 81.55 -26.67
C PHE C 935 -14.62 82.75 -26.01
N GLY C 936 -14.36 83.93 -26.57
CA GLY C 936 -14.95 85.16 -26.05
C GLY C 936 -16.47 85.19 -26.11
N GLU C 937 -17.04 84.44 -27.05
CA GLU C 937 -18.49 84.40 -27.20
C GLU C 937 -19.14 83.49 -26.16
N LEU C 938 -18.30 82.82 -25.37
CA LEU C 938 -18.81 81.93 -24.33
C LEU C 938 -19.04 82.76 -23.07
N SER C 939 -20.15 82.52 -22.39
CA SER C 939 -20.47 83.26 -21.17
C SER C 939 -19.73 82.75 -19.94
N ASN C 940 -19.06 83.65 -19.21
CA ASN C 940 -18.37 83.25 -18.00
C ASN C 940 -19.19 83.64 -16.77
N ILE C 941 -20.44 84.03 -16.99
CA ILE C 941 -21.37 84.40 -15.92
C ILE C 941 -22.29 83.23 -15.62
N GLU C 942 -22.62 82.49 -16.68
CA GLU C 942 -23.51 81.33 -16.56
C GLU C 942 -22.67 80.09 -16.22
N GLN C 943 -22.23 80.02 -14.96
CA GLN C 943 -21.41 78.91 -14.48
C GLN C 943 -22.31 77.77 -13.97
N VAL C 944 -21.71 76.58 -13.84
CA VAL C 944 -22.44 75.43 -13.35
C VAL C 944 -21.63 74.74 -12.25
N VAL C 945 -22.28 73.83 -11.53
CA VAL C 945 -21.65 73.05 -10.49
C VAL C 945 -22.16 71.62 -10.66
N ALA C 946 -21.44 70.66 -10.10
CA ALA C 946 -21.83 69.26 -10.21
C ALA C 946 -22.79 68.86 -9.11
N VAL C 947 -23.77 68.03 -9.47
CA VAL C 947 -24.73 67.53 -8.50
C VAL C 947 -24.86 66.02 -8.73
N ILE C 948 -24.72 65.26 -7.65
CA ILE C 948 -24.76 63.82 -7.71
C ILE C 948 -26.06 63.16 -7.22
N ASP C 949 -26.57 62.23 -8.03
CA ASP C 949 -27.77 61.48 -7.66
C ASP C 949 -27.30 60.28 -6.84
N GLU C 950 -27.40 60.40 -5.52
CA GLU C 950 -26.96 59.33 -4.62
C GLU C 950 -27.59 57.97 -4.88
N GLU C 951 -28.76 57.93 -5.50
CA GLU C 951 -29.42 56.66 -5.78
C GLU C 951 -28.79 55.89 -6.94
N MET C 952 -27.99 56.58 -7.75
CA MET C 952 -27.34 55.94 -8.90
C MET C 952 -25.87 55.64 -8.64
N CYS C 953 -25.32 56.27 -7.61
CA CYS C 953 -23.91 56.11 -7.25
C CYS C 953 -23.50 54.68 -6.89
N ILE C 954 -22.30 54.27 -7.29
CA ILE C 954 -21.83 52.95 -6.91
C ILE C 954 -20.63 53.03 -5.97
N ASN C 955 -20.53 54.19 -5.30
CA ASN C 955 -19.53 54.43 -4.26
C ASN C 955 -18.03 54.22 -4.52
N CYS C 956 -17.60 54.35 -5.77
CA CYS C 956 -16.20 54.13 -6.11
C CYS C 956 -15.25 55.27 -5.69
N GLY C 957 -15.78 56.49 -5.56
CA GLY C 957 -14.95 57.60 -5.17
C GLY C 957 -14.05 58.19 -6.25
N LYS C 958 -14.34 57.90 -7.52
CA LYS C 958 -13.54 58.45 -8.61
C LYS C 958 -13.76 59.96 -8.74
N CYS C 959 -15.00 60.42 -8.52
CA CYS C 959 -15.29 61.84 -8.62
C CYS C 959 -14.42 62.55 -7.56
N TYR C 960 -14.35 61.94 -6.39
CA TYR C 960 -13.59 62.44 -5.25
C TYR C 960 -12.08 62.50 -5.57
N MET C 961 -11.55 61.41 -6.11
CA MET C 961 -10.13 61.35 -6.45
C MET C 961 -9.72 62.31 -7.56
N THR C 962 -10.60 62.51 -8.54
CA THR C 962 -10.28 63.42 -9.64
C THR C 962 -10.31 64.87 -9.15
N CYS C 963 -11.29 65.19 -8.32
CA CYS C 963 -11.38 66.56 -7.82
C CYS C 963 -10.22 66.85 -6.86
N ASN C 964 -9.74 65.82 -6.17
CA ASN C 964 -8.64 65.96 -5.23
C ASN C 964 -7.27 66.18 -5.86
N ASP C 965 -6.90 65.34 -6.81
CA ASP C 965 -5.60 65.45 -7.45
C ASP C 965 -5.63 66.12 -8.81
N SER C 966 -6.83 66.47 -9.29
CA SER C 966 -6.96 67.14 -10.58
C SER C 966 -8.00 68.26 -10.54
N GLY C 967 -8.49 68.60 -9.35
CA GLY C 967 -9.50 69.64 -9.27
C GLY C 967 -9.42 70.67 -8.15
N TYR C 968 -10.51 70.81 -7.40
CA TYR C 968 -10.54 71.81 -6.34
C TYR C 968 -10.87 71.29 -4.94
N GLN C 969 -10.65 69.99 -4.71
CA GLN C 969 -10.91 69.38 -3.41
C GLN C 969 -12.28 69.82 -2.89
N ALA C 970 -13.27 69.79 -3.78
CA ALA C 970 -14.62 70.24 -3.45
C ALA C 970 -15.62 69.14 -3.09
N ILE C 971 -15.17 67.89 -3.09
CA ILE C 971 -16.06 66.77 -2.80
C ILE C 971 -15.79 66.08 -1.47
N GLN C 972 -16.86 65.89 -0.68
CA GLN C 972 -16.74 65.16 0.58
C GLN C 972 -17.10 63.72 0.28
N PHE C 973 -16.30 62.79 0.77
CA PHE C 973 -16.56 61.36 0.55
C PHE C 973 -16.76 60.73 1.92
N ASP C 974 -18.00 60.40 2.26
CA ASP C 974 -18.30 59.83 3.57
C ASP C 974 -17.57 58.53 3.84
N PRO C 975 -16.85 58.46 4.99
CA PRO C 975 -16.10 57.27 5.39
C PRO C 975 -16.92 56.03 5.73
N GLU C 976 -18.20 56.23 6.04
CA GLU C 976 -19.06 55.09 6.38
C GLU C 976 -19.95 54.62 5.23
N THR C 977 -20.55 55.56 4.50
CA THR C 977 -21.43 55.20 3.40
C THR C 977 -20.79 55.22 2.02
N HIS C 978 -19.60 55.82 1.94
CA HIS C 978 -18.89 55.95 0.67
C HIS C 978 -19.77 56.68 -0.35
N LEU C 979 -20.51 57.68 0.13
CA LEU C 979 -21.34 58.50 -0.73
C LEU C 979 -20.67 59.86 -0.86
N PRO C 980 -20.57 60.37 -2.09
CA PRO C 980 -19.92 61.68 -2.31
C PRO C 980 -20.93 62.83 -2.23
N THR C 981 -20.43 64.00 -1.84
CA THR C 981 -21.27 65.20 -1.78
C THR C 981 -20.47 66.39 -2.33
N VAL C 982 -20.98 67.01 -3.38
CA VAL C 982 -20.31 68.14 -3.98
C VAL C 982 -20.57 69.37 -3.13
N THR C 983 -19.51 70.02 -2.65
CA THR C 983 -19.68 71.21 -1.83
C THR C 983 -19.71 72.49 -2.64
N ASP C 984 -19.83 73.61 -1.95
CA ASP C 984 -19.91 74.94 -2.58
C ASP C 984 -18.62 75.43 -3.22
N THR C 985 -17.50 74.76 -2.97
CA THR C 985 -16.22 75.17 -3.55
C THR C 985 -16.05 74.66 -4.98
N CYS C 986 -17.08 73.96 -5.46
CA CYS C 986 -17.10 73.42 -6.82
C CYS C 986 -17.00 74.55 -7.84
N THR C 987 -16.19 74.35 -8.88
CA THR C 987 -16.01 75.37 -9.92
C THR C 987 -16.67 74.96 -11.24
N GLY C 988 -17.22 73.75 -11.27
CA GLY C 988 -17.88 73.26 -12.47
C GLY C 988 -16.93 72.86 -13.59
N CYS C 989 -15.68 72.52 -13.25
CA CYS C 989 -14.71 72.13 -14.27
C CYS C 989 -15.26 70.94 -15.06
N THR C 990 -16.10 70.14 -14.42
CA THR C 990 -16.77 68.98 -15.03
C THR C 990 -15.96 67.66 -15.09
N LEU C 991 -14.79 67.63 -14.47
CA LEU C 991 -13.97 66.41 -14.48
C LEU C 991 -14.63 65.23 -13.76
N CYS C 992 -15.30 65.49 -12.63
CA CYS C 992 -15.92 64.38 -11.91
C CYS C 992 -16.97 63.67 -12.76
N LEU C 993 -17.79 64.45 -13.47
CA LEU C 993 -18.82 63.88 -14.32
C LEU C 993 -18.17 63.10 -15.45
N SER C 994 -17.01 63.57 -15.90
CA SER C 994 -16.30 62.93 -17.00
C SER C 994 -15.66 61.58 -16.64
N VAL C 995 -15.37 61.35 -15.37
CA VAL C 995 -14.75 60.09 -14.95
C VAL C 995 -15.72 59.12 -14.28
N CYS C 996 -16.94 59.59 -14.00
CA CYS C 996 -17.93 58.74 -13.35
C CYS C 996 -18.32 57.55 -14.22
N PRO C 997 -18.31 56.34 -13.65
CA PRO C 997 -18.67 55.11 -14.37
C PRO C 997 -20.16 54.95 -14.67
N ILE C 998 -20.99 55.70 -13.95
CA ILE C 998 -22.45 55.61 -14.14
C ILE C 998 -22.96 56.79 -14.97
N ILE C 999 -23.47 56.49 -16.15
CA ILE C 999 -23.99 57.52 -17.05
C ILE C 999 -25.09 58.34 -16.37
N ASP C 1000 -24.89 59.66 -16.35
CA ASP C 1000 -25.87 60.59 -15.78
C ASP C 1000 -26.05 60.53 -14.26
N CYS C 1001 -25.14 59.86 -13.56
CA CYS C 1001 -25.21 59.82 -12.11
C CYS C 1001 -24.91 61.26 -11.66
N ILE C 1002 -23.97 61.89 -12.35
CA ILE C 1002 -23.60 63.26 -12.06
C ILE C 1002 -24.07 64.15 -13.20
N ARG C 1003 -24.64 65.30 -12.87
CA ARG C 1003 -25.11 66.26 -13.88
C ARG C 1003 -24.62 67.65 -13.50
N MET C 1004 -24.47 68.51 -14.50
CA MET C 1004 -24.03 69.87 -14.26
C MET C 1004 -25.29 70.74 -14.24
N VAL C 1005 -25.46 71.52 -13.18
CA VAL C 1005 -26.62 72.39 -13.06
C VAL C 1005 -26.19 73.82 -12.82
N SER C 1006 -27.04 74.76 -13.22
CA SER C 1006 -26.74 76.18 -13.04
C SER C 1006 -26.40 76.49 -11.60
N ARG C 1007 -25.33 77.25 -11.41
CA ARG C 1007 -24.90 77.65 -10.09
C ARG C 1007 -25.91 78.67 -9.58
N THR C 1008 -26.30 78.56 -8.32
CA THR C 1008 -27.25 79.50 -7.73
C THR C 1008 -26.54 80.52 -6.84
N THR C 1009 -25.32 80.19 -6.45
CA THR C 1009 -24.49 81.07 -5.61
C THR C 1009 -23.63 81.91 -6.56
N PRO C 1010 -23.22 83.12 -6.12
CA PRO C 1010 -22.38 83.96 -6.98
C PRO C 1010 -21.01 83.32 -7.18
N TYR C 1011 -20.57 83.21 -8.43
CA TYR C 1011 -19.28 82.61 -8.72
C TYR C 1011 -18.13 83.59 -8.57
N GLU C 1012 -17.07 83.15 -7.91
CA GLU C 1012 -15.89 83.97 -7.70
C GLU C 1012 -14.63 83.13 -7.90
N PRO C 1013 -13.83 83.48 -8.92
CA PRO C 1013 -12.58 82.78 -9.23
C PRO C 1013 -11.60 82.84 -8.05
N LYS C 1014 -10.90 81.75 -7.80
CA LYS C 1014 -9.92 81.71 -6.73
C LYS C 1014 -8.59 82.24 -7.29
N ARG C 1015 -8.13 83.36 -6.76
CA ARG C 1015 -6.89 83.98 -7.22
C ARG C 1015 -5.64 83.55 -6.44
N GLY C 1016 -5.83 82.85 -5.33
CA GLY C 1016 -4.70 82.42 -4.52
C GLY C 1016 -4.26 83.57 -3.63
N LEU C 1017 -4.00 84.70 -4.25
CA LEU C 1017 -3.60 85.92 -3.55
C LEU C 1017 -4.32 87.07 -4.24
N PRO C 1018 -4.82 88.04 -3.47
CA PRO C 1018 -5.55 89.20 -4.02
C PRO C 1018 -4.76 89.95 -5.09
N LEU C 1019 -5.49 90.67 -5.94
CA LEU C 1019 -4.88 91.46 -7.01
C LEU C 1019 -4.66 92.89 -6.51
N ALA C 1020 -3.75 93.62 -7.14
CA ALA C 1020 -3.47 95.00 -6.74
C ALA C 1020 -4.14 95.98 -7.71
N ALA D 2 -12.21 40.81 -72.29
CA ALA D 2 -11.78 41.23 -70.92
C ALA D 2 -12.70 40.65 -69.85
N PRO D 3 -12.22 39.70 -69.03
CA PRO D 3 -13.10 39.14 -68.00
C PRO D 3 -13.77 40.27 -67.22
N VAL D 4 -14.85 39.96 -66.50
CA VAL D 4 -15.50 40.99 -65.70
C VAL D 4 -14.60 41.18 -64.48
N LEU D 5 -13.81 42.25 -64.48
CA LEU D 5 -12.89 42.54 -63.39
C LEU D 5 -13.53 42.82 -62.04
N SER D 6 -14.65 43.53 -62.04
CA SER D 6 -15.33 43.88 -60.79
C SER D 6 -16.17 42.76 -60.18
N LYS D 7 -15.91 41.52 -60.62
CA LYS D 7 -16.65 40.38 -60.12
C LYS D 7 -15.73 39.29 -59.56
N ASP D 8 -16.19 38.58 -58.55
CA ASP D 8 -15.40 37.50 -57.96
C ASP D 8 -15.56 36.24 -58.81
N VAL D 9 -14.46 35.56 -59.07
CA VAL D 9 -14.51 34.32 -59.83
C VAL D 9 -15.09 33.26 -58.90
N ALA D 10 -15.50 32.13 -59.46
CA ALA D 10 -16.11 31.05 -58.67
C ALA D 10 -15.33 30.73 -57.38
N ASP D 11 -14.01 30.65 -57.50
CA ASP D 11 -13.12 30.34 -56.38
C ASP D 11 -13.28 31.28 -55.19
N ILE D 12 -13.29 32.58 -55.46
CA ILE D 12 -13.41 33.59 -54.42
C ILE D 12 -14.82 33.60 -53.88
N GLU D 13 -15.80 33.46 -54.77
CA GLU D 13 -17.20 33.43 -54.37
C GLU D 13 -17.35 32.31 -53.35
N SER D 14 -16.63 31.22 -53.60
CA SER D 14 -16.65 30.05 -52.73
C SER D 14 -16.01 30.34 -51.38
N ILE D 15 -14.86 31.02 -51.41
CA ILE D 15 -14.16 31.38 -50.19
C ILE D 15 -14.99 32.35 -49.34
N LEU D 16 -15.85 33.12 -50.01
CA LEU D 16 -16.69 34.11 -49.36
C LEU D 16 -18.04 33.55 -48.91
N ALA D 17 -18.23 32.25 -49.07
CA ALA D 17 -19.50 31.62 -48.73
C ALA D 17 -20.05 31.96 -47.33
N LEU D 18 -19.19 32.02 -46.32
CA LEU D 18 -19.63 32.33 -44.96
C LEU D 18 -19.48 33.81 -44.57
N ASN D 19 -19.10 34.65 -45.53
CA ASN D 19 -18.93 36.09 -45.25
C ASN D 19 -20.33 36.66 -44.97
N PRO D 20 -20.46 37.48 -43.93
CA PRO D 20 -21.76 38.08 -43.59
C PRO D 20 -22.39 38.93 -44.68
N ARG D 21 -23.69 38.74 -44.87
CA ARG D 21 -24.47 39.46 -45.86
C ARG D 21 -25.85 39.62 -45.24
N THR D 22 -26.39 40.83 -45.24
CA THR D 22 -27.70 41.04 -44.63
C THR D 22 -28.82 40.36 -45.40
N GLN D 23 -29.70 39.69 -44.67
CA GLN D 23 -30.82 38.98 -45.25
C GLN D 23 -31.91 39.94 -45.73
N SER D 24 -32.61 39.55 -46.79
CA SER D 24 -33.68 40.36 -47.33
C SER D 24 -35.02 39.84 -46.82
N HIS D 25 -35.01 38.65 -46.23
CA HIS D 25 -36.22 38.03 -45.69
C HIS D 25 -35.95 37.32 -44.37
N ALA D 26 -37.01 36.98 -43.66
CA ALA D 26 -36.87 36.27 -42.39
C ALA D 26 -36.36 34.88 -42.75
N ALA D 27 -35.63 34.26 -41.82
CA ALA D 27 -35.09 32.93 -42.04
C ALA D 27 -36.18 31.86 -41.88
N LEU D 28 -35.89 30.66 -42.37
CA LEU D 28 -36.82 29.54 -42.25
C LEU D 28 -36.06 28.27 -41.88
N HIS D 29 -36.23 27.83 -40.65
CA HIS D 29 -35.57 26.62 -40.15
C HIS D 29 -36.53 25.96 -39.16
N SER D 30 -36.94 24.74 -39.45
CA SER D 30 -37.87 24.03 -38.58
C SER D 30 -37.28 23.86 -37.19
N THR D 31 -38.16 23.70 -36.21
CA THR D 31 -37.75 23.50 -34.83
C THR D 31 -36.97 22.19 -34.71
N LEU D 32 -37.30 21.22 -35.56
CA LEU D 32 -36.59 19.94 -35.52
C LEU D 32 -35.16 20.14 -36.03
N ALA D 33 -35.02 20.84 -37.16
CA ALA D 33 -33.71 21.09 -37.73
C ALA D 33 -32.81 21.80 -36.72
N LYS D 34 -33.38 22.78 -36.02
CA LYS D 34 -32.63 23.52 -35.00
C LYS D 34 -32.17 22.64 -33.84
N LYS D 35 -33.04 21.76 -33.36
CA LYS D 35 -32.69 20.86 -32.27
C LYS D 35 -31.51 19.98 -32.66
N LEU D 36 -31.51 19.51 -33.90
CA LEU D 36 -30.45 18.64 -34.40
C LEU D 36 -29.14 19.38 -34.66
N ASP D 37 -29.23 20.68 -34.92
CA ASP D 37 -28.05 21.48 -35.21
C ASP D 37 -27.38 22.07 -33.96
N LYS D 38 -28.18 22.29 -32.92
CA LYS D 38 -27.68 22.89 -31.68
C LYS D 38 -26.43 22.27 -31.07
N LYS D 39 -26.41 20.95 -30.95
CA LYS D 39 -25.30 20.22 -30.35
C LYS D 39 -23.95 20.39 -31.03
N HIS D 40 -23.96 20.73 -32.32
CA HIS D 40 -22.71 20.90 -33.04
C HIS D 40 -21.87 22.08 -32.54
N TRP D 41 -22.53 23.13 -32.05
CA TRP D 41 -21.81 24.33 -31.62
C TRP D 41 -21.70 24.51 -30.11
N LYS D 42 -22.28 23.58 -29.36
CA LYS D 42 -22.28 23.63 -27.89
C LYS D 42 -20.91 23.89 -27.27
N ARG D 43 -20.85 24.94 -26.45
CA ARG D 43 -19.62 25.32 -25.77
C ARG D 43 -19.62 24.94 -24.29
N ASN D 44 -20.73 25.27 -23.62
CA ASN D 44 -20.87 25.02 -22.19
C ASN D 44 -21.47 23.66 -21.85
N PRO D 45 -21.58 23.35 -20.55
CA PRO D 45 -22.14 22.07 -20.12
C PRO D 45 -23.59 21.87 -20.55
N ASP D 46 -23.93 20.65 -20.92
CA ASP D 46 -25.28 20.30 -21.35
C ASP D 46 -26.12 20.00 -20.11
N LYS D 47 -27.16 20.78 -19.88
CA LYS D 47 -28.02 20.58 -18.71
C LYS D 47 -28.70 19.20 -18.72
N ASN D 48 -28.69 18.55 -19.88
CA ASN D 48 -29.33 17.25 -20.01
C ASN D 48 -28.36 16.09 -19.82
N CYS D 49 -27.06 16.38 -19.83
CA CYS D 49 -26.06 15.34 -19.66
C CYS D 49 -25.85 15.09 -18.16
N PHE D 50 -25.96 13.83 -17.76
CA PHE D 50 -25.80 13.48 -16.34
C PHE D 50 -24.39 13.02 -16.01
N HIS D 51 -23.51 13.04 -17.01
CA HIS D 51 -22.13 12.61 -16.84
C HIS D 51 -21.09 13.68 -17.12
N CYS D 52 -20.00 13.65 -16.36
CA CYS D 52 -18.90 14.59 -16.52
C CYS D 52 -17.72 13.75 -17.00
N GLU D 53 -16.92 14.29 -17.91
CA GLU D 53 -15.77 13.58 -18.44
C GLU D 53 -15.00 12.86 -17.33
N LYS D 54 -14.28 11.80 -17.68
CA LYS D 54 -13.51 11.05 -16.70
C LYS D 54 -12.40 11.96 -16.16
N LEU D 55 -12.15 11.88 -14.86
CA LEU D 55 -11.13 12.70 -14.23
C LEU D 55 -10.05 11.93 -13.53
N GLU D 56 -10.02 10.60 -13.72
CA GLU D 56 -9.02 9.80 -13.05
C GLU D 56 -7.60 10.28 -13.38
N ASN D 57 -6.82 10.53 -12.34
CA ASN D 57 -5.45 10.99 -12.46
C ASN D 57 -5.33 12.32 -13.21
N ASN D 58 -6.42 13.07 -13.26
CA ASN D 58 -6.43 14.36 -13.93
C ASN D 58 -6.30 15.46 -12.89
N PHE D 59 -5.11 16.04 -12.78
CA PHE D 59 -4.89 17.11 -11.80
C PHE D 59 -4.68 18.48 -12.43
N ASP D 60 -5.26 18.67 -13.62
CA ASP D 60 -5.14 19.94 -14.31
C ASP D 60 -5.94 21.01 -13.56
N ASP D 61 -5.45 22.24 -13.63
CA ASP D 61 -6.08 23.39 -12.99
C ASP D 61 -7.57 23.53 -13.36
N ILE D 62 -8.45 23.48 -12.37
CA ILE D 62 -9.88 23.59 -12.60
C ILE D 62 -10.46 24.92 -12.12
N LYS D 63 -9.61 25.84 -11.68
CA LYS D 63 -10.09 27.12 -11.18
C LYS D 63 -10.70 27.96 -12.29
N HIS D 64 -11.90 28.49 -12.04
CA HIS D 64 -12.57 29.32 -13.02
C HIS D 64 -11.99 30.74 -13.02
N THR D 65 -11.22 31.07 -11.99
CA THR D 65 -10.65 32.40 -11.87
C THR D 65 -9.27 32.61 -12.47
N THR D 66 -8.65 31.55 -12.98
CA THR D 66 -7.33 31.66 -13.59
C THR D 66 -7.37 32.57 -14.82
N LEU D 67 -6.40 33.47 -14.94
CA LEU D 67 -6.34 34.39 -16.05
C LEU D 67 -5.04 34.34 -16.82
N GLY D 68 -5.13 34.62 -18.12
CA GLY D 68 -3.94 34.69 -18.96
C GLY D 68 -3.70 36.18 -19.08
N GLU D 69 -2.66 36.61 -19.79
CA GLU D 69 -2.43 38.04 -19.88
C GLU D 69 -3.57 38.82 -20.55
N ARG D 70 -4.05 38.32 -21.68
CA ARG D 70 -5.15 38.99 -22.39
C ARG D 70 -6.31 39.25 -21.43
N GLY D 71 -6.77 38.19 -20.76
CA GLY D 71 -7.88 38.32 -19.84
C GLY D 71 -7.60 39.18 -18.62
N ALA D 72 -6.36 39.14 -18.13
CA ALA D 72 -5.98 39.93 -16.96
C ALA D 72 -6.01 41.41 -17.29
N LEU D 73 -5.47 41.77 -18.46
CA LEU D 73 -5.46 43.17 -18.87
C LEU D 73 -6.88 43.72 -18.99
N ARG D 74 -7.80 42.93 -19.53
CA ARG D 74 -9.18 43.41 -19.65
C ARG D 74 -9.84 43.61 -18.30
N GLU D 75 -9.69 42.61 -17.41
CA GLU D 75 -10.30 42.71 -16.10
C GLU D 75 -9.67 43.82 -15.26
N ALA D 76 -8.36 44.02 -15.41
CA ALA D 76 -7.65 45.06 -14.66
C ALA D 76 -8.09 46.44 -15.14
N MET D 77 -8.30 46.59 -16.44
CA MET D 77 -8.76 47.85 -17.00
C MET D 77 -10.17 48.16 -16.52
N ARG D 78 -10.97 47.12 -16.30
CA ARG D 78 -12.35 47.26 -15.86
C ARG D 78 -12.46 47.76 -14.42
N CYS D 79 -11.50 47.38 -13.59
CA CYS D 79 -11.49 47.78 -12.18
C CYS D 79 -11.58 49.30 -12.02
N LEU D 80 -12.48 49.76 -11.15
CA LEU D 80 -12.67 51.19 -10.94
C LEU D 80 -11.51 51.82 -10.16
N LYS D 81 -10.71 50.98 -9.50
CA LYS D 81 -9.54 51.46 -8.75
C LYS D 81 -9.98 52.52 -7.77
N CYS D 82 -10.95 52.12 -6.96
CA CYS D 82 -11.63 52.93 -5.95
C CYS D 82 -10.83 53.52 -4.80
N ALA D 83 -11.36 54.61 -4.25
CA ALA D 83 -10.75 55.28 -3.12
C ALA D 83 -11.22 54.55 -1.86
N ASP D 84 -10.32 54.38 -0.89
CA ASP D 84 -10.70 53.73 0.36
C ASP D 84 -11.47 52.46 0.02
N ALA D 85 -10.98 51.75 -1.00
CA ALA D 85 -11.61 50.54 -1.52
C ALA D 85 -12.12 49.54 -0.49
N PRO D 86 -13.39 49.12 -0.64
CA PRO D 86 -14.05 48.16 0.24
C PRO D 86 -13.47 46.75 0.08
N CYS D 87 -12.92 46.48 -1.11
CA CYS D 87 -12.30 45.18 -1.36
C CYS D 87 -11.09 45.04 -0.43
N GLN D 88 -10.29 46.11 -0.32
CA GLN D 88 -9.12 46.09 0.55
C GLN D 88 -9.53 45.96 2.00
N LYS D 89 -10.62 46.61 2.37
CA LYS D 89 -11.11 46.54 3.74
C LYS D 89 -11.59 45.13 4.04
N SER D 90 -12.07 44.44 3.01
CA SER D 90 -12.57 43.08 3.15
C SER D 90 -11.49 42.02 2.98
N CYS D 91 -10.24 42.47 2.85
CA CYS D 91 -9.11 41.55 2.71
C CYS D 91 -8.39 41.45 4.05
N PRO D 92 -8.28 40.22 4.60
CA PRO D 92 -7.60 39.99 5.88
C PRO D 92 -6.17 40.50 5.99
N THR D 93 -5.45 40.57 4.86
CA THR D 93 -4.08 41.08 4.89
C THR D 93 -3.99 42.52 4.42
N HIS D 94 -5.16 43.12 4.18
CA HIS D 94 -5.27 44.53 3.76
C HIS D 94 -4.47 44.88 2.51
N LEU D 95 -4.47 44.02 1.51
CA LEU D 95 -3.74 44.32 0.28
C LEU D 95 -4.28 45.57 -0.40
N ASP D 96 -3.38 46.38 -0.94
CA ASP D 96 -3.79 47.58 -1.63
C ASP D 96 -4.19 47.11 -3.04
N ILE D 97 -5.38 46.54 -3.12
CA ILE D 97 -5.93 46.02 -4.36
C ILE D 97 -5.97 47.08 -5.45
N LYS D 98 -6.41 48.29 -5.10
CA LYS D 98 -6.48 49.40 -6.04
C LYS D 98 -5.15 49.58 -6.77
N SER D 99 -4.07 49.63 -6.00
CA SER D 99 -2.74 49.83 -6.56
C SER D 99 -2.20 48.68 -7.41
N PHE D 100 -2.31 47.44 -6.92
CA PHE D 100 -1.77 46.34 -7.70
C PHE D 100 -2.59 46.11 -8.98
N ILE D 101 -3.90 46.33 -8.93
CA ILE D 101 -4.68 46.15 -10.15
C ILE D 101 -4.37 47.28 -11.13
N THR D 102 -4.12 48.48 -10.60
CA THR D 102 -3.76 49.60 -11.48
C THR D 102 -2.46 49.24 -12.19
N SER D 103 -1.49 48.72 -11.43
CA SER D 103 -0.19 48.33 -12.00
C SER D 103 -0.38 47.27 -13.09
N ILE D 104 -1.29 46.33 -12.88
CA ILE D 104 -1.54 45.32 -13.88
C ILE D 104 -2.10 45.94 -15.15
N SER D 105 -3.08 46.83 -15.01
CA SER D 105 -3.67 47.47 -16.19
C SER D 105 -2.61 48.28 -16.95
N ASN D 106 -1.55 48.69 -16.26
CA ASN D 106 -0.46 49.44 -16.89
C ASN D 106 0.68 48.52 -17.32
N LYS D 107 0.43 47.21 -17.28
CA LYS D 107 1.42 46.20 -17.67
C LYS D 107 2.64 46.16 -16.76
N ASN D 108 2.52 46.70 -15.55
CA ASN D 108 3.62 46.68 -14.59
C ASN D 108 3.37 45.54 -13.61
N TYR D 109 3.63 44.32 -14.05
CA TYR D 109 3.40 43.15 -13.23
C TYR D 109 4.33 43.07 -12.04
N TYR D 110 5.55 43.57 -12.19
CA TYR D 110 6.47 43.57 -11.05
C TYR D 110 5.89 44.40 -9.93
N GLY D 111 5.51 45.64 -10.27
CA GLY D 111 4.95 46.55 -9.29
C GLY D 111 3.73 45.95 -8.61
N ALA D 112 2.90 45.26 -9.39
CA ALA D 112 1.70 44.63 -8.85
C ALA D 112 2.10 43.57 -7.84
N ALA D 113 3.05 42.72 -8.23
CA ALA D 113 3.53 41.64 -7.37
C ALA D 113 4.21 42.18 -6.10
N LYS D 114 5.00 43.22 -6.25
CA LYS D 114 5.68 43.81 -5.11
C LYS D 114 4.63 44.30 -4.09
N MET D 115 3.60 44.98 -4.59
CA MET D 115 2.55 45.50 -3.73
C MET D 115 1.82 44.35 -3.02
N ILE D 116 1.54 43.29 -3.76
CA ILE D 116 0.86 42.12 -3.21
C ILE D 116 1.66 41.46 -2.09
N PHE D 117 2.91 41.12 -2.39
CA PHE D 117 3.76 40.46 -1.41
C PHE D 117 4.16 41.34 -0.24
N SER D 118 4.09 42.66 -0.41
CA SER D 118 4.43 43.57 0.69
C SER D 118 3.50 43.31 1.87
N ASP D 119 2.23 43.01 1.58
CA ASP D 119 1.26 42.74 2.65
C ASP D 119 0.90 41.26 2.81
N ASN D 120 1.24 40.44 1.82
CA ASN D 120 0.94 39.01 1.89
C ASN D 120 2.09 38.18 1.32
N PRO D 121 2.92 37.57 2.18
CA PRO D 121 4.06 36.74 1.76
C PRO D 121 3.67 35.52 0.93
N LEU D 122 2.39 35.14 1.00
CA LEU D 122 1.89 34.00 0.23
C LEU D 122 0.88 34.53 -0.78
N GLY D 123 1.28 35.61 -1.47
CA GLY D 123 0.42 36.24 -2.46
C GLY D 123 -0.11 35.35 -3.57
N LEU D 124 0.73 34.50 -4.13
CA LEU D 124 0.29 33.62 -5.21
C LEU D 124 -0.65 32.53 -4.69
N THR D 125 -0.31 31.91 -3.57
CA THR D 125 -1.17 30.86 -3.01
C THR D 125 -2.56 31.43 -2.73
N CYS D 126 -2.62 32.57 -2.06
CA CYS D 126 -3.92 33.17 -1.74
C CYS D 126 -4.69 33.58 -2.98
N GLY D 127 -3.98 34.07 -4.00
CA GLY D 127 -4.66 34.47 -5.23
C GLY D 127 -5.42 33.28 -5.80
N MET D 128 -4.81 32.11 -5.69
CA MET D 128 -5.42 30.88 -6.19
C MET D 128 -6.47 30.27 -5.27
N VAL D 129 -6.29 30.35 -3.95
CA VAL D 129 -7.24 29.70 -3.04
C VAL D 129 -8.17 30.54 -2.16
N CYS D 130 -7.95 31.85 -2.07
CA CYS D 130 -8.83 32.65 -1.24
C CYS D 130 -10.30 32.53 -1.63
N PRO D 131 -11.19 32.35 -0.64
CA PRO D 131 -12.62 32.24 -0.94
C PRO D 131 -13.11 33.69 -1.08
N THR D 132 -12.66 34.35 -2.14
CA THR D 132 -12.97 35.76 -2.39
C THR D 132 -14.43 36.22 -2.26
N SER D 133 -15.38 35.40 -2.64
CA SER D 133 -16.78 35.80 -2.52
C SER D 133 -17.14 36.11 -1.07
N ASP D 134 -16.37 35.56 -0.12
CA ASP D 134 -16.63 35.81 1.29
C ASP D 134 -15.60 36.77 1.88
N LEU D 135 -14.72 37.27 1.02
CA LEU D 135 -13.69 38.21 1.44
C LEU D 135 -13.68 39.47 0.56
N CYS D 136 -12.54 39.75 -0.06
CA CYS D 136 -12.37 40.93 -0.91
C CYS D 136 -13.45 41.16 -1.99
N VAL D 137 -13.68 40.15 -2.83
CA VAL D 137 -14.68 40.27 -3.89
C VAL D 137 -16.09 40.53 -3.33
N GLY D 138 -16.36 40.04 -2.13
CA GLY D 138 -17.66 40.23 -1.52
C GLY D 138 -17.99 41.69 -1.25
N GLY D 139 -16.97 42.53 -1.20
CA GLY D 139 -17.17 43.95 -0.95
C GLY D 139 -16.88 44.85 -2.15
N CYS D 140 -16.64 44.25 -3.32
CA CYS D 140 -16.34 45.01 -4.54
C CYS D 140 -17.51 45.87 -5.03
N ASN D 141 -17.24 47.15 -5.25
CA ASN D 141 -18.27 48.07 -5.72
C ASN D 141 -18.89 47.66 -7.06
N LEU D 142 -18.12 47.00 -7.91
CA LEU D 142 -18.64 46.60 -9.22
C LEU D 142 -19.72 45.53 -9.15
N TYR D 143 -20.01 45.07 -7.94
CA TYR D 143 -21.08 44.09 -7.77
C TYR D 143 -22.36 44.85 -8.13
N ALA D 144 -22.30 46.18 -7.98
CA ALA D 144 -23.44 47.04 -8.28
C ALA D 144 -23.63 47.29 -9.78
N THR D 145 -22.98 46.49 -10.61
CA THR D 145 -23.14 46.61 -12.06
C THR D 145 -23.55 45.25 -12.62
N GLU D 146 -24.14 45.25 -13.80
CA GLU D 146 -24.59 44.02 -14.42
C GLU D 146 -23.41 43.08 -14.72
N GLU D 147 -22.28 43.63 -15.12
CA GLU D 147 -21.10 42.81 -15.43
C GLU D 147 -20.50 42.16 -14.17
N GLY D 148 -20.82 42.72 -13.01
CA GLY D 148 -20.34 42.15 -11.77
C GLY D 148 -18.99 42.53 -11.18
N SER D 149 -18.69 41.90 -10.04
CA SER D 149 -17.45 42.14 -9.31
C SER D 149 -16.19 41.73 -10.06
N ILE D 150 -15.08 42.34 -9.67
CA ILE D 150 -13.78 42.07 -10.26
C ILE D 150 -13.21 40.76 -9.75
N ASN D 151 -12.58 40.01 -10.65
CA ASN D 151 -11.94 38.74 -10.32
C ASN D 151 -10.59 39.10 -9.69
N ILE D 152 -10.65 39.57 -8.45
CA ILE D 152 -9.46 39.98 -7.72
C ILE D 152 -8.41 38.87 -7.51
N GLY D 153 -8.88 37.68 -7.17
CA GLY D 153 -7.97 36.57 -6.95
C GLY D 153 -7.22 36.21 -8.22
N GLY D 154 -7.94 36.11 -9.33
CA GLY D 154 -7.31 35.77 -10.59
C GLY D 154 -6.25 36.78 -10.99
N LEU D 155 -6.52 38.06 -10.73
CA LEU D 155 -5.57 39.12 -11.07
C LEU D 155 -4.34 39.01 -10.17
N GLN D 156 -4.57 38.69 -8.91
CA GLN D 156 -3.47 38.55 -7.96
C GLN D 156 -2.62 37.38 -8.39
N GLN D 157 -3.29 36.33 -8.86
CA GLN D 157 -2.61 35.13 -9.31
C GLN D 157 -1.74 35.42 -10.53
N PHE D 158 -2.32 36.13 -11.49
CA PHE D 158 -1.59 36.45 -12.72
C PHE D 158 -0.32 37.26 -12.46
N ALA D 159 -0.45 38.37 -11.75
CA ALA D 159 0.71 39.22 -11.46
C ALA D 159 1.79 38.41 -10.73
N SER D 160 1.37 37.63 -9.74
CA SER D 160 2.29 36.81 -8.96
C SER D 160 2.96 35.72 -9.81
N GLU D 161 2.21 35.14 -10.75
CA GLU D 161 2.75 34.12 -11.63
C GLU D 161 3.86 34.70 -12.49
N VAL D 162 3.60 35.87 -13.06
CA VAL D 162 4.61 36.51 -13.90
C VAL D 162 5.86 36.83 -13.08
N PHE D 163 5.66 37.35 -11.87
CA PHE D 163 6.79 37.68 -11.01
C PHE D 163 7.60 36.40 -10.76
N LYS D 164 6.90 35.33 -10.46
CA LYS D 164 7.54 34.03 -10.22
C LYS D 164 8.38 33.62 -11.42
N ALA D 165 7.84 33.84 -12.61
CA ALA D 165 8.56 33.48 -13.82
C ALA D 165 9.78 34.37 -14.04
N MET D 166 9.78 35.54 -13.43
CA MET D 166 10.91 36.46 -13.57
C MET D 166 12.13 35.94 -12.79
N ASN D 167 11.89 35.05 -11.84
CA ASN D 167 12.95 34.47 -11.03
C ASN D 167 13.83 35.54 -10.40
N ILE D 168 13.18 36.46 -9.70
CA ILE D 168 13.86 37.54 -9.00
C ILE D 168 13.76 37.21 -7.52
N PRO D 169 14.88 37.28 -6.79
CA PRO D 169 14.87 36.97 -5.35
C PRO D 169 14.48 38.16 -4.48
N GLN D 170 14.12 37.86 -3.24
CA GLN D 170 13.76 38.90 -2.29
C GLN D 170 15.03 39.33 -1.57
N ILE D 171 15.10 40.60 -1.16
CA ILE D 171 16.26 41.10 -0.42
C ILE D 171 15.74 41.87 0.78
N ARG D 172 16.59 42.13 1.76
CA ARG D 172 16.18 42.88 2.94
C ARG D 172 16.10 44.34 2.52
N ASN D 173 15.32 45.13 3.26
CA ASN D 173 15.15 46.55 2.94
C ASN D 173 16.50 47.21 2.78
N PRO D 174 16.78 47.78 1.60
CA PRO D 174 18.06 48.45 1.36
C PRO D 174 18.35 49.61 2.31
N CYS D 175 17.33 50.03 3.06
CA CYS D 175 17.51 51.13 4.01
C CYS D 175 18.02 50.64 5.37
N LEU D 176 17.82 49.36 5.66
CA LEU D 176 18.29 48.80 6.92
C LEU D 176 19.80 48.90 7.01
N PRO D 177 20.32 49.05 8.24
CA PRO D 177 21.77 49.14 8.42
C PRO D 177 22.39 47.82 8.00
N SER D 178 23.69 47.80 7.75
CA SER D 178 24.33 46.55 7.34
C SER D 178 24.19 45.54 8.47
N GLN D 179 24.33 44.26 8.12
CA GLN D 179 24.20 43.18 9.09
C GLN D 179 25.01 43.36 10.37
N GLU D 180 26.30 43.64 10.21
CA GLU D 180 27.15 43.80 11.38
C GLU D 180 26.89 45.06 12.19
N LYS D 181 26.08 45.97 11.65
CA LYS D 181 25.77 47.20 12.39
C LYS D 181 24.42 47.13 13.07
N MET D 182 23.75 45.98 12.94
CA MET D 182 22.45 45.80 13.57
C MET D 182 22.64 45.58 15.07
N PRO D 183 21.75 46.17 15.89
CA PRO D 183 21.83 46.00 17.34
C PRO D 183 21.86 44.53 17.71
N GLU D 184 22.40 44.23 18.89
CA GLU D 184 22.50 42.86 19.38
C GLU D 184 21.14 42.16 19.42
N ALA D 185 20.12 42.91 19.78
CA ALA D 185 18.76 42.38 19.90
C ALA D 185 18.27 41.63 18.66
N TYR D 186 18.74 42.03 17.49
CA TYR D 186 18.31 41.38 16.26
C TYR D 186 18.93 40.01 16.00
N SER D 187 19.85 39.59 16.86
CA SER D 187 20.48 38.28 16.72
C SER D 187 19.82 37.29 17.67
N ALA D 188 18.79 37.75 18.36
CA ALA D 188 18.05 36.91 19.30
C ALA D 188 17.53 35.64 18.62
N LYS D 189 17.73 34.49 19.24
CA LYS D 189 17.27 33.22 18.66
C LYS D 189 15.75 33.12 18.70
N ILE D 190 15.14 33.00 17.53
CA ILE D 190 13.70 32.90 17.41
C ILE D 190 13.29 31.53 16.87
N ALA D 191 12.26 30.94 17.47
CA ALA D 191 11.78 29.66 17.02
C ALA D 191 10.31 29.72 16.63
N LEU D 192 9.97 29.02 15.56
CA LEU D 192 8.58 28.94 15.09
C LEU D 192 8.27 27.47 14.91
N LEU D 193 7.09 27.05 15.36
CA LEU D 193 6.69 25.65 15.23
C LEU D 193 5.65 25.48 14.13
N GLY D 194 5.96 24.58 13.18
CA GLY D 194 5.06 24.32 12.06
C GLY D 194 5.41 25.19 10.88
N ALA D 195 5.60 24.59 9.70
CA ALA D 195 5.96 25.36 8.53
C ALA D 195 4.76 25.63 7.63
N GLY D 196 3.70 26.19 8.22
CA GLY D 196 2.50 26.50 7.47
C GLY D 196 2.42 27.99 7.16
N PRO D 197 1.31 28.44 6.54
CA PRO D 197 1.12 29.85 6.20
C PRO D 197 1.42 30.81 7.36
N ALA D 198 0.91 30.48 8.54
CA ALA D 198 1.10 31.32 9.73
C ALA D 198 2.57 31.55 10.07
N SER D 199 3.34 30.47 10.19
CA SER D 199 4.75 30.59 10.53
C SER D 199 5.57 31.19 9.39
N ILE D 200 5.25 30.81 8.17
CA ILE D 200 5.96 31.34 7.00
C ILE D 200 5.80 32.86 6.99
N SER D 201 4.57 33.33 7.21
CA SER D 201 4.29 34.75 7.22
C SER D 201 5.05 35.42 8.37
N CYS D 202 4.88 34.88 9.56
CA CYS D 202 5.53 35.42 10.75
C CYS D 202 7.05 35.51 10.60
N ALA D 203 7.68 34.42 10.16
CA ALA D 203 9.14 34.42 10.00
C ALA D 203 9.55 35.41 8.91
N SER D 204 8.76 35.54 7.86
CA SER D 204 9.07 36.46 6.77
C SER D 204 9.16 37.90 7.27
N PHE D 205 8.14 38.34 8.00
CA PHE D 205 8.14 39.71 8.49
C PHE D 205 9.24 39.96 9.52
N LEU D 206 9.49 38.98 10.39
CA LEU D 206 10.57 39.14 11.37
C LEU D 206 11.87 39.31 10.62
N ALA D 207 12.04 38.53 9.56
CA ALA D 207 13.25 38.60 8.73
C ALA D 207 13.35 39.98 8.07
N ARG D 208 12.21 40.52 7.65
CA ARG D 208 12.20 41.84 7.02
C ARG D 208 12.69 42.89 8.00
N LEU D 209 12.30 42.73 9.27
CA LEU D 209 12.69 43.67 10.32
C LEU D 209 14.19 43.61 10.63
N GLY D 210 14.85 42.54 10.21
CA GLY D 210 16.27 42.44 10.46
C GLY D 210 16.76 41.32 11.36
N TYR D 211 15.86 40.49 11.86
CA TYR D 211 16.29 39.40 12.73
C TYR D 211 17.03 38.39 11.87
N SER D 212 18.23 38.03 12.32
CA SER D 212 19.11 37.12 11.59
C SER D 212 19.20 35.67 12.07
N ASP D 213 18.41 35.31 13.08
CA ASP D 213 18.45 33.94 13.59
C ASP D 213 17.04 33.42 13.79
N ILE D 214 16.38 33.09 12.69
CA ILE D 214 15.00 32.59 12.74
C ILE D 214 14.97 31.16 12.25
N THR D 215 14.31 30.29 13.01
CA THR D 215 14.22 28.90 12.63
C THR D 215 12.82 28.34 12.79
N ILE D 216 12.36 27.65 11.74
CA ILE D 216 11.06 27.03 11.76
C ILE D 216 11.27 25.52 11.91
N PHE D 217 10.62 24.92 12.88
CA PHE D 217 10.75 23.49 13.09
C PHE D 217 9.46 22.84 12.62
N GLU D 218 9.57 21.99 11.61
CA GLU D 218 8.45 21.30 11.01
C GLU D 218 8.44 19.80 11.33
N LYS D 219 7.29 19.30 11.77
CA LYS D 219 7.15 17.88 12.12
C LYS D 219 7.38 16.97 10.92
N GLN D 220 6.65 17.24 9.84
CA GLN D 220 6.73 16.45 8.61
C GLN D 220 8.04 16.67 7.86
N GLU D 221 8.21 15.94 6.76
CA GLU D 221 9.41 16.07 5.94
C GLU D 221 9.15 17.11 4.85
N TYR D 222 7.88 17.46 4.67
CA TYR D 222 7.50 18.46 3.67
C TYR D 222 7.12 19.77 4.37
N VAL D 223 7.12 20.87 3.62
CA VAL D 223 6.78 22.18 4.18
C VAL D 223 5.58 22.81 3.46
N GLY D 224 4.96 23.79 4.11
CA GLY D 224 3.80 24.44 3.50
C GLY D 224 2.49 24.18 4.21
N GLY D 225 2.49 23.26 5.16
CA GLY D 225 1.26 22.97 5.90
C GLY D 225 0.14 22.44 5.02
N LEU D 226 -1.10 22.77 5.35
CA LEU D 226 -2.23 22.31 4.55
C LEU D 226 -2.16 22.70 3.07
N SER D 227 -1.47 23.79 2.76
CA SER D 227 -1.34 24.22 1.37
C SER D 227 -0.67 23.09 0.58
N THR D 228 0.16 22.33 1.27
CA THR D 228 0.89 21.22 0.67
C THR D 228 0.21 19.87 0.87
N SER D 229 -0.10 19.55 2.11
CA SER D 229 -0.70 18.26 2.46
C SER D 229 -2.15 17.98 2.12
N GLU D 230 -2.98 19.02 1.96
CA GLU D 230 -4.38 18.74 1.66
C GLU D 230 -5.07 19.50 0.52
N ILE D 231 -4.70 20.75 0.28
CA ILE D 231 -5.34 21.48 -0.83
C ILE D 231 -4.95 20.77 -2.13
N PRO D 232 -5.94 20.33 -2.91
CA PRO D 232 -5.70 19.63 -4.18
C PRO D 232 -4.74 20.33 -5.14
N GLN D 233 -3.93 19.52 -5.81
CA GLN D 233 -2.97 20.00 -6.80
C GLN D 233 -3.72 20.70 -7.93
N PHE D 234 -4.98 20.30 -8.15
CA PHE D 234 -5.77 20.91 -9.21
C PHE D 234 -6.39 22.25 -8.83
N ARG D 235 -6.04 22.75 -7.65
CA ARG D 235 -6.50 24.06 -7.18
C ARG D 235 -5.26 24.86 -6.86
N LEU D 236 -4.27 24.21 -6.25
CA LEU D 236 -3.01 24.87 -5.87
C LEU D 236 -1.79 24.02 -6.18
N PRO D 237 -1.10 24.29 -7.30
CA PRO D 237 0.09 23.51 -7.65
C PRO D 237 1.16 23.63 -6.57
N TYR D 238 1.77 22.50 -6.22
CA TYR D 238 2.81 22.49 -5.19
C TYR D 238 3.94 23.47 -5.50
N ASP D 239 4.19 23.66 -6.79
CA ASP D 239 5.21 24.55 -7.32
C ASP D 239 5.07 25.99 -6.75
N VAL D 240 3.82 26.38 -6.50
CA VAL D 240 3.53 27.71 -5.96
C VAL D 240 4.06 27.82 -4.53
N VAL D 241 3.81 26.79 -3.74
CA VAL D 241 4.26 26.74 -2.35
C VAL D 241 5.78 26.83 -2.26
N ASN D 242 6.47 26.06 -3.09
CA ASN D 242 7.93 26.05 -3.09
C ASN D 242 8.49 27.42 -3.45
N PHE D 243 7.78 28.12 -4.33
CA PHE D 243 8.16 29.45 -4.76
C PHE D 243 8.17 30.44 -3.59
N GLU D 244 7.09 30.43 -2.82
CA GLU D 244 6.95 31.32 -1.68
C GLU D 244 7.88 30.94 -0.53
N ILE D 245 8.18 29.66 -0.38
CA ILE D 245 9.10 29.21 0.66
C ILE D 245 10.49 29.75 0.35
N GLU D 246 10.93 29.61 -0.90
CA GLU D 246 12.25 30.09 -1.30
C GLU D 246 12.38 31.60 -1.15
N LEU D 247 11.31 32.34 -1.43
CA LEU D 247 11.37 33.78 -1.29
C LEU D 247 11.69 34.10 0.16
N MET D 248 11.06 33.36 1.07
CA MET D 248 11.30 33.56 2.50
C MET D 248 12.74 33.20 2.83
N LYS D 249 13.24 32.11 2.26
CA LYS D 249 14.60 31.69 2.52
C LYS D 249 15.62 32.70 2.05
N ASP D 250 15.23 33.54 1.10
CA ASP D 250 16.14 34.56 0.58
C ASP D 250 16.52 35.52 1.71
N LEU D 251 15.67 35.59 2.74
CA LEU D 251 15.94 36.45 3.87
C LEU D 251 16.68 35.75 5.01
N GLY D 252 17.15 34.53 4.76
CA GLY D 252 17.90 33.81 5.78
C GLY D 252 17.13 32.91 6.72
N VAL D 253 15.81 32.92 6.64
CA VAL D 253 15.01 32.06 7.52
C VAL D 253 15.40 30.60 7.30
N LYS D 254 15.58 29.88 8.40
CA LYS D 254 15.97 28.47 8.34
C LYS D 254 14.80 27.56 8.67
N ILE D 255 14.74 26.42 7.98
CA ILE D 255 13.69 25.44 8.20
C ILE D 255 14.29 24.09 8.50
N ILE D 256 13.85 23.46 9.59
CA ILE D 256 14.35 22.15 9.95
C ILE D 256 13.18 21.19 10.06
N CYS D 257 13.13 20.22 9.17
CA CYS D 257 12.04 19.23 9.16
C CYS D 257 12.39 18.04 10.04
N GLY D 258 11.41 17.22 10.36
CA GLY D 258 11.65 16.07 11.21
C GLY D 258 11.76 16.44 12.68
N LYS D 259 11.36 17.67 13.01
CA LYS D 259 11.41 18.17 14.38
C LYS D 259 9.99 18.53 14.79
N SER D 260 9.50 17.89 15.86
CA SER D 260 8.15 18.15 16.33
C SER D 260 8.08 18.83 17.69
N LEU D 261 6.96 19.52 17.90
CA LEU D 261 6.69 20.16 19.17
C LEU D 261 5.95 19.07 19.93
N SER D 262 6.63 18.45 20.91
CA SER D 262 6.00 17.37 21.67
C SER D 262 6.84 17.07 22.89
N GLU D 263 6.23 16.49 23.91
CA GLU D 263 6.95 16.15 25.12
C GLU D 263 8.17 15.24 24.85
N ASN D 264 8.20 14.60 23.68
CA ASN D 264 9.29 13.71 23.29
C ASN D 264 10.37 14.45 22.49
N GLU D 265 10.20 15.75 22.25
CA GLU D 265 11.18 16.52 21.47
C GLU D 265 11.33 17.96 21.91
N ILE D 266 10.78 18.87 21.11
CA ILE D 266 10.85 20.30 21.41
C ILE D 266 9.68 20.75 22.28
N THR D 267 9.97 21.47 23.34
CA THR D 267 8.95 21.97 24.24
C THR D 267 9.33 23.41 24.52
N LEU D 268 8.41 24.16 25.11
CA LEU D 268 8.70 25.55 25.42
C LEU D 268 9.88 25.59 26.38
N ASN D 269 9.93 24.60 27.27
CA ASN D 269 11.02 24.54 28.25
C ASN D 269 12.38 24.25 27.61
N THR D 270 12.43 23.31 26.66
CA THR D 270 13.71 22.99 26.02
C THR D 270 14.18 24.18 25.18
N LEU D 271 13.23 24.87 24.55
CA LEU D 271 13.57 26.03 23.74
C LEU D 271 14.12 27.12 24.64
N LYS D 272 13.46 27.34 25.78
CA LYS D 272 13.89 28.35 26.72
C LYS D 272 15.27 28.03 27.27
N GLU D 273 15.51 26.76 27.55
CA GLU D 273 16.80 26.32 28.08
C GLU D 273 17.91 26.41 27.04
N GLU D 274 17.54 26.37 25.76
CA GLU D 274 18.52 26.45 24.69
C GLU D 274 18.87 27.89 24.32
N GLY D 275 18.20 28.85 24.95
CA GLY D 275 18.50 30.25 24.66
C GLY D 275 17.54 31.01 23.78
N TYR D 276 16.51 30.35 23.27
CA TYR D 276 15.54 31.04 22.43
C TYR D 276 14.82 32.15 23.19
N LYS D 277 14.75 33.33 22.59
CA LYS D 277 14.11 34.50 23.21
C LYS D 277 12.63 34.62 22.92
N ALA D 278 12.17 34.02 21.83
CA ALA D 278 10.76 34.08 21.48
C ALA D 278 10.34 32.87 20.65
N ALA D 279 9.07 32.50 20.74
CA ALA D 279 8.56 31.37 20.00
C ALA D 279 7.17 31.66 19.44
N PHE D 280 6.93 31.21 18.22
CA PHE D 280 5.63 31.38 17.58
C PHE D 280 5.05 30.00 17.32
N ILE D 281 3.81 29.77 17.75
CA ILE D 281 3.17 28.47 17.55
C ILE D 281 2.22 28.50 16.35
N GLY D 282 2.58 27.75 15.32
CA GLY D 282 1.75 27.69 14.13
C GLY D 282 1.63 26.26 13.62
N ILE D 283 1.28 25.34 14.51
CA ILE D 283 1.16 23.93 14.15
C ILE D 283 -0.22 23.55 13.64
N GLY D 284 -1.14 24.51 13.64
CA GLY D 284 -2.50 24.24 13.17
C GLY D 284 -3.25 23.23 14.01
N LEU D 285 -4.18 22.53 13.36
CA LEU D 285 -5.01 21.51 14.00
C LEU D 285 -4.62 20.20 13.29
N PRO D 286 -3.54 19.56 13.78
CA PRO D 286 -2.98 18.31 13.26
C PRO D 286 -3.80 17.03 13.27
N GLU D 287 -4.88 16.98 14.05
CA GLU D 287 -5.68 15.77 14.13
C GLU D 287 -7.11 15.86 13.63
N PRO D 288 -7.60 14.79 13.00
CA PRO D 288 -8.96 14.76 12.47
C PRO D 288 -9.98 14.66 13.58
N LYS D 289 -11.12 15.31 13.41
CA LYS D 289 -12.16 15.21 14.41
C LYS D 289 -12.80 13.85 14.12
N THR D 290 -12.72 12.94 15.08
CA THR D 290 -13.25 11.61 14.89
C THR D 290 -14.61 11.42 15.52
N ASP D 291 -15.18 10.24 15.29
CA ASP D 291 -16.48 9.89 15.84
C ASP D 291 -16.51 8.40 16.16
N ASP D 292 -17.16 8.09 17.27
CA ASP D 292 -17.30 6.72 17.75
C ASP D 292 -17.65 5.69 16.68
N ILE D 293 -18.68 5.98 15.88
CA ILE D 293 -19.14 5.06 14.85
C ILE D 293 -18.08 4.53 13.88
N PHE D 294 -16.92 5.17 13.84
CA PHE D 294 -15.90 4.73 12.92
C PHE D 294 -14.74 4.03 13.61
N GLN D 295 -14.93 3.75 14.90
CA GLN D 295 -13.90 3.07 15.66
C GLN D 295 -13.52 1.73 15.04
N GLY D 296 -12.21 1.51 14.94
CA GLY D 296 -11.73 0.26 14.38
C GLY D 296 -11.64 0.23 12.86
N LEU D 297 -12.43 1.06 12.19
CA LEU D 297 -12.42 1.10 10.73
C LEU D 297 -11.06 1.56 10.21
N THR D 298 -10.56 0.86 9.19
CA THR D 298 -9.27 1.19 8.62
C THR D 298 -9.38 1.52 7.13
N GLN D 299 -8.25 1.88 6.54
CA GLN D 299 -8.20 2.20 5.12
C GLN D 299 -8.45 0.94 4.28
N ASP D 300 -7.92 -0.18 4.75
CA ASP D 300 -8.08 -1.46 4.06
C ASP D 300 -9.54 -1.77 3.81
N GLN D 301 -10.40 -1.36 4.75
CA GLN D 301 -11.83 -1.56 4.63
C GLN D 301 -12.45 -0.49 3.74
N GLY D 302 -11.73 0.61 3.56
CA GLY D 302 -12.22 1.69 2.73
C GLY D 302 -12.63 2.93 3.51
N PHE D 303 -12.17 3.04 4.76
CA PHE D 303 -12.52 4.20 5.57
C PHE D 303 -11.36 5.18 5.71
N TYR D 304 -11.68 6.46 5.61
CA TYR D 304 -10.68 7.51 5.75
C TYR D 304 -11.29 8.73 6.42
N THR D 305 -10.44 9.56 6.99
CA THR D 305 -10.88 10.81 7.56
C THR D 305 -10.21 11.74 6.56
N SER D 306 -10.63 12.99 6.49
CA SER D 306 -10.02 13.93 5.56
C SER D 306 -8.51 13.98 5.79
N LYS D 307 -8.11 13.88 7.05
CA LYS D 307 -6.69 13.91 7.44
C LYS D 307 -5.89 12.71 6.92
N ASP D 308 -6.57 11.60 6.61
CA ASP D 308 -5.90 10.41 6.10
C ASP D 308 -5.88 10.42 4.57
N PHE D 309 -7.04 10.67 3.99
CA PHE D 309 -7.23 10.68 2.55
C PHE D 309 -6.48 11.73 1.73
N LEU D 310 -6.81 13.01 1.94
CA LEU D 310 -6.18 14.08 1.16
C LEU D 310 -4.65 14.08 1.13
N PRO D 311 -4.00 13.80 2.27
CA PRO D 311 -2.54 13.79 2.26
C PRO D 311 -1.98 12.71 1.32
N LEU D 312 -2.70 11.60 1.20
CA LEU D 312 -2.28 10.50 0.33
C LEU D 312 -2.35 10.95 -1.12
N VAL D 313 -3.46 11.58 -1.49
CA VAL D 313 -3.65 12.05 -2.85
C VAL D 313 -2.59 13.11 -3.16
N ALA D 314 -2.36 13.99 -2.19
CA ALA D 314 -1.38 15.06 -2.35
C ALA D 314 0.02 14.52 -2.61
N LYS D 315 0.48 13.60 -1.76
CA LYS D 315 1.80 13.01 -1.90
C LYS D 315 1.99 12.35 -3.26
N SER D 316 0.90 11.82 -3.80
CA SER D 316 0.93 11.15 -5.09
C SER D 316 0.86 12.08 -6.29
N SER D 317 0.14 13.19 -6.15
CA SER D 317 -0.01 14.13 -7.27
C SER D 317 0.89 15.35 -7.25
N LYS D 318 1.58 15.57 -6.14
CA LYS D 318 2.46 16.74 -6.03
C LYS D 318 3.92 16.39 -6.10
N ALA D 319 4.50 16.62 -7.28
CA ALA D 319 5.91 16.35 -7.51
C ALA D 319 6.74 17.32 -6.69
N GLY D 320 7.65 16.77 -5.89
CA GLY D 320 8.50 17.63 -5.08
C GLY D 320 8.10 17.61 -3.62
N MET D 321 6.86 17.21 -3.35
CA MET D 321 6.37 17.16 -1.98
C MET D 321 7.19 16.14 -1.19
N CYS D 322 7.10 14.88 -1.61
CA CYS D 322 7.81 13.80 -0.96
C CYS D 322 8.94 13.22 -1.79
N ALA D 323 10.02 12.87 -1.08
CA ALA D 323 11.22 12.29 -1.66
C ALA D 323 10.96 11.00 -2.43
N CYS D 324 10.13 10.13 -1.85
CA CYS D 324 9.78 8.87 -2.49
C CYS D 324 8.48 9.03 -3.26
N HIS D 325 8.35 8.31 -4.37
CA HIS D 325 7.13 8.40 -5.17
C HIS D 325 6.01 7.59 -4.53
N SER D 326 4.81 8.17 -4.49
CA SER D 326 3.66 7.52 -3.88
C SER D 326 2.58 7.16 -4.89
N PRO D 327 1.92 6.01 -4.69
CA PRO D 327 0.84 5.53 -5.57
C PRO D 327 -0.45 6.26 -5.27
N LEU D 328 -1.31 6.42 -6.26
CA LEU D 328 -2.59 7.10 -6.08
C LEU D 328 -3.56 6.15 -5.40
N PRO D 329 -4.20 6.59 -4.30
CA PRO D 329 -5.15 5.74 -3.59
C PRO D 329 -6.15 5.10 -4.55
N SER D 330 -6.24 3.77 -4.53
CA SER D 330 -7.18 3.09 -5.43
C SER D 330 -8.58 3.13 -4.84
N ILE D 331 -9.36 4.08 -5.32
CA ILE D 331 -10.73 4.23 -4.86
C ILE D 331 -11.66 3.90 -6.00
N ARG D 332 -12.42 2.82 -5.84
CA ARG D 332 -13.34 2.41 -6.87
C ARG D 332 -14.69 2.07 -6.27
N GLY D 333 -15.73 2.27 -7.06
CA GLY D 333 -17.08 2.00 -6.58
C GLY D 333 -17.69 3.28 -6.04
N ALA D 334 -18.74 3.14 -5.25
CA ALA D 334 -19.42 4.30 -4.68
C ALA D 334 -18.65 4.86 -3.48
N VAL D 335 -18.45 6.17 -3.46
CA VAL D 335 -17.74 6.82 -2.37
C VAL D 335 -18.67 7.76 -1.62
N ILE D 336 -18.63 7.68 -0.29
CA ILE D 336 -19.45 8.56 0.52
C ILE D 336 -18.57 9.50 1.32
N VAL D 337 -18.85 10.79 1.19
CA VAL D 337 -18.10 11.80 1.91
C VAL D 337 -19.08 12.38 2.91
N LEU D 338 -18.75 12.28 4.20
CA LEU D 338 -19.62 12.78 5.25
C LEU D 338 -19.25 14.20 5.65
N GLY D 339 -20.23 15.09 5.63
CA GLY D 339 -19.97 16.48 5.97
C GLY D 339 -20.24 17.38 4.79
N ALA D 340 -20.50 18.66 5.06
CA ALA D 340 -20.78 19.63 4.01
C ALA D 340 -19.86 20.83 4.14
N GLY D 341 -18.75 20.64 4.84
CA GLY D 341 -17.80 21.72 5.01
C GLY D 341 -16.99 21.81 3.74
N ASP D 342 -16.12 22.81 3.65
CA ASP D 342 -15.31 22.95 2.45
C ASP D 342 -14.36 21.76 2.24
N THR D 343 -13.90 21.14 3.33
CA THR D 343 -13.00 20.00 3.19
C THR D 343 -13.70 18.82 2.52
N ALA D 344 -14.98 18.64 2.82
CA ALA D 344 -15.76 17.56 2.23
C ALA D 344 -15.72 17.64 0.70
N PHE D 345 -15.83 18.85 0.16
CA PHE D 345 -15.81 19.03 -1.29
C PHE D 345 -14.46 18.72 -1.93
N ASP D 346 -13.36 18.99 -1.22
CA ASP D 346 -12.05 18.65 -1.78
C ASP D 346 -11.87 17.14 -1.74
N CYS D 347 -12.56 16.48 -0.81
CA CYS D 347 -12.50 15.04 -0.68
C CYS D 347 -13.27 14.43 -1.86
N ALA D 348 -14.44 14.99 -2.12
CA ALA D 348 -15.28 14.51 -3.21
C ALA D 348 -14.57 14.63 -4.55
N THR D 349 -14.08 15.82 -4.87
CA THR D 349 -13.39 16.05 -6.14
C THR D 349 -12.10 15.22 -6.24
N SER D 350 -11.39 15.07 -5.13
CA SER D 350 -10.16 14.30 -5.11
C SER D 350 -10.47 12.82 -5.31
N ALA D 351 -11.61 12.38 -4.78
CA ALA D 351 -12.02 10.99 -4.90
C ALA D 351 -12.11 10.62 -6.39
N LEU D 352 -12.71 11.51 -7.18
CA LEU D 352 -12.86 11.27 -8.61
C LEU D 352 -11.53 11.08 -9.31
N ARG D 353 -10.50 11.81 -8.90
CA ARG D 353 -9.19 11.66 -9.52
C ARG D 353 -8.57 10.30 -9.15
N CYS D 354 -9.07 9.70 -8.08
CA CYS D 354 -8.57 8.41 -7.62
C CYS D 354 -9.24 7.22 -8.31
N GLY D 355 -10.29 7.48 -9.07
CA GLY D 355 -10.97 6.42 -9.78
C GLY D 355 -12.39 6.15 -9.33
N ALA D 356 -12.88 6.94 -8.38
CA ALA D 356 -14.24 6.75 -7.88
C ALA D 356 -15.21 6.71 -9.05
N ARG D 357 -16.17 5.78 -8.99
CA ARG D 357 -17.17 5.62 -10.01
C ARG D 357 -18.27 6.65 -9.79
N ARG D 358 -18.57 6.88 -8.52
CA ARG D 358 -19.61 7.82 -8.14
C ARG D 358 -19.26 8.37 -6.76
N VAL D 359 -19.59 9.64 -6.50
CA VAL D 359 -19.30 10.26 -5.21
C VAL D 359 -20.55 10.92 -4.65
N PHE D 360 -20.89 10.58 -3.41
CA PHE D 360 -22.05 11.17 -2.75
C PHE D 360 -21.59 12.00 -1.55
N LEU D 361 -22.16 13.20 -1.42
CA LEU D 361 -21.85 14.06 -0.30
C LEU D 361 -23.08 13.97 0.59
N VAL D 362 -22.92 13.37 1.76
CA VAL D 362 -24.03 13.21 2.68
C VAL D 362 -23.84 14.07 3.92
N PHE D 363 -24.78 14.99 4.15
CA PHE D 363 -24.69 15.88 5.30
C PHE D 363 -25.96 15.81 6.16
N ARG D 364 -25.80 16.09 7.44
CA ARG D 364 -26.90 16.04 8.40
C ARG D 364 -27.88 17.19 8.37
N LYS D 365 -27.57 18.24 7.62
CA LYS D 365 -28.47 19.38 7.53
C LYS D 365 -28.98 19.57 6.11
N GLY D 366 -29.63 20.72 5.87
CA GLY D 366 -30.16 20.98 4.54
C GLY D 366 -29.18 21.62 3.58
N PHE D 367 -29.60 21.73 2.33
CA PHE D 367 -28.78 22.33 1.29
C PHE D 367 -28.46 23.77 1.67
N VAL D 368 -29.47 24.46 2.21
CA VAL D 368 -29.35 25.84 2.62
C VAL D 368 -28.33 26.00 3.75
N ASN D 369 -28.05 24.92 4.45
CA ASN D 369 -27.13 24.99 5.57
C ASN D 369 -25.67 24.74 5.22
N ILE D 370 -25.41 24.41 3.94
CA ILE D 370 -24.04 24.21 3.50
C ILE D 370 -23.37 25.55 3.71
N ARG D 371 -22.26 25.59 4.45
CA ARG D 371 -21.58 26.86 4.69
C ARG D 371 -20.26 26.94 3.93
N ALA D 372 -20.02 25.96 3.07
CA ALA D 372 -18.80 25.95 2.27
C ALA D 372 -18.94 27.06 1.23
N VAL D 373 -17.84 27.68 0.84
CA VAL D 373 -17.90 28.75 -0.14
C VAL D 373 -18.55 28.22 -1.43
N PRO D 374 -19.49 28.99 -1.99
CA PRO D 374 -20.21 28.63 -3.21
C PRO D 374 -19.30 28.17 -4.35
N GLU D 375 -18.21 28.90 -4.56
CA GLU D 375 -17.26 28.57 -5.62
C GLU D 375 -16.73 27.14 -5.49
N GLU D 376 -16.50 26.69 -4.26
CA GLU D 376 -16.01 25.34 -3.98
C GLU D 376 -17.13 24.33 -4.26
N VAL D 377 -18.32 24.66 -3.77
CA VAL D 377 -19.48 23.80 -3.96
C VAL D 377 -19.74 23.56 -5.44
N GLU D 378 -19.59 24.61 -6.24
CA GLU D 378 -19.82 24.54 -7.67
C GLU D 378 -18.87 23.57 -8.38
N LEU D 379 -17.61 23.53 -7.95
CA LEU D 379 -16.65 22.63 -8.57
C LEU D 379 -17.11 21.17 -8.44
N ALA D 380 -17.63 20.81 -7.28
CA ALA D 380 -18.11 19.45 -7.04
C ALA D 380 -19.39 19.19 -7.83
N LYS D 381 -20.25 20.20 -7.88
CA LYS D 381 -21.50 20.10 -8.58
C LYS D 381 -21.32 19.89 -10.08
N GLU D 382 -20.36 20.60 -10.67
CA GLU D 382 -20.13 20.47 -12.11
C GLU D 382 -19.41 19.17 -12.46
N GLU D 383 -18.75 18.55 -11.47
CA GLU D 383 -18.07 17.29 -11.70
C GLU D 383 -19.01 16.13 -11.36
N LYS D 384 -20.29 16.47 -11.28
CA LYS D 384 -21.37 15.52 -11.01
C LYS D 384 -21.36 14.75 -9.71
N CYS D 385 -21.10 15.43 -8.60
CA CYS D 385 -21.14 14.76 -7.31
C CYS D 385 -22.58 14.85 -6.85
N GLU D 386 -23.09 13.79 -6.24
CA GLU D 386 -24.47 13.79 -5.78
C GLU D 386 -24.54 14.33 -4.36
N PHE D 387 -25.65 14.98 -4.02
CA PHE D 387 -25.84 15.56 -2.69
C PHE D 387 -27.03 14.96 -1.96
N LEU D 388 -26.80 14.49 -0.74
CA LEU D 388 -27.85 13.90 0.06
C LEU D 388 -27.98 14.62 1.40
N PRO D 389 -29.03 15.46 1.55
CA PRO D 389 -29.28 16.21 2.77
C PRO D 389 -30.04 15.46 3.86
N PHE D 390 -30.15 16.10 5.02
CA PHE D 390 -30.85 15.58 6.19
C PHE D 390 -30.59 14.12 6.52
N LEU D 391 -29.32 13.74 6.60
CA LEU D 391 -28.94 12.37 6.93
C LEU D 391 -27.74 12.38 7.88
N SER D 392 -27.92 11.72 9.03
CA SER D 392 -26.86 11.63 10.03
C SER D 392 -26.39 10.19 10.14
N PRO D 393 -25.07 9.97 9.99
CA PRO D 393 -24.50 8.61 10.08
C PRO D 393 -24.75 7.95 11.43
N ARG D 394 -24.87 6.62 11.42
CA ARG D 394 -25.11 5.86 12.64
C ARG D 394 -24.33 4.55 12.68
N LYS D 395 -24.17 3.92 11.51
CA LYS D 395 -23.46 2.65 11.43
C LYS D 395 -22.70 2.50 10.12
N VAL D 396 -21.60 1.76 10.18
CA VAL D 396 -20.79 1.49 9.01
C VAL D 396 -20.84 -0.03 8.84
N ILE D 397 -21.87 -0.50 8.15
CA ILE D 397 -22.07 -1.93 7.90
C ILE D 397 -20.88 -2.49 7.13
N VAL D 398 -20.35 -3.62 7.60
CA VAL D 398 -19.20 -4.24 6.94
C VAL D 398 -19.28 -5.76 6.79
N LYS D 399 -19.63 -6.20 5.58
CA LYS D 399 -19.72 -7.61 5.26
C LYS D 399 -18.45 -7.94 4.47
N GLY D 400 -17.58 -8.74 5.05
CA GLY D 400 -16.34 -9.07 4.38
C GLY D 400 -15.26 -8.16 4.95
N GLY D 401 -14.00 -8.41 4.61
CA GLY D 401 -12.92 -7.59 5.14
C GLY D 401 -12.91 -6.12 4.74
N ARG D 402 -14.05 -5.60 4.29
CA ARG D 402 -14.16 -4.20 3.88
C ARG D 402 -15.57 -3.65 4.10
N ILE D 403 -15.69 -2.33 4.06
CA ILE D 403 -16.99 -1.68 4.25
C ILE D 403 -17.87 -1.90 3.02
N VAL D 404 -19.18 -1.93 3.22
CA VAL D 404 -20.12 -2.16 2.12
C VAL D 404 -21.45 -1.41 2.20
N ALA D 405 -21.55 -0.44 3.11
CA ALA D 405 -22.76 0.36 3.26
C ALA D 405 -22.67 1.22 4.52
N VAL D 406 -23.53 2.22 4.62
CA VAL D 406 -23.55 3.11 5.77
C VAL D 406 -25.00 3.36 6.17
N GLN D 407 -25.27 3.31 7.47
CA GLN D 407 -26.61 3.53 7.99
C GLN D 407 -26.78 4.96 8.47
N PHE D 408 -27.88 5.59 8.07
CA PHE D 408 -28.15 6.97 8.48
C PHE D 408 -29.52 7.06 9.12
N VAL D 409 -29.82 8.21 9.69
CA VAL D 409 -31.13 8.46 10.29
C VAL D 409 -31.52 9.85 9.82
N ARG D 410 -32.79 10.03 9.50
CA ARG D 410 -33.27 11.33 9.03
C ARG D 410 -33.20 12.40 10.09
N THR D 411 -33.00 13.64 9.64
CA THR D 411 -32.91 14.79 10.53
C THR D 411 -33.92 15.82 10.06
N GLU D 412 -34.27 16.76 10.93
CA GLU D 412 -35.23 17.81 10.63
C GLU D 412 -35.18 18.93 11.65
N GLN D 413 -35.63 20.11 11.23
CA GLN D 413 -35.68 21.27 12.10
C GLN D 413 -37.13 21.49 12.52
N ASP D 414 -37.35 21.75 13.80
CA ASP D 414 -38.70 22.01 14.29
C ASP D 414 -38.99 23.49 14.16
N GLU D 415 -40.22 23.88 14.46
CA GLU D 415 -40.64 25.27 14.35
C GLU D 415 -39.75 26.21 15.18
N THR D 416 -39.25 25.72 16.30
CA THR D 416 -38.40 26.51 17.18
C THR D 416 -37.07 26.90 16.55
N GLY D 417 -36.40 25.91 15.96
CA GLY D 417 -35.11 26.15 15.33
C GLY D 417 -34.12 25.13 15.83
N LYS D 418 -34.63 23.95 16.18
CA LYS D 418 -33.80 22.87 16.70
C LYS D 418 -33.72 21.73 15.70
N TRP D 419 -32.60 21.04 15.71
CA TRP D 419 -32.44 19.90 14.82
C TRP D 419 -32.68 18.60 15.61
N ASN D 420 -33.46 17.71 15.00
CA ASN D 420 -33.78 16.44 15.63
C ASN D 420 -33.44 15.30 14.69
N GLU D 421 -33.15 14.13 15.24
CA GLU D 421 -32.82 12.97 14.44
C GLU D 421 -33.73 11.80 14.81
N ASP D 422 -34.70 11.53 13.95
CA ASP D 422 -35.64 10.45 14.17
C ASP D 422 -34.93 9.10 14.08
N GLU D 423 -34.71 8.47 15.24
CA GLU D 423 -34.03 7.19 15.30
C GLU D 423 -34.77 6.03 14.65
N ASP D 424 -36.06 6.21 14.39
CA ASP D 424 -36.86 5.16 13.77
C ASP D 424 -36.62 5.09 12.27
N GLN D 425 -36.45 6.24 11.65
CA GLN D 425 -36.21 6.32 10.21
C GLN D 425 -34.76 6.05 9.83
N ILE D 426 -34.42 4.77 9.67
CA ILE D 426 -33.07 4.40 9.28
C ILE D 426 -32.89 4.40 7.77
N VAL D 427 -31.69 4.74 7.32
CA VAL D 427 -31.36 4.84 5.90
C VAL D 427 -30.22 3.92 5.52
N HIS D 428 -30.42 3.12 4.48
CA HIS D 428 -29.38 2.21 4.02
C HIS D 428 -28.78 2.73 2.72
N LEU D 429 -27.51 3.13 2.79
CA LEU D 429 -26.83 3.66 1.63
C LEU D 429 -25.62 2.81 1.28
N LYS D 430 -25.53 2.40 0.02
CA LYS D 430 -24.44 1.57 -0.46
C LYS D 430 -23.16 2.40 -0.56
N ALA D 431 -22.01 1.76 -0.42
CA ALA D 431 -20.74 2.46 -0.51
C ALA D 431 -19.56 1.51 -0.37
N ASP D 432 -18.51 1.78 -1.14
CA ASP D 432 -17.30 0.96 -1.12
C ASP D 432 -16.23 1.70 -0.33
N VAL D 433 -16.39 3.02 -0.23
CA VAL D 433 -15.45 3.88 0.48
C VAL D 433 -16.18 4.98 1.25
N VAL D 434 -15.68 5.29 2.44
CA VAL D 434 -16.27 6.34 3.26
C VAL D 434 -15.19 7.26 3.78
N ILE D 435 -15.41 8.56 3.59
CA ILE D 435 -14.46 9.57 4.02
C ILE D 435 -15.17 10.58 4.90
N SER D 436 -14.70 10.71 6.14
CA SER D 436 -15.30 11.67 7.06
C SER D 436 -14.54 12.97 6.97
N ALA D 437 -15.27 14.07 6.87
CA ALA D 437 -14.70 15.41 6.80
C ALA D 437 -15.41 16.24 7.86
N PHE D 438 -15.24 15.84 9.11
CA PHE D 438 -15.88 16.51 10.25
C PHE D 438 -15.06 17.64 10.84
N GLY D 439 -13.90 17.91 10.26
CA GLY D 439 -13.06 18.97 10.79
C GLY D 439 -11.76 18.46 11.38
N SER D 440 -11.05 19.34 12.08
CA SER D 440 -9.78 18.99 12.69
C SER D 440 -9.67 19.58 14.09
N VAL D 441 -8.77 19.03 14.90
CA VAL D 441 -8.57 19.50 16.26
C VAL D 441 -7.16 19.24 16.76
N LEU D 442 -6.92 19.66 17.99
CA LEU D 442 -5.65 19.45 18.66
C LEU D 442 -6.00 18.64 19.90
N ARG D 443 -5.63 17.37 19.93
CA ARG D 443 -5.93 16.49 21.06
C ARG D 443 -4.72 15.84 21.70
N ASP D 444 -3.74 15.47 20.88
CA ASP D 444 -2.53 14.81 21.35
C ASP D 444 -1.98 15.42 22.65
N PRO D 445 -2.06 14.68 23.77
CA PRO D 445 -1.59 15.14 25.08
C PRO D 445 -0.10 15.45 25.06
N LYS D 446 0.65 14.70 24.25
CA LYS D 446 2.09 14.91 24.16
C LYS D 446 2.41 16.27 23.55
N VAL D 447 1.54 16.76 22.66
CA VAL D 447 1.75 18.06 22.04
C VAL D 447 1.27 19.16 22.97
N LYS D 448 0.06 19.01 23.51
CA LYS D 448 -0.51 20.00 24.41
C LYS D 448 0.40 20.23 25.62
N GLU D 449 1.05 19.17 26.08
CA GLU D 449 1.91 19.28 27.23
C GLU D 449 3.22 19.99 26.93
N ALA D 450 3.65 19.93 25.67
CA ALA D 450 4.88 20.61 25.28
C ALA D 450 4.65 22.13 25.29
N LEU D 451 3.39 22.54 25.41
CA LEU D 451 3.05 23.95 25.44
C LEU D 451 2.91 24.50 26.87
N SER D 452 3.19 23.66 27.85
CA SER D 452 3.11 24.05 29.24
C SER D 452 4.11 25.19 29.47
N PRO D 453 3.75 26.20 30.27
CA PRO D 453 2.47 26.34 30.96
C PRO D 453 1.49 27.36 30.37
N ILE D 454 1.49 27.55 29.05
CA ILE D 454 0.57 28.54 28.49
C ILE D 454 -0.88 28.15 28.75
N LYS D 455 -1.71 29.16 28.95
CA LYS D 455 -3.13 28.99 29.23
C LYS D 455 -3.94 28.61 28.00
N PHE D 456 -4.88 27.69 28.18
CA PHE D 456 -5.76 27.25 27.11
C PHE D 456 -7.15 27.78 27.44
N ASN D 457 -7.96 28.00 26.41
CA ASN D 457 -9.31 28.50 26.63
C ASN D 457 -10.32 27.36 26.64
N ARG D 458 -11.59 27.76 26.68
CA ARG D 458 -12.72 26.85 26.70
C ARG D 458 -12.78 25.97 25.45
N TRP D 459 -12.18 26.44 24.35
CA TRP D 459 -12.17 25.67 23.11
C TRP D 459 -11.06 24.63 23.12
N ASP D 460 -10.32 24.57 24.22
CA ASP D 460 -9.20 23.65 24.35
C ASP D 460 -8.08 24.02 23.39
N LEU D 461 -7.90 25.32 23.19
CA LEU D 461 -6.86 25.82 22.31
C LEU D 461 -6.09 26.90 23.05
N PRO D 462 -4.82 27.10 22.68
CA PRO D 462 -4.05 28.13 23.36
C PRO D 462 -4.71 29.50 23.24
N GLU D 463 -4.80 30.18 24.38
CA GLU D 463 -5.43 31.50 24.46
C GLU D 463 -4.40 32.59 24.12
N VAL D 464 -4.81 33.52 23.26
CA VAL D 464 -3.92 34.61 22.89
C VAL D 464 -4.70 35.92 22.85
N ASP D 465 -3.99 37.03 23.00
CA ASP D 465 -4.62 38.34 22.92
C ASP D 465 -4.89 38.51 21.43
N PRO D 466 -6.14 38.75 21.05
CA PRO D 466 -6.48 38.92 19.62
C PRO D 466 -5.73 40.03 18.88
N GLU D 467 -5.16 40.97 19.61
CA GLU D 467 -4.43 42.07 18.98
C GLU D 467 -2.94 41.78 18.85
N THR D 468 -2.35 41.21 19.88
CA THR D 468 -0.91 40.92 19.89
C THR D 468 -0.55 39.49 19.53
N MET D 469 -1.51 38.57 19.65
CA MET D 469 -1.27 37.17 19.35
C MET D 469 -0.34 36.55 20.40
N GLN D 470 -0.20 37.23 21.53
CA GLN D 470 0.66 36.78 22.62
C GLN D 470 -0.10 35.85 23.57
N THR D 471 0.56 34.78 24.01
CA THR D 471 -0.05 33.82 24.94
C THR D 471 0.13 34.31 26.37
N SER D 472 -0.29 33.49 27.34
CA SER D 472 -0.15 33.85 28.76
C SER D 472 1.32 33.98 29.13
N GLU D 473 2.19 33.39 28.31
CA GLU D 473 3.63 33.48 28.52
C GLU D 473 4.13 34.54 27.54
N PRO D 474 4.62 35.68 28.06
CA PRO D 474 5.14 36.82 27.29
C PRO D 474 5.98 36.53 26.05
N TRP D 475 6.89 35.57 26.14
CA TRP D 475 7.76 35.25 25.01
C TRP D 475 7.18 34.26 24.00
N VAL D 476 5.95 33.80 24.24
CA VAL D 476 5.32 32.84 23.34
C VAL D 476 4.08 33.39 22.65
N PHE D 477 4.08 33.32 21.33
CA PHE D 477 2.95 33.81 20.53
C PHE D 477 2.38 32.66 19.73
N ALA D 478 1.13 32.81 19.29
CA ALA D 478 0.48 31.78 18.50
C ALA D 478 -0.43 32.41 17.46
N GLY D 479 -0.66 31.70 16.36
CA GLY D 479 -1.51 32.20 15.30
C GLY D 479 -1.89 31.12 14.32
N GLY D 480 -2.84 31.43 13.44
CA GLY D 480 -3.27 30.47 12.44
C GLY D 480 -4.38 29.57 12.96
N ASP D 481 -4.50 28.39 12.35
CA ASP D 481 -5.53 27.43 12.74
C ASP D 481 -5.51 27.06 14.21
N ILE D 482 -4.32 26.98 14.80
CA ILE D 482 -4.18 26.62 16.21
C ILE D 482 -4.94 27.56 17.16
N VAL D 483 -5.10 28.81 16.77
CA VAL D 483 -5.81 29.77 17.61
C VAL D 483 -7.32 29.64 17.48
N GLY D 484 -7.78 29.04 16.38
CA GLY D 484 -9.20 28.84 16.18
C GLY D 484 -10.05 29.97 15.62
N MET D 485 -9.43 31.08 15.24
CA MET D 485 -10.18 32.20 14.67
C MET D 485 -10.13 32.16 13.15
N ALA D 486 -8.92 31.98 12.61
CA ALA D 486 -8.70 31.92 11.17
C ALA D 486 -9.44 30.74 10.54
N ASN D 487 -9.97 30.95 9.35
CA ASN D 487 -10.68 29.90 8.61
C ASN D 487 -10.08 29.81 7.22
N THR D 488 -9.06 30.64 6.97
CA THR D 488 -8.45 30.67 5.65
C THR D 488 -6.95 30.82 5.68
N THR D 489 -6.34 30.67 4.52
CA THR D 489 -4.90 30.82 4.37
C THR D 489 -4.53 32.27 4.63
N VAL D 490 -5.28 33.19 4.03
CA VAL D 490 -5.01 34.62 4.20
C VAL D 490 -5.12 35.07 5.66
N GLU D 491 -6.11 34.57 6.40
CA GLU D 491 -6.25 34.95 7.80
C GLU D 491 -5.10 34.37 8.65
N SER D 492 -4.60 33.21 8.25
CA SER D 492 -3.49 32.57 8.95
C SER D 492 -2.23 33.39 8.69
N VAL D 493 -2.10 33.86 7.46
CA VAL D 493 -0.94 34.67 7.08
C VAL D 493 -0.98 35.96 7.89
N ASN D 494 -2.17 36.52 8.04
CA ASN D 494 -2.34 37.76 8.80
C ASN D 494 -1.97 37.55 10.27
N ASP D 495 -2.38 36.41 10.84
CA ASP D 495 -2.06 36.10 12.23
C ASP D 495 -0.55 36.18 12.45
N GLY D 496 0.20 35.55 11.56
CA GLY D 496 1.66 35.57 11.68
C GLY D 496 2.21 36.97 11.48
N LYS D 497 1.56 37.72 10.60
CA LYS D 497 1.95 39.10 10.29
C LYS D 497 1.71 39.96 11.52
N GLN D 498 0.54 39.80 12.13
CA GLN D 498 0.14 40.52 13.32
C GLN D 498 1.10 40.22 14.46
N ALA D 499 1.38 38.94 14.65
CA ALA D 499 2.28 38.48 15.70
C ALA D 499 3.71 38.98 15.55
N SER D 500 4.20 39.02 14.31
CA SER D 500 5.57 39.46 14.05
C SER D 500 5.88 40.81 14.67
N TRP D 501 4.94 41.74 14.58
CA TRP D 501 5.19 43.07 15.12
C TRP D 501 5.35 43.06 16.64
N TYR D 502 4.47 42.35 17.34
CA TYR D 502 4.56 42.31 18.79
C TYR D 502 5.69 41.42 19.29
N ILE D 503 6.11 40.45 18.49
CA ILE D 503 7.22 39.59 18.88
C ILE D 503 8.44 40.52 18.83
N HIS D 504 8.46 41.37 17.82
CA HIS D 504 9.52 42.35 17.61
C HIS D 504 9.56 43.30 18.81
N LYS D 505 8.41 43.81 19.19
CA LYS D 505 8.29 44.72 20.31
C LYS D 505 8.77 44.03 21.59
N TYR D 506 8.33 42.78 21.79
CA TYR D 506 8.71 42.03 22.96
C TYR D 506 10.23 41.84 23.03
N ILE D 507 10.81 41.32 21.96
CA ILE D 507 12.25 41.07 21.92
C ILE D 507 13.05 42.34 22.18
N GLN D 508 12.74 43.41 21.46
CA GLN D 508 13.47 44.67 21.63
C GLN D 508 13.41 45.12 23.08
N ALA D 509 12.25 44.99 23.70
CA ALA D 509 12.07 45.38 25.09
C ALA D 509 12.98 44.56 26.00
N GLN D 510 13.12 43.27 25.70
CA GLN D 510 13.97 42.40 26.50
C GLN D 510 15.41 42.86 26.45
N TYR D 511 15.77 43.62 25.42
CA TYR D 511 17.13 44.13 25.28
C TYR D 511 17.20 45.60 25.67
N GLY D 512 16.17 46.09 26.37
CA GLY D 512 16.15 47.47 26.80
C GLY D 512 15.89 48.51 25.73
N ALA D 513 15.34 48.09 24.60
CA ALA D 513 15.05 49.04 23.52
C ALA D 513 13.56 49.13 23.25
N SER D 514 13.12 50.28 22.76
CA SER D 514 11.72 50.49 22.44
C SER D 514 11.54 50.50 20.93
N VAL D 515 10.29 50.48 20.49
CA VAL D 515 9.98 50.51 19.06
C VAL D 515 8.96 51.61 18.79
N SER D 516 8.88 52.05 17.55
CA SER D 516 7.94 53.11 17.18
C SER D 516 6.53 52.80 17.68
N ALA D 517 5.81 53.84 18.10
CA ALA D 517 4.45 53.66 18.61
C ALA D 517 3.55 53.19 17.46
N LYS D 518 3.87 53.63 16.26
CA LYS D 518 3.10 53.25 15.07
C LYS D 518 3.78 52.04 14.43
N PRO D 519 3.01 50.96 14.20
CA PRO D 519 3.55 49.74 13.59
C PRO D 519 4.26 50.02 12.27
N GLU D 520 5.47 49.50 12.12
CA GLU D 520 6.23 49.72 10.89
C GLU D 520 6.77 48.44 10.28
N LEU D 521 5.88 47.55 9.86
CA LEU D 521 6.32 46.32 9.22
C LEU D 521 6.82 46.72 7.84
N PRO D 522 8.04 46.28 7.48
CA PRO D 522 8.61 46.62 6.18
C PRO D 522 7.84 46.07 4.99
N LEU D 523 8.03 46.70 3.83
CA LEU D 523 7.38 46.27 2.59
C LEU D 523 8.26 45.17 2.01
N PHE D 524 7.88 44.68 0.82
CA PHE D 524 8.60 43.63 0.11
C PHE D 524 9.60 44.28 -0.86
N TYR D 525 10.86 43.85 -0.83
CA TYR D 525 11.87 44.40 -1.74
C TYR D 525 12.63 43.35 -2.52
N THR D 526 13.12 43.74 -3.70
CA THR D 526 13.92 42.86 -4.57
C THR D 526 15.00 43.75 -5.17
N PRO D 527 15.97 43.14 -5.88
CA PRO D 527 17.06 43.92 -6.49
C PRO D 527 16.55 44.97 -7.49
N VAL D 528 15.36 44.75 -8.02
CA VAL D 528 14.76 45.69 -8.97
C VAL D 528 14.65 47.08 -8.34
N ASP D 529 14.32 47.10 -7.06
CA ASP D 529 14.15 48.36 -6.33
C ASP D 529 15.42 49.20 -6.21
N LEU D 530 16.57 48.59 -6.49
CA LEU D 530 17.84 49.29 -6.41
C LEU D 530 18.19 49.98 -7.71
N VAL D 531 17.43 49.69 -8.76
CA VAL D 531 17.69 50.30 -10.06
C VAL D 531 17.56 51.82 -10.02
N ASP D 532 18.58 52.50 -10.55
CA ASP D 532 18.63 53.95 -10.59
C ASP D 532 17.87 54.51 -11.79
N ILE D 533 16.83 55.29 -11.55
CA ILE D 533 16.07 55.87 -12.65
C ILE D 533 16.15 57.38 -12.69
N SER D 534 17.24 57.93 -12.17
CA SER D 534 17.45 59.37 -12.19
C SER D 534 17.95 59.75 -13.57
N VAL D 535 17.87 61.03 -13.90
CA VAL D 535 18.32 61.51 -15.21
C VAL D 535 18.66 62.98 -15.16
N GLU D 536 19.62 63.39 -15.98
CA GLU D 536 20.02 64.78 -16.04
C GLU D 536 19.62 65.35 -17.38
N MET D 537 19.19 66.61 -17.38
CA MET D 537 18.79 67.27 -18.61
C MET D 537 18.93 68.77 -18.45
N ALA D 538 19.59 69.40 -19.41
CA ALA D 538 19.80 70.84 -19.38
C ALA D 538 20.42 71.31 -18.06
N GLY D 539 21.31 70.49 -17.50
CA GLY D 539 21.96 70.84 -16.27
C GLY D 539 21.16 70.58 -15.01
N LEU D 540 19.93 70.07 -15.17
CA LEU D 540 19.08 69.80 -14.02
C LEU D 540 19.11 68.30 -13.69
N LYS D 541 19.02 67.98 -12.40
CA LYS D 541 19.01 66.58 -11.98
C LYS D 541 17.61 66.18 -11.53
N PHE D 542 17.05 65.16 -12.17
CA PHE D 542 15.72 64.67 -11.81
C PHE D 542 15.87 63.33 -11.10
N ILE D 543 15.27 63.18 -9.92
CA ILE D 543 15.38 61.91 -9.18
C ILE D 543 14.70 60.79 -9.93
N ASN D 544 13.72 61.13 -10.76
CA ASN D 544 13.04 60.19 -11.64
C ASN D 544 12.51 61.02 -12.81
N PRO D 545 12.29 60.41 -13.98
CA PRO D 545 11.81 61.15 -15.16
C PRO D 545 10.33 61.51 -15.25
N PHE D 546 9.57 61.21 -14.21
CA PHE D 546 8.14 61.52 -14.25
C PHE D 546 7.77 62.83 -13.57
N GLY D 547 6.94 63.62 -14.25
CA GLY D 547 6.52 64.89 -13.69
C GLY D 547 5.11 65.27 -14.10
N LEU D 548 4.52 66.19 -13.35
CA LEU D 548 3.18 66.67 -13.63
C LEU D 548 3.24 67.77 -14.68
N ALA D 549 2.46 67.62 -15.74
CA ALA D 549 2.41 68.63 -16.78
C ALA D 549 1.66 69.84 -16.22
N SER D 550 1.82 70.98 -16.87
CA SER D 550 1.12 72.19 -16.47
C SER D 550 -0.34 71.91 -16.84
N ALA D 551 -1.17 71.60 -15.84
CA ALA D 551 -2.57 71.29 -16.12
C ALA D 551 -3.41 71.26 -14.85
N ALA D 552 -4.61 70.69 -14.96
CA ALA D 552 -5.52 70.61 -13.83
C ALA D 552 -4.86 69.94 -12.60
N PRO D 553 -4.01 68.93 -12.82
CA PRO D 553 -3.39 68.31 -11.64
C PRO D 553 -2.48 69.29 -10.89
N THR D 554 -2.14 70.41 -11.52
CA THR D 554 -1.31 71.43 -10.88
C THR D 554 -2.07 72.75 -10.74
N THR D 555 -3.38 72.65 -10.53
CA THR D 555 -4.24 73.81 -10.38
C THR D 555 -3.80 74.65 -9.16
N SER D 556 -3.36 73.96 -8.12
CA SER D 556 -2.91 74.62 -6.89
C SER D 556 -1.56 74.06 -6.45
N SER D 557 -0.74 74.92 -5.85
CA SER D 557 0.58 74.52 -5.36
C SER D 557 0.48 73.46 -4.26
N SER D 558 -0.64 73.46 -3.53
CA SER D 558 -0.84 72.49 -2.46
C SER D 558 -0.90 71.08 -3.05
N MET D 559 -1.34 71.00 -4.30
CA MET D 559 -1.44 69.73 -5.01
C MET D 559 -0.05 69.27 -5.43
N ILE D 560 0.79 70.22 -5.83
CA ILE D 560 2.16 69.91 -6.24
C ILE D 560 2.91 69.36 -5.02
N ARG D 561 2.67 69.96 -3.86
CA ARG D 561 3.30 69.51 -2.63
C ARG D 561 2.97 68.04 -2.39
N ARG D 562 1.69 67.69 -2.49
CA ARG D 562 1.28 66.31 -2.28
C ARG D 562 1.87 65.39 -3.34
N ALA D 563 2.00 65.89 -4.56
CA ALA D 563 2.57 65.08 -5.63
C ALA D 563 4.03 64.77 -5.29
N PHE D 564 4.75 65.76 -4.78
CA PHE D 564 6.14 65.56 -4.40
C PHE D 564 6.25 64.61 -3.21
N GLU D 565 5.27 64.69 -2.30
CA GLU D 565 5.27 63.80 -1.14
C GLU D 565 5.01 62.38 -1.62
N ALA D 566 4.25 62.24 -2.70
CA ALA D 566 3.96 60.94 -3.26
C ALA D 566 5.18 60.37 -4.00
N GLY D 567 6.07 61.25 -4.47
CA GLY D 567 7.27 60.78 -5.16
C GLY D 567 7.55 61.27 -6.57
N TRP D 568 6.74 62.21 -7.07
CA TRP D 568 6.95 62.70 -8.42
C TRP D 568 8.30 63.42 -8.54
N GLY D 569 8.99 63.16 -9.64
CA GLY D 569 10.30 63.75 -9.87
C GLY D 569 10.27 65.25 -10.04
N PHE D 570 9.26 65.77 -10.73
CA PHE D 570 9.16 67.20 -10.96
C PHE D 570 7.71 67.59 -11.24
N ALA D 571 7.47 68.89 -11.35
CA ALA D 571 6.13 69.38 -11.63
C ALA D 571 6.17 70.76 -12.24
N LEU D 572 5.18 71.04 -13.07
CA LEU D 572 5.03 72.32 -13.75
C LEU D 572 3.92 73.05 -13.01
N THR D 573 4.02 74.36 -12.90
CA THR D 573 2.94 75.09 -12.26
C THR D 573 1.92 75.24 -13.38
N LYS D 574 0.67 75.52 -13.03
CA LYS D 574 -0.34 75.75 -14.05
C LYS D 574 0.24 77.03 -14.70
N THR D 575 0.00 77.22 -15.99
CA THR D 575 0.53 78.42 -16.66
C THR D 575 -0.01 79.70 -16.03
N PHE D 576 0.87 80.63 -15.67
CA PHE D 576 0.40 81.89 -15.10
C PHE D 576 0.93 83.09 -15.88
N SER D 577 0.32 84.25 -15.62
CA SER D 577 0.70 85.46 -16.32
C SER D 577 0.71 86.69 -15.43
N LEU D 578 1.01 87.83 -16.03
CA LEU D 578 1.03 89.09 -15.29
C LEU D 578 -0.42 89.43 -14.94
N ASP D 579 -0.60 90.23 -13.91
CA ASP D 579 -1.93 90.62 -13.46
C ASP D 579 -2.83 91.19 -14.54
N LYS D 580 -2.26 91.94 -15.48
CA LYS D 580 -3.05 92.54 -16.55
C LYS D 580 -3.64 91.52 -17.52
N ASP D 581 -3.11 90.30 -17.51
CA ASP D 581 -3.61 89.25 -18.40
C ASP D 581 -4.41 88.20 -17.64
N ILE D 582 -4.87 88.55 -16.43
CA ILE D 582 -5.66 87.65 -15.59
C ILE D 582 -6.85 87.08 -16.37
N VAL D 583 -7.11 85.79 -16.22
CA VAL D 583 -8.21 85.13 -16.93
C VAL D 583 -9.31 84.62 -16.02
N THR D 584 -10.45 84.30 -16.63
CA THR D 584 -11.60 83.76 -15.91
C THR D 584 -12.18 82.60 -16.73
N ASN D 585 -12.16 81.40 -16.14
CA ASN D 585 -12.68 80.21 -16.81
C ASN D 585 -14.20 80.16 -16.92
N VAL D 586 -14.66 79.31 -17.82
CA VAL D 586 -16.09 79.10 -18.02
C VAL D 586 -16.33 77.67 -17.55
N SER D 587 -17.59 77.26 -17.51
CA SER D 587 -17.93 75.91 -17.10
C SER D 587 -19.25 75.52 -17.77
N PRO D 588 -19.38 74.25 -18.20
CA PRO D 588 -18.39 73.18 -18.11
C PRO D 588 -17.19 73.44 -19.02
N ARG D 589 -16.05 72.82 -18.73
CA ARG D 589 -14.86 73.03 -19.55
C ARG D 589 -13.94 71.82 -19.79
N ILE D 590 -14.20 70.70 -19.11
CA ILE D 590 -13.39 69.48 -19.29
C ILE D 590 -14.32 68.29 -19.45
N VAL D 591 -14.28 67.66 -20.62
CA VAL D 591 -15.14 66.52 -20.87
C VAL D 591 -14.36 65.26 -21.25
N ARG D 592 -15.01 64.11 -21.10
CA ARG D 592 -14.37 62.85 -21.43
C ARG D 592 -14.31 62.70 -22.94
N GLY D 593 -13.35 61.91 -23.41
CA GLY D 593 -13.23 61.70 -24.85
C GLY D 593 -14.25 60.69 -25.33
N THR D 594 -14.58 60.78 -26.62
CA THR D 594 -15.52 59.86 -27.24
C THR D 594 -14.71 59.05 -28.25
N THR D 595 -13.40 59.10 -28.09
CA THR D 595 -12.44 58.43 -28.95
C THR D 595 -12.41 56.90 -28.91
N SER D 596 -13.04 56.30 -27.91
CA SER D 596 -13.08 54.84 -27.82
C SER D 596 -14.47 54.31 -27.50
N GLY D 597 -15.48 55.04 -27.95
CA GLY D 597 -16.85 54.62 -27.72
C GLY D 597 -17.47 54.94 -26.37
N PRO D 598 -18.70 54.44 -26.14
CA PRO D 598 -19.42 54.67 -24.89
C PRO D 598 -18.93 53.83 -23.70
N MET D 599 -17.65 53.98 -23.36
CA MET D 599 -17.05 53.27 -22.24
C MET D 599 -16.81 54.35 -21.17
N TYR D 600 -17.46 54.20 -20.03
CA TYR D 600 -17.34 55.17 -18.97
C TYR D 600 -16.53 54.66 -17.79
N GLY D 601 -16.05 55.60 -16.97
CA GLY D 601 -15.28 55.21 -15.81
C GLY D 601 -13.76 55.26 -15.99
N PRO D 602 -13.04 54.26 -15.48
CA PRO D 602 -11.58 54.21 -15.59
C PRO D 602 -11.02 54.16 -17.01
N GLY D 603 -9.82 54.71 -17.17
CA GLY D 603 -9.14 54.68 -18.44
C GLY D 603 -9.74 55.40 -19.64
N GLN D 604 -10.26 56.60 -19.45
CA GLN D 604 -10.80 57.35 -20.60
C GLN D 604 -9.66 57.51 -21.60
N SER D 605 -9.91 57.24 -22.88
CA SER D 605 -8.87 57.33 -23.90
C SER D 605 -8.46 58.77 -24.24
N SER D 606 -9.19 59.74 -23.70
CA SER D 606 -8.86 61.15 -23.93
C SER D 606 -9.80 62.06 -23.18
N PHE D 607 -9.46 63.34 -23.21
CA PHE D 607 -10.27 64.39 -22.60
C PHE D 607 -10.16 65.57 -23.56
N LEU D 608 -11.14 66.46 -23.50
CA LEU D 608 -11.08 67.69 -24.30
C LEU D 608 -11.37 68.78 -23.28
N ASN D 609 -10.65 69.89 -23.39
CA ASN D 609 -10.86 70.97 -22.44
C ASN D 609 -10.84 72.31 -23.14
N ILE D 610 -11.58 73.27 -22.59
CA ILE D 610 -11.60 74.63 -23.10
C ILE D 610 -11.23 75.52 -21.90
N GLU D 611 -10.29 75.02 -21.11
CA GLU D 611 -9.80 75.73 -19.95
C GLU D 611 -8.72 76.70 -20.40
N LEU D 612 -8.59 77.82 -19.69
CA LEU D 612 -7.58 78.80 -20.03
C LEU D 612 -6.39 78.54 -19.12
N ILE D 613 -5.52 79.53 -18.95
CA ILE D 613 -4.37 79.36 -18.07
C ILE D 613 -4.84 79.51 -16.62
N SER D 614 -3.91 79.56 -15.68
CA SER D 614 -4.27 79.68 -14.27
C SER D 614 -5.08 80.92 -13.93
N GLU D 615 -6.04 80.75 -13.03
CA GLU D 615 -6.85 81.88 -12.58
C GLU D 615 -6.17 82.49 -11.36
N LYS D 616 -5.12 81.82 -10.87
CA LYS D 616 -4.37 82.31 -9.72
C LYS D 616 -3.27 83.26 -10.18
N THR D 617 -2.97 84.25 -9.35
CA THR D 617 -1.97 85.27 -9.68
C THR D 617 -0.50 84.85 -9.66
N ALA D 618 0.32 85.67 -10.33
CA ALA D 618 1.75 85.42 -10.40
C ALA D 618 2.34 85.50 -8.99
N ALA D 619 1.76 86.35 -8.14
CA ALA D 619 2.24 86.49 -6.76
C ALA D 619 2.01 85.19 -6.01
N TYR D 620 0.84 84.58 -6.20
CA TYR D 620 0.53 83.31 -5.56
C TYR D 620 1.51 82.24 -6.04
N TRP D 621 1.69 82.15 -7.35
CA TRP D 621 2.60 81.15 -7.90
C TRP D 621 4.06 81.34 -7.52
N CYS D 622 4.54 82.58 -7.54
CA CYS D 622 5.94 82.82 -7.20
C CYS D 622 6.21 82.51 -5.72
N GLN D 623 5.31 82.92 -4.83
CA GLN D 623 5.49 82.62 -3.42
C GLN D 623 5.42 81.09 -3.22
N SER D 624 4.53 80.44 -3.98
CA SER D 624 4.37 78.99 -3.91
C SER D 624 5.65 78.28 -4.33
N VAL D 625 6.27 78.74 -5.40
CA VAL D 625 7.49 78.12 -5.87
C VAL D 625 8.60 78.22 -4.82
N THR D 626 8.68 79.38 -4.17
CA THR D 626 9.69 79.58 -3.13
C THR D 626 9.48 78.57 -2.02
N GLU D 627 8.24 78.37 -1.62
CA GLU D 627 7.87 77.44 -0.57
C GLU D 627 8.20 76.00 -0.99
N LEU D 628 7.73 75.60 -2.16
CA LEU D 628 7.98 74.25 -2.67
C LEU D 628 9.47 73.94 -2.78
N LYS D 629 10.24 74.88 -3.33
CA LYS D 629 11.68 74.66 -3.48
C LYS D 629 12.40 74.60 -2.14
N ALA D 630 11.88 75.31 -1.15
CA ALA D 630 12.49 75.30 0.17
C ALA D 630 12.23 73.97 0.86
N ASP D 631 11.04 73.40 0.66
CA ASP D 631 10.69 72.13 1.28
C ASP D 631 11.08 70.90 0.47
N PHE D 632 11.22 71.04 -0.84
CA PHE D 632 11.59 69.92 -1.71
C PHE D 632 12.71 70.32 -2.66
N PRO D 633 13.92 70.52 -2.11
CA PRO D 633 15.10 70.93 -2.88
C PRO D 633 15.48 69.99 -4.02
N ASP D 634 15.21 68.70 -3.85
CA ASP D 634 15.56 67.73 -4.89
C ASP D 634 14.50 67.50 -5.94
N ASN D 635 13.31 68.05 -5.73
CA ASN D 635 12.24 67.92 -6.71
C ASN D 635 12.28 69.14 -7.60
N ILE D 636 12.29 68.90 -8.91
CA ILE D 636 12.35 69.99 -9.88
C ILE D 636 11.02 70.70 -10.07
N VAL D 637 11.03 72.03 -9.92
CA VAL D 637 9.83 72.83 -10.11
C VAL D 637 10.06 73.72 -11.31
N ILE D 638 9.18 73.61 -12.30
CA ILE D 638 9.30 74.41 -13.51
C ILE D 638 8.09 75.34 -13.60
N ALA D 639 8.34 76.64 -13.69
CA ALA D 639 7.26 77.61 -13.77
C ALA D 639 6.83 77.82 -15.21
N SER D 640 5.54 77.58 -15.47
CA SER D 640 4.98 77.76 -16.80
C SER D 640 4.43 79.17 -16.87
N ILE D 641 4.88 79.95 -17.86
CA ILE D 641 4.43 81.34 -17.99
C ILE D 641 3.98 81.69 -19.42
N MET D 642 3.15 82.72 -19.51
CA MET D 642 2.64 83.18 -20.81
C MET D 642 2.41 84.69 -20.86
N CYS D 643 2.81 85.30 -21.96
CA CYS D 643 2.63 86.74 -22.18
C CYS D 643 2.25 86.93 -23.65
N SER D 644 1.72 88.10 -23.98
CA SER D 644 1.37 88.40 -25.36
C SER D 644 2.71 88.67 -26.04
N TYR D 645 2.69 88.94 -27.35
CA TYR D 645 3.93 89.22 -28.06
C TYR D 645 4.47 90.59 -27.67
N ASN D 646 5.07 90.65 -26.49
CA ASN D 646 5.64 91.88 -25.94
C ASN D 646 6.94 91.58 -25.19
N LYS D 647 8.04 92.19 -25.62
CA LYS D 647 9.35 91.97 -25.02
C LYS D 647 9.42 92.27 -23.51
N ASN D 648 8.92 93.44 -23.11
CA ASN D 648 8.97 93.81 -21.71
C ASN D 648 8.21 92.82 -20.84
N ASP D 649 7.03 92.43 -21.27
CA ASP D 649 6.21 91.49 -20.52
C ASP D 649 6.93 90.16 -20.29
N TRP D 650 7.42 89.56 -21.38
CA TRP D 650 8.13 88.29 -21.24
C TRP D 650 9.34 88.38 -20.32
N MET D 651 10.06 89.49 -20.39
CA MET D 651 11.23 89.67 -19.55
C MET D 651 10.82 89.88 -18.09
N GLU D 652 9.76 90.65 -17.87
CA GLU D 652 9.28 90.91 -16.52
C GLU D 652 8.83 89.61 -15.83
N LEU D 653 7.91 88.89 -16.48
CA LEU D 653 7.37 87.65 -15.93
C LEU D 653 8.44 86.58 -15.74
N SER D 654 9.28 86.36 -16.74
CA SER D 654 10.32 85.34 -16.61
C SER D 654 11.27 85.64 -15.46
N ARG D 655 11.59 86.91 -15.26
CA ARG D 655 12.49 87.32 -14.19
C ARG D 655 11.81 87.16 -12.83
N LYS D 656 10.52 87.46 -12.78
CA LYS D 656 9.78 87.32 -11.53
C LYS D 656 9.75 85.84 -11.15
N ALA D 657 9.57 84.98 -12.15
CA ALA D 657 9.53 83.54 -11.92
C ALA D 657 10.90 83.02 -11.52
N GLU D 658 11.95 83.50 -12.18
CA GLU D 658 13.30 83.07 -11.85
C GLU D 658 13.66 83.44 -10.42
N ALA D 659 13.31 84.65 -10.01
CA ALA D 659 13.61 85.14 -8.67
C ALA D 659 12.92 84.33 -7.56
N SER D 660 11.80 83.70 -7.88
CA SER D 660 11.07 82.93 -6.87
C SER D 660 11.82 81.64 -6.52
N GLY D 661 12.78 81.25 -7.37
CA GLY D 661 13.54 80.05 -7.09
C GLY D 661 13.25 78.89 -8.03
N ALA D 662 12.45 79.12 -9.06
CA ALA D 662 12.13 78.06 -10.01
C ALA D 662 13.41 77.50 -10.62
N ASP D 663 13.45 76.18 -10.82
CA ASP D 663 14.62 75.52 -11.41
C ASP D 663 14.71 75.85 -12.90
N ALA D 664 13.57 76.10 -13.52
CA ALA D 664 13.52 76.40 -14.94
C ALA D 664 12.17 77.00 -15.29
N LEU D 665 12.03 77.42 -16.55
CA LEU D 665 10.77 77.99 -16.99
C LEU D 665 10.26 77.23 -18.21
N GLU D 666 8.96 77.27 -18.42
CA GLU D 666 8.34 76.65 -19.58
C GLU D 666 7.50 77.74 -20.20
N LEU D 667 7.81 78.06 -21.45
CA LEU D 667 7.10 79.09 -22.18
C LEU D 667 5.88 78.48 -22.88
N ASN D 668 4.70 78.87 -22.43
CA ASN D 668 3.48 78.36 -23.03
C ASN D 668 3.20 79.12 -24.32
N LEU D 669 3.55 78.52 -25.44
CA LEU D 669 3.33 79.13 -26.74
C LEU D 669 2.45 78.16 -27.51
N SER D 670 1.60 77.43 -26.79
CA SER D 670 0.77 76.44 -27.45
C SER D 670 -0.67 76.22 -26.99
N CYS D 671 -1.24 77.17 -26.26
CA CYS D 671 -2.63 77.01 -25.83
C CYS D 671 -3.46 76.98 -27.12
N PRO D 672 -4.15 75.85 -27.39
CA PRO D 672 -4.95 75.72 -28.62
C PRO D 672 -6.27 76.49 -28.65
N HIS D 673 -6.58 77.25 -27.60
CA HIS D 673 -7.85 77.98 -27.57
C HIS D 673 -7.91 79.11 -26.54
N GLY D 674 -8.90 79.98 -26.71
CA GLY D 674 -9.11 81.08 -25.79
C GLY D 674 -8.03 82.15 -25.73
N MET D 675 -6.83 81.76 -25.34
CA MET D 675 -5.70 82.68 -25.22
C MET D 675 -5.29 83.27 -26.55
N GLY D 676 -5.74 82.66 -27.64
CA GLY D 676 -5.41 83.17 -28.96
C GLY D 676 -6.17 84.45 -29.26
N GLU D 677 -7.22 84.72 -28.48
CA GLU D 677 -8.04 85.92 -28.64
C GLU D 677 -7.53 87.03 -27.77
N ARG D 678 -6.59 86.70 -26.90
CA ARG D 678 -5.97 87.67 -26.04
C ARG D 678 -4.53 87.89 -26.51
N GLY D 679 -4.28 87.48 -27.76
CA GLY D 679 -2.97 87.65 -28.38
C GLY D 679 -1.94 86.53 -28.30
N MET D 680 -2.03 85.71 -27.26
CA MET D 680 -1.06 84.63 -27.02
C MET D 680 -1.48 83.20 -27.40
N GLY D 681 -0.75 82.23 -26.85
CA GLY D 681 -1.03 80.83 -27.08
C GLY D 681 -0.78 80.28 -28.48
N LEU D 682 -1.83 79.69 -29.04
CA LEU D 682 -1.81 79.08 -30.38
C LEU D 682 -1.19 79.94 -31.48
N ALA D 683 -1.49 81.23 -31.44
CA ALA D 683 -0.99 82.19 -32.42
C ALA D 683 0.54 82.21 -32.42
N CYS D 684 1.12 82.84 -31.41
CA CYS D 684 2.57 82.96 -31.29
C CYS D 684 3.37 81.66 -31.48
N GLY D 685 2.78 80.52 -31.15
CA GLY D 685 3.49 79.26 -31.28
C GLY D 685 3.54 78.59 -32.64
N GLN D 686 2.80 79.11 -33.60
CA GLN D 686 2.78 78.53 -34.94
C GLN D 686 3.72 79.19 -35.94
N ASP D 687 4.25 80.35 -35.57
CA ASP D 687 5.17 81.09 -36.45
C ASP D 687 6.60 80.99 -35.92
N PRO D 688 7.49 80.29 -36.65
CA PRO D 688 8.87 80.17 -36.16
C PRO D 688 9.55 81.51 -35.84
N GLU D 689 9.21 82.56 -36.57
CA GLU D 689 9.81 83.86 -36.31
C GLU D 689 9.44 84.38 -34.92
N LEU D 690 8.16 84.31 -34.58
CA LEU D 690 7.70 84.77 -33.27
C LEU D 690 8.27 83.91 -32.16
N VAL D 691 8.31 82.60 -32.38
CA VAL D 691 8.84 81.68 -31.39
C VAL D 691 10.31 82.02 -31.11
N ARG D 692 11.07 82.29 -32.18
CA ARG D 692 12.48 82.62 -32.05
C ARG D 692 12.68 83.90 -31.23
N ASN D 693 11.90 84.92 -31.52
CA ASN D 693 12.04 86.19 -30.81
C ASN D 693 11.68 86.09 -29.33
N ILE D 694 10.58 85.39 -29.04
CA ILE D 694 10.15 85.24 -27.66
C ILE D 694 11.23 84.53 -26.83
N CYS D 695 11.83 83.50 -27.42
CA CYS D 695 12.88 82.76 -26.74
C CYS D 695 14.11 83.65 -26.53
N ARG D 696 14.36 84.55 -27.48
CA ARG D 696 15.50 85.46 -27.37
C ARG D 696 15.28 86.43 -26.22
N TRP D 697 14.06 86.93 -26.12
CA TRP D 697 13.70 87.87 -25.06
C TRP D 697 13.92 87.24 -23.69
N VAL D 698 13.48 85.99 -23.55
CA VAL D 698 13.62 85.26 -22.30
C VAL D 698 15.07 84.89 -22.02
N ARG D 699 15.79 84.45 -23.05
CA ARG D 699 17.18 84.05 -22.87
C ARG D 699 18.02 85.18 -22.28
N GLN D 700 17.77 86.41 -22.72
CA GLN D 700 18.55 87.53 -22.21
C GLN D 700 18.00 88.05 -20.89
N ALA D 701 16.79 87.61 -20.52
CA ALA D 701 16.18 88.07 -19.27
C ALA D 701 16.56 87.24 -18.04
N VAL D 702 16.76 85.94 -18.24
CA VAL D 702 17.11 85.05 -17.11
C VAL D 702 18.30 84.16 -17.41
N GLN D 703 18.84 83.56 -16.36
CA GLN D 703 20.00 82.68 -16.50
C GLN D 703 19.65 81.21 -16.31
N ILE D 704 18.52 80.93 -15.66
CA ILE D 704 18.11 79.54 -15.47
C ILE D 704 17.67 78.97 -16.81
N PRO D 705 17.64 77.65 -16.94
CA PRO D 705 17.21 77.09 -18.22
C PRO D 705 15.71 77.30 -18.44
N PHE D 706 15.29 77.26 -19.71
CA PHE D 706 13.88 77.42 -20.02
C PHE D 706 13.55 76.62 -21.26
N PHE D 707 12.31 76.14 -21.32
CA PHE D 707 11.88 75.32 -22.44
C PHE D 707 10.64 75.89 -23.11
N ALA D 708 10.56 75.75 -24.42
CA ALA D 708 9.42 76.25 -25.16
C ALA D 708 8.44 75.09 -25.34
N LYS D 709 7.19 75.28 -24.92
CA LYS D 709 6.19 74.23 -25.06
C LYS D 709 5.52 74.40 -26.43
N LEU D 710 5.76 73.43 -27.30
CA LEU D 710 5.25 73.45 -28.67
C LEU D 710 3.85 72.88 -28.89
N THR D 711 3.15 73.42 -29.88
CA THR D 711 1.83 72.91 -30.22
C THR D 711 2.01 71.90 -31.33
N PRO D 712 1.14 70.89 -31.39
CA PRO D 712 1.23 69.88 -32.45
C PRO D 712 0.43 70.33 -33.66
N ASN D 713 -0.36 71.38 -33.45
CA ASN D 713 -1.23 71.93 -34.49
C ASN D 713 -0.46 72.84 -35.47
N VAL D 714 0.53 72.27 -36.14
CA VAL D 714 1.33 72.99 -37.13
C VAL D 714 1.76 72.02 -38.22
N THR D 715 2.01 72.54 -39.40
CA THR D 715 2.42 71.70 -40.52
C THR D 715 3.76 71.03 -40.25
N ASP D 716 4.71 71.79 -39.71
CA ASP D 716 6.06 71.28 -39.43
C ASP D 716 6.53 71.67 -38.03
N ILE D 717 6.37 70.77 -37.07
CA ILE D 717 6.76 71.08 -35.69
C ILE D 717 8.26 71.27 -35.51
N VAL D 718 9.04 70.68 -36.42
CA VAL D 718 10.49 70.81 -36.37
C VAL D 718 10.91 72.27 -36.58
N SER D 719 10.21 72.98 -37.45
CA SER D 719 10.55 74.38 -37.72
C SER D 719 10.42 75.26 -36.49
N ILE D 720 9.40 75.02 -35.66
CA ILE D 720 9.24 75.83 -34.46
C ILE D 720 10.19 75.37 -33.37
N ALA D 721 10.49 74.08 -33.34
CA ALA D 721 11.44 73.56 -32.36
C ALA D 721 12.81 74.15 -32.67
N ARG D 722 13.16 74.18 -33.96
CA ARG D 722 14.45 74.73 -34.38
C ARG D 722 14.50 76.24 -34.09
N ALA D 723 13.37 76.90 -34.24
CA ALA D 723 13.29 78.34 -33.97
C ALA D 723 13.56 78.60 -32.50
N ALA D 724 13.06 77.71 -31.64
CA ALA D 724 13.25 77.85 -30.20
C ALA D 724 14.72 77.65 -29.87
N LYS D 725 15.35 76.66 -30.50
CA LYS D 725 16.75 76.38 -30.25
C LYS D 725 17.59 77.57 -30.70
N GLU D 726 17.25 78.14 -31.84
CA GLU D 726 17.97 79.30 -32.37
C GLU D 726 17.77 80.51 -31.46
N GLY D 727 16.61 80.56 -30.81
CA GLY D 727 16.32 81.68 -29.92
C GLY D 727 17.01 81.57 -28.57
N GLY D 728 17.61 80.42 -28.31
CA GLY D 728 18.30 80.25 -27.05
C GLY D 728 17.63 79.34 -26.03
N ALA D 729 16.55 78.67 -26.44
CA ALA D 729 15.84 77.77 -25.53
C ALA D 729 16.77 76.61 -25.18
N ASP D 730 16.63 76.11 -23.96
CA ASP D 730 17.45 74.99 -23.49
C ASP D 730 16.83 73.65 -23.87
N GLY D 731 15.65 73.71 -24.46
CA GLY D 731 14.96 72.49 -24.87
C GLY D 731 13.52 72.81 -25.21
N VAL D 732 12.76 71.80 -25.59
CA VAL D 732 11.36 72.01 -25.90
C VAL D 732 10.48 70.92 -25.30
N THR D 733 9.24 71.29 -25.01
CA THR D 733 8.26 70.36 -24.46
C THR D 733 7.33 70.02 -25.61
N ALA D 734 7.25 68.73 -25.94
CA ALA D 734 6.42 68.25 -27.03
C ALA D 734 5.47 67.18 -26.51
N THR D 735 4.16 67.42 -26.55
CA THR D 735 3.57 68.64 -27.08
C THR D 735 2.34 69.07 -26.26
N ASN D 736 1.72 70.18 -26.63
CA ASN D 736 0.52 70.63 -25.95
C ASN D 736 -0.66 69.86 -26.57
N THR D 737 -1.89 70.23 -26.19
CA THR D 737 -3.06 69.53 -26.71
C THR D 737 -3.36 69.70 -28.19
N VAL D 738 -4.06 68.72 -28.75
CA VAL D 738 -4.43 68.72 -30.15
C VAL D 738 -5.77 69.43 -30.31
N SER D 739 -5.84 70.35 -31.26
CA SER D 739 -7.06 71.11 -31.52
C SER D 739 -8.16 70.18 -32.04
N GLY D 740 -9.33 70.21 -31.39
CA GLY D 740 -10.41 69.36 -31.83
C GLY D 740 -11.78 69.69 -31.28
N LEU D 741 -12.75 68.89 -31.70
CA LEU D 741 -14.12 69.02 -31.27
C LEU D 741 -14.50 67.60 -30.86
N MET D 742 -14.83 67.40 -29.59
CA MET D 742 -15.14 66.08 -29.11
C MET D 742 -16.47 65.48 -29.52
N GLY D 743 -17.39 66.29 -30.04
CA GLY D 743 -18.66 65.73 -30.48
C GLY D 743 -19.91 66.51 -30.16
N LEU D 744 -21.02 66.06 -30.73
CA LEU D 744 -22.31 66.70 -30.55
C LEU D 744 -23.38 65.69 -30.15
N LYS D 745 -24.42 66.18 -29.50
CA LYS D 745 -25.56 65.34 -29.11
C LYS D 745 -26.38 65.17 -30.39
N ALA D 746 -27.32 64.24 -30.38
CA ALA D 746 -28.16 64.01 -31.55
C ALA D 746 -28.97 65.24 -31.98
N ASP D 747 -29.18 66.19 -31.08
CA ASP D 747 -29.94 67.38 -31.44
C ASP D 747 -29.03 68.49 -32.00
N GLY D 748 -27.75 68.18 -32.16
CA GLY D 748 -26.83 69.16 -32.72
C GLY D 748 -26.07 70.02 -31.72
N THR D 749 -26.44 69.99 -30.44
CA THR D 749 -25.73 70.80 -29.44
C THR D 749 -24.40 70.14 -29.05
N PRO D 750 -23.40 70.95 -28.75
CA PRO D 750 -22.08 70.42 -28.38
C PRO D 750 -21.90 70.06 -26.91
N TRP D 751 -20.77 69.42 -26.64
CA TRP D 751 -20.37 69.07 -25.29
C TRP D 751 -18.85 69.17 -25.29
N PRO D 752 -18.29 70.07 -24.46
CA PRO D 752 -18.99 70.95 -23.52
C PRO D 752 -19.90 72.00 -24.17
N ALA D 753 -20.97 72.35 -23.46
CA ALA D 753 -21.92 73.37 -23.91
C ALA D 753 -22.00 74.39 -22.78
N VAL D 754 -21.73 75.65 -23.09
CA VAL D 754 -21.73 76.71 -22.10
C VAL D 754 -22.91 77.66 -22.19
N GLY D 755 -23.53 77.93 -21.04
CA GLY D 755 -24.66 78.84 -20.99
C GLY D 755 -25.96 78.32 -21.58
N ALA D 756 -26.99 79.16 -21.50
CA ALA D 756 -28.32 78.83 -22.02
C ALA D 756 -28.26 78.63 -23.54
N GLY D 757 -27.31 79.31 -24.18
CA GLY D 757 -27.14 79.19 -25.63
C GLY D 757 -26.43 77.92 -26.05
N LYS D 758 -26.00 77.11 -25.09
CA LYS D 758 -25.32 75.85 -25.36
C LYS D 758 -24.21 76.03 -26.39
N ARG D 759 -23.35 77.01 -26.15
CA ARG D 759 -22.26 77.29 -27.06
C ARG D 759 -20.96 76.58 -26.66
N THR D 760 -20.03 76.50 -27.61
CA THR D 760 -18.73 75.90 -27.35
C THR D 760 -17.76 76.48 -28.35
N THR D 761 -16.49 76.08 -28.22
CA THR D 761 -15.45 76.55 -29.13
C THR D 761 -14.48 75.39 -29.21
N TYR D 762 -13.59 75.42 -30.21
CA TYR D 762 -12.61 74.35 -30.36
C TYR D 762 -11.79 74.21 -29.08
N GLY D 763 -11.59 72.98 -28.63
CA GLY D 763 -10.82 72.77 -27.42
C GLY D 763 -9.55 71.98 -27.66
N GLY D 764 -8.93 71.53 -26.58
CA GLY D 764 -7.70 70.76 -26.70
C GLY D 764 -7.88 69.31 -26.30
N VAL D 765 -7.48 68.40 -27.19
CA VAL D 765 -7.59 66.97 -26.92
C VAL D 765 -6.29 66.47 -26.27
N SER D 766 -6.44 65.71 -25.19
CA SER D 766 -5.31 65.17 -24.45
C SER D 766 -5.54 63.68 -24.21
N GLY D 767 -4.53 62.98 -23.68
CA GLY D 767 -4.70 61.57 -23.40
C GLY D 767 -4.10 60.62 -24.42
N THR D 768 -4.34 59.33 -24.21
CA THR D 768 -3.78 58.32 -25.10
C THR D 768 -4.19 58.45 -26.57
N ALA D 769 -5.33 59.06 -26.83
CA ALA D 769 -5.80 59.23 -28.21
C ALA D 769 -4.83 60.08 -29.04
N ILE D 770 -4.07 60.96 -28.38
CA ILE D 770 -3.13 61.81 -29.11
C ILE D 770 -1.68 61.37 -29.00
N ARG D 771 -1.44 60.25 -28.32
CA ARG D 771 -0.07 59.75 -28.15
C ARG D 771 0.66 59.53 -29.50
N PRO D 772 -0.04 58.99 -30.51
CA PRO D 772 0.61 58.76 -31.81
C PRO D 772 1.16 60.06 -32.40
N ILE D 773 0.45 61.15 -32.14
CA ILE D 773 0.83 62.46 -32.63
C ILE D 773 2.03 62.99 -31.83
N ALA D 774 1.98 62.78 -30.52
CA ALA D 774 3.06 63.22 -29.65
C ALA D 774 4.34 62.40 -29.89
N LEU D 775 4.19 61.09 -30.09
CA LEU D 775 5.35 60.23 -30.35
C LEU D 775 6.02 60.64 -31.66
N ARG D 776 5.22 60.95 -32.66
CA ARG D 776 5.78 61.36 -33.94
C ARG D 776 6.53 62.67 -33.76
N ALA D 777 5.92 63.60 -33.04
CA ALA D 777 6.54 64.90 -32.79
C ALA D 777 7.88 64.76 -32.06
N VAL D 778 7.91 63.95 -31.01
CA VAL D 778 9.14 63.78 -30.26
C VAL D 778 10.23 63.15 -31.12
N THR D 779 9.89 62.09 -31.86
CA THR D 779 10.88 61.44 -32.70
C THR D 779 11.40 62.30 -33.84
N THR D 780 10.55 63.09 -34.50
CA THR D 780 11.06 63.91 -35.60
C THR D 780 11.94 65.03 -35.08
N ILE D 781 11.60 65.59 -33.91
CA ILE D 781 12.42 66.66 -33.35
C ILE D 781 13.76 66.05 -32.92
N ALA D 782 13.71 64.88 -32.29
CA ALA D 782 14.90 64.20 -31.83
C ALA D 782 15.86 63.85 -32.97
N ARG D 783 15.33 63.49 -34.13
CA ARG D 783 16.16 63.14 -35.28
C ARG D 783 16.72 64.39 -35.96
N ALA D 784 15.92 65.45 -36.01
CA ALA D 784 16.32 66.69 -36.64
C ALA D 784 17.31 67.51 -35.81
N LEU D 785 17.11 67.49 -34.49
CA LEU D 785 17.97 68.24 -33.58
C LEU D 785 18.55 67.31 -32.52
N PRO D 786 19.45 66.40 -32.92
CA PRO D 786 20.05 65.46 -31.98
C PRO D 786 20.71 66.12 -30.76
N GLY D 787 20.42 65.58 -29.58
CA GLY D 787 20.99 66.11 -28.36
C GLY D 787 20.19 67.24 -27.72
N PHE D 788 19.26 67.83 -28.46
CA PHE D 788 18.45 68.93 -27.93
C PHE D 788 17.42 68.35 -26.96
N PRO D 789 17.49 68.74 -25.68
CA PRO D 789 16.55 68.26 -24.65
C PRO D 789 15.07 68.34 -25.02
N ILE D 790 14.36 67.24 -24.81
CA ILE D 790 12.93 67.18 -25.10
C ILE D 790 12.17 66.67 -23.88
N LEU D 791 11.16 67.42 -23.46
CA LEU D 791 10.30 67.03 -22.35
C LEU D 791 9.04 66.53 -23.07
N ALA D 792 8.75 65.24 -22.93
CA ALA D 792 7.58 64.66 -23.60
C ALA D 792 6.28 64.77 -22.82
N THR D 793 5.20 64.96 -23.59
CA THR D 793 3.86 65.06 -23.02
C THR D 793 2.84 64.67 -24.09
N GLY D 794 1.92 63.78 -23.71
CA GLY D 794 0.89 63.35 -24.64
C GLY D 794 0.57 61.87 -24.58
N GLY D 795 -0.33 61.50 -23.67
CA GLY D 795 -0.71 60.10 -23.59
C GLY D 795 0.20 59.20 -22.78
N ILE D 796 1.02 59.77 -21.90
CA ILE D 796 1.90 58.97 -21.07
C ILE D 796 1.10 58.52 -19.85
N ASP D 797 0.88 57.21 -19.74
CA ASP D 797 0.09 56.67 -18.63
C ASP D 797 0.65 55.41 -17.99
N SER D 798 1.95 55.19 -18.13
CA SER D 798 2.59 54.00 -17.56
C SER D 798 4.10 54.05 -17.79
N ALA D 799 4.84 53.18 -17.13
CA ALA D 799 6.29 53.13 -17.31
C ALA D 799 6.56 52.71 -18.74
N GLU D 800 5.80 51.72 -19.19
CA GLU D 800 5.93 51.20 -20.53
C GLU D 800 5.80 52.29 -21.59
N SER D 801 4.71 53.06 -21.54
CA SER D 801 4.52 54.13 -22.51
C SER D 801 5.56 55.22 -22.29
N GLY D 802 5.95 55.43 -21.04
CA GLY D 802 6.98 56.41 -20.77
C GLY D 802 8.29 56.01 -21.43
N LEU D 803 8.64 54.73 -21.33
CA LEU D 803 9.88 54.23 -21.92
C LEU D 803 9.87 54.44 -23.44
N GLN D 804 8.68 54.35 -24.05
CA GLN D 804 8.56 54.56 -25.50
C GLN D 804 9.01 55.98 -25.86
N PHE D 805 8.66 56.96 -25.03
CA PHE D 805 9.06 58.34 -25.29
C PHE D 805 10.56 58.55 -25.04
N LEU D 806 11.11 57.86 -24.05
CA LEU D 806 12.54 57.98 -23.75
C LEU D 806 13.28 57.40 -24.97
N HIS D 807 12.86 56.23 -25.41
CA HIS D 807 13.46 55.59 -26.58
C HIS D 807 13.35 56.48 -27.80
N SER D 808 12.31 57.31 -27.82
CA SER D 808 12.08 58.21 -28.94
C SER D 808 12.91 59.50 -28.90
N GLY D 809 13.62 59.74 -27.80
CA GLY D 809 14.43 60.95 -27.71
C GLY D 809 14.16 61.88 -26.54
N ALA D 810 13.09 61.64 -25.79
CA ALA D 810 12.77 62.49 -24.66
C ALA D 810 13.62 62.12 -23.44
N SER D 811 13.88 63.11 -22.58
CA SER D 811 14.67 62.87 -21.38
C SER D 811 13.77 62.75 -20.15
N VAL D 812 12.68 63.52 -20.12
CA VAL D 812 11.75 63.45 -19.02
C VAL D 812 10.33 63.34 -19.54
N LEU D 813 9.41 62.90 -18.68
CA LEU D 813 8.05 62.67 -19.08
C LEU D 813 6.98 63.41 -18.27
N GLN D 814 6.20 64.24 -18.95
CA GLN D 814 5.16 65.00 -18.29
C GLN D 814 3.85 64.23 -18.41
N VAL D 815 3.04 64.29 -17.35
CA VAL D 815 1.77 63.57 -17.31
C VAL D 815 0.61 64.45 -16.84
N CYS D 816 -0.55 64.29 -17.47
CA CYS D 816 -1.77 65.01 -17.09
C CYS D 816 -2.98 64.09 -17.05
N SER D 817 -3.44 63.67 -18.22
CA SER D 817 -4.62 62.81 -18.34
C SER D 817 -4.60 61.54 -17.49
N ALA D 818 -3.43 60.91 -17.37
CA ALA D 818 -3.32 59.69 -16.58
C ALA D 818 -3.71 59.97 -15.13
N VAL D 819 -3.38 61.17 -14.64
CA VAL D 819 -3.71 61.54 -13.27
C VAL D 819 -5.19 61.92 -13.17
N GLN D 820 -5.71 62.60 -14.19
CA GLN D 820 -7.13 62.97 -14.19
C GLN D 820 -7.96 61.69 -14.16
N ASN D 821 -7.44 60.63 -14.77
CA ASN D 821 -8.12 59.34 -14.81
C ASN D 821 -7.94 58.58 -13.48
N GLN D 822 -7.00 59.02 -12.65
CA GLN D 822 -6.75 58.32 -11.40
C GLN D 822 -6.38 59.26 -10.26
N ASP D 823 -5.11 59.27 -9.87
CA ASP D 823 -4.63 60.13 -8.80
C ASP D 823 -3.10 60.16 -8.77
N PHE D 824 -2.54 60.88 -7.81
CA PHE D 824 -1.09 61.01 -7.71
C PHE D 824 -0.31 59.74 -7.39
N THR D 825 -0.94 58.74 -6.80
CA THR D 825 -0.21 57.52 -6.45
C THR D 825 0.31 56.73 -7.66
N VAL D 826 -0.14 57.05 -8.87
CA VAL D 826 0.35 56.32 -10.04
C VAL D 826 1.88 56.45 -10.18
N ILE D 827 2.47 57.44 -9.52
CA ILE D 827 3.92 57.61 -9.57
C ILE D 827 4.63 56.37 -9.02
N GLN D 828 4.01 55.73 -8.03
CA GLN D 828 4.58 54.51 -7.44
C GLN D 828 4.63 53.41 -8.51
N ASP D 829 3.59 53.38 -9.32
CA ASP D 829 3.49 52.40 -10.40
C ASP D 829 4.52 52.69 -11.48
N TYR D 830 4.62 53.96 -11.86
CA TYR D 830 5.56 54.39 -12.90
C TYR D 830 7.00 54.09 -12.53
N CYS D 831 7.37 54.40 -11.29
CA CYS D 831 8.74 54.15 -10.84
C CYS D 831 9.13 52.67 -10.76
N THR D 832 8.31 51.86 -10.10
CA THR D 832 8.61 50.44 -10.00
C THR D 832 8.56 49.81 -11.39
N GLY D 833 7.68 50.34 -12.24
CA GLY D 833 7.55 49.81 -13.59
C GLY D 833 8.79 50.08 -14.42
N LEU D 834 9.30 51.31 -14.36
CA LEU D 834 10.49 51.68 -15.13
C LEU D 834 11.71 50.92 -14.63
N LYS D 835 11.83 50.76 -13.31
CA LYS D 835 12.96 50.04 -12.76
C LYS D 835 12.94 48.59 -13.26
N ALA D 836 11.76 47.99 -13.26
CA ALA D 836 11.61 46.61 -13.71
C ALA D 836 12.02 46.44 -15.17
N LEU D 837 11.55 47.36 -16.01
CA LEU D 837 11.84 47.31 -17.44
C LEU D 837 13.33 47.40 -17.71
N LEU D 838 14.02 48.25 -16.95
CA LEU D 838 15.45 48.43 -17.11
C LEU D 838 16.19 47.21 -16.58
N TYR D 839 15.73 46.69 -15.45
CA TYR D 839 16.34 45.53 -14.83
C TYR D 839 16.29 44.32 -15.75
N LEU D 840 15.10 44.04 -16.29
CA LEU D 840 14.88 42.90 -17.17
C LEU D 840 15.75 42.91 -18.43
N LYS D 841 16.25 44.07 -18.82
CA LYS D 841 17.09 44.18 -20.01
C LYS D 841 18.46 43.53 -19.78
N SER D 842 18.77 43.20 -18.53
CA SER D 842 20.06 42.60 -18.20
C SER D 842 19.91 41.10 -17.97
N ILE D 843 18.68 40.61 -18.01
CA ILE D 843 18.44 39.19 -17.78
C ILE D 843 18.39 38.43 -19.10
N GLU D 844 19.48 37.73 -19.40
CA GLU D 844 19.62 36.98 -20.63
C GLU D 844 18.56 35.91 -20.89
N GLU D 845 18.09 35.25 -19.84
CA GLU D 845 17.09 34.19 -20.02
C GLU D 845 15.67 34.67 -20.27
N LEU D 846 15.46 35.99 -20.26
CA LEU D 846 14.12 36.54 -20.48
C LEU D 846 14.07 37.44 -21.71
N GLN D 847 14.97 37.17 -22.65
CA GLN D 847 15.05 37.96 -23.89
C GLN D 847 13.83 37.75 -24.80
N GLY D 848 13.13 36.64 -24.61
CA GLY D 848 11.96 36.36 -25.44
C GLY D 848 10.73 37.15 -24.99
N TRP D 849 10.86 37.82 -23.85
CA TRP D 849 9.79 38.63 -23.29
C TRP D 849 9.74 40.01 -23.92
N ASP D 850 8.55 40.60 -23.92
CA ASP D 850 8.38 41.97 -24.43
C ASP D 850 8.16 42.77 -23.15
N GLY D 851 9.24 43.34 -22.62
CA GLY D 851 9.12 44.08 -21.39
C GLY D 851 8.79 43.11 -20.27
N GLN D 852 7.72 43.39 -19.52
CA GLN D 852 7.34 42.52 -18.42
C GLN D 852 6.39 41.41 -18.86
N SER D 853 6.10 41.35 -20.16
CA SER D 853 5.21 40.32 -20.68
C SER D 853 5.94 39.09 -21.21
N PRO D 854 5.64 37.91 -20.66
CA PRO D 854 6.28 36.68 -21.10
C PRO D 854 5.82 36.38 -22.52
N GLY D 855 6.58 35.59 -23.27
CA GLY D 855 6.15 35.24 -24.59
C GLY D 855 4.84 34.49 -24.42
N THR D 856 3.85 34.80 -25.26
CA THR D 856 2.55 34.15 -25.16
C THR D 856 2.60 32.68 -25.56
N GLU D 857 2.09 31.82 -24.66
CA GLU D 857 2.06 30.37 -24.90
C GLU D 857 0.67 29.99 -25.39
N SER D 858 0.56 28.94 -26.21
CA SER D 858 -0.73 28.48 -26.71
C SER D 858 -1.64 28.20 -25.50
N HIS D 859 -2.83 28.77 -25.52
CA HIS D 859 -3.76 28.61 -24.41
C HIS D 859 -5.22 28.77 -24.82
N GLN D 860 -6.09 28.49 -23.87
CA GLN D 860 -7.54 28.63 -24.02
C GLN D 860 -7.96 29.08 -22.61
N LYS D 861 -8.58 30.25 -22.53
CA LYS D 861 -9.00 30.80 -21.24
C LYS D 861 -7.80 31.00 -20.31
N GLY D 862 -6.65 31.30 -20.90
CA GLY D 862 -5.45 31.51 -20.10
C GLY D 862 -4.75 30.25 -19.63
N LYS D 863 -5.38 29.09 -19.80
CA LYS D 863 -4.78 27.82 -19.39
C LYS D 863 -4.01 27.19 -20.55
N PRO D 864 -2.70 26.95 -20.36
CA PRO D 864 -1.88 26.35 -21.42
C PRO D 864 -2.50 25.09 -22.05
N VAL D 865 -2.43 25.01 -23.37
CA VAL D 865 -2.98 23.89 -24.10
C VAL D 865 -2.12 22.64 -23.94
N PRO D 866 -2.75 21.48 -23.73
CA PRO D 866 -2.02 20.22 -23.55
C PRO D 866 -1.22 19.89 -24.81
N ARG D 867 0.03 19.50 -24.63
CA ARG D 867 0.87 19.14 -25.77
C ARG D 867 0.86 17.64 -26.04
N ILE D 868 -0.34 17.10 -26.25
CA ILE D 868 -0.50 15.68 -26.53
C ILE D 868 -0.39 15.48 -28.05
N ALA D 869 0.42 14.50 -28.46
CA ALA D 869 0.62 14.24 -29.88
C ALA D 869 -0.70 13.97 -30.60
N GLU D 870 -1.56 13.19 -29.94
CA GLU D 870 -2.85 12.82 -30.51
C GLU D 870 -3.86 13.97 -30.62
N LEU D 871 -3.40 15.18 -30.31
CA LEU D 871 -4.25 16.37 -30.39
C LEU D 871 -3.73 17.39 -31.39
N MET D 872 -2.40 17.50 -31.49
CA MET D 872 -1.79 18.45 -32.41
C MET D 872 -2.12 18.20 -33.87
N GLY D 873 -2.57 19.26 -34.54
CA GLY D 873 -2.91 19.17 -35.95
C GLY D 873 -4.05 18.22 -36.26
N LYS D 874 -5.07 18.21 -35.39
CA LYS D 874 -6.21 17.34 -35.59
C LYS D 874 -7.47 18.13 -35.94
N LYS D 875 -7.34 19.46 -35.96
CA LYS D 875 -8.45 20.34 -36.27
C LYS D 875 -9.65 20.03 -35.39
N LEU D 876 -9.40 20.05 -34.09
CA LEU D 876 -10.43 19.79 -33.09
C LEU D 876 -10.70 21.08 -32.30
N PRO D 877 -11.64 21.91 -32.78
CA PRO D 877 -11.95 23.14 -32.06
C PRO D 877 -12.54 22.81 -30.70
N ASN D 878 -12.63 23.80 -29.83
CA ASN D 878 -13.15 23.59 -28.48
C ASN D 878 -14.64 23.73 -28.30
N PHE D 879 -15.41 23.01 -29.11
CA PHE D 879 -16.86 23.04 -28.99
C PHE D 879 -17.49 21.82 -29.67
N GLY D 880 -18.77 21.61 -29.38
CA GLY D 880 -19.50 20.49 -29.96
C GLY D 880 -18.82 19.14 -29.84
N PRO D 881 -19.05 18.24 -30.82
CA PRO D 881 -18.46 16.91 -30.81
C PRO D 881 -16.94 16.93 -30.77
N TYR D 882 -16.35 18.00 -31.29
CA TYR D 882 -14.89 18.12 -31.29
C TYR D 882 -14.38 18.24 -29.86
N LEU D 883 -15.12 18.95 -29.02
CA LEU D 883 -14.72 19.13 -27.63
C LEU D 883 -14.77 17.78 -26.93
N GLU D 884 -15.83 17.00 -27.22
CA GLU D 884 -15.98 15.67 -26.64
C GLU D 884 -14.77 14.80 -26.98
N GLN D 885 -14.29 14.93 -28.21
CA GLN D 885 -13.12 14.16 -28.66
C GLN D 885 -11.86 14.59 -27.93
N ARG D 886 -11.69 15.90 -27.76
CA ARG D 886 -10.51 16.42 -27.07
C ARG D 886 -10.43 15.86 -25.66
N LYS D 887 -11.57 15.90 -24.95
CA LYS D 887 -11.64 15.39 -23.59
C LYS D 887 -11.31 13.91 -23.51
N LYS D 888 -11.81 13.15 -24.47
CA LYS D 888 -11.57 11.71 -24.53
C LYS D 888 -10.08 11.46 -24.66
N ILE D 889 -9.43 12.21 -25.55
CA ILE D 889 -8.00 12.09 -25.77
C ILE D 889 -7.20 12.52 -24.54
N ILE D 890 -7.68 13.56 -23.86
CA ILE D 890 -7.00 14.06 -22.67
C ILE D 890 -7.09 13.06 -21.52
N ALA D 891 -8.26 12.47 -21.33
CA ALA D 891 -8.45 11.49 -20.27
C ALA D 891 -7.55 10.27 -20.52
N GLU D 892 -7.51 9.86 -21.79
CA GLU D 892 -6.69 8.73 -22.22
C GLU D 892 -5.23 8.98 -21.86
N GLU D 893 -4.77 10.20 -22.13
CA GLU D 893 -3.38 10.58 -21.84
C GLU D 893 -3.10 10.53 -20.34
N LYS D 894 -4.09 10.90 -19.53
CA LYS D 894 -3.93 10.88 -18.08
C LYS D 894 -3.73 9.44 -17.61
N MET D 895 -4.52 8.53 -18.16
CA MET D 895 -4.42 7.11 -17.80
C MET D 895 -3.07 6.57 -18.24
N ARG D 896 -2.59 7.02 -19.39
CA ARG D 896 -1.31 6.56 -19.91
C ARG D 896 -0.18 7.03 -19.00
N LEU D 897 -0.25 8.29 -18.57
CA LEU D 897 0.77 8.85 -17.69
C LEU D 897 0.75 8.13 -16.34
N LYS D 898 -0.42 7.61 -15.97
CA LYS D 898 -0.58 6.90 -14.71
C LYS D 898 0.10 5.54 -14.75
N GLU D 899 -0.07 4.82 -15.84
CA GLU D 899 0.53 3.50 -15.99
C GLU D 899 2.04 3.59 -16.01
N GLN D 900 2.55 4.66 -16.62
CA GLN D 900 3.99 4.87 -16.67
C GLN D 900 4.54 5.03 -15.24
N ASN D 901 3.69 5.51 -14.35
CA ASN D 901 4.06 5.71 -12.94
C ASN D 901 5.27 6.63 -12.77
N ALA D 902 5.86 7.09 -13.87
CA ALA D 902 7.02 7.99 -13.80
C ALA D 902 6.93 9.02 -12.67
N ALA D 903 8.09 9.40 -12.12
CA ALA D 903 8.19 10.40 -11.07
C ALA D 903 8.48 11.75 -11.74
N PHE D 904 8.18 12.87 -11.07
CA PHE D 904 8.40 14.21 -11.62
C PHE D 904 9.70 14.84 -11.07
N PRO D 905 10.65 15.18 -11.98
CA PRO D 905 11.95 15.79 -11.73
C PRO D 905 11.75 17.20 -11.18
N PRO D 906 11.83 17.37 -9.87
CA PRO D 906 11.66 18.68 -9.25
C PRO D 906 12.73 19.69 -9.71
N LEU D 907 12.45 20.58 -10.66
CA LEU D 907 13.55 21.50 -11.02
C LEU D 907 13.72 22.51 -9.92
N GLU D 908 14.95 22.64 -9.43
CA GLU D 908 15.29 23.58 -8.37
C GLU D 908 15.09 25.01 -8.85
N ARG D 909 14.62 25.86 -7.94
CA ARG D 909 14.38 27.24 -8.30
C ARG D 909 15.65 28.06 -8.10
N LYS D 910 16.15 28.60 -9.20
CA LYS D 910 17.37 29.40 -9.20
C LYS D 910 17.11 30.82 -9.72
N PRO D 911 17.61 31.83 -9.00
CA PRO D 911 17.41 33.21 -9.42
C PRO D 911 18.23 33.54 -10.66
N PHE D 912 17.67 34.36 -11.54
CA PHE D 912 18.39 34.78 -12.73
C PHE D 912 19.28 35.93 -12.28
N ILE D 913 20.50 35.96 -12.79
CA ILE D 913 21.45 37.00 -12.41
C ILE D 913 21.76 37.92 -13.59
N PRO D 914 21.78 39.24 -13.36
CA PRO D 914 22.08 40.18 -14.44
C PRO D 914 23.43 39.82 -15.05
N LYS D 915 23.44 39.51 -16.35
CA LYS D 915 24.67 39.14 -17.04
C LYS D 915 25.25 40.31 -17.84
N LYS D 916 24.83 41.52 -17.47
CA LYS D 916 25.31 42.73 -18.11
C LYS D 916 24.79 43.90 -17.29
N PRO D 917 25.46 45.07 -17.39
CA PRO D 917 25.04 46.24 -16.63
C PRO D 917 23.59 46.66 -16.88
N ILE D 918 22.91 47.08 -15.82
CA ILE D 918 21.55 47.55 -15.93
C ILE D 918 21.65 48.93 -16.58
N PRO D 919 20.96 49.15 -17.69
CA PRO D 919 21.05 50.46 -18.33
C PRO D 919 20.46 51.61 -17.52
N ALA D 920 21.05 52.79 -17.67
CA ALA D 920 20.59 53.99 -16.99
C ALA D 920 19.70 54.71 -18.00
N ILE D 921 18.86 55.62 -17.53
CA ILE D 921 17.99 56.36 -18.43
C ILE D 921 18.78 56.91 -19.61
N LYS D 922 19.94 57.50 -19.31
CA LYS D 922 20.77 58.07 -20.36
C LYS D 922 21.21 57.05 -21.43
N ASP D 923 21.22 55.77 -21.07
CA ASP D 923 21.62 54.73 -21.99
C ASP D 923 20.50 54.32 -22.95
N VAL D 924 19.23 54.58 -22.60
CA VAL D 924 18.12 54.19 -23.46
C VAL D 924 17.55 55.34 -24.29
N ILE D 925 17.85 56.58 -23.92
CA ILE D 925 17.32 57.72 -24.66
C ILE D 925 17.69 57.71 -26.13
N GLY D 926 16.67 57.78 -26.98
CA GLY D 926 16.90 57.82 -28.43
C GLY D 926 17.29 56.52 -29.10
N LYS D 927 17.28 55.41 -28.37
CA LYS D 927 17.66 54.12 -28.94
C LYS D 927 16.70 53.57 -29.99
N ALA D 928 15.53 54.16 -30.12
CA ALA D 928 14.57 53.69 -31.11
C ALA D 928 14.75 54.41 -32.45
N LEU D 929 15.37 55.58 -32.42
CA LEU D 929 15.57 56.37 -33.63
C LEU D 929 16.25 55.60 -34.76
N GLN D 930 17.10 54.64 -34.41
CA GLN D 930 17.80 53.86 -35.41
C GLN D 930 16.86 53.11 -36.37
N TYR D 931 15.68 52.75 -35.89
CA TYR D 931 14.72 52.02 -36.71
C TYR D 931 13.82 52.92 -37.58
N LEU D 932 13.84 54.22 -37.31
CA LEU D 932 13.02 55.15 -38.07
C LEU D 932 13.73 55.65 -39.32
N GLY D 933 12.95 55.85 -40.39
CA GLY D 933 13.51 56.33 -41.62
C GLY D 933 12.42 56.68 -42.61
N THR D 934 12.81 56.82 -43.87
CA THR D 934 11.88 57.17 -44.94
C THR D 934 11.19 55.88 -45.39
N PHE D 935 10.13 56.01 -46.17
CA PHE D 935 9.44 54.83 -46.65
C PHE D 935 10.36 54.04 -47.59
N GLY D 936 11.18 54.77 -48.34
CA GLY D 936 12.10 54.15 -49.28
C GLY D 936 13.14 53.26 -48.62
N GLU D 937 13.46 53.54 -47.35
CA GLU D 937 14.45 52.74 -46.64
C GLU D 937 13.85 51.44 -46.13
N LEU D 938 12.57 51.23 -46.40
CA LEU D 938 11.88 50.01 -45.98
C LEU D 938 12.00 48.99 -47.11
N SER D 939 12.27 47.74 -46.76
CA SER D 939 12.40 46.68 -47.77
C SER D 939 11.07 46.15 -48.27
N ASN D 940 10.90 46.12 -49.60
CA ASN D 940 9.67 45.59 -50.17
C ASN D 940 9.88 44.17 -50.68
N ILE D 941 11.04 43.59 -50.38
CA ILE D 941 11.33 42.22 -50.78
C ILE D 941 11.17 41.27 -49.59
N GLU D 942 11.37 41.81 -48.38
CA GLU D 942 11.22 41.03 -47.17
C GLU D 942 9.76 41.12 -46.72
N GLN D 943 8.89 40.40 -47.44
CA GLN D 943 7.46 40.38 -47.18
C GLN D 943 7.09 39.33 -46.14
N VAL D 944 5.90 39.46 -45.55
CA VAL D 944 5.43 38.50 -44.56
C VAL D 944 4.01 38.07 -44.90
N VAL D 945 3.57 36.99 -44.26
CA VAL D 945 2.22 36.49 -44.44
C VAL D 945 1.77 36.11 -43.04
N ALA D 946 0.45 36.00 -42.86
CA ALA D 946 -0.11 35.67 -41.56
C ALA D 946 -0.23 34.17 -41.34
N VAL D 947 0.08 33.72 -40.12
CA VAL D 947 -0.03 32.32 -39.76
C VAL D 947 -0.81 32.24 -38.45
N ILE D 948 -1.84 31.41 -38.44
CA ILE D 948 -2.71 31.27 -37.28
C ILE D 948 -2.47 30.01 -36.47
N ASP D 949 -2.44 30.17 -35.14
CA ASP D 949 -2.27 29.05 -34.22
C ASP D 949 -3.68 28.57 -33.89
N GLU D 950 -4.09 27.48 -34.55
CA GLU D 950 -5.42 26.93 -34.33
C GLU D 950 -5.75 26.57 -32.88
N GLU D 951 -4.73 26.33 -32.07
CA GLU D 951 -4.95 25.97 -30.67
C GLU D 951 -5.39 27.17 -29.81
N MET D 952 -5.08 28.37 -30.27
CA MET D 952 -5.43 29.59 -29.53
C MET D 952 -6.70 30.25 -30.05
N CYS D 953 -7.09 29.90 -31.27
CA CYS D 953 -8.26 30.48 -31.92
C CYS D 953 -9.57 30.26 -31.18
N ILE D 954 -10.46 31.26 -31.20
CA ILE D 954 -11.75 31.11 -30.55
C ILE D 954 -12.90 31.16 -31.57
N ASN D 955 -12.54 30.86 -32.82
CA ASN D 955 -13.47 30.72 -33.92
C ASN D 955 -14.48 31.82 -34.26
N CYS D 956 -14.15 33.08 -33.97
CA CYS D 956 -15.07 34.18 -34.23
C CYS D 956 -15.13 34.59 -35.71
N GLY D 957 -14.08 34.29 -36.46
CA GLY D 957 -14.05 34.64 -37.86
C GLY D 957 -13.82 36.11 -38.19
N LYS D 958 -13.26 36.87 -37.25
CA LYS D 958 -13.00 38.29 -37.51
C LYS D 958 -11.88 38.46 -38.53
N CYS D 959 -10.85 37.60 -38.43
CA CYS D 959 -9.74 37.67 -39.37
C CYS D 959 -10.31 37.47 -40.77
N TYR D 960 -11.22 36.51 -40.89
CA TYR D 960 -11.90 36.17 -42.14
C TYR D 960 -12.69 37.36 -42.68
N MET D 961 -13.48 38.00 -41.83
CA MET D 961 -14.28 39.15 -42.25
C MET D 961 -13.48 40.38 -42.63
N THR D 962 -12.37 40.65 -41.94
CA THR D 962 -11.59 41.83 -42.31
C THR D 962 -10.87 41.58 -43.62
N CYS D 963 -10.41 40.36 -43.83
CA CYS D 963 -9.72 40.06 -45.08
C CYS D 963 -10.71 40.06 -46.24
N ASN D 964 -11.96 39.72 -45.97
CA ASN D 964 -12.98 39.69 -47.00
C ASN D 964 -13.45 41.06 -47.47
N ASP D 965 -13.81 41.93 -46.53
CA ASP D 965 -14.30 43.25 -46.90
C ASP D 965 -13.27 44.37 -46.73
N SER D 966 -12.06 44.03 -46.31
CA SER D 966 -11.01 45.05 -46.15
C SER D 966 -9.66 44.49 -46.57
N GLY D 967 -9.65 43.32 -47.18
CA GLY D 967 -8.38 42.72 -47.56
C GLY D 967 -8.28 42.03 -48.91
N TYR D 968 -7.81 40.80 -48.89
CA TYR D 968 -7.60 40.07 -50.14
C TYR D 968 -8.31 38.73 -50.26
N GLN D 969 -9.37 38.53 -49.47
CA GLN D 969 -10.14 37.29 -49.51
C GLN D 969 -9.18 36.10 -49.51
N ALA D 970 -8.18 36.15 -48.65
CA ALA D 970 -7.17 35.11 -48.59
C ALA D 970 -7.33 34.08 -47.47
N ILE D 971 -8.41 34.18 -46.71
CA ILE D 971 -8.62 33.25 -45.62
C ILE D 971 -9.82 32.33 -45.82
N GLN D 972 -9.60 31.04 -45.58
CA GLN D 972 -10.68 30.05 -45.68
C GLN D 972 -11.21 29.88 -44.26
N PHE D 973 -12.53 29.87 -44.12
CA PHE D 973 -13.14 29.72 -42.81
C PHE D 973 -14.00 28.46 -42.89
N ASP D 974 -13.53 27.37 -42.26
CA ASP D 974 -14.25 26.11 -42.29
C ASP D 974 -15.67 26.22 -41.73
N PRO D 975 -16.66 25.77 -42.50
CA PRO D 975 -18.07 25.82 -42.08
C PRO D 975 -18.46 24.87 -40.95
N GLU D 976 -17.63 23.86 -40.66
CA GLU D 976 -17.95 22.91 -39.59
C GLU D 976 -17.15 23.14 -38.32
N THR D 977 -15.88 23.47 -38.46
CA THR D 977 -15.02 23.69 -37.30
C THR D 977 -14.83 25.17 -36.95
N HIS D 978 -15.18 26.05 -37.89
CA HIS D 978 -15.02 27.49 -37.70
C HIS D 978 -13.57 27.83 -37.40
N LEU D 979 -12.66 27.11 -38.07
CA LEU D 979 -11.23 27.34 -37.92
C LEU D 979 -10.76 28.02 -39.19
N PRO D 980 -10.00 29.10 -39.05
CA PRO D 980 -9.51 29.81 -40.23
C PRO D 980 -8.16 29.30 -40.71
N THR D 981 -7.90 29.45 -42.01
CA THR D 981 -6.63 29.05 -42.58
C THR D 981 -6.20 30.11 -43.59
N VAL D 982 -5.02 30.69 -43.36
CA VAL D 982 -4.48 31.70 -44.25
C VAL D 982 -3.94 31.02 -45.51
N THR D 983 -4.42 31.42 -46.68
CA THR D 983 -3.94 30.81 -47.92
C THR D 983 -2.78 31.59 -48.51
N ASP D 984 -2.29 31.11 -49.64
CA ASP D 984 -1.15 31.71 -50.33
C ASP D 984 -1.39 33.08 -50.96
N THR D 985 -2.66 33.50 -51.05
CA THR D 985 -2.97 34.80 -51.64
C THR D 985 -2.79 35.95 -50.64
N CYS D 986 -2.37 35.59 -49.43
CA CYS D 986 -2.12 36.57 -48.37
C CYS D 986 -1.04 37.56 -48.80
N THR D 987 -1.24 38.84 -48.51
CA THR D 987 -0.26 39.86 -48.89
C THR D 987 0.50 40.41 -47.69
N GLY D 988 0.11 39.94 -46.50
CA GLY D 988 0.76 40.40 -45.28
C GLY D 988 0.37 41.81 -44.83
N CYS D 989 -0.77 42.31 -45.30
CA CYS D 989 -1.21 43.64 -44.90
C CYS D 989 -1.25 43.74 -43.38
N THR D 990 -1.53 42.61 -42.72
CA THR D 990 -1.56 42.50 -41.26
C THR D 990 -2.86 42.92 -40.54
N LEU D 991 -3.93 43.18 -41.30
CA LEU D 991 -5.21 43.55 -40.70
C LEU D 991 -5.81 42.44 -39.83
N CYS D 992 -5.74 41.19 -40.30
CA CYS D 992 -6.32 40.09 -39.51
C CYS D 992 -5.71 40.01 -38.11
N LEU D 993 -4.39 40.12 -38.04
CA LEU D 993 -3.69 40.06 -36.75
C LEU D 993 -4.12 41.25 -35.90
N SER D 994 -4.40 42.38 -36.54
CA SER D 994 -4.79 43.58 -35.85
C SER D 994 -6.19 43.57 -35.23
N VAL D 995 -7.08 42.72 -35.74
CA VAL D 995 -8.44 42.65 -35.22
C VAL D 995 -8.70 41.40 -34.39
N CYS D 996 -7.74 40.48 -34.39
CA CYS D 996 -7.89 39.23 -33.63
C CYS D 996 -8.03 39.52 -32.15
N PRO D 997 -9.03 38.91 -31.49
CA PRO D 997 -9.29 39.11 -30.06
C PRO D 997 -8.27 38.41 -29.14
N ILE D 998 -7.58 37.40 -29.67
CA ILE D 998 -6.60 36.66 -28.89
C ILE D 998 -5.17 37.12 -29.20
N ILE D 999 -4.51 37.67 -28.18
CA ILE D 999 -3.16 38.16 -28.34
C ILE D 999 -2.22 37.05 -28.82
N ASP D 1000 -1.52 37.32 -29.93
CA ASP D 1000 -0.56 36.39 -30.51
C ASP D 1000 -1.13 35.10 -31.10
N CYS D 1001 -2.44 35.08 -31.33
CA CYS D 1001 -3.05 33.92 -31.94
C CYS D 1001 -2.52 33.89 -33.37
N ILE D 1002 -2.44 35.08 -33.96
CA ILE D 1002 -1.94 35.24 -35.32
C ILE D 1002 -0.59 35.95 -35.26
N ARG D 1003 0.36 35.48 -36.05
CA ARG D 1003 1.70 36.07 -36.11
C ARG D 1003 2.09 36.26 -37.56
N MET D 1004 2.95 37.24 -37.81
CA MET D 1004 3.42 37.51 -39.16
C MET D 1004 4.78 36.81 -39.31
N VAL D 1005 4.90 35.95 -40.32
CA VAL D 1005 6.17 35.26 -40.56
C VAL D 1005 6.69 35.53 -41.97
N SER D 1006 8.00 35.41 -42.15
CA SER D 1006 8.62 35.64 -43.45
C SER D 1006 7.96 34.81 -44.52
N ARG D 1007 7.71 35.43 -45.67
CA ARG D 1007 7.09 34.74 -46.79
C ARG D 1007 8.16 33.81 -47.38
N THR D 1008 7.77 32.58 -47.71
CA THR D 1008 8.73 31.63 -48.28
C THR D 1008 8.53 31.52 -49.79
N THR D 1009 7.36 31.94 -50.26
CA THR D 1009 7.04 31.93 -51.69
C THR D 1009 7.33 33.30 -52.27
N PRO D 1010 7.63 33.36 -53.58
CA PRO D 1010 7.92 34.66 -54.20
C PRO D 1010 6.70 35.59 -54.19
N TYR D 1011 6.92 36.82 -53.70
CA TYR D 1011 5.86 37.81 -53.63
C TYR D 1011 5.68 38.51 -54.96
N GLU D 1012 4.42 38.65 -55.35
CA GLU D 1012 4.11 39.28 -56.61
C GLU D 1012 2.84 40.10 -56.43
N PRO D 1013 2.96 41.44 -56.57
CA PRO D 1013 1.85 42.38 -56.42
C PRO D 1013 0.74 42.10 -57.44
N LYS D 1014 -0.52 42.21 -57.01
CA LYS D 1014 -1.64 41.98 -57.89
C LYS D 1014 -1.95 43.31 -58.60
N ARG D 1015 -1.76 43.33 -59.91
CA ARG D 1015 -1.99 44.54 -60.72
C ARG D 1015 -3.41 44.66 -61.28
N GLY D 1016 -4.19 43.59 -61.20
CA GLY D 1016 -5.55 43.61 -61.72
C GLY D 1016 -5.50 43.35 -63.21
N LEU D 1017 -4.71 44.15 -63.91
CA LEU D 1017 -4.50 44.04 -65.35
C LEU D 1017 -3.01 44.24 -65.58
N PRO D 1018 -2.42 43.44 -66.49
CA PRO D 1018 -0.99 43.55 -66.80
C PRO D 1018 -0.57 44.97 -67.22
N LEU D 1019 0.72 45.26 -67.06
CA LEU D 1019 1.28 46.56 -67.44
C LEU D 1019 1.81 46.48 -68.87
N ALA D 1020 1.93 47.63 -69.52
CA ALA D 1020 2.43 47.67 -70.89
C ALA D 1020 3.89 48.12 -70.90
FE1 SF4 E . 3.90 -59.88 10.00
FE2 SF4 E . 5.83 -59.15 11.97
FE3 SF4 E . 3.07 -58.09 12.13
FE4 SF4 E . 3.69 -60.83 12.61
S1 SF4 E . 4.27 -58.97 14.06
S2 SF4 E . 1.69 -59.85 11.24
S3 SF4 E . 5.31 -61.57 11.03
S4 SF4 E . 4.62 -57.41 10.23
FE1 SF4 F . 13.11 -52.13 9.77
FE2 SF4 F . 10.90 -52.53 8.07
FE3 SF4 F . 11.21 -49.97 9.51
FE4 SF4 F . 12.92 -50.73 7.38
S1 SF4 F . 10.60 -50.11 7.16
S2 SF4 F . 13.60 -49.68 9.65
S3 SF4 F . 13.43 -53.05 7.55
S4 SF4 F . 10.71 -52.13 10.75
FE1 SF4 G . 8.49 -35.81 34.39
FE2 SF4 G . 9.71 -34.51 36.61
FE3 SF4 G . 8.93 -37.36 36.80
FE4 SF4 G . 11.09 -36.48 35.16
S1 SF4 G . 11.09 -36.51 37.58
S2 SF4 G . 9.24 -38.21 34.57
S3 SF4 G . 10.46 -34.45 34.08
S4 SF4 G . 7.16 -35.50 36.59
FE1 SF4 H . 8.20 -24.51 38.15
FE2 SF4 H . 6.65 -26.18 36.47
FE3 SF4 H . 5.33 -24.21 38.25
FE4 SF4 H . 6.84 -23.44 35.97
S1 SF4 H . 4.68 -24.52 35.91
S2 SF4 H . 6.85 -22.38 38.34
S3 SF4 H . 8.79 -24.82 35.82
S4 SF4 H . 6.61 -26.21 39.23
N1 FMN I . 8.21 -22.79 -4.22
C2 FMN I . 7.77 -22.18 -5.37
O2 FMN I . 6.84 -21.42 -5.39
N3 FMN I . 8.49 -22.50 -6.53
C4 FMN I . 9.59 -23.38 -6.66
O4 FMN I . 10.15 -23.60 -7.75
C4A FMN I . 9.94 -23.97 -5.35
N5 FMN I . 11.01 -24.88 -5.36
C5A FMN I . 11.41 -25.52 -4.18
C6 FMN I . 12.47 -26.41 -4.26
C7 FMN I . 12.86 -27.09 -3.07
C7M FMN I . 14.06 -28.14 -3.08
C8 FMN I . 12.19 -26.82 -1.82
C8M FMN I . 12.59 -27.55 -0.53
C9 FMN I . 11.14 -25.91 -1.77
C9A FMN I . 10.73 -25.25 -2.93
N10 FMN I . 9.62 -24.29 -2.93
C10 FMN I . 9.24 -23.69 -4.11
C1' FMN I . 8.91 -23.98 -1.78
C2' FMN I . 7.72 -24.95 -1.59
O2' FMN I . 6.72 -24.95 -2.60
C3' FMN I . 7.08 -24.89 -0.18
O3' FMN I . 6.43 -23.59 -0.24
C4' FMN I . 8.16 -25.03 0.96
O4' FMN I . 9.11 -26.07 0.88
C5' FMN I . 7.41 -24.99 2.29
O5' FMN I . 6.64 -26.26 2.36
P FMN I . 7.08 -27.63 3.10
O1P FMN I . 8.36 -28.03 2.40
O2P FMN I . 7.27 -27.21 4.54
O3P FMN I . 6.00 -28.62 2.95
PA FAD J . -5.95 -74.04 16.13
O1A FAD J . -5.22 -75.33 16.23
O2A FAD J . -5.47 -72.77 16.18
O5B FAD J . -7.35 -74.19 15.60
C5B FAD J . -8.07 -75.46 15.44
C4B FAD J . -9.57 -75.22 15.86
O4B FAD J . -10.33 -76.44 15.41
C3B FAD J . -9.86 -75.11 17.40
O3B FAD J . -10.78 -74.10 17.70
C2B FAD J . -10.31 -76.55 17.75
O2B FAD J . -11.06 -76.62 18.94
C1B FAD J . -11.13 -76.93 16.55
N9A FAD J . -11.27 -78.35 16.26
C8A FAD J . -10.38 -79.36 16.57
N7A FAD J . -10.81 -80.56 16.18
C5A FAD J . -12.02 -80.32 15.57
C6A FAD J . -12.98 -81.23 14.93
N6A FAD J . -12.80 -82.52 14.83
N1A FAD J . -14.12 -80.62 14.41
C2A FAD J . -14.33 -79.25 14.49
N3A FAD J . -13.49 -78.35 15.08
C4A FAD J . -12.35 -78.93 15.59
N1 FAD J . 2.07 -69.04 17.43
C2 FAD J . 2.53 -67.80 17.40
O2 FAD J . 2.66 -67.20 16.36
N3 FAD J . 2.95 -67.11 18.59
C4 FAD J . 2.82 -67.70 19.85
O4 FAD J . 3.19 -67.10 20.83
C4X FAD J . 2.25 -69.05 19.91
N5 FAD J . 2.10 -69.70 21.11
C5X FAD J . 1.62 -71.00 21.12
C6 FAD J . 1.47 -71.66 22.39
C7 FAD J . 1.01 -72.98 22.47
C7M FAD J . 0.88 -73.62 23.83
C8 FAD J . 0.65 -73.71 21.24
C8M FAD J . 0.15 -75.15 21.27
C9 FAD J . 0.79 -73.07 19.99
C9A FAD J . 1.26 -71.72 19.91
N10 FAD J . 1.43 -70.98 18.65
C10 FAD J . 1.91 -69.71 18.63
C1' FAD J . 1.08 -71.66 17.37
C2' FAD J . -0.31 -71.15 16.90
O2' FAD J . -1.17 -71.12 18.05
C3' FAD J . -0.86 -72.11 15.86
O3' FAD J . 0.09 -72.14 14.77
C4' FAD J . -2.22 -71.63 15.33
O4' FAD J . -3.15 -71.39 16.40
C5' FAD J . -2.72 -72.65 14.36
O5' FAD J . -4.09 -72.17 13.82
P FAD J . -5.15 -73.16 13.39
O1P FAD J . -6.39 -72.36 13.05
O2P FAD J . -4.67 -73.98 12.37
O3P FAD J . -5.45 -74.09 14.52
PA NDP K . 7.85 -78.88 19.01
O1A NDP K . 8.69 -77.84 18.47
O2A NDP K . 7.29 -80.02 18.20
O5B NDP K . 8.71 -79.48 20.28
C5B NDP K . 8.31 -80.60 21.05
C4B NDP K . 9.49 -80.73 22.01
O4B NDP K . 9.26 -81.93 22.82
C3B NDP K . 10.88 -80.84 21.41
O3B NDP K . 11.82 -80.07 22.18
C2B NDP K . 11.22 -82.29 21.48
O2B NDP K . 12.60 -82.71 21.49
C1B NDP K . 10.46 -82.69 22.70
N9A NDP K . 10.21 -84.16 22.66
C8A NDP K . 9.37 -84.89 21.79
N7A NDP K . 9.41 -86.18 22.07
C5A NDP K . 10.27 -86.32 23.13
C6A NDP K . 10.72 -87.42 23.88
N6A NDP K . 10.30 -88.65 23.60
N1A NDP K . 11.59 -87.21 24.90
C2A NDP K . 12.02 -85.96 25.19
N3A NDP K . 11.65 -84.85 24.53
C4A NDP K . 10.76 -85.10 23.50
O3 NDP K . 6.57 -78.11 19.48
PN NDP K . 5.59 -77.65 20.62
O1N NDP K . 6.41 -76.93 21.60
O2N NDP K . 4.88 -78.88 21.03
O5D NDP K . 4.59 -76.78 19.69
C5D NDP K . 4.06 -77.31 18.40
C4D NDP K . 4.17 -76.24 17.25
O4D NDP K . 3.82 -74.96 17.75
C3D NDP K . 5.61 -76.08 16.71
O3D NDP K . 5.60 -76.08 15.28
C2D NDP K . 6.11 -74.80 17.30
O2D NDP K . 7.12 -74.22 16.48
C1D NDP K . 4.78 -73.97 17.35
N1N NDP K . 4.87 -72.95 18.41
C2N NDP K . 5.31 -71.68 17.98
C3N NDP K . 5.44 -70.67 19.01
C7N NDP K . 5.90 -69.33 18.64
O7N NDP K . 5.90 -68.90 17.46
N7N NDP K . 6.33 -68.48 19.60
C4N NDP K . 5.11 -70.99 20.33
C5N NDP K . 4.68 -72.24 20.71
C6N NDP K . 4.55 -73.22 19.76
P2B NDP K . 13.65 -82.48 20.36
O1X NDP K . 14.85 -83.11 20.90
O2X NDP K . 13.81 -81.02 20.13
O3X NDP K . 13.17 -83.17 19.09
N1 IDH L . 13.26 -22.03 -3.83
C2 IDH L . 12.28 -21.78 -2.93
O2 IDH L . 12.44 -22.19 -1.68
N3 IDH L . 11.19 -21.07 -3.31
C4 IDH L . 11.08 -20.43 -4.51
O4 IDH L . 9.98 -19.83 -4.86
C5 IDH L . 12.33 -20.40 -5.43
C6 IDH L . 13.25 -21.64 -5.27
FE1 SF4 M . 31.16 -45.88 36.11
FE2 SF4 M . 29.31 -47.13 34.33
FE3 SF4 M . 31.63 -45.63 33.26
FE4 SF4 M . 31.92 -48.11 34.65
S1 SF4 M . 31.00 -47.81 32.43
S2 SF4 M . 33.38 -45.96 34.89
S3 SF4 M . 30.44 -48.16 36.51
S4 SF4 M . 29.76 -44.42 34.52
FE1 SF4 N . 20.00 -42.96 32.63
FE2 SF4 N . 22.07 -41.55 33.97
FE3 SF4 N . 21.11 -40.62 31.31
FE4 SF4 N . 19.52 -40.42 33.67
S1 SF4 N . 21.50 -39.12 33.20
S2 SF4 N . 18.78 -41.21 31.29
S3 SF4 N . 19.75 -42.38 34.98
S4 SF4 N . 22.36 -42.83 31.60
FE1 SF4 O . 21.97 -44.33 2.81
FE2 SF4 O . 20.63 -45.07 0.41
FE3 SF4 O . 22.30 -47.04 1.88
FE4 SF4 O . 19.81 -46.09 2.90
S1 SF4 O . 20.09 -47.56 0.98
S2 SF4 O . 22.05 -46.45 4.17
S3 SF4 O . 19.62 -43.74 2.45
S4 SF4 O . 23.35 -44.99 0.74
FE1 SF4 P . 19.18 -38.21 -7.03
FE2 SF4 P . 21.02 -37.91 -4.86
FE3 SF4 P . 21.81 -37.15 -7.61
FE4 SF4 P . 19.87 -35.69 -6.10
S1 SF4 P . 22.27 -35.75 -5.66
S2 SF4 P . 19.81 -36.35 -8.63
S3 SF4 P . 18.47 -37.21 -4.93
S4 SF4 P . 21.36 -39.60 -7.01
N1 FMN Q . 14.01 -11.39 25.49
C2 FMN Q . 14.09 -10.12 25.97
O2 FMN Q . 14.72 -9.24 25.43
N3 FMN Q . 13.38 -9.90 27.16
C4 FMN Q . 12.61 -10.80 27.91
O4 FMN Q . 12.03 -10.49 28.96
C4A FMN Q . 12.62 -12.13 27.26
N5 FMN Q . 11.89 -13.12 27.94
C5A FMN Q . 11.84 -14.42 27.44
C6 FMN Q . 11.11 -15.35 28.15
C7 FMN Q . 11.08 -16.69 27.66
C7M FMN Q . 10.27 -17.82 28.44
C8 FMN Q . 11.80 -17.05 26.45
C8M FMN Q . 11.78 -18.49 25.91
C9 FMN Q . 12.50 -16.09 25.74
C9A FMN Q . 12.55 -14.77 26.21
N10 FMN Q . 13.30 -13.72 25.51
C10 FMN Q . 13.32 -12.44 26.04
C1' FMN Q . 14.00 -13.95 24.34
C2' FMN Q . 15.46 -14.40 24.65
O2' FMN Q . 16.30 -13.48 25.32
C3' FMN Q . 16.19 -15.01 23.44
O3' FMN Q . 16.41 -13.83 22.67
C4' FMN Q . 15.31 -16.11 22.72
O4' FMN Q . 14.71 -17.11 23.49
C5' FMN Q . 16.17 -16.65 21.57
O5' FMN Q . 17.29 -17.41 22.18
P FMN Q . 17.36 -19.00 22.49
O1P FMN Q . 16.22 -19.26 23.45
O2P FMN Q . 17.16 -19.62 21.13
O3P FMN Q . 18.67 -19.32 23.07
PA FAD R . 45.48 -56.92 38.82
O1A FAD R . 45.17 -58.16 39.58
O2A FAD R . 44.67 -56.15 38.07
O5B FAD R . 46.81 -56.30 39.21
C5B FAD R . 47.87 -56.95 39.98
C4B FAD R . 49.25 -56.53 39.35
O4B FAD R . 50.31 -56.91 40.35
C3B FAD R . 49.66 -57.26 38.02
O3B FAD R . 50.27 -56.39 37.10
C2B FAD R . 50.57 -58.40 38.57
O2B FAD R . 51.43 -58.95 37.58
C1B FAD R . 51.32 -57.70 39.66
N9A FAD R . 51.86 -58.53 40.73
C8A FAD R . 51.38 -59.75 41.20
N7A FAD R . 52.09 -60.24 42.18
C5A FAD R . 53.10 -59.33 42.39
C6A FAD R . 54.22 -59.29 43.34
N6A FAD R . 54.44 -60.25 44.22
N1A FAD R . 55.06 -58.18 43.24
C2A FAD R . 54.84 -57.17 42.31
N3A FAD R . 53.83 -57.12 41.41
C4A FAD R . 52.99 -58.23 41.48
N1 FAD R . 36.51 -56.54 35.61
C2 FAD R . 35.69 -55.74 34.93
O2 FAD R . 35.26 -54.72 35.40
N3 FAD R . 35.21 -56.09 33.63
C4 FAD R . 35.65 -57.24 32.97
O4 FAD R . 35.21 -57.51 31.86
C4X FAD R . 36.62 -58.09 33.68
N5 FAD R . 37.10 -59.25 33.09
C5X FAD R . 37.96 -60.05 33.83
C6 FAD R . 38.44 -61.27 33.22
C7 FAD R . 39.28 -62.15 33.90
C7M FAD R . 39.74 -63.40 33.20
C8 FAD R . 39.69 -61.84 35.29
C8M FAD R . 40.59 -62.75 36.09
C9 FAD R . 39.23 -60.64 35.91
C9A FAD R . 38.37 -59.75 35.19
N10 FAD R . 37.85 -58.50 35.76
C10 FAD R . 37.00 -57.69 35.04
C1' FAD R . 38.24 -58.12 37.14
C2' FAD R . 39.33 -57.02 37.08
O2' FAD R . 40.27 -57.40 36.07
C3' FAD R . 40.03 -56.93 38.43
O3' FAD R . 39.05 -56.56 39.41
C4' FAD R . 41.13 -55.86 38.39
O4' FAD R . 42.07 -56.08 37.30
C5' FAD R . 41.84 -55.86 39.71
O5' FAD R . 42.90 -54.75 39.71
P FAD R . 44.15 -54.89 40.56
O1P FAD R . 45.02 -53.68 40.22
O2P FAD R . 43.83 -55.06 41.89
O3P FAD R . 44.87 -56.15 40.18
PA NDP S . 34.22 -66.51 40.98
O1A NDP S . 33.05 -65.69 40.85
O2A NDP S . 34.98 -66.67 42.26
O5B NDP S . 33.73 -67.98 40.43
C5B NDP S . 34.55 -69.14 40.46
C4B NDP S . 33.57 -70.19 39.89
O4B NDP S . 34.25 -71.47 39.94
C3B NDP S . 32.24 -70.35 40.57
O3B NDP S . 31.21 -70.57 39.58
C2B NDP S . 32.37 -71.56 41.42
O2B NDP S . 31.21 -72.30 41.83
C1B NDP S . 33.34 -72.35 40.62
N9A NDP S . 34.05 -73.32 41.49
C8A NDP S . 34.97 -73.09 42.53
N7A NDP S . 35.37 -74.22 43.08
C5A NDP S . 34.72 -75.22 42.40
C6A NDP S . 34.71 -76.63 42.51
N6A NDP S . 35.48 -77.24 43.41
N1A NDP S . 33.94 -77.35 41.67
C2A NDP S . 33.17 -76.72 40.75
N3A NDP S . 33.09 -75.40 40.57
C4A NDP S . 33.90 -74.70 41.44
O3 NDP S . 35.23 -65.83 39.99
PN NDP S . 36.14 -65.88 38.69
O1N NDP S . 35.25 -66.20 37.57
O2N NDP S . 37.29 -66.77 39.02
O5D NDP S . 36.70 -64.36 38.79
C5D NDP S . 37.27 -63.81 40.05
C4D NDP S . 36.72 -62.36 40.34
O4D NDP S . 36.71 -61.64 39.13
C3D NDP S . 35.26 -62.37 40.83
O3D NDP S . 35.12 -61.49 41.95
C2D NDP S . 34.44 -61.95 39.63
O2D NDP S . 33.22 -61.34 40.04
C1D NDP S . 35.46 -60.97 38.93
N1N NDP S . 35.17 -60.88 37.49
C2N NDP S . 34.30 -59.83 37.12
C3N NDP S . 33.99 -59.73 35.71
C7N NDP S . 33.10 -58.66 35.24
O7N NDP S . 32.84 -57.64 35.91
N7N NDP S . 32.53 -58.76 34.01
C4N NDP S . 34.55 -60.66 34.83
C5N NDP S . 35.39 -61.67 35.22
C6N NDP S . 35.70 -61.79 36.55
P2B NDP S . 30.02 -71.77 42.70
O1X NDP S . 29.11 -72.92 42.76
O2X NDP S . 29.41 -70.58 42.05
O3X NDP S . 30.55 -71.42 44.09
N1 IDH T . 9.02 -13.30 25.01
C2 IDH T . 9.98 -13.20 24.04
O2 IDH T . 10.31 -14.18 23.41
N3 IDH T . 10.57 -12.02 23.80
C4 IDH T . 10.50 -11.02 24.73
O4 IDH T . 10.99 -9.97 24.51
C5 IDH T . 9.80 -11.22 26.05
C6 IDH T . 8.59 -12.14 25.84
I5 IDH T . 9.04 -9.31 26.78
FE1 SF4 U . -32.84 33.45 -30.00
FE2 SF4 U . -31.16 33.73 -27.70
FE3 SF4 U . -32.91 35.96 -28.55
FE4 SF4 U . -33.93 33.53 -27.45
S1 SF4 U . -32.70 35.24 -26.24
S2 SF4 U . -34.86 34.89 -29.49
S3 SF4 U . -32.76 31.67 -28.35
S4 SF4 U . -30.94 35.23 -30.01
FE1 SF4 V . -20.99 35.32 -28.84
FE2 SF4 V . -22.80 35.53 -31.02
FE3 SF4 V . -21.36 37.93 -30.01
FE4 SF4 V . -20.04 35.83 -31.41
S1 SF4 V . -21.60 37.40 -32.38
S2 SF4 V . -19.24 37.08 -29.27
S3 SF4 V . -20.87 33.73 -30.70
S4 SF4 V . -23.13 36.76 -28.59
FE1 SF4 W . -19.85 58.42 -9.90
FE2 SF4 W . -18.51 59.58 -7.65
FE3 SF4 W . -20.73 57.66 -7.24
FE4 SF4 W . -18.20 56.85 -8.29
S1 SF4 W . -18.63 57.55 -6.00
S2 SF4 W . -20.57 56.13 -9.08
S3 SF4 W . -17.42 58.49 -9.83
S4 SF4 W . -21.16 59.96 -8.28
FE1 SF4 X . -14.64 69.00 -8.35
FE2 SF4 X . -16.60 67.91 -10.13
FE3 SF4 X . -16.87 70.68 -9.11
FE4 SF4 X . -14.86 69.92 -10.97
S1 SF4 X . -17.22 70.09 -11.45
S2 SF4 X . -14.63 71.47 -8.88
S3 SF4 X . -13.96 67.79 -10.35
S4 SF4 X . -17.06 68.70 -7.50
N1 FMN Y . -6.91 57.54 -48.51
C2 FMN Y . -6.73 57.92 -49.80
O2 FMN Y . -7.06 59.00 -50.22
N3 FMN Y . -6.11 56.96 -50.62
C4 FMN Y . -5.68 55.66 -50.27
O4 FMN Y . -5.15 54.88 -51.08
C4A FMN Y . -5.93 55.39 -48.84
N5 FMN Y . -5.53 54.13 -48.39
C5A FMN Y . -5.75 53.76 -47.06
C6 FMN Y . -5.34 52.49 -46.66
C7 FMN Y . -5.57 52.10 -45.31
C7M FMN Y . -5.15 50.66 -44.80
C8 FMN Y . -6.21 53.02 -44.39
C8M FMN Y . -6.46 52.61 -42.93
C9 FMN Y . -6.59 54.28 -44.80
C9A FMN Y . -6.38 54.68 -46.12
N10 FMN Y . -6.77 56.00 -46.61
C10 FMN Y . -6.56 56.34 -47.94
C1' FMN Y . -7.38 56.95 -45.79
C2' FMN Y . -8.94 56.82 -45.82
O2' FMN Y . -9.62 57.04 -47.03
C3' FMN Y . -9.64 57.60 -44.68
O3' FMN Y . -9.46 58.94 -45.18
C4' FMN Y . -8.97 57.33 -43.28
O4' FMN Y . -8.73 55.98 -42.90
C5' FMN Y . -9.77 58.11 -42.25
O5' FMN Y . -11.10 57.45 -42.16
P FMN Y . -11.57 56.31 -41.12
O1P FMN Y . -10.62 55.16 -41.37
O2P FMN Y . -11.40 56.97 -39.78
O3P FMN Y . -12.99 55.96 -41.39
PA FAD Z . -49.68 28.47 -24.75
O1A FAD Z . -49.78 27.09 -24.16
O2A FAD Z . -48.60 29.29 -24.80
O5B FAD Z . -50.82 28.82 -25.65
C5B FAD Z . -52.10 28.10 -25.76
C4B FAD Z . -53.26 29.16 -25.84
O4B FAD Z . -54.47 28.40 -26.28
C3B FAD Z . -53.68 29.85 -24.49
O3B FAD Z . -53.94 31.21 -24.65
C2B FAD Z . -54.90 28.98 -24.06
O2B FAD Z . -55.75 29.63 -23.14
C1B FAD Z . -55.58 28.72 -25.36
N9A FAD Z . -56.43 27.53 -25.43
C8A FAD Z . -56.31 26.35 -24.69
N7A FAD Z . -57.24 25.46 -24.98
C5A FAD Z . -58.01 26.06 -25.96
C6A FAD Z . -59.21 25.60 -26.69
N6A FAD Z . -59.76 24.42 -26.52
N1A FAD Z . -59.72 26.50 -27.62
C2A FAD Z . -59.16 27.75 -27.83
N3A FAD Z . -58.07 28.25 -27.19
C4A FAD Z . -57.53 27.37 -26.26
N1 FAD Z . -40.55 29.09 -21.98
C2 FAD Z . -39.47 29.87 -22.09
O2 FAD Z . -38.86 29.97 -23.13
N3 FAD Z . -38.96 30.60 -20.97
C4 FAD Z . -39.59 30.56 -19.71
O4 FAD Z . -39.11 31.20 -18.80
C4X FAD Z . -40.80 29.74 -19.60
N5 FAD Z . -41.48 29.65 -18.41
C5X FAD Z . -42.59 28.81 -18.32
C6 FAD Z . -43.27 28.72 -17.06
C7 FAD Z . -44.38 27.90 -16.89
C7M FAD Z . -45.06 27.84 -15.56
C8 FAD Z . -44.88 27.10 -18.03
C8M FAD Z . -46.08 26.19 -17.92
C9 FAD Z . -44.23 27.18 -19.29
C9A FAD Z . -43.08 28.03 -19.45
N10 FAD Z . -42.32 28.16 -20.70
C10 FAD Z . -41.23 28.98 -20.79
C1' FAD Z . -42.77 27.40 -21.89
C2' FAD Z . -43.55 28.35 -22.85
O2' FAD Z . -44.41 29.18 -22.04
C3' FAD Z . -44.37 27.50 -23.81
O3' FAD Z . -43.45 26.67 -24.55
C4' FAD Z . -45.14 28.40 -24.79
O4' FAD Z . -45.96 29.35 -24.11
C5' FAD Z . -45.97 27.51 -25.66
O5' FAD Z . -46.77 28.40 -26.67
P FAD Z . -48.10 27.92 -27.21
O1P FAD Z . -48.64 29.08 -28.07
O2P FAD Z . -47.99 26.70 -27.85
O3P FAD Z . -49.04 27.67 -26.08
PA NDP AA . -41.36 18.67 -17.11
O1A NDP AA . -40.01 18.94 -17.53
O2A NDP AA . -42.30 17.77 -17.86
O5B NDP AA . -41.21 18.15 -15.55
C5B NDP AA . -42.29 17.67 -14.76
C4B NDP AA . -41.53 17.28 -13.48
O4B NDP AA . -42.49 16.67 -12.57
C3B NDP AA . -40.37 16.33 -13.63
O3B NDP AA . -39.26 16.75 -12.79
C2B NDP AA . -40.88 15.01 -13.18
O2B NDP AA . -39.96 14.00 -12.71
C1B NDP AA . -41.90 15.41 -12.20
N9A NDP AA . -42.91 14.32 -12.04
C8A NDP AA . -43.86 13.87 -12.98
N7A NDP AA . -44.58 12.89 -12.47
C5A NDP AA . -44.11 12.67 -11.21
C6A NDP AA . -44.46 11.78 -10.17
N6A NDP AA . -45.44 10.89 -10.34
N1A NDP AA . -43.78 11.83 -8.99
C2A NDP AA . -42.79 12.73 -8.82
N3A NDP AA . -42.39 13.63 -9.74
C4A NDP AA . -43.10 13.54 -10.93
O3 NDP AA . -42.08 20.06 -17.17
PN NDP AA . -42.83 21.24 -16.46
O1N NDP AA . -41.92 21.74 -15.42
O2N NDP AA . -44.15 20.68 -16.08
O5D NDP AA . -43.06 22.17 -17.77
C5D NDP AA . -43.58 21.63 -19.06
C4D NDP AA . -42.71 22.10 -20.29
O4D NDP AA . -42.38 23.47 -20.14
C3D NDP AA . -41.36 21.36 -20.41
O3D NDP AA . -41.15 20.93 -21.75
C2D NDP AA . -40.33 22.35 -19.92
O2D NDP AA . -39.06 22.08 -20.50
C1D NDP AA . -40.99 23.70 -20.40
N1N NDP AA . -40.52 24.82 -19.55
C2N NDP AA . -39.39 25.52 -20.03
C3N NDP AA . -38.90 26.59 -19.21
C7N NDP AA . -37.73 27.36 -19.65
O7N NDP AA . -37.31 27.37 -20.83
N7N NDP AA . -37.04 28.11 -18.75
C4N NDP AA . -39.57 26.88 -18.01
C5N NDP AA . -40.66 26.19 -17.57
C6N NDP AA . -41.14 25.15 -18.33
P2B NDP AA . -38.80 13.34 -13.50
O1X NDP AA . -38.27 12.38 -12.53
O2X NDP AA . -37.82 14.39 -13.90
O3X NDP AA . -39.36 12.63 -14.73
N1 IUR BA . -2.46 55.54 -46.59
C2 IUR BA . -3.19 56.56 -45.93
O2 IUR BA . -3.51 56.62 -44.73
N3 IUR BA . -3.57 57.60 -46.77
C4 IUR BA . -3.34 57.77 -48.13
O4 IUR BA . -3.77 58.75 -48.74
C5 IUR BA . -2.61 56.72 -48.71
C6 IUR BA . -2.20 55.65 -47.94
I5 IUR BA . -2.21 56.85 -50.76
FE1 SF4 CA . -6.82 39.60 0.07
FE2 SF4 CA . -8.76 38.95 -1.92
FE3 SF4 CA . -5.87 38.74 -2.53
FE4 SF4 CA . -7.17 36.96 -0.72
S1 SF4 CA . -7.46 37.02 -3.13
S2 SF4 CA . -4.84 38.12 -0.46
S3 SF4 CA . -8.71 38.17 0.65
S4 SF4 CA . -6.95 41.01 -2.09
FE1 SF4 DA . -13.91 46.37 -6.96
FE2 SF4 DA . -11.67 46.95 -5.31
FE3 SF4 DA . -11.52 47.38 -8.26
FE4 SF4 DA . -13.14 49.01 -6.56
S1 SF4 DA . -10.70 49.01 -6.63
S2 SF4 DA . -13.77 47.99 -8.86
S3 SF4 DA . -14.21 47.68 -4.92
S4 SF4 DA . -11.71 45.03 -7.28
FE1 SF4 EA . -8.36 35.34 -34.16
FE2 SF4 EA . -9.49 34.59 -36.70
FE3 SF4 EA . -9.41 32.65 -34.45
FE4 SF4 EA . -11.10 34.97 -34.41
S1 SF4 EA . -11.40 33.01 -35.84
S2 SF4 EA . -9.65 33.99 -32.47
S3 SF4 EA . -9.90 36.85 -35.28
S4 SF4 EA . -7.23 33.44 -35.53
FE1 SF4 FA . -5.78 38.71 -45.32
FE2 SF4 FA . -4.45 38.73 -42.77
FE3 SF4 FA . -2.94 38.12 -45.27
FE4 SF4 FA . -3.98 40.72 -44.69
S1 SF4 FA . -2.12 39.65 -43.56
S2 SF4 FA . -3.99 39.46 -46.96
S3 SF4 FA . -6.16 40.53 -43.77
S4 SF4 FA . -4.74 36.49 -44.44
N1 FMN GA . -0.75 73.08 -20.88
C2 FMN GA . -0.06 74.23 -20.62
O2 FMN GA . 1.02 74.48 -21.12
N3 FMN GA . -0.70 75.12 -19.74
C4 FMN GA . -1.94 74.95 -19.08
O4 FMN GA . -2.42 75.80 -18.32
C4A FMN GA . -2.56 73.67 -19.46
N5 FMN GA . -3.80 73.39 -18.86
C5A FMN GA . -4.47 72.20 -19.12
C6 FMN GA . -5.68 71.98 -18.49
C7 FMN GA . -6.36 70.76 -18.74
C7M FMN GA . -7.75 70.46 -18.04
C8 FMN GA . -5.80 69.78 -19.65
C8M FMN GA . -6.52 68.44 -19.93
C9 FMN GA . -4.59 70.02 -20.27
C9A FMN GA . -3.90 71.21 -20.03
N10 FMN GA . -2.61 71.51 -20.66
C10 FMN GA . -1.96 72.71 -20.36
C1' FMN GA . -1.97 70.63 -21.53
C2' FMN GA . -1.06 69.66 -20.74
O2' FMN GA . 0.01 70.21 -20.01
C3' FMN GA . -0.58 68.44 -21.57
O3' FMN GA . 0.37 69.08 -22.44
C4' FMN GA . -1.80 67.72 -22.30
O4' FMN GA . -2.95 67.42 -21.54
C5' FMN GA . -1.21 66.51 -23.04
O5' FMN GA . -0.79 65.55 -22.00
P FMN GA . -1.63 64.31 -21.41
O1P FMN GA . -2.86 64.95 -20.82
O2P FMN GA . -1.89 63.44 -22.59
O3P FMN GA . -0.79 63.61 -20.40
PA FAD HA . -1.21 24.37 8.59
O1A FAD HA . -2.24 23.71 9.45
O2A FAD HA . -1.38 25.19 7.52
O5B FAD HA . 0.16 24.39 9.21
C5B FAD HA . 0.56 23.61 10.39
C4B FAD HA . 2.03 23.10 10.15
O4B FAD HA . 2.53 22.57 11.47
C3B FAD HA . 2.18 21.88 9.15
O3B FAD HA . 3.27 22.04 8.29
C2B FAD HA . 2.27 20.67 10.12
O2B FAD HA . 2.88 19.54 9.52
C1B FAD HA . 3.09 21.23 11.25
N9A FAD HA . 2.92 20.59 12.57
C8A FAD HA . 1.80 19.96 13.06
N7A FAD HA . 1.98 19.49 14.29
C5A FAD HA . 3.27 19.82 14.61
C6A FAD HA . 4.07 19.58 15.83
N6A FAD HA . 3.61 18.95 16.88
N1A FAD HA . 5.37 20.06 15.78
C2A FAD HA . 5.88 20.73 14.68
N3A FAD HA . 5.20 21.00 13.52
C4A FAD HA . 3.90 20.52 13.54
N1 FAD HA . -7.96 28.07 2.97
C2 FAD HA . -8.13 28.93 1.95
O2 FAD HA . -8.02 30.12 2.08
N3 FAD HA . -8.49 28.47 0.65
C4 FAD HA . -8.65 27.11 0.35
O4 FAD HA . -8.96 26.79 -0.77
C4X FAD HA . -8.41 26.16 1.45
N5 FAD HA . -8.54 24.80 1.25
C5X FAD HA . -8.39 23.95 2.33
C6 FAD HA . -8.55 22.54 2.10
C7 FAD HA . -8.41 21.61 3.14
C7M FAD HA . -8.59 20.14 2.84
C8 FAD HA . -8.11 22.07 4.50
C8M FAD HA . -7.96 21.12 5.68
C9 FAD HA . -7.95 23.46 4.75
C9A FAD HA . -8.08 24.40 3.68
N10 FAD HA . -7.94 25.86 3.84
C10 FAD HA . -8.09 26.72 2.79
C1' FAD HA . -7.61 26.39 5.19
C2' FAD HA . -6.09 26.74 5.25
O2' FAD HA . -5.37 25.67 4.61
C3' FAD HA . -5.68 26.86 6.70
O3' FAD HA . -6.47 27.91 7.29
C4' FAD HA . -4.18 27.24 6.79
O4' FAD HA . -3.35 26.33 6.07
C5' FAD HA . -3.82 27.29 8.25
O5' FAD HA . -2.33 27.71 8.35
P FAD HA . -1.50 27.24 9.51
O1P FAD HA . -0.07 27.71 9.23
O2P FAD HA . -2.05 27.65 10.73
O3P FAD HA . -1.53 25.73 9.57
PA NDP IA . -16.04 22.54 9.09
O1A NDP IA . -16.56 23.74 8.51
O2A NDP IA . -15.67 22.40 10.54
O5B NDP IA . -17.15 21.39 8.69
C5B NDP IA . -17.11 20.04 9.15
C4B NDP IA . -18.39 19.49 8.51
O4B NDP IA . -18.53 18.11 8.96
C3B NDP IA . -19.68 20.21 8.80
O3B NDP IA . -20.50 20.24 7.60
C2B NDP IA . -20.36 19.39 9.83
O2B NDP IA . -21.78 19.48 9.99
C1B NDP IA . -19.86 18.03 9.50
N9A NDP IA . -19.95 17.15 10.70
C8A NDP IA . -19.20 17.22 11.90
N7A NDP IA . -19.57 16.26 12.73
C5A NDP IA . -20.54 15.55 12.09
C6A NDP IA . -21.33 14.43 12.45
N6A NDP IA . -21.17 13.83 13.63
N1A NDP IA . -22.24 13.95 11.56
C2A NDP IA . -22.41 14.56 10.36
N3A NDP IA . -21.72 15.63 9.93
C4A NDP IA . -20.79 16.08 10.86
O3 NDP IA . -14.69 22.31 8.34
PN NDP IA . -13.77 21.46 7.39
O1N NDP IA . -14.51 21.30 6.13
O2N NDP IA . -13.38 20.27 8.18
O5D NDP IA . -12.49 22.47 7.39
C5D NDP IA . -11.93 23.03 8.64
C4D NDP IA . -11.65 24.57 8.50
O4D NDP IA . -11.07 24.79 7.22
C3D NDP IA . -12.92 25.42 8.54
O3D NDP IA . -12.73 26.54 9.42
C2D NDP IA . -13.19 25.82 7.12
O2D NDP IA . -13.90 27.04 7.05
C1D NDP IA . -11.72 25.90 6.58
N1N NDP IA . -11.70 25.68 5.12
C2N NDP IA . -11.79 26.85 4.33
C3N NDP IA . -11.79 26.66 2.89
C7N NDP IA . -11.87 27.84 2.01
O7N NDP IA . -11.63 29.00 2.37
N7N NDP IA . -12.24 27.68 0.72
C4N NDP IA . -11.69 25.37 2.38
C5N NDP IA . -11.61 24.24 3.17
C6N NDP IA . -11.61 24.39 4.53
P2B NDP IA . -22.61 20.72 10.37
O1X NDP IA . -23.99 20.23 10.42
O2X NDP IA . -22.40 21.78 9.34
O3X NDP IA . -22.17 21.22 11.76
N1 URA JA . -5.54 74.17 -22.19
C2 URA JA . -4.66 73.42 -22.93
O2 URA JA . -4.94 72.33 -23.40
N3 URA JA . -3.39 73.99 -23.13
C4 URA JA . -2.91 75.23 -22.67
O4 URA JA . -1.77 75.65 -22.90
C5 URA JA . -3.95 75.95 -21.90
C6 URA JA . -5.18 75.41 -21.69
#